data_8IMZ
#
_entry.id   8IMZ
#
_cell.length_a   1.00
_cell.length_b   1.00
_cell.length_c   1.00
_cell.angle_alpha   90.00
_cell.angle_beta   90.00
_cell.angle_gamma   90.00
#
_symmetry.space_group_name_H-M   'P 1'
#
loop_
_entity.id
_entity.type
_entity.pdbx_description
1 polymer 'Piezo-type mechanosensitive ion channel component 1'
2 polymer 'MyoD family inhibitor domain-containing protein'
#
loop_
_entity_poly.entity_id
_entity_poly.type
_entity_poly.pdbx_seq_one_letter_code
_entity_poly.pdbx_strand_id
1 'polypeptide(L)'
;MEPHVLGAGLYWLLLPCTLLAASLLRFNALSLVYLLFLLLLPWLPGPSRHSIPGHTGRLLRALLCLSLLFLVAHLAFQIC
LHTVPHLDQFLGQNGSLWVKVSQHIGVTRLDLKDIFNTTRLVAPDLGVLLASSLCLGLCGRLTRKAGQSRRTQELQDDDD
DDDDDDEDIDAAPAVGLKGAPALATKRRLWLASRFRVTAHWLLMTSGRTLVIVLLALAGIAHPSAFSSIYLVVFLAICTW
WSCHFPLSPLGFNTLCVMVSCFGAGHLICLYCYQTPFIQDMLPPGNIWARLFGLKNFVDLPNYSSPNALVLNTKHAWPIY
VSPGILLLLYYTATSLLKLHKSCPSELRKETPREDEEHELELDHLEPEPQARDATQGEMPMTTEPDLDNCTVHVLTSQSP
VRQRPVRPRLAELKEMSPLHGLGHLIMDQSYVCALIAMMVWSIMYHSWLTFVLLLWACLIWTVRSRHQLAMLCSPCILLY
GLTLCCLRYVWAMELPELPTTLGPVSLHQLGLEHTRYPCLDLGAMLLYLLTFWLLLRQFVKEKLLKKQKVPAALLEVTVA
DTEPTQTQTLLRSLGELVTGIYVKYWIYVCAGMFIVVSFAGRLVVYKIVYMFLFLLCLTLFQVYYTLWRKLLRVFWWLVV
AYTMLVLIAVYTFQFQDFPTYWRNLTGFTDEQLGDLGLEQFSVSELFSSILIPGFFLLACILQLHYFHRPFMQLTDLEHV
PPPGTRHPRWAHRQDAVSEAPLLEHQEEEEVFREDGQSMDGPHQATQVPEGTASKWGLVADRLLDLAASFSAVLTRIQVF
VRRLLELHVFKLVALYTVWVALKEVSVMNLLLVVLWAFALPYPRFRPMASCLSTVWTCIIIVCKMLYQLKIVNPHEYSSN
CTEPFPNNTNLQPLEINQSLLYRGPVDPANWFGVRKGYPNLGYIQNHLQILLLLVFEAVVYRRQEHYRRQHQQAPLPAQA
VCADGTRQRLDQDLLSCLKYFINFFFYKFGLEICFLMAVNVIGQRMNFMVILHGCWLVAILTRRRREAIARLWPNYCLFL
TLFLLYQYLLCLGMPPALCIDYPWRWSKAIPMNSALIKWLYLPDFFRAPNSTNLISDFLLLLCASQQWQVFSAERTEEWQ
RMAGINTDHLEPLRGEPNPIPNFIHCRSYLDMLKVAVFRYLFWLVLVVVFVAGATRISIFGLGYLLACFYLLLFGTTLLQ
KDTRAQLVLWDCLILYNVTVIISKNMLSLLSCVFVEQMQSNFCWVIQLFSLVCTVKGYYDPKEMMTRDRDCLLPVEEAGI
IWDSICFFFLLLQRRIFLSHYFLHVSADLKATALQASRGFALYNAANLKSINFHRQIEEKSLAQLKRQMKRIRAKQEKYR
QSQASRGQLQSKDPQDPSQEPGPDSPGGSSPPRRQWWRPWLDHATVIHSGDYFLFESDSEEEEEALPEDPRPAAQSAFQM
AYQAWVTNAQTVLRQRRERARQERAEQLASGGDLNPDVEPVDVPEDEMAGRSHMMQRVLSTMQFLWVLGQATVDGLTRWL
RAFTKHHRTMSDVLCAERYLLTQELLRVGEVRRGVLDQLYVGEDEATLSGPVETRDGPSTASSGLGAEEPLSSMTDDTSS
PLSTGYNTRSGSEEIVTDAGDLQAGTSLHGSQELLANARTRMRTASELLLDRRLHIPELEEAERFEAQQGRTLRLLRAGY
QCVAAHSELLCYFIIILNHMVTASAASLVLPVLVFLWAMLTIPRPSKRFWMTAIVFTEVMVVTKYLFQFGFFPWNSYVVL
RRYENKPYFPPRILGLEKTDSYIKYDLVQLMALFFHRSQLLCYGLWDHEEDRYPKDHCRSSVKDREAKEEPEAKLESQSE
TGTGHPKEPVLAGTPRDHIQGKGSIRSKDVIQDPPEDLKPRHTRHISIRFRRRKETPGPKGTAVMETEHEEGEGKETTER
KRPRHTQEKSKFRERMKAAGRRLQSFCVSLAQSFYQPLQRFFHDILHTKYRAATDVYALMFLADIVDIIIIIFGFWAFGK
HSAATDIASSLSDDQVPQAFLFMLLVQFGTMVIDRALYLRKTVLGKLAFQVVLVVAIHIWMFFILPAVTERMFSQNAVAQ
LWYFVKCIYFALSAYQIRCGYPTRILGNFLTKKYNHLNLFLFQGFRLVPFLVELRAVMDWVWTDTTLSLSNWMCVEDIYA
NIFIIKCSRETEKKYPQPKGQKKKKIVKYGMGGLIILFLIAIIWFPLLFMSLIRSVVGVVNQPIDVTVTLKLGGYEPLFT
MSAQQPSIVPFTPQAYEELSQQFDPYPLAMQFISQYSPEDIVTAQIEGSSGALWRISPPSRAQMKQELYNGTADITLRFT
WNFQRDLAKGGTVEYTNEKHTLELAPNSTARRQLAQLLEGRPDQSVVIPHLFPKYIRAPNGPEANPVKQLQPDEEEDYLG
VRIQLRREQVGTGASGEQAGTKASDFLEWWVIELQDCKADCNLLPMVIFSDKVSPPSLGFLAGYGIVGLYVSIVLVVGKF
VRGFFSEISHSIMFEELPCVDRILKLCQDIFLVRETRELELEEELYAKLIFLYRSPETMIKWTRERE
;
A,C,B
2 'polypeptide(L)'
;MSCAGEALAPGPAEQQCPVEAGGGRLGSPAHEACNEDNTEKDKRPATSGHTRCGLMRDQSIWPNPSAGELVRTQPERLPQ
LQTSAQEPGKEETGKIKNGGHTRMSNGNGIPHGAKHVSVENHKISAPVSQKMHRKIQSSLSVNNDISKKSKVNAVFSPKA
ASSPEDCCVHCILACLFCEFLTLCNIVLGQASCGICTSEACCCCCGDEMGDDCSCPCDMDCGIMDACCESSDCLEICMEC
CGICFPS
;
D,E,F
#
# COMPACT_ATOMS: atom_id res chain seq x y z
N LEU A 784 48.66 59.54 33.94
CA LEU A 784 49.68 59.95 32.98
C LEU A 784 49.19 61.12 32.13
N ASP A 785 49.30 60.97 30.80
CA ASP A 785 48.85 62.01 29.90
C ASP A 785 47.34 62.14 29.84
N LEU A 786 46.60 61.17 30.41
CA LEU A 786 45.15 61.23 30.40
C LEU A 786 44.63 62.45 31.15
N ALA A 787 45.21 62.73 32.32
CA ALA A 787 44.78 63.89 33.09
C ALA A 787 45.05 65.20 32.34
N ALA A 788 46.22 65.31 31.70
CA ALA A 788 46.53 66.50 30.93
C ALA A 788 45.58 66.66 29.75
N SER A 789 45.27 65.55 29.06
CA SER A 789 44.34 65.61 27.95
C SER A 789 42.95 66.03 28.42
N PHE A 790 42.51 65.51 29.57
CA PHE A 790 41.21 65.89 30.12
C PHE A 790 41.19 67.38 30.48
N SER A 791 42.27 67.88 31.08
CA SER A 791 42.34 69.29 31.43
C SER A 791 42.31 70.17 30.17
N ALA A 792 43.04 69.78 29.13
CA ALA A 792 43.03 70.54 27.89
C ALA A 792 41.65 70.52 27.26
N VAL A 793 40.98 69.37 27.28
CA VAL A 793 39.63 69.28 26.72
C VAL A 793 38.67 70.15 27.51
N LEU A 794 38.80 70.17 28.83
CA LEU A 794 37.94 71.02 29.66
C LEU A 794 38.17 72.49 29.37
N THR A 795 39.44 72.89 29.20
CA THR A 795 39.74 74.29 28.89
C THR A 795 39.16 74.67 27.53
N ARG A 796 39.32 73.80 26.53
CA ARG A 796 38.75 74.07 25.22
C ARG A 796 37.24 74.15 25.27
N ILE A 797 36.60 73.27 26.05
CA ILE A 797 35.15 73.29 26.18
C ILE A 797 34.70 74.59 26.83
N GLN A 798 35.43 75.03 27.86
CA GLN A 798 35.08 76.29 28.52
C GLN A 798 35.20 77.47 27.55
N VAL A 799 36.29 77.51 26.77
CA VAL A 799 36.48 78.60 25.82
C VAL A 799 35.36 78.59 24.78
N PHE A 800 35.05 77.40 24.25
CA PHE A 800 33.99 77.29 23.25
C PHE A 800 32.64 77.70 23.82
N VAL A 801 32.35 77.28 25.05
CA VAL A 801 31.09 77.64 25.69
C VAL A 801 30.99 79.14 25.87
N ARG A 802 32.08 79.77 26.32
CA ARG A 802 32.07 81.23 26.49
C ARG A 802 31.84 81.94 25.17
N ARG A 803 32.53 81.50 24.11
CA ARG A 803 32.35 82.14 22.80
C ARG A 803 30.92 81.94 22.29
N LEU A 804 30.39 80.73 22.41
CA LEU A 804 29.04 80.46 21.94
C LEU A 804 28.01 81.26 22.71
N LEU A 805 28.19 81.38 24.03
CA LEU A 805 27.30 82.21 24.82
C LEU A 805 27.35 83.66 24.36
N GLU A 806 28.56 84.23 24.27
CA GLU A 806 28.69 85.61 23.84
C GLU A 806 28.14 85.84 22.44
N LEU A 807 28.10 84.80 21.60
CA LEU A 807 27.59 84.96 20.25
C LEU A 807 26.07 84.77 20.16
N HIS A 808 25.49 83.92 21.00
CA HIS A 808 24.10 83.50 20.79
C HIS A 808 23.13 83.97 21.86
N VAL A 809 23.59 84.24 23.09
CA VAL A 809 22.67 84.50 24.19
C VAL A 809 21.85 85.75 23.95
N PHE A 810 22.43 86.76 23.28
CA PHE A 810 21.73 88.01 23.06
C PHE A 810 20.39 87.79 22.35
N LYS A 811 20.33 86.78 21.47
CA LYS A 811 19.07 86.43 20.84
C LYS A 811 18.35 85.31 21.58
N LEU A 812 19.10 84.36 22.14
CA LEU A 812 18.49 83.20 22.79
C LEU A 812 17.74 83.57 24.07
N VAL A 813 17.99 84.75 24.63
CA VAL A 813 17.33 85.14 25.87
C VAL A 813 15.83 85.23 25.68
N ALA A 814 15.39 85.84 24.59
CA ALA A 814 13.96 86.08 24.38
C ALA A 814 13.17 84.81 24.05
N LEU A 815 13.85 83.69 23.79
CA LEU A 815 13.14 82.48 23.40
C LEU A 815 12.22 81.98 24.51
N TYR A 816 12.72 81.93 25.74
CA TYR A 816 11.90 81.47 26.86
C TYR A 816 10.75 82.43 27.12
N THR A 817 11.00 83.73 27.01
CA THR A 817 9.94 84.71 27.20
C THR A 817 8.85 84.55 26.15
N VAL A 818 9.25 84.31 24.90
CA VAL A 818 8.27 84.10 23.84
C VAL A 818 7.47 82.83 24.08
N TRP A 819 8.16 81.77 24.53
CA TRP A 819 7.46 80.52 24.83
C TRP A 819 6.44 80.71 25.94
N VAL A 820 6.82 81.47 26.97
CA VAL A 820 5.88 81.74 28.06
C VAL A 820 4.70 82.57 27.58
N ALA A 821 4.98 83.60 26.77
CA ALA A 821 3.90 84.45 26.27
C ALA A 821 2.92 83.68 25.41
N LEU A 822 3.43 82.78 24.57
CA LEU A 822 2.54 81.94 23.77
C LEU A 822 1.84 80.89 24.63
N LYS A 823 2.46 80.49 25.75
CA LYS A 823 1.84 79.50 26.62
C LYS A 823 0.55 80.04 27.24
N GLU A 824 0.56 81.31 27.66
CA GLU A 824 -0.61 81.93 28.28
C GLU A 824 -0.61 83.40 27.89
N VAL A 825 -1.46 83.75 26.93
CA VAL A 825 -1.55 85.14 26.49
C VAL A 825 -2.20 85.98 27.58
N SER A 826 -1.49 87.02 28.01
CA SER A 826 -1.99 87.90 29.05
C SER A 826 -1.42 89.29 28.84
N VAL A 827 -2.11 90.29 29.41
CA VAL A 827 -1.71 91.68 29.22
C VAL A 827 -0.32 91.92 29.80
N MET A 828 -0.01 91.27 30.93
CA MET A 828 1.31 91.45 31.55
C MET A 828 2.42 90.96 30.64
N ASN A 829 2.25 89.79 30.02
CA ASN A 829 3.27 89.24 29.15
C ASN A 829 3.33 89.91 27.79
N LEU A 830 2.27 90.65 27.40
CA LEU A 830 2.25 91.28 26.09
C LEU A 830 3.36 92.33 25.96
N LEU A 831 3.53 93.16 26.99
CA LEU A 831 4.58 94.17 26.94
C LEU A 831 5.97 93.54 26.90
N LEU A 832 6.17 92.48 27.69
CA LEU A 832 7.46 91.79 27.68
C LEU A 832 7.75 91.19 26.32
N VAL A 833 6.75 90.60 25.67
CA VAL A 833 6.94 90.05 24.34
C VAL A 833 7.25 91.16 23.34
N VAL A 834 6.51 92.27 23.41
CA VAL A 834 6.69 93.35 22.46
C VAL A 834 8.06 94.00 22.60
N LEU A 835 8.57 94.10 23.83
CA LEU A 835 9.89 94.69 24.03
C LEU A 835 10.96 93.89 23.31
N TRP A 836 10.96 92.56 23.48
CA TRP A 836 11.92 91.72 22.78
C TRP A 836 11.67 91.73 21.28
N ALA A 837 10.41 91.82 20.85
CA ALA A 837 10.10 91.85 19.42
C ALA A 837 10.69 93.08 18.76
N PHE A 838 10.54 94.25 19.39
CA PHE A 838 11.12 95.46 18.84
C PHE A 838 12.63 95.47 18.98
N ALA A 839 13.15 94.86 20.05
CA ALA A 839 14.60 94.84 20.28
C ALA A 839 15.32 94.02 19.22
N LEU A 840 14.74 92.86 18.86
CA LEU A 840 15.37 92.03 17.84
C LEU A 840 15.56 92.76 16.52
N PRO A 841 14.59 93.52 16.02
CA PRO A 841 14.81 94.26 14.77
C PRO A 841 15.88 95.33 14.91
N TYR A 842 15.78 96.17 15.93
CA TYR A 842 16.72 97.26 16.12
C TYR A 842 17.69 96.90 17.24
N PRO A 843 18.94 96.57 16.94
CA PRO A 843 19.88 96.24 18.03
C PRO A 843 20.22 97.42 18.91
N ARG A 844 19.91 98.65 18.47
CA ARG A 844 20.19 99.82 19.30
C ARG A 844 19.42 99.78 20.61
N PHE A 845 18.16 99.36 20.57
CA PHE A 845 17.36 99.23 21.77
C PHE A 845 17.55 97.88 22.46
N ARG A 846 18.38 97.00 21.90
CA ARG A 846 18.60 95.69 22.51
C ARG A 846 19.20 95.80 23.90
N PRO A 847 20.25 96.59 24.14
CA PRO A 847 20.72 96.76 25.53
C PRO A 847 19.67 97.36 26.44
N MET A 848 18.86 98.28 25.93
CA MET A 848 17.77 98.83 26.73
C MET A 848 16.76 97.75 27.09
N ALA A 849 16.46 96.86 26.14
CA ALA A 849 15.55 95.75 26.44
C ALA A 849 16.15 94.81 27.46
N SER A 850 17.45 94.54 27.36
CA SER A 850 18.11 93.70 28.35
C SER A 850 18.03 94.33 29.74
N CYS A 851 18.22 95.65 29.82
CA CYS A 851 18.08 96.34 31.10
C CYS A 851 16.65 96.28 31.63
N LEU A 852 15.68 96.48 30.75
CA LEU A 852 14.27 96.52 31.15
C LEU A 852 13.66 95.14 31.35
N SER A 853 14.39 94.07 31.02
CA SER A 853 13.88 92.73 31.27
C SER A 853 13.58 92.52 32.75
N THR A 854 14.49 92.96 33.63
CA THR A 854 14.25 92.85 35.06
C THR A 854 13.06 93.66 35.51
N VAL A 855 12.89 94.87 34.97
CA VAL A 855 11.74 95.70 35.34
C VAL A 855 10.44 95.02 34.92
N TRP A 856 10.40 94.47 33.70
CA TRP A 856 9.20 93.78 33.24
C TRP A 856 8.93 92.52 34.04
N THR A 857 9.97 91.81 34.47
CA THR A 857 9.80 90.59 35.24
C THR A 857 9.20 90.83 36.62
N CYS A 858 9.13 92.08 37.08
CA CYS A 858 8.60 92.37 38.40
C CYS A 858 7.13 91.97 38.53
N ILE A 859 6.41 91.87 37.40
CA ILE A 859 5.01 91.49 37.44
C ILE A 859 4.80 90.04 37.88
N ILE A 860 5.86 89.23 37.85
CA ILE A 860 5.73 87.83 38.24
C ILE A 860 5.36 87.71 39.71
N ILE A 861 5.98 88.52 40.56
CA ILE A 861 5.68 88.48 41.99
C ILE A 861 4.23 88.90 42.23
N VAL A 862 3.77 89.95 41.55
CA VAL A 862 2.40 90.40 41.71
C VAL A 862 1.41 89.34 41.25
N CYS A 863 1.71 88.68 40.13
CA CYS A 863 0.84 87.61 39.64
C CYS A 863 0.79 86.44 40.63
N LYS A 864 1.95 86.07 41.19
CA LYS A 864 1.98 85.00 42.18
C LYS A 864 1.18 85.38 43.43
N MET A 865 1.31 86.62 43.88
CA MET A 865 0.55 87.06 45.05
C MET A 865 -0.95 87.05 44.78
N LEU A 866 -1.35 87.51 43.59
CA LEU A 866 -2.77 87.49 43.24
C LEU A 866 -3.30 86.06 43.16
N TYR A 867 -2.53 85.16 42.56
CA TYR A 867 -2.95 83.76 42.48
C TYR A 867 -2.99 83.11 43.86
N GLN A 868 -2.02 83.42 44.71
CA GLN A 868 -2.00 82.86 46.06
C GLN A 868 -2.33 83.93 47.10
N ILE A 924 3.43 80.87 40.66
CA ILE A 924 3.56 80.56 39.24
C ILE A 924 4.98 80.16 38.91
N GLN A 925 5.19 78.87 38.66
CA GLN A 925 6.54 78.39 38.36
C GLN A 925 7.03 78.90 37.01
N ASN A 926 6.12 79.06 36.04
CA ASN A 926 6.51 79.49 34.71
C ASN A 926 7.08 80.90 34.72
N HIS A 927 6.37 81.84 35.35
CA HIS A 927 6.86 83.22 35.41
C HIS A 927 8.15 83.31 36.21
N LEU A 928 8.26 82.53 37.30
CA LEU A 928 9.48 82.52 38.09
C LEU A 928 10.66 82.01 37.26
N GLN A 929 10.46 80.94 36.49
CA GLN A 929 11.52 80.43 35.62
C GLN A 929 11.88 81.44 34.55
N ILE A 930 10.88 82.16 34.03
CA ILE A 930 11.14 83.19 33.03
C ILE A 930 12.01 84.29 33.61
N LEU A 931 11.68 84.75 34.82
CA LEU A 931 12.49 85.77 35.48
C LEU A 931 13.90 85.26 35.76
N LEU A 932 14.01 84.01 36.18
CA LEU A 932 15.33 83.43 36.44
C LEU A 932 16.16 83.38 35.17
N LEU A 933 15.56 83.00 34.04
CA LEU A 933 16.27 82.99 32.77
C LEU A 933 16.66 84.40 32.36
N LEU A 934 15.78 85.37 32.59
CA LEU A 934 16.12 86.76 32.26
C LEU A 934 17.31 87.23 33.06
N VAL A 935 17.36 86.89 34.35
CA VAL A 935 18.51 87.24 35.18
C VAL A 935 19.76 86.52 34.69
N PHE A 936 19.63 85.23 34.38
CA PHE A 936 20.78 84.46 33.91
C PHE A 936 21.32 85.01 32.59
N GLU A 937 20.47 85.67 31.80
CA GLU A 937 20.93 86.28 30.56
C GLU A 937 22.02 87.31 30.84
N ALA A 938 21.80 88.19 31.81
CA ALA A 938 22.82 89.16 32.19
C ALA A 938 23.93 88.52 33.00
N VAL A 939 23.62 87.46 33.75
CA VAL A 939 24.64 86.76 34.52
C VAL A 939 25.69 86.17 33.60
N VAL A 940 25.25 85.56 32.50
CA VAL A 940 26.19 84.98 31.54
C VAL A 940 27.04 86.07 30.90
N TYR A 941 26.43 87.21 30.59
CA TYR A 941 27.20 88.32 30.02
C TYR A 941 28.27 88.81 30.98
N ARG A 942 27.91 88.96 32.26
CA ARG A 942 28.88 89.39 33.25
C ARG A 942 30.00 88.36 33.42
N ARG A 943 29.64 87.07 33.43
CA ARG A 943 30.65 86.02 33.55
C ARG A 943 31.59 86.02 32.35
N GLN A 944 31.04 86.21 31.16
CA GLN A 944 31.87 86.27 29.95
C GLN A 944 32.79 87.48 29.98
N GLU A 945 32.29 88.63 30.44
CA GLU A 945 33.13 89.82 30.54
C GLU A 945 34.26 89.59 31.55
N HIS A 946 33.95 88.96 32.67
CA HIS A 946 34.99 88.66 33.65
C HIS A 946 36.02 87.69 33.09
N TYR A 947 35.56 86.64 32.39
CA TYR A 947 36.47 85.66 31.82
C TYR A 947 37.36 86.30 30.75
N ARG A 948 36.83 87.30 30.04
CA ARG A 948 37.65 88.03 29.08
C ARG A 948 38.68 88.90 29.79
N ARG A 949 38.25 89.63 30.83
CA ARG A 949 39.18 90.47 31.57
C ARG A 949 40.15 89.64 32.40
N GLN A 950 39.63 88.65 33.14
CA GLN A 950 40.45 87.80 33.97
C GLN A 950 40.90 86.58 33.18
N HIS A 951 41.43 85.58 33.88
CA HIS A 951 41.86 84.32 33.27
C HIS A 951 42.89 84.55 32.16
N ARG A 967 36.84 81.27 3.41
CA ARG A 967 38.05 81.25 4.23
C ARG A 967 39.23 80.68 3.47
N GLN A 968 40.44 81.11 3.84
CA GLN A 968 41.64 80.64 3.17
C GLN A 968 42.05 79.24 3.59
N ARG A 969 41.84 78.87 4.85
CA ARG A 969 42.09 77.52 5.33
C ARG A 969 40.90 76.60 5.07
N LEU A 970 39.86 77.10 4.39
CA LEU A 970 38.65 76.32 4.18
C LEU A 970 38.93 75.05 3.39
N ASP A 971 39.76 75.15 2.34
CA ASP A 971 39.94 74.06 1.40
C ASP A 971 40.91 72.98 1.90
N GLN A 972 41.62 73.22 2.99
CA GLN A 972 42.63 72.27 3.43
C GLN A 972 42.00 70.97 3.91
N ASP A 973 41.01 71.06 4.80
CA ASP A 973 40.43 69.87 5.40
C ASP A 973 38.97 70.09 5.69
N LEU A 974 38.26 68.98 5.89
CA LEU A 974 36.83 69.04 6.16
C LEU A 974 36.52 69.77 7.46
N LEU A 975 37.35 69.56 8.49
CA LEU A 975 37.11 70.22 9.77
C LEU A 975 37.22 71.73 9.65
N SER A 976 38.16 72.21 8.82
CA SER A 976 38.28 73.64 8.61
C SER A 976 37.04 74.22 7.94
N CYS A 977 36.50 73.52 6.94
CA CYS A 977 35.28 73.98 6.30
C CYS A 977 34.11 73.96 7.27
N LEU A 978 34.05 72.95 8.13
CA LEU A 978 33.01 72.91 9.16
C LEU A 978 33.13 74.08 10.11
N LYS A 979 34.36 74.43 10.50
CA LYS A 979 34.57 75.62 11.33
C LYS A 979 34.12 76.87 10.59
N TYR A 980 34.39 76.95 9.29
CA TYR A 980 33.92 78.09 8.50
C TYR A 980 32.41 78.20 8.52
N PHE A 981 31.72 77.07 8.35
CA PHE A 981 30.26 77.09 8.42
C PHE A 981 29.78 77.51 9.81
N ILE A 982 30.44 77.01 10.86
CA ILE A 982 30.07 77.42 12.21
C ILE A 982 30.23 78.93 12.36
N ASN A 983 31.28 79.50 11.75
CA ASN A 983 31.57 80.92 11.94
C ASN A 983 30.65 81.82 11.11
N PHE A 984 30.28 81.41 9.90
CA PHE A 984 29.51 82.27 9.02
C PHE A 984 28.41 81.51 8.30
N PHE A 985 27.67 80.70 9.05
CA PHE A 985 26.49 80.05 8.49
C PHE A 985 25.46 81.08 8.06
N PHE A 986 25.11 81.99 8.97
CA PHE A 986 24.10 83.01 8.65
C PHE A 986 24.57 83.91 7.53
N TYR A 987 25.82 84.38 7.59
CA TYR A 987 26.30 85.36 6.62
C TYR A 987 26.13 84.87 5.19
N LYS A 988 26.21 83.56 4.98
CA LYS A 988 26.03 83.02 3.65
C LYS A 988 24.59 82.60 3.37
N PHE A 989 23.88 82.03 4.34
CA PHE A 989 22.63 81.34 4.06
C PHE A 989 21.43 82.02 4.71
N GLY A 990 21.54 83.29 5.09
CA GLY A 990 20.45 83.94 5.81
C GLY A 990 19.19 84.06 5.00
N LEU A 991 19.31 84.46 3.73
CA LEU A 991 18.13 84.65 2.91
C LEU A 991 17.40 83.33 2.71
N GLU A 992 18.14 82.26 2.42
CA GLU A 992 17.52 80.94 2.25
C GLU A 992 16.87 80.47 3.54
N ILE A 993 17.54 80.66 4.67
CA ILE A 993 16.99 80.20 5.94
C ILE A 993 15.72 80.97 6.28
N CYS A 994 15.71 82.28 6.07
CA CYS A 994 14.51 83.07 6.31
C CYS A 994 13.38 82.63 5.39
N PHE A 995 13.69 82.36 4.12
CA PHE A 995 12.66 81.86 3.20
C PHE A 995 12.07 80.56 3.70
N LEU A 996 12.93 79.64 4.18
CA LEU A 996 12.41 78.35 4.60
C LEU A 996 11.64 78.45 5.91
N MET A 997 12.02 79.35 6.82
CA MET A 997 11.19 79.59 7.99
C MET A 997 9.84 80.18 7.60
N ALA A 998 9.83 81.05 6.59
CA ALA A 998 8.55 81.57 6.10
C ALA A 998 7.67 80.46 5.56
N VAL A 999 8.25 79.56 4.76
CA VAL A 999 7.47 78.42 4.27
C VAL A 999 7.01 77.55 5.43
N ASN A 1000 7.84 77.43 6.47
CA ASN A 1000 7.46 76.69 7.66
C ASN A 1000 6.19 77.27 8.27
N VAL A 1001 6.14 78.60 8.44
CA VAL A 1001 4.96 79.19 9.07
C VAL A 1001 3.75 79.08 8.13
N ILE A 1002 3.96 79.21 6.82
CA ILE A 1002 2.87 79.00 5.87
C ILE A 1002 2.26 77.63 6.07
N GLY A 1003 3.11 76.60 6.15
CA GLY A 1003 2.61 75.25 6.33
C GLY A 1003 1.96 75.04 7.68
N GLN A 1004 2.52 75.63 8.73
CA GLN A 1004 2.03 75.38 10.08
C GLN A 1004 0.65 76.00 10.30
N ARG A 1005 0.47 77.25 9.86
CA ARG A 1005 -0.80 77.92 10.16
C ARG A 1005 -1.91 77.50 9.20
N MET A 1006 -1.76 77.82 7.92
CA MET A 1006 -2.80 77.62 6.91
C MET A 1006 -4.08 78.36 7.29
N ASN A 1007 -3.93 79.62 7.69
CA ASN A 1007 -5.09 80.46 7.97
C ASN A 1007 -5.07 81.71 7.09
N PHE A 1008 -6.00 82.64 7.35
CA PHE A 1008 -6.11 83.84 6.52
C PHE A 1008 -5.03 84.86 6.82
N MET A 1009 -4.54 84.92 8.06
CA MET A 1009 -3.58 85.97 8.41
C MET A 1009 -2.22 85.73 7.76
N VAL A 1010 -1.84 84.47 7.58
CA VAL A 1010 -0.52 84.14 7.08
C VAL A 1010 -0.50 84.28 5.56
N ILE A 1011 -1.67 84.61 4.99
CA ILE A 1011 -1.72 84.90 3.56
C ILE A 1011 -0.91 86.15 3.25
N LEU A 1012 -0.88 87.12 4.16
CA LEU A 1012 -0.02 88.28 3.98
C LEU A 1012 1.45 87.87 4.02
N HIS A 1013 1.81 86.94 4.92
CA HIS A 1013 3.14 86.34 4.89
C HIS A 1013 3.46 85.82 3.51
N GLY A 1014 2.54 85.03 2.95
CA GLY A 1014 2.80 84.42 1.64
C GLY A 1014 2.91 85.44 0.53
N CYS A 1015 2.03 86.44 0.52
CA CYS A 1015 2.07 87.46 -0.52
C CYS A 1015 3.38 88.25 -0.46
N TRP A 1016 3.81 88.64 0.75
CA TRP A 1016 5.06 89.36 0.84
C TRP A 1016 6.25 88.46 0.54
N LEU A 1017 6.16 87.17 0.85
CA LEU A 1017 7.17 86.21 0.44
C LEU A 1017 7.35 86.21 -1.07
N VAL A 1018 6.23 86.10 -1.79
CA VAL A 1018 6.31 86.07 -3.25
C VAL A 1018 6.83 87.40 -3.78
N ALA A 1019 6.42 88.50 -3.15
CA ALA A 1019 6.95 89.81 -3.57
C ALA A 1019 8.45 89.91 -3.34
N ILE A 1020 8.97 89.26 -2.30
CA ILE A 1020 10.41 89.18 -2.13
C ILE A 1020 11.04 88.33 -3.23
N LEU A 1021 10.42 87.19 -3.54
CA LEU A 1021 11.01 86.28 -4.51
C LEU A 1021 11.11 86.91 -5.90
N THR A 1022 10.08 87.63 -6.34
CA THR A 1022 10.09 88.16 -7.69
C THR A 1022 11.27 89.11 -7.90
N ARG A 1023 11.73 89.78 -6.85
CA ARG A 1023 13.03 90.45 -6.87
C ARG A 1023 14.05 89.57 -6.14
N ARG A 1024 14.46 88.50 -6.82
CA ARG A 1024 15.33 87.50 -6.21
C ARG A 1024 16.72 88.05 -5.95
N ARG A 1025 17.21 88.92 -6.84
CA ARG A 1025 18.59 89.40 -6.75
C ARG A 1025 18.78 90.21 -5.47
N ARG A 1026 19.89 89.94 -4.78
CA ARG A 1026 20.08 90.43 -3.42
C ARG A 1026 20.17 91.95 -3.34
N GLU A 1027 20.46 92.63 -4.46
CA GLU A 1027 20.56 94.09 -4.40
C GLU A 1027 19.21 94.75 -4.19
N ALA A 1028 18.13 94.16 -4.71
CA ALA A 1028 16.79 94.68 -4.40
C ALA A 1028 16.38 94.34 -2.98
N ILE A 1029 16.76 93.14 -2.52
CA ILE A 1029 16.49 92.78 -1.13
C ILE A 1029 17.24 93.72 -0.20
N ALA A 1030 18.35 94.30 -0.67
CA ALA A 1030 19.11 95.23 0.16
C ALA A 1030 18.24 96.40 0.60
N ARG A 1031 17.41 96.92 -0.30
CA ARG A 1031 16.52 98.01 0.06
C ARG A 1031 15.18 97.53 0.61
N LEU A 1032 14.74 96.33 0.23
CA LEU A 1032 13.45 95.85 0.71
C LEU A 1032 13.50 95.34 2.14
N TRP A 1033 14.64 94.82 2.59
CA TRP A 1033 14.69 94.15 3.88
C TRP A 1033 14.37 95.04 5.08
N PRO A 1034 14.87 96.28 5.19
CA PRO A 1034 14.39 97.13 6.30
C PRO A 1034 12.89 97.34 6.27
N ASN A 1035 12.33 97.55 5.09
CA ASN A 1035 10.88 97.65 4.97
C ASN A 1035 10.22 96.33 5.33
N TYR A 1036 10.84 95.21 4.97
CA TYR A 1036 10.34 93.90 5.36
C TYR A 1036 10.24 93.78 6.88
N CYS A 1037 11.31 94.16 7.58
CA CYS A 1037 11.32 94.05 9.04
C CYS A 1037 10.28 94.99 9.66
N LEU A 1038 10.18 96.21 9.13
CA LEU A 1038 9.17 97.14 9.64
C LEU A 1038 7.76 96.58 9.47
N PHE A 1039 7.48 96.02 8.30
CA PHE A 1039 6.15 95.45 8.06
C PHE A 1039 5.91 94.23 8.95
N LEU A 1040 6.95 93.40 9.14
CA LEU A 1040 6.79 92.23 10.01
C LEU A 1040 6.43 92.65 11.42
N THR A 1041 7.16 93.61 11.99
CA THR A 1041 6.86 94.03 13.35
C THR A 1041 5.51 94.73 13.42
N LEU A 1042 5.16 95.53 12.41
CA LEU A 1042 3.88 96.23 12.41
C LEU A 1042 2.73 95.25 12.41
N PHE A 1043 2.79 94.23 11.55
CA PHE A 1043 1.70 93.26 11.48
C PHE A 1043 1.70 92.30 12.67
N LEU A 1044 2.87 91.98 13.21
CA LEU A 1044 2.92 91.11 14.39
C LEU A 1044 2.34 91.81 15.60
N LEU A 1045 2.51 93.13 15.70
CA LEU A 1045 1.90 93.88 16.81
C LEU A 1045 0.39 93.73 16.77
N TYR A 1046 -0.22 93.97 15.61
CA TYR A 1046 -1.66 93.82 15.47
C TYR A 1046 -2.10 92.38 15.71
N GLN A 1047 -1.31 91.43 15.22
CA GLN A 1047 -1.64 90.01 15.40
C GLN A 1047 -1.66 89.63 16.87
N TYR A 1048 -0.66 90.07 17.64
CA TYR A 1048 -0.63 89.77 19.06
C TYR A 1048 -1.74 90.51 19.80
N LEU A 1049 -2.02 91.75 19.41
CA LEU A 1049 -3.10 92.51 20.06
C LEU A 1049 -4.44 91.85 19.85
N LEU A 1050 -4.68 91.29 18.66
CA LEU A 1050 -5.98 90.72 18.35
C LEU A 1050 -6.29 89.52 19.22
N CYS A 1051 -5.26 88.82 19.71
CA CYS A 1051 -5.48 87.60 20.48
C CYS A 1051 -6.28 87.87 21.74
N LEU A 1052 -5.84 88.83 22.55
CA LEU A 1052 -6.50 89.07 23.84
C LEU A 1052 -7.83 89.79 23.65
N GLY A 1053 -7.86 90.81 22.79
CA GLY A 1053 -9.06 91.61 22.61
C GLY A 1053 -9.33 92.55 23.76
N MET A 1072 -20.39 84.66 10.76
CA MET A 1072 -19.35 84.51 11.77
C MET A 1072 -19.38 83.11 12.40
N ASN A 1073 -19.57 82.11 11.53
CA ASN A 1073 -19.61 80.72 11.93
C ASN A 1073 -18.33 80.31 12.67
N SER A 1074 -18.45 79.27 13.48
CA SER A 1074 -17.32 78.86 14.33
C SER A 1074 -16.13 78.41 13.50
N ALA A 1075 -16.36 77.64 12.44
CA ALA A 1075 -15.25 77.17 11.62
C ALA A 1075 -14.53 78.32 10.93
N LEU A 1076 -15.28 79.26 10.36
CA LEU A 1076 -14.66 80.37 9.65
C LEU A 1076 -13.98 81.32 10.62
N ILE A 1077 -14.59 81.56 11.79
CA ILE A 1077 -13.98 82.45 12.76
C ILE A 1077 -12.74 81.82 13.37
N LYS A 1078 -12.69 80.49 13.45
CA LYS A 1078 -11.45 79.82 13.84
C LYS A 1078 -10.41 79.93 12.74
N TRP A 1079 -10.82 79.76 11.49
CA TRP A 1079 -9.89 79.87 10.38
C TRP A 1079 -9.32 81.28 10.29
N LEU A 1080 -10.14 82.29 10.54
CA LEU A 1080 -9.65 83.66 10.66
C LEU A 1080 -9.26 83.91 12.12
N TYR A 1081 -8.97 85.15 12.45
CA TYR A 1081 -8.71 85.60 13.82
C TYR A 1081 -9.64 86.76 14.11
N LEU A 1082 -10.82 86.46 14.65
CA LEU A 1082 -11.79 87.48 15.00
C LEU A 1082 -12.54 87.01 16.23
N PRO A 1083 -13.09 87.94 17.03
CA PRO A 1083 -13.92 87.56 18.18
C PRO A 1083 -15.38 87.37 17.81
N PRO A 1089 -10.04 82.29 18.93
CA PRO A 1089 -8.79 82.87 18.43
C PRO A 1089 -7.56 82.23 19.04
N ASN A 1090 -7.09 81.15 18.44
CA ASN A 1090 -5.91 80.45 18.94
C ASN A 1090 -4.66 81.31 18.76
N SER A 1091 -3.68 81.10 19.64
CA SER A 1091 -2.43 81.85 19.57
C SER A 1091 -1.20 81.01 19.84
N THR A 1092 -1.34 79.69 20.00
CA THR A 1092 -0.17 78.84 20.23
C THR A 1092 0.75 78.82 19.02
N ASN A 1093 0.21 79.00 17.82
CA ASN A 1093 1.00 78.92 16.60
C ASN A 1093 1.97 80.08 16.45
N LEU A 1094 1.89 81.11 17.29
CA LEU A 1094 2.69 82.30 17.12
C LEU A 1094 4.19 82.05 17.33
N ILE A 1095 4.56 80.87 17.85
CA ILE A 1095 5.97 80.58 18.07
C ILE A 1095 6.74 80.59 16.76
N SER A 1096 6.16 80.02 15.70
CA SER A 1096 6.84 79.99 14.41
C SER A 1096 7.00 81.39 13.83
N ASP A 1097 5.97 82.23 13.96
CA ASP A 1097 6.08 83.60 13.48
C ASP A 1097 7.13 84.38 14.27
N PHE A 1098 7.19 84.15 15.58
CA PHE A 1098 8.22 84.81 16.39
C PHE A 1098 9.61 84.36 15.95
N LEU A 1099 9.77 83.07 15.68
CA LEU A 1099 11.05 82.57 15.18
C LEU A 1099 11.40 83.19 13.83
N LEU A 1100 10.39 83.36 12.97
CA LEU A 1100 10.61 84.04 11.71
C LEU A 1100 11.11 85.46 11.93
N LEU A 1101 10.49 86.18 12.84
CA LEU A 1101 10.93 87.55 13.11
C LEU A 1101 12.35 87.55 13.65
N LEU A 1102 12.69 86.59 14.52
CA LEU A 1102 14.05 86.50 15.03
C LEU A 1102 15.05 86.29 13.90
N CYS A 1103 14.77 85.32 13.03
CA CYS A 1103 15.68 85.01 11.94
C CYS A 1103 15.82 86.19 10.99
N ALA A 1104 14.70 86.84 10.65
CA ALA A 1104 14.76 87.98 9.74
C ALA A 1104 15.52 89.15 10.37
N SER A 1105 15.34 89.36 11.68
CA SER A 1105 16.09 90.42 12.35
C SER A 1105 17.58 90.14 12.37
N GLN A 1106 17.97 88.88 12.63
CA GLN A 1106 19.39 88.54 12.59
C GLN A 1106 19.94 88.69 11.19
N GLN A 1107 19.15 88.31 10.18
CA GLN A 1107 19.58 88.51 8.80
C GLN A 1107 19.77 89.98 8.49
N TRP A 1108 18.85 90.83 8.97
CA TRP A 1108 18.99 92.26 8.78
C TRP A 1108 20.25 92.79 9.45
N GLN A 1109 20.52 92.34 10.67
CA GLN A 1109 21.71 92.77 11.39
C GLN A 1109 22.98 92.38 10.64
N VAL A 1110 23.08 91.11 10.24
CA VAL A 1110 24.27 90.64 9.54
C VAL A 1110 24.42 91.34 8.20
N PHE A 1111 23.31 91.51 7.48
CA PHE A 1111 23.36 92.17 6.18
C PHE A 1111 23.82 93.61 6.31
N SER A 1112 23.32 94.32 7.32
CA SER A 1112 23.78 95.68 7.56
C SER A 1112 25.26 95.71 7.92
N ALA A 1113 25.69 94.79 8.79
CA ALA A 1113 27.10 94.72 9.16
C ALA A 1113 27.95 94.28 7.97
N GLU A 1114 27.45 93.30 7.19
CA GLU A 1114 28.12 92.76 6.02
C GLU A 1114 29.38 91.98 6.39
N ARG A 1115 29.78 92.02 7.65
CA ARG A 1115 31.09 91.55 8.09
C ARG A 1115 32.15 91.90 7.05
N THR A 1116 32.25 93.19 6.76
CA THR A 1116 32.92 93.67 5.56
C THR A 1116 34.38 93.25 5.48
N GLU A 1117 34.99 92.90 6.61
CA GLU A 1117 36.39 92.51 6.61
C GLU A 1117 36.65 91.14 6.03
N GLU A 1118 35.63 90.29 5.85
CA GLU A 1118 35.86 88.93 5.37
C GLU A 1118 35.24 88.67 4.00
N TRP A 1119 33.91 88.80 3.86
CA TRP A 1119 33.18 88.33 2.68
C TRP A 1119 33.65 86.93 2.28
N GLN A 1120 33.74 86.06 3.27
CA GLN A 1120 34.22 84.70 3.04
C GLN A 1120 33.16 83.85 2.33
N ARG A 1134 35.92 86.45 -16.42
CA ARG A 1134 36.32 85.41 -15.49
C ARG A 1134 37.67 84.82 -15.89
N GLY A 1135 38.75 85.41 -15.40
CA GLY A 1135 40.08 84.91 -15.71
C GLY A 1135 40.42 83.63 -14.98
N GLU A 1136 40.59 83.72 -13.65
CA GLU A 1136 40.84 82.56 -12.83
C GLU A 1136 40.58 82.86 -11.35
N PRO A 1137 39.33 83.18 -10.96
CA PRO A 1137 39.07 83.51 -9.56
C PRO A 1137 38.88 82.29 -8.66
N ASN A 1138 38.44 81.17 -9.22
CA ASN A 1138 38.22 79.97 -8.41
C ASN A 1138 39.53 79.40 -7.89
N PRO A 1139 39.71 79.30 -6.56
CA PRO A 1139 41.03 78.98 -6.00
C PRO A 1139 41.50 77.56 -6.28
N ILE A 1140 40.68 76.58 -5.94
CA ILE A 1140 41.03 75.17 -6.16
C ILE A 1140 39.83 74.51 -6.83
N PRO A 1141 39.46 74.93 -8.03
CA PRO A 1141 38.23 74.44 -8.64
C PRO A 1141 38.26 72.97 -8.97
N ASN A 1142 39.44 72.36 -9.06
CA ASN A 1142 39.57 71.02 -9.60
C ASN A 1142 39.06 69.94 -8.65
N PHE A 1143 37.75 69.95 -8.38
CA PHE A 1143 37.13 68.85 -7.67
C PHE A 1143 37.19 67.57 -8.50
N ILE A 1144 37.17 67.70 -9.83
CA ILE A 1144 36.88 66.57 -10.70
C ILE A 1144 37.89 65.45 -10.50
N HIS A 1145 39.13 65.80 -10.15
CA HIS A 1145 40.15 64.79 -9.98
C HIS A 1145 40.19 64.20 -8.57
N CYS A 1146 39.62 64.88 -7.58
CA CYS A 1146 39.36 64.32 -6.26
C CYS A 1146 40.66 63.80 -5.62
N ARG A 1147 41.54 64.74 -5.30
CA ARG A 1147 42.78 64.41 -4.62
C ARG A 1147 42.66 64.48 -3.10
N SER A 1148 41.48 64.78 -2.57
CA SER A 1148 41.28 64.88 -1.14
C SER A 1148 39.84 64.52 -0.81
N TYR A 1149 39.61 64.12 0.44
CA TYR A 1149 38.26 63.77 0.87
C TYR A 1149 37.32 64.96 0.71
N LEU A 1150 37.81 66.16 1.02
CA LEU A 1150 36.99 67.34 0.81
C LEU A 1150 36.61 67.49 -0.65
N ASP A 1151 37.54 67.17 -1.56
CA ASP A 1151 37.19 67.22 -2.98
C ASP A 1151 36.11 66.21 -3.34
N MET A 1152 36.18 65.01 -2.75
CA MET A 1152 35.12 64.04 -2.95
C MET A 1152 33.77 64.59 -2.53
N LEU A 1153 33.70 65.16 -1.32
CA LEU A 1153 32.42 65.70 -0.87
C LEU A 1153 31.98 66.88 -1.73
N LYS A 1154 32.91 67.74 -2.13
CA LYS A 1154 32.53 68.90 -2.94
C LYS A 1154 31.99 68.48 -4.29
N VAL A 1155 32.57 67.45 -4.92
CA VAL A 1155 32.01 66.99 -6.19
C VAL A 1155 30.67 66.31 -5.96
N ALA A 1156 30.54 65.56 -4.86
CA ALA A 1156 29.27 64.88 -4.59
C ALA A 1156 28.17 65.87 -4.23
N VAL A 1157 28.54 67.11 -3.93
CA VAL A 1157 27.52 68.13 -3.68
C VAL A 1157 27.29 68.99 -4.92
N PHE A 1158 28.34 69.24 -5.69
CA PHE A 1158 28.25 70.18 -6.81
C PHE A 1158 27.90 69.52 -8.13
N ARG A 1159 27.95 68.21 -8.23
CA ARG A 1159 27.67 67.59 -9.51
C ARG A 1159 26.61 66.52 -9.44
N TYR A 1160 26.56 65.76 -8.35
CA TYR A 1160 25.59 64.69 -8.20
C TYR A 1160 24.44 65.07 -7.29
N LEU A 1161 24.11 66.36 -7.19
CA LEU A 1161 22.99 66.79 -6.37
C LEU A 1161 21.81 67.28 -7.18
N PHE A 1162 22.06 67.98 -8.29
CA PHE A 1162 20.99 68.29 -9.23
C PHE A 1162 20.23 67.03 -9.60
N TRP A 1163 20.96 65.93 -9.79
CA TRP A 1163 20.38 64.62 -10.02
C TRP A 1163 19.86 63.98 -8.75
N LEU A 1164 19.74 64.75 -7.67
CA LEU A 1164 18.91 64.41 -6.53
C LEU A 1164 17.78 65.41 -6.30
N VAL A 1165 17.97 66.66 -6.70
CA VAL A 1165 16.86 67.60 -6.73
C VAL A 1165 15.76 67.07 -7.65
N LEU A 1166 16.15 66.44 -8.76
CA LEU A 1166 15.14 65.88 -9.65
C LEU A 1166 14.34 64.77 -8.96
N VAL A 1167 15.00 63.90 -8.21
CA VAL A 1167 14.28 62.82 -7.54
C VAL A 1167 13.43 63.37 -6.40
N VAL A 1168 13.90 64.40 -5.72
CA VAL A 1168 13.06 65.03 -4.69
C VAL A 1168 11.81 65.64 -5.31
N VAL A 1169 11.95 66.32 -6.44
CA VAL A 1169 10.78 66.87 -7.10
C VAL A 1169 9.80 65.76 -7.47
N PHE A 1170 10.32 64.67 -8.03
CA PHE A 1170 9.45 63.56 -8.40
C PHE A 1170 8.70 63.01 -7.20
N VAL A 1171 9.40 62.77 -6.09
CA VAL A 1171 8.74 62.20 -4.93
C VAL A 1171 7.73 63.17 -4.35
N ALA A 1172 8.07 64.45 -4.30
CA ALA A 1172 7.13 65.45 -3.80
C ALA A 1172 5.85 65.45 -4.62
N GLY A 1173 5.98 65.32 -5.94
CA GLY A 1173 4.79 65.22 -6.76
C GLY A 1173 4.01 63.94 -6.55
N ALA A 1174 4.71 62.82 -6.32
CA ALA A 1174 4.04 61.54 -6.37
C ALA A 1174 3.65 61.01 -5.00
N THR A 1175 3.89 61.77 -3.94
CA THR A 1175 3.42 61.33 -2.61
C THR A 1175 2.20 62.12 -2.14
N ARG A 1176 2.14 63.42 -2.43
CA ARG A 1176 0.92 64.20 -2.22
C ARG A 1176 0.11 64.14 -3.51
N ILE A 1177 -1.01 63.43 -3.48
CA ILE A 1177 -1.70 63.04 -4.70
C ILE A 1177 -2.55 64.18 -5.25
N SER A 1178 -2.51 65.34 -4.63
CA SER A 1178 -3.29 66.47 -5.11
C SER A 1178 -2.92 66.83 -6.55
N ILE A 1179 -3.76 67.63 -7.20
CA ILE A 1179 -3.39 68.10 -8.52
C ILE A 1179 -2.52 69.35 -8.42
N PHE A 1180 -1.31 69.14 -7.93
CA PHE A 1180 -0.17 70.01 -8.12
C PHE A 1180 1.04 69.14 -8.29
N GLY A 1181 0.97 67.96 -7.68
CA GLY A 1181 1.95 66.91 -7.83
C GLY A 1181 2.09 66.49 -9.26
N LEU A 1182 0.99 66.49 -10.02
CA LEU A 1182 1.10 66.26 -11.45
C LEU A 1182 1.96 67.32 -12.11
N GLY A 1183 1.90 68.55 -11.61
CA GLY A 1183 2.83 69.56 -12.07
C GLY A 1183 4.28 69.19 -11.79
N TYR A 1184 4.53 68.64 -10.60
CA TYR A 1184 5.88 68.19 -10.28
C TYR A 1184 6.30 67.04 -11.18
N LEU A 1185 5.39 66.12 -11.48
CA LEU A 1185 5.76 65.04 -12.39
C LEU A 1185 6.12 65.57 -13.76
N LEU A 1186 5.37 66.56 -14.25
CA LEU A 1186 5.74 67.18 -15.52
C LEU A 1186 7.10 67.86 -15.41
N ALA A 1187 7.37 68.56 -14.31
CA ALA A 1187 8.64 69.26 -14.16
C ALA A 1187 9.82 68.28 -14.10
N CYS A 1188 9.66 67.19 -13.35
CA CYS A 1188 10.70 66.18 -13.29
C CYS A 1188 10.92 65.54 -14.65
N PHE A 1189 9.85 65.17 -15.35
CA PHE A 1189 10.00 64.53 -16.65
C PHE A 1189 10.64 65.48 -17.65
N TYR A 1190 10.40 66.79 -17.50
CA TYR A 1190 11.02 67.74 -18.43
C TYR A 1190 12.50 67.91 -18.13
N LEU A 1191 12.84 68.22 -16.88
CA LEU A 1191 14.23 68.45 -16.55
C LEU A 1191 15.08 67.21 -16.82
N LEU A 1192 14.55 66.05 -16.45
CA LEU A 1192 15.30 64.79 -16.61
C LEU A 1192 15.64 64.51 -18.06
N LEU A 1193 14.86 65.02 -19.01
CA LEU A 1193 15.19 64.92 -20.43
C LEU A 1193 16.07 66.07 -20.91
N PHE A 1194 16.27 67.10 -20.09
CA PHE A 1194 17.04 68.25 -20.53
C PHE A 1194 17.96 68.79 -19.44
N GLY A 1195 18.11 68.10 -18.32
CA GLY A 1195 19.06 68.55 -17.32
C GLY A 1195 20.49 68.45 -17.80
N THR A 1196 20.83 67.35 -18.48
CA THR A 1196 22.19 67.16 -18.93
C THR A 1196 22.61 68.24 -19.91
N THR A 1197 21.65 68.83 -20.63
CA THR A 1197 21.95 69.98 -21.47
C THR A 1197 21.63 71.29 -20.77
N LEU A 1198 20.84 71.27 -19.70
CA LEU A 1198 20.64 72.48 -18.91
C LEU A 1198 21.92 72.90 -18.23
N LEU A 1199 22.65 71.94 -17.66
CA LEU A 1199 23.93 72.26 -17.02
C LEU A 1199 24.90 72.90 -18.01
N GLN A 1200 24.85 72.50 -19.28
CA GLN A 1200 25.76 73.05 -20.28
C GLN A 1200 25.52 74.53 -20.53
N LYS A 1201 24.33 75.04 -20.21
CA LYS A 1201 24.03 76.43 -20.42
C LYS A 1201 24.81 77.31 -19.45
N ASP A 1202 24.98 78.58 -19.82
CA ASP A 1202 25.58 79.53 -18.91
C ASP A 1202 24.63 79.84 -17.76
N THR A 1203 25.11 80.64 -16.81
CA THR A 1203 24.31 80.90 -15.60
C THR A 1203 23.02 81.63 -15.88
N ARG A 1204 22.93 82.38 -16.99
CA ARG A 1204 21.74 83.18 -17.26
C ARG A 1204 20.50 82.32 -17.40
N ALA A 1205 20.48 81.45 -18.42
CA ALA A 1205 19.31 80.61 -18.66
C ALA A 1205 19.07 79.67 -17.49
N GLN A 1206 20.14 79.16 -16.89
CA GLN A 1206 19.99 78.28 -15.74
C GLN A 1206 19.22 78.97 -14.63
N LEU A 1207 19.64 80.18 -14.24
CA LEU A 1207 18.95 80.86 -13.16
C LEU A 1207 17.54 81.27 -13.57
N VAL A 1208 17.33 81.59 -14.84
CA VAL A 1208 15.98 81.95 -15.28
C VAL A 1208 15.03 80.78 -15.11
N LEU A 1209 15.41 79.61 -15.63
CA LEU A 1209 14.52 78.46 -15.55
C LEU A 1209 14.39 77.97 -14.12
N TRP A 1210 15.46 78.08 -13.32
CA TRP A 1210 15.37 77.65 -11.93
C TRP A 1210 14.49 78.59 -11.12
N ASP A 1211 14.55 79.88 -11.41
CA ASP A 1211 13.60 80.81 -10.81
C ASP A 1211 12.17 80.44 -11.21
N CYS A 1212 11.97 80.04 -12.46
CA CYS A 1212 10.63 79.63 -12.88
C CYS A 1212 10.14 78.44 -12.05
N LEU A 1213 11.00 77.45 -11.84
CA LEU A 1213 10.57 76.28 -11.07
C LEU A 1213 10.33 76.63 -9.61
N ILE A 1214 11.19 77.48 -9.02
CA ILE A 1214 10.98 77.90 -7.65
C ILE A 1214 9.67 78.66 -7.51
N LEU A 1215 9.37 79.52 -8.49
CA LEU A 1215 8.12 80.28 -8.45
C LEU A 1215 6.92 79.35 -8.56
N TYR A 1216 7.01 78.33 -9.41
CA TYR A 1216 5.90 77.37 -9.47
C TYR A 1216 5.71 76.66 -8.15
N ASN A 1217 6.82 76.26 -7.51
CA ASN A 1217 6.70 75.59 -6.22
C ASN A 1217 6.09 76.48 -5.16
N VAL A 1218 6.49 77.75 -5.12
CA VAL A 1218 5.92 78.64 -4.12
C VAL A 1218 4.47 78.94 -4.46
N THR A 1219 4.12 78.97 -5.74
CA THR A 1219 2.72 79.08 -6.11
C THR A 1219 1.92 77.91 -5.59
N VAL A 1220 2.48 76.70 -5.68
CA VAL A 1220 1.80 75.52 -5.15
C VAL A 1220 1.57 75.66 -3.65
N ILE A 1221 2.60 76.07 -2.90
CA ILE A 1221 2.44 76.10 -1.46
C ILE A 1221 1.46 77.21 -1.04
N ILE A 1222 1.51 78.37 -1.70
CA ILE A 1222 0.57 79.43 -1.36
C ILE A 1222 -0.86 79.06 -1.76
N SER A 1223 -1.02 78.39 -2.90
CA SER A 1223 -2.34 77.92 -3.29
C SER A 1223 -2.88 76.88 -2.32
N LYS A 1224 -2.02 76.00 -1.81
CA LYS A 1224 -2.48 75.06 -0.79
C LYS A 1224 -2.91 75.78 0.47
N ASN A 1225 -2.18 76.84 0.85
CA ASN A 1225 -2.63 77.68 1.96
C ASN A 1225 -4.01 78.26 1.69
N MET A 1226 -4.21 78.80 0.49
CA MET A 1226 -5.52 79.36 0.14
C MET A 1226 -6.61 78.30 0.24
N LEU A 1227 -6.42 77.16 -0.41
CA LEU A 1227 -7.42 76.11 -0.43
C LEU A 1227 -7.64 75.48 0.94
N SER A 1228 -6.76 75.73 1.90
CA SER A 1228 -7.05 75.33 3.27
C SER A 1228 -8.34 75.96 3.78
N LEU A 1229 -8.77 77.09 3.19
CA LEU A 1229 -10.07 77.65 3.51
C LEU A 1229 -11.19 76.65 3.24
N LEU A 1230 -11.03 75.83 2.21
CA LEU A 1230 -12.04 74.83 1.92
C LEU A 1230 -12.10 73.74 2.95
N SER A 1231 -11.27 73.80 3.99
CA SER A 1231 -11.40 72.90 5.12
C SER A 1231 -12.40 73.39 6.16
N CYS A 1232 -12.79 74.66 6.11
CA CYS A 1232 -13.81 75.19 7.02
C CYS A 1232 -15.21 75.05 6.42
N VAL A 1233 -15.41 75.59 5.22
CA VAL A 1233 -16.65 75.33 4.48
C VAL A 1233 -16.52 73.96 3.84
N PHE A 1234 -17.00 72.96 4.56
CA PHE A 1234 -16.65 71.58 4.29
C PHE A 1234 -17.86 70.65 4.33
N CYS A 1243 -17.39 67.30 -3.49
CA CYS A 1243 -17.04 65.88 -3.48
C CYS A 1243 -15.89 65.60 -4.44
N TRP A 1244 -16.19 65.62 -5.73
CA TRP A 1244 -15.14 65.36 -6.71
C TRP A 1244 -14.06 66.43 -6.65
N VAL A 1245 -14.45 67.68 -6.37
CA VAL A 1245 -13.46 68.76 -6.27
C VAL A 1245 -12.52 68.52 -5.10
N ILE A 1246 -13.06 68.15 -3.94
CA ILE A 1246 -12.19 67.93 -2.79
C ILE A 1246 -11.32 66.70 -3.00
N GLN A 1247 -11.84 65.67 -3.69
CA GLN A 1247 -10.99 64.55 -4.04
C GLN A 1247 -9.86 64.99 -4.96
N LEU A 1248 -10.17 65.86 -5.92
CA LEU A 1248 -9.23 66.19 -6.97
C LEU A 1248 -8.17 67.18 -6.49
N PHE A 1249 -8.46 67.98 -5.47
CA PHE A 1249 -7.43 68.85 -4.89
C PHE A 1249 -6.89 68.33 -3.57
N SER A 1250 -7.39 67.21 -3.06
CA SER A 1250 -6.86 66.53 -1.88
C SER A 1250 -6.84 67.47 -0.66
N LEU A 1251 -8.04 67.86 -0.24
CA LEU A 1251 -8.20 68.60 1.01
C LEU A 1251 -8.63 67.67 2.13
N ILE A 1281 4.64 68.79 3.98
CA ILE A 1281 6.09 68.79 4.10
C ILE A 1281 6.78 68.55 2.77
N TRP A 1282 6.34 67.54 2.02
CA TRP A 1282 7.06 67.14 0.81
C TRP A 1282 7.12 68.25 -0.23
N ASP A 1283 6.21 69.21 -0.16
CA ASP A 1283 6.22 70.34 -1.07
C ASP A 1283 7.06 71.49 -0.52
N SER A 1284 7.80 71.25 0.56
CA SER A 1284 8.74 72.20 1.13
C SER A 1284 10.17 71.72 1.13
N ILE A 1285 10.39 70.41 1.25
CA ILE A 1285 11.74 69.88 1.11
C ILE A 1285 12.23 70.11 -0.32
N CYS A 1286 11.33 70.05 -1.29
CA CYS A 1286 11.65 70.44 -2.66
C CYS A 1286 12.08 71.90 -2.72
N PHE A 1287 11.41 72.77 -1.95
CA PHE A 1287 11.81 74.16 -1.90
C PHE A 1287 13.22 74.30 -1.34
N PHE A 1288 13.52 73.54 -0.28
CA PHE A 1288 14.84 73.59 0.31
C PHE A 1288 15.91 73.20 -0.71
N PHE A 1289 15.68 72.09 -1.42
CA PHE A 1289 16.67 71.64 -2.39
C PHE A 1289 16.78 72.61 -3.57
N LEU A 1290 15.66 73.20 -3.99
CA LEU A 1290 15.72 74.16 -5.08
C LEU A 1290 16.53 75.40 -4.71
N LEU A 1291 16.32 75.93 -3.51
CA LEU A 1291 17.14 77.07 -3.09
C LEU A 1291 18.60 76.69 -2.96
N LEU A 1292 18.88 75.50 -2.42
CA LEU A 1292 20.28 75.09 -2.29
C LEU A 1292 20.95 74.99 -3.65
N GLN A 1293 20.26 74.40 -4.62
CA GLN A 1293 20.85 74.26 -5.96
C GLN A 1293 20.96 75.60 -6.67
N ARG A 1294 20.02 76.51 -6.43
CA ARG A 1294 20.14 77.84 -7.03
C ARG A 1294 21.29 78.61 -6.43
N ARG A 1295 21.59 78.38 -5.16
CA ARG A 1295 22.80 78.96 -4.57
C ARG A 1295 24.04 78.34 -5.18
N ILE A 1296 24.01 77.03 -5.43
CA ILE A 1296 25.16 76.35 -6.02
C ILE A 1296 25.47 76.92 -7.40
N PHE A 1297 24.44 77.07 -8.23
CA PHE A 1297 24.65 77.51 -9.62
C PHE A 1297 25.52 78.76 -9.70
N LEU A 1298 25.06 79.87 -9.12
CA LEU A 1298 25.77 81.13 -9.28
C LEU A 1298 27.16 81.09 -8.65
N SER A 1299 27.43 80.12 -7.79
CA SER A 1299 28.69 80.07 -7.07
C SER A 1299 29.86 79.81 -8.03
N HIS A 1300 31.04 80.26 -7.60
CA HIS A 1300 32.24 80.03 -8.40
C HIS A 1300 32.60 78.56 -8.49
N TYR A 1301 32.43 77.81 -7.40
CA TYR A 1301 32.83 76.42 -7.37
C TYR A 1301 32.01 75.53 -8.30
N PHE A 1302 31.08 76.10 -9.06
CA PHE A 1302 30.36 75.32 -10.05
C PHE A 1302 30.89 75.56 -11.47
N LEU A 1303 31.63 76.65 -11.68
CA LEU A 1303 32.16 76.93 -13.00
C LEU A 1303 33.07 75.82 -13.50
N HIS A 1304 33.89 75.24 -12.61
CA HIS A 1304 34.80 74.19 -13.04
C HIS A 1304 34.06 72.94 -13.47
N VAL A 1305 32.99 72.56 -12.77
CA VAL A 1305 32.24 71.39 -13.17
C VAL A 1305 31.45 71.67 -14.44
N SER A 1306 30.98 72.91 -14.64
CA SER A 1306 30.37 73.22 -15.92
C SER A 1306 31.37 73.12 -17.06
N ALA A 1307 32.61 73.55 -16.82
CA ALA A 1307 33.66 73.39 -17.82
C ALA A 1307 33.93 71.91 -18.09
N ASP A 1308 33.90 71.09 -17.04
CA ASP A 1308 34.07 69.66 -17.22
C ASP A 1308 32.96 69.08 -18.10
N LEU A 1309 31.72 69.50 -17.87
CA LEU A 1309 30.62 69.02 -18.73
C LEU A 1309 30.80 69.48 -20.18
N LYS A 1310 31.24 70.73 -20.38
CA LYS A 1310 31.52 71.17 -21.75
C LYS A 1310 32.59 70.31 -22.39
N ALA A 1311 33.64 69.98 -21.62
CA ALA A 1311 34.70 69.14 -22.14
C ALA A 1311 34.17 67.76 -22.52
N THR A 1312 33.32 67.19 -21.69
CA THR A 1312 32.75 65.89 -22.01
C THR A 1312 31.89 65.97 -23.27
N ALA A 1313 31.11 67.04 -23.41
CA ALA A 1313 30.28 67.21 -24.59
C ALA A 1313 31.14 67.26 -25.86
N LEU A 1314 32.26 67.98 -25.80
CA LEU A 1314 33.13 68.02 -26.97
C LEU A 1314 33.90 66.73 -27.19
N GLN A 1315 34.17 65.99 -26.11
CA GLN A 1315 34.93 64.76 -26.18
C GLN A 1315 34.07 63.55 -26.56
N ALA A 1316 32.75 63.74 -26.63
CA ALA A 1316 31.86 62.63 -26.94
C ALA A 1316 32.27 61.88 -28.21
N SER A 1317 32.71 62.61 -29.23
CA SER A 1317 32.97 61.98 -30.54
C SER A 1317 34.07 60.94 -30.45
N ARG A 1318 35.12 61.20 -29.67
CA ARG A 1318 36.28 60.30 -29.62
C ARG A 1318 35.89 58.92 -29.11
N GLY A 1319 35.00 58.86 -28.13
CA GLY A 1319 34.62 57.58 -27.56
C GLY A 1319 34.01 56.64 -28.58
N PHE A 1320 33.31 57.19 -29.57
CA PHE A 1320 32.71 56.35 -30.60
C PHE A 1320 33.77 55.66 -31.44
N ALA A 1321 34.81 56.40 -31.85
CA ALA A 1321 35.89 55.78 -32.59
C ALA A 1321 36.64 54.78 -31.73
N LEU A 1322 36.82 55.09 -30.45
CA LEU A 1322 37.48 54.15 -29.55
C LEU A 1322 36.69 52.84 -29.45
N TYR A 1323 35.37 52.95 -29.33
CA TYR A 1323 34.54 51.76 -29.23
C TYR A 1323 34.55 50.97 -30.54
N ASN A 1324 34.54 51.65 -31.67
CA ASN A 1324 34.66 50.93 -32.94
C ASN A 1324 35.98 50.20 -33.04
N ALA A 1325 37.06 50.82 -32.55
CA ALA A 1325 38.35 50.14 -32.53
C ALA A 1325 38.29 48.89 -31.67
N ALA A 1326 37.66 48.99 -30.50
CA ALA A 1326 37.54 47.81 -29.64
C ALA A 1326 36.74 46.70 -30.31
N ASN A 1327 35.63 47.06 -30.97
CA ASN A 1327 34.82 46.06 -31.66
C ASN A 1327 35.59 45.40 -32.79
N LEU A 1328 36.34 46.18 -33.57
CA LEU A 1328 37.11 45.59 -34.65
C LEU A 1328 38.22 44.70 -34.12
N LYS A 1329 38.82 45.07 -32.99
CA LYS A 1329 39.82 44.20 -32.39
C LYS A 1329 39.21 42.87 -31.98
N SER A 1330 38.04 42.91 -31.34
CA SER A 1330 37.38 41.66 -30.93
C SER A 1330 36.99 40.82 -32.13
N ILE A 1331 36.46 41.46 -33.18
CA ILE A 1331 36.05 40.72 -34.37
C ILE A 1331 37.25 40.07 -35.03
N ASN A 1332 38.36 40.81 -35.13
CA ASN A 1332 39.58 40.24 -35.70
C ASN A 1332 40.07 39.06 -34.87
N PHE A 1333 40.03 39.20 -33.54
CA PHE A 1333 40.45 38.11 -32.67
C PHE A 1333 39.61 36.86 -32.90
N HIS A 1334 38.29 37.03 -32.99
CA HIS A 1334 37.43 35.87 -33.15
C HIS A 1334 37.56 35.26 -34.54
N ARG A 1335 37.78 36.08 -35.56
CA ARG A 1335 38.07 35.54 -36.88
C ARG A 1335 39.35 34.72 -36.84
N GLN A 1336 40.37 35.20 -36.14
CA GLN A 1336 41.62 34.46 -36.02
C GLN A 1336 41.40 33.12 -35.32
N ILE A 1337 40.66 33.11 -34.22
CA ILE A 1337 40.48 31.86 -33.50
C ILE A 1337 39.63 30.88 -34.30
N GLU A 1338 38.63 31.38 -35.02
CA GLU A 1338 37.84 30.52 -35.89
C GLU A 1338 38.69 29.93 -37.00
N GLU A 1339 39.58 30.74 -37.58
CA GLU A 1339 40.46 30.23 -38.62
C GLU A 1339 41.37 29.14 -38.07
N LYS A 1340 41.91 29.35 -36.88
CA LYS A 1340 42.76 28.33 -36.28
C LYS A 1340 41.99 27.03 -36.05
N SER A 1341 40.77 27.13 -35.52
CA SER A 1341 39.99 25.92 -35.26
C SER A 1341 39.65 25.20 -36.57
N LEU A 1342 39.29 25.93 -37.60
CA LEU A 1342 38.92 25.27 -38.85
C LEU A 1342 40.14 24.66 -39.52
N ALA A 1343 41.30 25.28 -39.39
CA ALA A 1343 42.52 24.65 -39.87
C ALA A 1343 42.80 23.37 -39.11
N GLN A 1344 42.56 23.37 -37.80
CA GLN A 1344 42.70 22.16 -37.01
C GLN A 1344 41.82 21.05 -37.55
N LEU A 1345 40.54 21.36 -37.77
CA LEU A 1345 39.61 20.34 -38.26
C LEU A 1345 40.04 19.82 -39.63
N LYS A 1346 40.46 20.72 -40.52
CA LYS A 1346 40.88 20.29 -41.85
C LYS A 1346 42.09 19.38 -41.77
N ARG A 1347 43.06 19.72 -40.93
CA ARG A 1347 44.22 18.85 -40.78
C ARG A 1347 43.84 17.49 -40.22
N GLN A 1348 42.92 17.47 -39.24
CA GLN A 1348 42.48 16.20 -38.68
C GLN A 1348 41.84 15.32 -39.75
N MET A 1349 40.99 15.90 -40.59
CA MET A 1349 40.36 15.10 -41.62
C MET A 1349 41.38 14.64 -42.66
N LYS A 1350 42.39 15.45 -42.93
CA LYS A 1350 43.47 15.00 -43.80
C LYS A 1350 44.15 13.78 -43.23
N ARG A 1351 44.46 13.80 -41.92
CA ARG A 1351 45.10 12.67 -41.29
C ARG A 1351 44.23 11.42 -41.36
N ILE A 1352 42.95 11.56 -41.02
CA ILE A 1352 42.06 10.39 -41.01
C ILE A 1352 41.92 9.80 -42.41
N ARG A 1353 41.75 10.66 -43.42
CA ARG A 1353 41.61 10.13 -44.77
C ARG A 1353 42.91 9.48 -45.25
N ALA A 1354 44.06 10.02 -44.85
CA ALA A 1354 45.32 9.36 -45.20
C ALA A 1354 45.38 7.96 -44.60
N LYS A 1355 45.02 7.84 -43.32
CA LYS A 1355 45.08 6.53 -42.68
C LYS A 1355 44.10 5.56 -43.33
N GLN A 1356 42.91 6.03 -43.68
CA GLN A 1356 41.92 5.15 -44.32
C GLN A 1356 42.40 4.73 -45.70
N GLU A 1357 43.04 5.64 -46.45
CA GLU A 1357 43.59 5.26 -47.74
C GLU A 1357 44.67 4.21 -47.58
N LYS A 1358 45.53 4.36 -46.58
CA LYS A 1358 46.56 3.36 -46.35
C LYS A 1358 45.95 2.00 -46.05
N TYR A 1359 44.92 1.97 -45.21
CA TYR A 1359 44.28 0.69 -44.89
C TYR A 1359 43.61 0.08 -46.11
N ARG A 1360 42.94 0.90 -46.94
CA ARG A 1360 42.32 0.36 -48.14
C ARG A 1360 43.36 -0.24 -49.06
N GLN A 1361 44.47 0.48 -49.27
CA GLN A 1361 45.54 -0.04 -50.12
C GLN A 1361 46.11 -1.32 -49.56
N SER A 1362 46.30 -1.40 -48.25
CA SER A 1362 46.85 -2.60 -47.65
C SER A 1362 45.91 -3.79 -47.80
N GLN A 1363 44.62 -3.59 -47.57
CA GLN A 1363 43.70 -4.72 -47.64
C GLN A 1363 43.39 -5.11 -49.07
N ALA A 1364 43.63 -4.23 -50.04
CA ALA A 1364 43.43 -4.59 -51.44
C ALA A 1364 44.30 -5.77 -51.83
N SER A 1365 45.56 -5.76 -51.39
CA SER A 1365 46.49 -6.86 -51.62
C SER A 1365 46.63 -7.21 -53.09
N ASP A 1402 25.03 -3.68 -48.25
CA ASP A 1402 26.38 -3.21 -48.55
C ASP A 1402 26.84 -2.19 -47.52
N HIS A 1403 26.13 -2.13 -46.39
CA HIS A 1403 26.47 -1.26 -45.28
C HIS A 1403 26.84 -2.06 -44.06
N ALA A 1404 26.04 -3.07 -43.73
CA ALA A 1404 26.46 -4.00 -42.69
C ALA A 1404 27.79 -4.63 -43.04
N THR A 1405 28.09 -4.80 -44.33
CA THR A 1405 29.38 -5.33 -44.73
C THR A 1405 30.52 -4.38 -44.32
N VAL A 1406 30.30 -3.07 -44.48
CA VAL A 1406 31.40 -2.17 -44.15
C VAL A 1406 31.50 -1.96 -42.64
N ILE A 1407 30.40 -2.11 -41.90
CA ILE A 1407 30.53 -2.11 -40.44
C ILE A 1407 31.25 -3.36 -39.97
N HIS A 1408 30.94 -4.52 -40.56
CA HIS A 1408 31.57 -5.78 -40.16
C HIS A 1408 32.81 -6.07 -41.00
N SER A 1409 33.72 -5.10 -41.08
CA SER A 1409 35.00 -5.27 -41.77
C SER A 1409 36.09 -4.79 -40.84
N GLY A 1410 36.54 -5.66 -39.94
CA GLY A 1410 37.65 -5.32 -39.09
C GLY A 1410 38.54 -6.51 -38.86
N ASP A 1411 39.81 -6.40 -39.21
CA ASP A 1411 40.77 -7.46 -38.95
C ASP A 1411 41.92 -6.89 -38.13
N TYR A 1412 42.81 -7.78 -37.70
CA TYR A 1412 43.94 -7.31 -36.90
C TYR A 1412 44.86 -6.40 -37.70
N PHE A 1413 44.76 -6.38 -39.02
CA PHE A 1413 45.66 -5.51 -39.77
C PHE A 1413 45.33 -4.04 -39.58
N LEU A 1414 44.19 -3.71 -38.98
CA LEU A 1414 43.89 -2.31 -38.71
C LEU A 1414 44.70 -1.80 -37.52
N PHE A 1415 44.87 -2.64 -36.50
CA PHE A 1415 45.44 -2.20 -35.24
C PHE A 1415 46.96 -2.27 -35.19
N GLU A 1416 47.61 -2.72 -36.25
CA GLU A 1416 49.06 -2.79 -36.22
C GLU A 1416 49.64 -1.38 -36.27
N SER A 1417 50.87 -1.26 -35.75
CA SER A 1417 51.47 0.06 -35.51
C SER A 1417 51.64 0.86 -36.78
N ASP A 1418 50.94 1.98 -36.88
CA ASP A 1418 51.08 2.90 -38.02
C ASP A 1418 52.11 3.97 -37.69
N SER A 1419 53.31 3.50 -37.33
CA SER A 1419 54.42 4.37 -36.94
C SER A 1419 54.04 5.30 -35.80
N GLU A 1420 53.08 4.88 -34.98
CA GLU A 1420 52.57 5.68 -33.86
C GLU A 1420 52.13 7.06 -34.34
N GLU A 1421 51.47 7.09 -35.49
CA GLU A 1421 51.02 8.35 -36.08
C GLU A 1421 49.75 8.16 -36.89
N GLY A 1509 41.64 35.96 7.40
CA GLY A 1509 40.74 35.82 6.28
C GLY A 1509 40.21 37.14 5.75
N GLN A 1510 40.87 38.23 6.15
CA GLN A 1510 40.47 39.56 5.71
C GLN A 1510 40.66 39.76 4.21
N ALA A 1511 41.46 38.91 3.56
CA ALA A 1511 41.76 39.08 2.14
C ALA A 1511 40.58 38.75 1.25
N THR A 1512 39.47 38.24 1.80
CA THR A 1512 38.30 37.93 0.99
C THR A 1512 37.74 39.19 0.34
N VAL A 1513 37.67 40.29 1.10
CA VAL A 1513 37.17 41.55 0.53
C VAL A 1513 38.12 42.05 -0.55
N ASP A 1514 39.43 41.86 -0.36
CA ASP A 1514 40.39 42.26 -1.37
C ASP A 1514 40.21 41.44 -2.64
N GLY A 1515 39.97 40.14 -2.50
CA GLY A 1515 39.69 39.31 -3.65
C GLY A 1515 38.42 39.72 -4.37
N LEU A 1516 37.38 40.06 -3.61
CA LEU A 1516 36.15 40.54 -4.23
C LEU A 1516 36.39 41.83 -5.01
N THR A 1517 37.14 42.77 -4.41
CA THR A 1517 37.43 44.02 -5.09
C THR A 1517 38.24 43.79 -6.36
N ARG A 1518 39.25 42.91 -6.31
CA ARG A 1518 40.05 42.67 -7.50
C ARG A 1518 39.23 41.96 -8.58
N TRP A 1519 38.30 41.08 -8.18
CA TRP A 1519 37.45 40.43 -9.16
C TRP A 1519 36.50 41.43 -9.81
N LEU A 1520 35.95 42.36 -9.03
CA LEU A 1520 35.12 43.40 -9.60
C LEU A 1520 35.92 44.27 -10.56
N ARG A 1521 37.15 44.62 -10.17
CA ARG A 1521 38.02 45.35 -11.08
C ARG A 1521 38.32 44.55 -12.33
N ALA A 1522 38.41 43.23 -12.22
CA ALA A 1522 38.60 42.40 -13.41
C ALA A 1522 37.40 42.50 -14.33
N PHE A 1523 36.19 42.49 -13.77
CA PHE A 1523 35.00 42.67 -14.59
C PHE A 1523 34.98 44.02 -15.28
N THR A 1524 35.37 45.07 -14.57
CA THR A 1524 35.19 46.43 -15.07
C THR A 1524 36.48 47.06 -15.60
N LYS A 1525 37.53 46.27 -15.81
CA LYS A 1525 38.80 46.81 -16.30
C LYS A 1525 38.63 47.50 -17.65
N HIS A 1526 37.74 46.97 -18.49
CA HIS A 1526 37.54 47.59 -19.80
C HIS A 1526 37.08 49.03 -19.65
N HIS A 1527 36.03 49.23 -18.87
CA HIS A 1527 35.54 50.59 -18.66
C HIS A 1527 36.52 51.42 -17.85
N ARG A 1528 37.27 50.81 -16.94
CA ARG A 1528 38.24 51.57 -16.16
C ARG A 1528 39.32 52.16 -17.05
N THR A 1529 39.92 51.33 -17.91
CA THR A 1529 40.94 51.82 -18.82
C THR A 1529 40.36 52.82 -19.80
N MET A 1530 39.17 52.54 -20.32
CA MET A 1530 38.54 53.46 -21.27
C MET A 1530 38.30 54.81 -20.62
N SER A 1531 37.78 54.82 -19.40
CA SER A 1531 37.54 56.07 -18.69
C SER A 1531 38.83 56.79 -18.35
N ASP A 1532 39.88 56.04 -18.01
CA ASP A 1532 41.17 56.67 -17.73
C ASP A 1532 41.69 57.40 -18.97
N VAL A 1533 41.62 56.74 -20.12
CA VAL A 1533 42.07 57.39 -21.35
C VAL A 1533 41.21 58.61 -21.65
N LEU A 1534 39.89 58.47 -21.53
CA LEU A 1534 39.00 59.58 -21.84
C LEU A 1534 39.24 60.76 -20.92
N CYS A 1535 39.45 60.50 -19.62
CA CYS A 1535 39.64 61.60 -18.68
C CYS A 1535 41.00 62.25 -18.84
N ALA A 1536 42.04 61.45 -19.13
CA ALA A 1536 43.34 62.02 -19.40
C ALA A 1536 43.26 62.96 -20.59
N GLU A 1537 42.58 62.54 -21.65
CA GLU A 1537 42.36 63.44 -22.78
C GLU A 1537 41.53 64.64 -22.36
N ARG A 1538 40.52 64.42 -21.53
CA ARG A 1538 39.55 65.46 -21.19
C ARG A 1538 40.20 66.59 -20.39
N TYR A 1539 41.16 66.27 -19.53
CA TYR A 1539 41.77 67.31 -18.71
C TYR A 1539 42.50 68.33 -19.59
N LEU A 1540 43.34 67.84 -20.50
CA LEU A 1540 43.99 68.74 -21.45
C LEU A 1540 42.97 69.41 -22.35
N LEU A 1541 41.91 68.70 -22.72
CA LEU A 1541 40.88 69.29 -23.57
C LEU A 1541 40.25 70.50 -22.90
N THR A 1542 39.87 70.38 -21.63
CA THR A 1542 39.22 71.50 -20.96
C THR A 1542 40.21 72.61 -20.64
N GLN A 1543 41.45 72.26 -20.30
CA GLN A 1543 42.42 73.30 -20.01
C GLN A 1543 42.76 74.10 -21.25
N GLU A 1544 42.69 73.47 -22.43
CA GLU A 1544 42.83 74.21 -23.68
C GLU A 1544 41.56 74.99 -23.99
N LEU A 1545 40.39 74.39 -23.74
CA LEU A 1545 39.12 75.05 -23.99
C LEU A 1545 38.96 76.31 -23.16
N LEU A 1546 39.64 76.39 -22.01
CA LEU A 1546 39.63 77.58 -21.17
C LEU A 1546 39.72 78.85 -21.99
N ARG A 1547 40.64 78.91 -22.94
CA ARG A 1547 40.80 80.15 -23.71
C ARG A 1547 39.79 80.23 -24.85
N VAL A 1548 39.95 79.37 -25.86
CA VAL A 1548 38.98 79.32 -26.97
C VAL A 1548 38.56 77.89 -27.29
N GLY A 1549 39.53 77.03 -27.61
CA GLY A 1549 39.26 75.73 -28.20
C GLY A 1549 39.33 75.83 -29.70
N GLU A 1550 40.43 75.41 -30.31
CA GLU A 1550 40.68 75.72 -31.72
C GLU A 1550 40.76 74.49 -32.61
N VAL A 1551 41.65 73.54 -32.33
CA VAL A 1551 42.02 72.50 -33.28
C VAL A 1551 41.69 71.13 -32.70
N ARG A 1552 41.00 70.31 -33.50
CA ARG A 1552 40.71 68.94 -33.09
C ARG A 1552 41.95 68.07 -33.10
N ARG A 1553 42.93 68.39 -33.96
CA ARG A 1553 44.17 67.61 -34.01
C ARG A 1553 45.11 67.96 -32.86
N GLY A 1554 44.96 69.13 -32.27
CA GLY A 1554 45.80 69.49 -31.14
C GLY A 1554 45.60 68.59 -29.94
N VAL A 1555 44.34 68.21 -29.68
CA VAL A 1555 44.04 67.47 -28.46
C VAL A 1555 44.50 66.02 -28.56
N LEU A 1556 44.70 65.50 -29.77
CA LEU A 1556 45.11 64.12 -29.92
C LEU A 1556 46.63 63.97 -29.79
N ASP A 1557 47.37 64.68 -30.64
CA ASP A 1557 48.80 64.45 -30.80
C ASP A 1557 49.66 65.24 -29.82
N GLN A 1558 49.08 66.13 -29.02
CA GLN A 1558 49.88 66.95 -28.13
C GLN A 1558 50.60 66.10 -27.09
N LEU A 1559 49.89 65.15 -26.49
CA LEU A 1559 50.49 64.29 -25.48
C LEU A 1559 51.12 63.07 -26.13
N ALA A 1645 47.57 58.02 -35.97
CA ALA A 1645 47.16 57.16 -34.87
C ALA A 1645 45.82 57.60 -34.31
N SER A 1646 44.79 57.61 -35.16
CA SER A 1646 43.47 58.08 -34.73
C SER A 1646 42.81 57.08 -33.78
N GLU A 1647 42.82 55.80 -34.13
CA GLU A 1647 42.13 54.78 -33.36
C GLU A 1647 43.09 53.74 -32.84
N LEU A 1648 42.98 53.44 -31.54
CA LEU A 1648 43.66 52.33 -30.90
C LEU A 1648 43.12 52.21 -29.48
N LEU A 1649 42.85 50.98 -29.05
CA LEU A 1649 42.15 50.76 -27.80
C LEU A 1649 42.88 51.32 -26.58
N LEU A 1650 44.03 50.73 -26.25
CA LEU A 1650 44.79 51.09 -25.05
C LEU A 1650 46.13 51.65 -25.48
N ASP A 1651 46.32 52.95 -25.27
CA ASP A 1651 47.51 53.63 -25.73
C ASP A 1651 48.15 54.37 -24.57
N ARG A 1652 49.46 54.62 -24.70
CA ARG A 1652 50.23 55.27 -23.66
C ARG A 1652 51.12 56.34 -24.28
N ARG A 1653 51.13 57.52 -23.65
CA ARG A 1653 51.96 58.64 -24.08
C ARG A 1653 52.47 59.33 -22.82
N LEU A 1654 52.95 60.56 -22.98
CA LEU A 1654 53.49 61.32 -21.86
C LEU A 1654 52.42 61.56 -20.79
N HIS A 1655 52.86 62.05 -19.65
CA HIS A 1655 52.04 62.15 -18.45
C HIS A 1655 51.60 63.58 -18.17
N ILE A 1656 50.62 63.71 -17.30
CA ILE A 1656 50.15 64.99 -16.77
C ILE A 1656 50.23 64.90 -15.26
N PRO A 1657 50.93 65.82 -14.58
CA PRO A 1657 51.17 65.65 -13.14
C PRO A 1657 49.91 65.59 -12.29
N GLU A 1658 48.88 66.36 -12.64
CA GLU A 1658 47.70 66.43 -11.79
C GLU A 1658 46.98 65.10 -11.70
N LEU A 1659 46.76 64.45 -12.85
CA LEU A 1659 46.02 63.20 -12.87
C LEU A 1659 46.81 62.08 -12.21
N GLU A 1660 48.11 61.99 -12.48
CA GLU A 1660 48.92 60.96 -11.85
C GLU A 1660 49.02 61.17 -10.34
N GLU A 1661 49.00 62.43 -9.88
CA GLU A 1661 48.87 62.68 -8.45
C GLU A 1661 47.53 62.19 -7.93
N ALA A 1662 46.45 62.46 -8.67
CA ALA A 1662 45.12 62.05 -8.25
C ALA A 1662 44.96 60.53 -8.25
N GLU A 1663 45.77 59.83 -9.05
CA GLU A 1663 45.54 58.40 -9.25
C GLU A 1663 45.72 57.61 -7.96
N ARG A 1664 46.83 57.82 -7.26
CA ARG A 1664 47.13 57.05 -6.07
C ARG A 1664 46.29 57.47 -4.88
N PHE A 1665 45.55 58.58 -4.99
CA PHE A 1665 44.73 59.03 -3.87
C PHE A 1665 43.71 57.98 -3.46
N GLU A 1666 43.22 57.20 -4.43
CA GLU A 1666 42.26 56.15 -4.10
C GLU A 1666 42.90 55.08 -3.22
N ALA A 1667 44.20 54.82 -3.39
CA ALA A 1667 44.87 53.81 -2.58
C ALA A 1667 44.92 54.23 -1.11
N GLN A 1668 44.74 55.52 -0.83
CA GLN A 1668 44.69 55.97 0.56
C GLN A 1668 43.53 55.35 1.30
N GLN A 1669 42.37 55.28 0.66
CA GLN A 1669 41.18 54.66 1.24
C GLN A 1669 41.04 53.25 0.67
N GLY A 1670 41.20 52.24 1.52
CA GLY A 1670 41.25 50.88 1.03
C GLY A 1670 40.47 49.85 1.81
N ARG A 1671 39.75 50.29 2.86
CA ARG A 1671 39.00 49.34 3.66
C ARG A 1671 37.72 48.91 2.96
N THR A 1672 36.83 49.87 2.70
CA THR A 1672 35.57 49.58 2.03
C THR A 1672 35.35 50.51 0.85
N LEU A 1673 35.95 51.71 0.90
CA LEU A 1673 35.74 52.70 -0.14
C LEU A 1673 36.18 52.18 -1.50
N ARG A 1674 37.23 51.35 -1.55
CA ARG A 1674 37.59 50.72 -2.80
C ARG A 1674 36.46 49.83 -3.31
N LEU A 1675 35.84 49.06 -2.40
CA LEU A 1675 34.74 48.19 -2.81
C LEU A 1675 33.57 49.01 -3.32
N LEU A 1676 33.23 50.12 -2.65
CA LEU A 1676 32.13 50.95 -3.10
C LEU A 1676 32.43 51.56 -4.47
N ARG A 1677 33.65 52.06 -4.65
CA ARG A 1677 34.02 52.63 -5.95
C ARG A 1677 33.94 51.57 -7.04
N ALA A 1678 34.43 50.36 -6.74
CA ALA A 1678 34.39 49.28 -7.73
C ALA A 1678 32.96 48.90 -8.07
N GLY A 1679 32.08 48.84 -7.07
CA GLY A 1679 30.68 48.50 -7.34
C GLY A 1679 29.98 49.55 -8.17
N TYR A 1680 30.15 50.83 -7.82
CA TYR A 1680 29.55 51.89 -8.60
C TYR A 1680 30.10 51.89 -10.02
N GLN A 1681 31.39 51.64 -10.17
CA GLN A 1681 31.98 51.60 -11.50
C GLN A 1681 31.47 50.40 -12.29
N CYS A 1682 31.17 49.30 -11.59
CA CYS A 1682 30.58 48.14 -12.25
C CYS A 1682 29.18 48.46 -12.77
N VAL A 1683 28.38 49.15 -11.96
CA VAL A 1683 27.07 49.59 -12.44
C VAL A 1683 27.23 50.51 -13.64
N ALA A 1684 28.19 51.44 -13.57
CA ALA A 1684 28.45 52.32 -14.70
C ALA A 1684 28.87 51.53 -15.94
N ALA A 1685 29.51 50.38 -15.74
CA ALA A 1685 29.94 49.59 -16.89
C ALA A 1685 28.88 48.61 -17.36
N HIS A 1686 27.78 48.49 -16.64
CA HIS A 1686 26.71 47.57 -17.04
C HIS A 1686 25.34 48.21 -16.85
N SER A 1687 25.22 49.51 -17.16
CA SER A 1687 23.91 50.13 -17.12
C SER A 1687 22.96 49.45 -18.09
N GLU A 1688 23.48 48.96 -19.22
CA GLU A 1688 22.64 48.28 -20.19
C GLU A 1688 22.00 47.05 -19.59
N LEU A 1689 22.65 46.43 -18.62
CA LEU A 1689 22.06 45.26 -17.97
C LEU A 1689 21.29 45.66 -16.73
N LEU A 1690 21.69 46.74 -16.06
CA LEU A 1690 20.91 47.24 -14.93
C LEU A 1690 19.50 47.61 -15.37
N CYS A 1691 19.38 48.24 -16.53
CA CYS A 1691 18.05 48.64 -16.99
C CYS A 1691 17.18 47.42 -17.28
N TYR A 1692 17.74 46.38 -17.91
CA TYR A 1692 16.95 45.18 -18.16
C TYR A 1692 16.53 44.54 -16.85
N PHE A 1693 17.45 44.49 -15.88
CA PHE A 1693 17.09 43.86 -14.61
C PHE A 1693 16.01 44.65 -13.88
N ILE A 1694 16.09 45.98 -13.91
CA ILE A 1694 15.07 46.78 -13.25
C ILE A 1694 13.73 46.62 -13.95
N ILE A 1695 13.71 46.59 -15.28
CA ILE A 1695 12.45 46.43 -15.99
C ILE A 1695 11.81 45.09 -15.64
N ILE A 1696 12.60 44.02 -15.67
CA ILE A 1696 12.07 42.70 -15.34
C ILE A 1696 11.59 42.65 -13.91
N LEU A 1697 12.36 43.23 -12.98
CA LEU A 1697 11.94 43.24 -11.58
C LEU A 1697 10.64 44.01 -11.40
N ASN A 1698 10.53 45.17 -12.04
CA ASN A 1698 9.30 45.95 -11.95
C ASN A 1698 8.12 45.15 -12.47
N HIS A 1699 8.31 44.40 -13.56
CA HIS A 1699 7.21 43.60 -14.05
C HIS A 1699 6.97 42.35 -13.22
N MET A 1700 7.93 41.95 -12.39
CA MET A 1700 7.73 40.77 -11.57
C MET A 1700 6.79 41.07 -10.42
N VAL A 1701 6.90 42.25 -9.84
CA VAL A 1701 5.88 42.85 -8.99
C VAL A 1701 4.88 43.48 -9.96
N THR A 1702 3.72 43.91 -9.48
CA THR A 1702 2.70 44.61 -10.26
C THR A 1702 2.43 43.94 -11.61
N ALA A 1703 2.02 42.68 -11.52
CA ALA A 1703 1.71 41.90 -12.72
C ALA A 1703 0.52 42.50 -13.44
N SER A 1704 0.76 43.11 -14.60
CA SER A 1704 -0.29 43.81 -15.32
C SER A 1704 0.18 44.10 -16.74
N ALA A 1705 -0.78 44.11 -17.66
CA ALA A 1705 -0.44 44.31 -19.07
C ALA A 1705 0.33 45.61 -19.28
N ALA A 1706 0.01 46.64 -18.51
CA ALA A 1706 0.74 47.89 -18.59
C ALA A 1706 2.22 47.69 -18.27
N SER A 1707 2.51 46.75 -17.38
CA SER A 1707 3.88 46.37 -17.09
C SER A 1707 4.32 45.12 -17.83
N LEU A 1708 3.48 44.63 -18.74
CA LEU A 1708 3.78 43.47 -19.57
C LEU A 1708 4.17 43.81 -20.99
N VAL A 1709 3.81 45.00 -21.48
CA VAL A 1709 4.23 45.32 -22.83
C VAL A 1709 5.71 45.65 -22.89
N LEU A 1710 6.35 45.94 -21.77
CA LEU A 1710 7.75 46.33 -21.81
C LEU A 1710 8.73 45.14 -21.77
N PRO A 1711 8.57 44.17 -20.88
CA PRO A 1711 9.47 42.99 -20.94
C PRO A 1711 9.40 42.23 -22.23
N VAL A 1712 8.23 42.15 -22.87
CA VAL A 1712 8.18 41.51 -24.18
C VAL A 1712 9.08 42.26 -25.15
N LEU A 1713 9.06 43.58 -25.10
CA LEU A 1713 9.98 44.35 -25.92
C LEU A 1713 11.43 44.03 -25.57
N VAL A 1714 11.75 43.98 -24.29
CA VAL A 1714 13.13 43.74 -23.88
C VAL A 1714 13.62 42.40 -24.41
N PHE A 1715 12.78 41.37 -24.33
CA PHE A 1715 13.19 40.04 -24.75
C PHE A 1715 13.03 39.79 -26.25
N LEU A 1716 12.33 40.67 -26.98
CA LEU A 1716 12.12 40.43 -28.40
C LEU A 1716 12.82 41.40 -29.32
N TRP A 1717 13.07 42.63 -28.89
CA TRP A 1717 13.62 43.66 -29.75
C TRP A 1717 14.94 44.20 -29.23
N ALA A 1718 15.04 44.52 -27.95
CA ALA A 1718 16.25 45.16 -27.46
C ALA A 1718 17.39 44.17 -27.28
N MET A 1719 17.08 42.88 -27.17
CA MET A 1719 18.10 41.86 -26.99
C MET A 1719 18.39 41.12 -28.28
N LEU A 1720 18.00 41.65 -29.43
CA LEU A 1720 18.22 40.96 -30.69
C LEU A 1720 18.88 41.80 -31.77
N THR A 1721 18.81 43.13 -31.71
CA THR A 1721 19.20 43.93 -32.86
C THR A 1721 20.68 43.87 -33.22
N ILE A 1722 21.50 44.49 -32.38
CA ILE A 1722 22.85 44.97 -32.70
C ILE A 1722 23.48 45.26 -31.34
N PRO A 1723 24.80 45.05 -31.14
CA PRO A 1723 25.37 45.24 -29.79
C PRO A 1723 24.97 46.52 -29.07
N ARG A 1724 24.54 47.54 -29.81
CA ARG A 1724 23.86 48.67 -29.19
C ARG A 1724 22.38 48.61 -29.54
N PRO A 1725 21.50 48.25 -28.61
CA PRO A 1725 20.06 48.36 -28.87
C PRO A 1725 19.72 49.79 -29.27
N SER A 1726 18.96 49.91 -30.36
CA SER A 1726 18.85 51.18 -31.05
C SER A 1726 18.24 52.26 -30.16
N LYS A 1727 18.60 53.51 -30.45
CA LYS A 1727 18.11 54.66 -29.70
C LYS A 1727 16.59 54.68 -29.62
N ARG A 1728 15.93 54.23 -30.68
CA ARG A 1728 14.47 54.20 -30.67
C ARG A 1728 13.94 53.35 -29.53
N PHE A 1729 14.63 52.28 -29.14
CA PHE A 1729 14.12 51.46 -28.05
C PHE A 1729 14.23 52.17 -26.71
N TRP A 1730 15.37 52.80 -26.43
CA TRP A 1730 15.49 53.49 -25.16
C TRP A 1730 14.47 54.62 -25.08
N MET A 1731 14.28 55.35 -26.19
CA MET A 1731 13.27 56.39 -26.18
C MET A 1731 11.88 55.79 -25.96
N THR A 1732 11.61 54.64 -26.56
CA THR A 1732 10.31 53.99 -26.37
C THR A 1732 10.07 53.64 -24.92
N ALA A 1733 11.07 53.03 -24.27
CA ALA A 1733 10.88 52.64 -22.88
C ALA A 1733 10.75 53.85 -21.97
N ILE A 1734 11.57 54.89 -22.20
CA ILE A 1734 11.50 56.06 -21.33
C ILE A 1734 10.15 56.76 -21.48
N VAL A 1735 9.71 56.97 -22.72
CA VAL A 1735 8.44 57.64 -22.94
C VAL A 1735 7.29 56.79 -22.45
N PHE A 1736 7.38 55.48 -22.63
CA PHE A 1736 6.30 54.62 -22.15
C PHE A 1736 6.21 54.64 -20.63
N THR A 1737 7.34 54.65 -19.93
CA THR A 1737 7.25 54.68 -18.48
C THR A 1737 6.81 56.04 -17.98
N GLU A 1738 7.19 57.12 -18.68
CA GLU A 1738 6.56 58.41 -18.42
C GLU A 1738 5.05 58.30 -18.50
N VAL A 1739 4.55 57.77 -19.62
CA VAL A 1739 3.11 57.72 -19.85
C VAL A 1739 2.41 56.87 -18.81
N MET A 1740 2.98 55.73 -18.47
CA MET A 1740 2.29 54.80 -17.60
C MET A 1740 2.62 55.04 -16.13
N VAL A 1741 3.38 56.08 -15.81
CA VAL A 1741 3.38 56.55 -14.43
C VAL A 1741 2.45 57.74 -14.32
N VAL A 1742 2.36 58.55 -15.38
CA VAL A 1742 1.40 59.66 -15.36
C VAL A 1742 -0.02 59.12 -15.27
N THR A 1743 -0.33 58.08 -16.05
CA THR A 1743 -1.67 57.50 -16.01
C THR A 1743 -1.96 56.84 -14.67
N LYS A 1744 -1.00 56.12 -14.10
CA LYS A 1744 -1.19 55.55 -12.77
C LYS A 1744 -1.48 56.65 -11.75
N TYR A 1745 -0.72 57.73 -11.79
CA TYR A 1745 -0.96 58.82 -10.85
C TYR A 1745 -2.31 59.48 -11.09
N LEU A 1746 -2.68 59.67 -12.36
CA LEU A 1746 -3.97 60.25 -12.68
C LEU A 1746 -5.11 59.42 -12.11
N PHE A 1747 -5.04 58.10 -12.28
CA PHE A 1747 -6.06 57.23 -11.70
C PHE A 1747 -5.95 57.09 -10.19
N GLN A 1748 -4.80 57.45 -9.61
CA GLN A 1748 -4.68 57.43 -8.16
C GLN A 1748 -5.59 58.47 -7.52
N PHE A 1749 -6.07 59.44 -8.29
CA PHE A 1749 -6.98 60.45 -7.78
C PHE A 1749 -8.22 59.80 -7.16
N GLY A 1750 -8.88 60.56 -6.29
CA GLY A 1750 -10.05 60.05 -5.61
C GLY A 1750 -11.36 60.21 -6.36
N PHE A 1751 -11.39 60.98 -7.45
CA PHE A 1751 -12.66 61.21 -8.14
C PHE A 1751 -13.11 59.98 -8.92
N PHE A 1752 -12.18 59.19 -9.43
CA PHE A 1752 -12.61 58.05 -10.22
C PHE A 1752 -12.78 56.82 -9.34
N PRO A 1753 -13.80 55.98 -9.60
CA PRO A 1753 -13.97 54.71 -8.90
C PRO A 1753 -12.88 53.70 -9.23
N PRO A 1770 -11.07 45.20 -16.42
CA PRO A 1770 -10.88 44.97 -14.98
C PRO A 1770 -9.84 45.91 -14.38
N PRO A 1771 -9.93 46.17 -13.07
CA PRO A 1771 -8.96 47.06 -12.43
C PRO A 1771 -7.56 46.49 -12.39
N ARG A 1772 -7.43 45.23 -11.95
CA ARG A 1772 -6.11 44.63 -11.72
C ARG A 1772 -5.42 44.26 -13.02
N ILE A 1773 -6.16 43.78 -14.02
CA ILE A 1773 -5.53 43.35 -15.27
C ILE A 1773 -4.96 44.54 -16.03
N LEU A 1774 -5.74 45.60 -16.16
CA LEU A 1774 -5.24 46.77 -16.89
C LEU A 1774 -4.10 47.47 -16.15
N GLY A 1775 -3.91 47.18 -14.87
CA GLY A 1775 -2.77 47.71 -14.15
C GLY A 1775 -2.86 49.14 -13.72
N LEU A 1776 -4.03 49.76 -13.80
CA LEU A 1776 -4.25 51.12 -13.34
C LEU A 1776 -4.82 51.19 -11.93
N GLU A 1777 -4.66 50.14 -11.14
CA GLU A 1777 -5.25 50.12 -9.80
C GLU A 1777 -4.67 51.25 -8.94
N LYS A 1778 -5.38 51.55 -7.85
CA LYS A 1778 -4.97 52.58 -6.92
C LYS A 1778 -4.57 51.94 -5.59
N THR A 1779 -3.36 52.26 -5.13
CA THR A 1779 -2.83 51.77 -3.86
C THR A 1779 -2.05 52.89 -3.20
N ASP A 1780 -1.48 52.60 -2.03
CA ASP A 1780 -0.56 53.55 -1.41
C ASP A 1780 0.75 53.63 -2.19
N SER A 1781 1.32 52.49 -2.52
CA SER A 1781 2.53 52.43 -3.36
C SER A 1781 2.14 52.15 -4.81
N TYR A 1782 1.41 53.10 -5.38
CA TYR A 1782 0.96 52.95 -6.76
C TYR A 1782 2.14 52.99 -7.72
N ILE A 1783 3.13 53.81 -7.46
CA ILE A 1783 4.38 53.79 -8.22
C ILE A 1783 5.36 52.87 -7.50
N LYS A 1784 5.50 51.66 -8.01
CA LYS A 1784 6.34 50.66 -7.38
C LYS A 1784 7.41 50.21 -8.37
N TYR A 1785 8.67 50.38 -7.99
CA TYR A 1785 9.78 50.14 -8.89
C TYR A 1785 9.58 50.84 -10.23
N ASP A 1786 8.90 51.97 -10.20
CA ASP A 1786 8.64 52.77 -11.39
C ASP A 1786 9.36 54.10 -11.37
N LEU A 1787 9.72 54.61 -10.20
CA LEU A 1787 10.72 55.66 -10.15
C LEU A 1787 12.10 55.09 -10.40
N VAL A 1788 12.37 53.90 -9.86
CA VAL A 1788 13.67 53.27 -10.08
C VAL A 1788 13.87 52.94 -11.55
N GLN A 1789 12.83 52.43 -12.21
CA GLN A 1789 12.97 52.08 -13.62
C GLN A 1789 13.21 53.32 -14.47
N LEU A 1790 12.47 54.39 -14.22
CA LEU A 1790 12.67 55.62 -14.97
C LEU A 1790 14.06 56.19 -14.73
N MET A 1791 14.52 56.16 -13.48
CA MET A 1791 15.85 56.70 -13.20
C MET A 1791 16.94 55.83 -13.81
N ALA A 1792 16.75 54.50 -13.84
CA ALA A 1792 17.73 53.63 -14.47
C ALA A 1792 17.79 53.90 -15.97
N LEU A 1793 16.63 54.02 -16.61
CA LEU A 1793 16.60 54.32 -18.03
C LEU A 1793 17.30 55.63 -18.32
N PHE A 1794 17.04 56.66 -17.50
CA PHE A 1794 17.65 57.96 -17.76
C PHE A 1794 19.13 57.97 -17.46
N PHE A 1795 19.56 57.23 -16.43
CA PHE A 1795 20.99 57.12 -16.16
C PHE A 1795 21.70 56.43 -17.31
N HIS A 1796 21.09 55.37 -17.86
CA HIS A 1796 21.69 54.70 -19.00
C HIS A 1796 21.74 55.61 -20.22
N ARG A 1797 20.67 56.37 -20.47
CA ARG A 1797 20.70 57.28 -21.60
C ARG A 1797 21.77 58.35 -21.41
N SER A 1798 21.90 58.88 -20.19
CA SER A 1798 22.92 59.88 -19.93
C SER A 1798 24.31 59.33 -20.17
N GLN A 1799 24.59 58.14 -19.62
CA GLN A 1799 25.90 57.54 -19.78
C GLN A 1799 26.20 57.21 -21.24
N LEU A 1800 25.23 56.64 -21.94
CA LEU A 1800 25.39 56.35 -23.37
C LEU A 1800 25.49 57.62 -24.19
N LEU A 1801 25.04 58.76 -23.64
CA LEU A 1801 25.16 60.02 -24.34
C LEU A 1801 26.55 60.63 -24.16
N CYS A 1802 26.97 60.83 -22.92
CA CYS A 1802 28.28 61.41 -22.66
C CYS A 1802 29.40 60.57 -23.25
N TYR A 1803 29.26 59.26 -23.22
CA TYR A 1803 30.23 58.36 -23.84
C TYR A 1803 29.59 57.67 -25.02
N GLY A 1804 30.12 57.92 -26.21
CA GLY A 1804 29.71 57.20 -27.39
C GLY A 1804 28.68 57.95 -28.21
N LEU A 1805 27.88 57.18 -28.94
CA LEU A 1805 26.87 57.72 -29.84
C LEU A 1805 25.49 57.29 -29.38
N TRP A 1806 24.55 58.23 -29.47
CA TRP A 1806 23.17 57.98 -29.08
C TRP A 1806 22.26 58.19 -30.28
N PRO A 1957 8.30 45.08 -44.51
CA PRO A 1957 9.19 46.23 -44.71
C PRO A 1957 10.30 46.32 -43.67
N LEU A 1958 10.19 47.27 -42.74
CA LEU A 1958 11.25 47.52 -41.78
C LEU A 1958 11.51 46.30 -40.91
N GLN A 1959 10.45 45.59 -40.52
CA GLN A 1959 10.63 44.35 -39.79
C GLN A 1959 11.42 43.34 -40.59
N ARG A 1960 11.13 43.23 -41.89
CA ARG A 1960 11.87 42.31 -42.74
C ARG A 1960 13.34 42.70 -42.82
N PHE A 1961 13.63 44.01 -42.94
CA PHE A 1961 15.03 44.43 -42.93
C PHE A 1961 15.70 44.11 -41.60
N PHE A 1962 14.97 44.28 -40.49
CA PHE A 1962 15.53 43.98 -39.18
C PHE A 1962 15.88 42.50 -39.07
N HIS A 1963 14.99 41.63 -39.54
CA HIS A 1963 15.28 40.21 -39.50
C HIS A 1963 16.45 39.87 -40.40
N ASP A 1964 16.47 40.41 -41.62
CA ASP A 1964 17.53 40.05 -42.55
C ASP A 1964 18.89 40.56 -42.08
N ILE A 1965 18.93 41.69 -41.38
CA ILE A 1965 20.20 42.11 -40.82
C ILE A 1965 20.55 41.27 -39.61
N LEU A 1966 19.54 40.72 -38.93
CA LEU A 1966 19.85 39.82 -37.82
C LEU A 1966 20.51 38.54 -38.32
N HIS A 1967 19.98 37.94 -39.39
CA HIS A 1967 20.54 36.68 -39.88
C HIS A 1967 21.91 36.89 -40.52
N THR A 1968 21.95 37.65 -41.61
CA THR A 1968 23.13 37.69 -42.48
C THR A 1968 24.02 38.84 -42.02
N LYS A 1969 25.12 38.50 -41.36
CA LYS A 1969 26.09 39.50 -40.88
C LYS A 1969 27.30 38.74 -40.35
N TYR A 1970 28.35 39.50 -40.03
CA TYR A 1970 29.56 38.97 -39.44
C TYR A 1970 29.53 39.20 -37.93
N ARG A 1971 29.68 38.13 -37.15
CA ARG A 1971 29.58 38.21 -35.71
C ARG A 1971 30.58 37.26 -35.06
N ALA A 1972 30.86 37.51 -33.79
CA ALA A 1972 31.55 36.52 -32.98
C ALA A 1972 30.64 35.32 -32.76
N ALA A 1973 31.24 34.13 -32.66
CA ALA A 1973 30.48 32.91 -32.47
C ALA A 1973 30.72 32.38 -31.06
N THR A 1974 29.65 32.24 -30.28
CA THR A 1974 29.74 31.76 -28.92
C THR A 1974 28.65 30.74 -28.68
N ASP A 1975 28.94 29.77 -27.81
CA ASP A 1975 28.01 28.71 -27.45
C ASP A 1975 27.67 28.85 -25.98
N VAL A 1976 26.37 28.96 -25.69
CA VAL A 1976 25.90 29.08 -24.31
C VAL A 1976 24.83 28.03 -24.05
N TYR A 1977 24.90 26.88 -24.72
CA TYR A 1977 23.87 25.87 -24.47
C TYR A 1977 23.97 25.30 -23.07
N ALA A 1978 25.19 25.12 -22.56
CA ALA A 1978 25.34 24.61 -21.21
C ALA A 1978 24.54 25.44 -20.22
N LEU A 1979 24.69 26.77 -20.27
CA LEU A 1979 24.01 27.63 -19.31
C LEU A 1979 22.52 27.70 -19.59
N MET A 1980 22.13 27.70 -20.86
CA MET A 1980 20.72 27.72 -21.20
C MET A 1980 19.99 26.51 -20.61
N PHE A 1981 20.54 25.32 -20.83
CA PHE A 1981 19.92 24.13 -20.27
C PHE A 1981 20.06 24.07 -18.76
N LEU A 1982 21.11 24.65 -18.21
CA LEU A 1982 21.20 24.71 -16.76
C LEU A 1982 20.10 25.58 -16.17
N ALA A 1983 19.78 26.69 -16.83
CA ALA A 1983 18.67 27.52 -16.38
C ALA A 1983 17.36 26.78 -16.48
N ASP A 1984 17.15 26.00 -17.55
CA ASP A 1984 15.93 25.20 -17.61
C ASP A 1984 15.88 24.14 -16.50
N ILE A 1985 17.01 23.52 -16.17
CA ILE A 1985 16.99 22.54 -15.09
C ILE A 1985 16.67 23.20 -13.75
N VAL A 1986 17.26 24.36 -13.49
CA VAL A 1986 16.90 25.09 -12.27
C VAL A 1986 15.41 25.42 -12.29
N ASP A 1987 14.88 25.73 -13.46
CA ASP A 1987 13.46 26.03 -13.58
C ASP A 1987 12.59 24.84 -13.20
N ILE A 1988 12.94 23.64 -13.67
CA ILE A 1988 12.16 22.47 -13.25
C ILE A 1988 12.35 22.17 -11.77
N ILE A 1989 13.53 22.40 -11.22
CA ILE A 1989 13.66 22.26 -9.77
C ILE A 1989 12.67 23.19 -9.06
N ILE A 1990 12.56 24.42 -9.56
CA ILE A 1990 11.64 25.39 -8.97
C ILE A 1990 10.20 24.90 -9.08
N ILE A 1991 9.81 24.39 -10.25
CA ILE A 1991 8.44 23.90 -10.41
C ILE A 1991 8.18 22.73 -9.47
N ILE A 1992 9.14 21.81 -9.33
CA ILE A 1992 8.93 20.66 -8.46
C ILE A 1992 8.73 21.11 -7.02
N PHE A 1993 9.57 22.03 -6.54
CA PHE A 1993 9.44 22.41 -5.14
C PHE A 1993 8.27 23.35 -4.89
N GLY A 1994 7.86 24.14 -5.88
CA GLY A 1994 6.64 24.93 -5.74
C GLY A 1994 5.38 24.16 -6.02
N PHE A 1995 5.52 22.92 -6.51
CA PHE A 1995 4.42 21.98 -6.53
C PHE A 1995 4.30 21.28 -5.19
N TRP A 1996 5.42 20.85 -4.63
CA TRP A 1996 5.41 20.19 -3.33
C TRP A 1996 5.05 21.14 -2.20
N ALA A 1997 5.41 22.42 -2.32
CA ALA A 1997 5.23 23.38 -1.25
C ALA A 1997 4.00 24.26 -1.41
N PHE A 1998 3.19 24.04 -2.45
CA PHE A 1998 2.00 24.85 -2.71
C PHE A 1998 2.34 26.34 -2.77
N GLN A 2015 -6.78 24.33 -8.53
CA GLN A 2015 -5.70 25.11 -7.94
C GLN A 2015 -4.47 25.16 -8.84
N VAL A 2016 -3.41 25.78 -8.34
CA VAL A 2016 -2.18 26.00 -9.12
C VAL A 2016 -1.40 24.71 -9.38
N PRO A 2017 -1.43 23.67 -8.53
CA PRO A 2017 -0.73 22.44 -8.93
C PRO A 2017 -1.21 21.87 -10.24
N GLN A 2018 -2.50 21.94 -10.54
CA GLN A 2018 -2.96 21.53 -11.86
C GLN A 2018 -2.47 22.44 -12.97
N ALA A 2019 -1.94 23.62 -12.63
CA ALA A 2019 -1.28 24.45 -13.62
C ALA A 2019 0.21 24.15 -13.71
N PHE A 2020 0.86 23.93 -12.57
CA PHE A 2020 2.28 23.61 -12.60
C PHE A 2020 2.58 22.21 -13.14
N LEU A 2021 1.64 21.26 -13.10
CA LEU A 2021 1.91 20.00 -13.78
C LEU A 2021 1.95 20.18 -15.28
N PHE A 2022 0.98 20.90 -15.83
CA PHE A 2022 1.02 21.21 -17.26
C PHE A 2022 2.25 22.02 -17.60
N MET A 2023 2.64 22.94 -16.71
CA MET A 2023 3.83 23.73 -16.98
C MET A 2023 5.09 22.87 -16.92
N LEU A 2024 5.12 21.87 -16.06
CA LEU A 2024 6.25 20.95 -16.03
C LEU A 2024 6.34 20.18 -17.33
N LEU A 2025 5.20 19.71 -17.84
CA LEU A 2025 5.24 19.02 -19.12
C LEU A 2025 5.71 19.94 -20.23
N VAL A 2026 5.28 21.21 -20.20
CA VAL A 2026 5.73 22.12 -21.24
C VAL A 2026 7.21 22.45 -21.07
N GLN A 2027 7.74 22.42 -19.85
CA GLN A 2027 9.19 22.53 -19.68
C GLN A 2027 9.91 21.36 -20.33
N PHE A 2028 9.40 20.15 -20.15
CA PHE A 2028 10.03 19.02 -20.84
C PHE A 2028 9.96 19.22 -22.35
N GLY A 2029 8.82 19.67 -22.85
CA GLY A 2029 8.68 19.88 -24.28
C GLY A 2029 9.63 20.93 -24.82
N THR A 2030 9.77 22.03 -24.09
CA THR A 2030 10.64 23.10 -24.57
C THR A 2030 12.11 22.78 -24.42
N MET A 2031 12.50 21.99 -23.40
CA MET A 2031 13.87 21.47 -23.39
C MET A 2031 14.13 20.59 -24.59
N VAL A 2032 13.19 19.71 -24.94
CA VAL A 2032 13.44 18.83 -26.08
C VAL A 2032 13.54 19.64 -27.36
N ILE A 2033 12.64 20.60 -27.55
CA ILE A 2033 12.66 21.41 -28.77
C ILE A 2033 13.94 22.24 -28.82
N ASP A 2034 14.37 22.80 -27.69
CA ASP A 2034 15.59 23.59 -27.67
C ASP A 2034 16.81 22.73 -27.99
N ARG A 2035 16.84 21.52 -27.46
CA ARG A 2035 17.94 20.61 -27.79
C ARG A 2035 17.97 20.31 -29.28
N ALA A 2036 16.80 20.11 -29.88
CA ALA A 2036 16.75 19.86 -31.31
C ALA A 2036 17.24 21.08 -32.09
N LEU A 2037 16.80 22.27 -31.70
CA LEU A 2037 17.25 23.49 -32.36
C LEU A 2037 18.75 23.67 -32.22
N TYR A 2038 19.33 23.17 -31.13
CA TYR A 2038 20.77 23.31 -30.95
C TYR A 2038 21.53 22.33 -31.82
N LEU A 2039 21.14 21.06 -31.81
CA LEU A 2039 21.81 20.08 -32.67
C LEU A 2039 21.71 20.48 -34.13
N ARG A 2040 20.51 20.77 -34.60
CA ARG A 2040 20.34 21.05 -36.01
C ARG A 2040 20.98 22.37 -36.43
N LYS A 2041 21.32 23.23 -35.48
CA LYS A 2041 22.03 24.49 -35.73
C LYS A 2041 21.28 25.38 -36.72
N THR A 2042 20.10 25.81 -36.27
CA THR A 2042 19.28 26.73 -37.05
C THR A 2042 19.06 28.00 -36.23
N VAL A 2043 19.72 29.09 -36.62
CA VAL A 2043 19.50 30.36 -35.94
C VAL A 2043 18.08 30.85 -36.17
N LEU A 2044 17.59 30.72 -37.41
CA LEU A 2044 16.24 31.17 -37.72
C LEU A 2044 15.21 30.42 -36.90
N GLY A 2045 15.36 29.11 -36.79
CA GLY A 2045 14.46 28.35 -35.95
C GLY A 2045 14.49 28.80 -34.51
N LYS A 2046 15.68 29.09 -33.99
CA LYS A 2046 15.78 29.58 -32.63
C LYS A 2046 15.08 30.92 -32.48
N LEU A 2047 15.19 31.80 -33.47
CA LEU A 2047 14.51 33.09 -33.40
C LEU A 2047 13.00 32.90 -33.34
N ALA A 2048 12.46 32.07 -34.23
CA ALA A 2048 11.02 31.85 -34.24
C ALA A 2048 10.56 31.21 -32.94
N PHE A 2049 11.30 30.22 -32.45
CA PHE A 2049 10.92 29.56 -31.22
C PHE A 2049 11.04 30.49 -30.03
N GLN A 2050 11.99 31.43 -30.05
CA GLN A 2050 12.16 32.31 -28.91
C GLN A 2050 11.08 33.38 -28.90
N VAL A 2051 10.65 33.84 -30.07
CA VAL A 2051 9.49 34.72 -30.13
C VAL A 2051 8.25 34.01 -29.59
N VAL A 2052 7.99 32.79 -30.09
CA VAL A 2052 6.84 32.04 -29.62
C VAL A 2052 6.91 31.82 -28.12
N LEU A 2053 8.09 31.47 -27.62
CA LEU A 2053 8.24 31.17 -26.21
C LEU A 2053 8.01 32.39 -25.35
N VAL A 2054 8.60 33.53 -25.71
CA VAL A 2054 8.43 34.70 -24.86
C VAL A 2054 6.98 35.14 -24.85
N VAL A 2055 6.32 35.16 -26.00
CA VAL A 2055 4.93 35.60 -26.04
C VAL A 2055 4.07 34.64 -25.23
N ALA A 2056 4.23 33.33 -25.44
CA ALA A 2056 3.37 32.38 -24.75
C ALA A 2056 3.62 32.39 -23.26
N ILE A 2057 4.88 32.47 -22.83
CA ILE A 2057 5.17 32.47 -21.40
C ILE A 2057 4.56 33.69 -20.73
N HIS A 2058 4.74 34.87 -21.32
CA HIS A 2058 4.19 36.06 -20.68
C HIS A 2058 2.67 35.99 -20.62
N ILE A 2059 2.02 35.70 -21.76
CA ILE A 2059 0.56 35.64 -21.78
C ILE A 2059 0.06 34.63 -20.76
N TRP A 2060 0.58 33.40 -20.81
CA TRP A 2060 0.13 32.38 -19.87
C TRP A 2060 0.34 32.84 -18.44
N MET A 2061 1.59 33.13 -18.07
CA MET A 2061 1.92 33.45 -16.69
C MET A 2061 1.05 34.57 -16.14
N PHE A 2062 0.75 35.58 -16.95
CA PHE A 2062 0.13 36.76 -16.38
C PHE A 2062 -1.37 36.84 -16.60
N PHE A 2063 -1.95 36.03 -17.47
CA PHE A 2063 -3.40 36.00 -17.60
C PHE A 2063 -3.99 34.65 -17.22
N ILE A 2064 -3.49 33.55 -17.81
CA ILE A 2064 -4.17 32.27 -17.66
C ILE A 2064 -4.05 31.75 -16.23
N LEU A 2065 -2.83 31.75 -15.69
CA LEU A 2065 -2.65 31.28 -14.32
C LEU A 2065 -3.34 32.16 -13.29
N PRO A 2066 -3.24 33.49 -13.32
CA PRO A 2066 -3.89 34.29 -12.27
C PRO A 2066 -5.41 34.21 -12.28
N ALA A 2067 -6.01 33.60 -13.30
CA ALA A 2067 -7.44 33.33 -13.27
C ALA A 2067 -7.74 31.95 -12.73
N VAL A 2068 -6.94 30.95 -13.08
CA VAL A 2068 -7.09 29.61 -12.53
C VAL A 2068 -6.77 29.58 -11.04
N THR A 2069 -5.85 30.42 -10.59
CA THR A 2069 -5.44 30.44 -9.19
C THR A 2069 -5.23 31.90 -8.81
N GLU A 2070 -4.58 32.14 -7.67
CA GLU A 2070 -4.51 33.47 -7.08
C GLU A 2070 -3.59 34.39 -7.89
N ARG A 2071 -3.43 35.60 -7.38
CA ARG A 2071 -2.46 36.55 -7.92
C ARG A 2071 -1.07 35.95 -7.85
N MET A 2072 -0.14 36.52 -8.62
CA MET A 2072 1.24 36.04 -8.62
C MET A 2072 2.13 36.83 -7.68
N PHE A 2073 1.72 38.03 -7.24
CA PHE A 2073 2.52 38.79 -6.30
C PHE A 2073 1.96 38.79 -4.89
N SER A 2074 0.64 38.59 -4.72
CA SER A 2074 0.08 38.42 -3.39
C SER A 2074 0.69 37.23 -2.69
N GLN A 2075 0.87 36.14 -3.42
CA GLN A 2075 1.57 34.96 -2.96
C GLN A 2075 2.29 34.37 -4.17
N ASN A 2076 2.66 33.10 -4.08
CA ASN A 2076 3.42 32.43 -5.13
C ASN A 2076 4.73 33.19 -5.40
N ALA A 2077 5.56 33.25 -4.37
CA ALA A 2077 6.95 33.63 -4.59
C ALA A 2077 7.65 32.62 -5.48
N VAL A 2078 7.18 31.37 -5.46
CA VAL A 2078 7.69 30.38 -6.39
C VAL A 2078 7.45 30.82 -7.82
N ALA A 2079 6.27 31.37 -8.10
CA ALA A 2079 5.99 31.84 -9.46
C ALA A 2079 6.88 33.01 -9.83
N GLN A 2080 7.11 33.94 -8.91
CA GLN A 2080 8.03 35.04 -9.18
C GLN A 2080 9.42 34.51 -9.52
N LEU A 2081 9.93 33.57 -8.72
CA LEU A 2081 11.26 33.04 -8.95
C LEU A 2081 11.34 32.28 -10.25
N TRP A 2082 10.33 31.46 -10.55
CA TRP A 2082 10.29 30.74 -11.81
C TRP A 2082 10.31 31.71 -12.98
N TYR A 2083 9.56 32.80 -12.88
CA TYR A 2083 9.60 33.78 -13.96
C TYR A 2083 10.97 34.43 -14.07
N PHE A 2084 11.64 34.65 -12.96
CA PHE A 2084 12.96 35.27 -13.06
C PHE A 2084 13.95 34.33 -13.73
N VAL A 2085 13.92 33.04 -13.36
CA VAL A 2085 14.80 32.08 -14.01
C VAL A 2085 14.49 31.97 -15.49
N LYS A 2086 13.21 31.94 -15.85
CA LYS A 2086 12.88 31.92 -17.27
C LYS A 2086 13.31 33.21 -17.95
N CYS A 2087 13.38 34.32 -17.23
CA CYS A 2087 13.91 35.54 -17.84
C CYS A 2087 15.39 35.41 -18.11
N ILE A 2088 16.14 34.79 -17.20
CA ILE A 2088 17.55 34.52 -17.48
C ILE A 2088 17.67 33.64 -18.72
N TYR A 2089 16.85 32.60 -18.79
CA TYR A 2089 16.79 31.77 -20.00
C TYR A 2089 16.59 32.59 -21.25
N PHE A 2090 15.64 33.53 -21.21
CA PHE A 2090 15.34 34.31 -22.41
C PHE A 2090 16.50 35.20 -22.78
N ALA A 2091 17.17 35.80 -21.79
CA ALA A 2091 18.32 36.62 -22.10
C ALA A 2091 19.44 35.80 -22.73
N LEU A 2092 19.66 34.59 -22.22
CA LEU A 2092 20.69 33.73 -22.78
C LEU A 2092 20.35 33.32 -24.21
N SER A 2093 19.10 32.95 -24.47
CA SER A 2093 18.73 32.62 -25.84
C SER A 2093 18.88 33.82 -26.77
N ALA A 2094 18.54 35.01 -26.29
CA ALA A 2094 18.70 36.18 -27.14
C ALA A 2094 20.16 36.44 -27.45
N TYR A 2095 21.03 36.25 -26.46
CA TYR A 2095 22.46 36.38 -26.71
C TYR A 2095 22.93 35.34 -27.73
N GLN A 2096 22.43 34.12 -27.63
CA GLN A 2096 22.83 33.07 -28.56
C GLN A 2096 22.33 33.35 -29.97
N ILE A 2097 21.14 33.93 -30.08
CA ILE A 2097 20.60 34.28 -31.39
C ILE A 2097 21.39 35.44 -32.00
N ARG A 2098 21.78 36.41 -31.18
CA ARG A 2098 22.62 37.49 -31.68
C ARG A 2098 23.96 36.96 -32.17
N CYS A 2099 24.57 36.05 -31.41
CA CYS A 2099 25.93 35.65 -31.74
C CYS A 2099 26.01 34.52 -32.75
N GLY A 2100 24.93 33.77 -32.96
CA GLY A 2100 24.94 32.73 -33.96
C GLY A 2100 25.73 31.51 -33.54
N TYR A 2101 25.29 30.32 -33.93
CA TYR A 2101 25.94 29.10 -33.48
C TYR A 2101 27.35 29.01 -34.05
N PRO A 2102 28.27 28.37 -33.33
CA PRO A 2102 29.61 28.18 -33.84
C PRO A 2102 29.73 26.93 -34.69
N THR A 2103 30.95 26.59 -35.08
CA THR A 2103 31.26 25.23 -35.50
C THR A 2103 31.79 24.46 -34.29
N ARG A 2104 31.91 23.13 -34.45
CA ARG A 2104 32.38 22.27 -33.38
C ARG A 2104 31.47 22.35 -32.14
N ILE A 2105 30.23 21.91 -32.35
CA ILE A 2105 29.27 21.91 -31.25
C ILE A 2105 29.25 20.59 -30.50
N LEU A 2106 29.51 19.47 -31.18
CA LEU A 2106 29.45 18.18 -30.52
C LEU A 2106 30.56 18.05 -29.48
N GLY A 2107 30.48 16.98 -28.69
CA GLY A 2107 31.40 16.78 -27.59
C GLY A 2107 30.74 17.18 -26.29
N ASN A 2108 30.91 16.38 -25.24
CA ASN A 2108 30.17 16.60 -24.02
C ASN A 2108 30.49 17.97 -23.42
N PHE A 2109 29.61 18.42 -22.53
CA PHE A 2109 29.75 19.73 -21.92
C PHE A 2109 30.73 19.73 -20.77
N LEU A 2110 31.12 18.54 -20.29
CA LEU A 2110 31.98 18.40 -19.12
C LEU A 2110 33.32 17.74 -19.41
N THR A 2111 33.55 17.27 -20.62
CA THR A 2111 34.72 16.46 -20.95
C THR A 2111 35.73 17.20 -21.79
N LYS A 2112 35.94 18.49 -21.54
CA LYS A 2112 36.92 19.23 -22.30
C LYS A 2112 38.31 19.14 -21.69
N LYS A 2113 38.40 19.02 -20.37
CA LYS A 2113 39.66 18.93 -19.67
C LYS A 2113 39.60 17.80 -18.68
N TYR A 2114 40.61 16.94 -18.68
CA TYR A 2114 40.60 15.76 -17.82
C TYR A 2114 41.17 16.06 -16.44
N ASN A 2115 40.65 17.10 -15.80
CA ASN A 2115 41.14 17.45 -14.46
C ASN A 2115 40.47 16.54 -13.44
N HIS A 2116 40.64 16.89 -12.17
CA HIS A 2116 40.09 16.09 -11.09
C HIS A 2116 38.64 16.44 -10.79
N LEU A 2117 38.14 17.53 -11.38
CA LEU A 2117 36.79 18.02 -11.18
C LEU A 2117 35.83 17.50 -12.24
N ASN A 2118 36.26 17.47 -13.50
CA ASN A 2118 35.40 16.99 -14.57
C ASN A 2118 34.97 15.56 -14.31
N LEU A 2119 35.79 14.77 -13.65
CA LEU A 2119 35.43 13.38 -13.38
C LEU A 2119 34.25 13.31 -12.41
N PHE A 2120 34.31 14.07 -11.31
CA PHE A 2120 33.20 14.05 -10.36
C PHE A 2120 31.96 14.66 -10.96
N LEU A 2121 32.10 15.76 -11.70
CA LEU A 2121 30.93 16.37 -12.32
C LEU A 2121 30.30 15.44 -13.35
N PHE A 2122 31.12 14.75 -14.14
CA PHE A 2122 30.60 13.82 -15.14
C PHE A 2122 29.91 12.65 -14.48
N GLN A 2123 30.50 12.09 -13.42
CA GLN A 2123 29.85 11.01 -12.71
C GLN A 2123 28.53 11.45 -12.12
N GLY A 2124 28.48 12.64 -11.55
CA GLY A 2124 27.23 13.15 -11.02
C GLY A 2124 26.18 13.33 -12.10
N PHE A 2125 26.57 13.89 -13.25
CA PHE A 2125 25.64 14.06 -14.35
C PHE A 2125 25.17 12.72 -14.87
N ARG A 2126 25.99 11.70 -14.77
CA ARG A 2126 25.57 10.36 -15.14
C ARG A 2126 24.60 9.78 -14.12
N LEU A 2127 24.74 10.19 -12.85
CA LEU A 2127 23.99 9.58 -11.76
C LEU A 2127 22.53 10.00 -11.74
N VAL A 2128 22.23 11.21 -12.20
CA VAL A 2128 20.83 11.65 -12.24
C VAL A 2128 20.05 10.81 -13.23
N PRO A 2129 18.87 10.32 -12.88
CA PRO A 2129 18.14 9.46 -13.80
C PRO A 2129 17.68 10.20 -15.03
N PHE A 2130 17.68 9.50 -16.16
CA PHE A 2130 17.01 9.90 -17.40
C PHE A 2130 17.67 11.07 -18.10
N LEU A 2131 18.91 11.44 -17.78
CA LEU A 2131 19.58 12.41 -18.65
C LEU A 2131 20.39 11.73 -19.74
N VAL A 2132 21.38 10.91 -19.36
CA VAL A 2132 22.17 10.23 -20.38
C VAL A 2132 21.27 9.38 -21.27
N GLU A 2133 20.13 8.93 -20.73
CA GLU A 2133 19.08 8.24 -21.46
C GLU A 2133 18.66 9.13 -22.61
N LEU A 2134 18.09 10.26 -22.22
CA LEU A 2134 17.55 11.23 -23.17
C LEU A 2134 18.66 11.93 -23.93
N ARG A 2135 19.80 12.20 -23.27
CA ARG A 2135 20.90 12.82 -23.99
C ARG A 2135 21.32 11.96 -25.17
N ALA A 2136 21.51 10.66 -24.95
CA ALA A 2136 21.91 9.77 -26.03
C ALA A 2136 20.84 9.71 -27.11
N VAL A 2137 19.57 9.54 -26.72
CA VAL A 2137 18.53 9.37 -27.72
C VAL A 2137 18.36 10.64 -28.55
N MET A 2138 18.27 11.81 -27.89
CA MET A 2138 18.07 13.06 -28.62
C MET A 2138 19.29 13.45 -29.43
N ASP A 2139 20.48 13.15 -28.92
CA ASP A 2139 21.67 13.38 -29.75
C ASP A 2139 21.65 12.49 -30.98
N TRP A 2140 21.03 11.31 -30.88
CA TRP A 2140 20.95 10.48 -32.08
C TRP A 2140 19.90 10.97 -33.05
N VAL A 2141 18.73 11.39 -32.56
CA VAL A 2141 17.61 11.64 -33.45
C VAL A 2141 17.92 12.81 -34.39
N TRP A 2142 18.64 13.82 -33.89
CA TRP A 2142 18.84 15.04 -34.66
C TRP A 2142 20.24 15.21 -35.21
N THR A 2143 21.11 14.23 -35.04
CA THR A 2143 22.43 14.25 -35.68
C THR A 2143 22.37 13.42 -36.94
N ASP A 2144 23.14 13.82 -37.95
CA ASP A 2144 23.20 13.05 -39.18
C ASP A 2144 24.11 11.84 -38.99
N THR A 2145 23.52 10.65 -38.93
CA THR A 2145 24.30 9.47 -38.62
C THR A 2145 23.84 8.32 -39.50
N THR A 2146 24.72 7.34 -39.69
CA THR A 2146 24.37 6.13 -40.41
C THR A 2146 24.16 4.95 -39.48
N LEU A 2147 24.32 5.15 -38.18
CA LEU A 2147 24.25 4.04 -37.24
C LEU A 2147 22.82 3.86 -36.75
N SER A 2148 22.46 2.61 -36.47
CA SER A 2148 21.16 2.32 -35.88
C SER A 2148 21.20 2.77 -34.43
N LEU A 2149 20.16 2.45 -33.67
CA LEU A 2149 20.16 2.93 -32.29
C LEU A 2149 21.10 2.14 -31.41
N SER A 2150 21.11 0.81 -31.54
CA SER A 2150 21.99 0.01 -30.68
C SER A 2150 23.44 0.35 -30.90
N ASN A 2151 23.85 0.55 -32.14
CA ASN A 2151 25.23 0.92 -32.42
C ASN A 2151 25.56 2.29 -31.84
N TRP A 2152 24.61 3.23 -31.90
CA TRP A 2152 24.83 4.51 -31.27
C TRP A 2152 25.01 4.37 -29.78
N MET A 2153 24.21 3.54 -29.13
CA MET A 2153 24.35 3.36 -27.70
C MET A 2153 25.70 2.74 -27.37
N CYS A 2154 26.16 1.80 -28.20
CA CYS A 2154 27.47 1.22 -27.99
C CYS A 2154 28.56 2.29 -28.06
N VAL A 2155 28.49 3.18 -29.05
CA VAL A 2155 29.52 4.21 -29.18
C VAL A 2155 29.48 5.17 -28.01
N GLU A 2156 28.29 5.62 -27.62
CA GLU A 2156 28.22 6.57 -26.52
C GLU A 2156 28.67 5.94 -25.21
N ASP A 2157 28.30 4.69 -24.96
CA ASP A 2157 28.75 4.05 -23.72
C ASP A 2157 30.24 3.83 -23.72
N ILE A 2158 30.81 3.41 -24.86
CA ILE A 2158 32.25 3.27 -24.94
C ILE A 2158 32.93 4.60 -24.64
N TYR A 2159 32.38 5.70 -25.15
CA TYR A 2159 33.03 6.98 -24.89
C TYR A 2159 32.91 7.38 -23.43
N ALA A 2160 31.75 7.17 -22.82
CA ALA A 2160 31.62 7.52 -21.41
C ALA A 2160 32.61 6.74 -20.55
N ASN A 2161 32.67 5.42 -20.77
CA ASN A 2161 33.58 4.58 -19.99
C ASN A 2161 35.02 4.97 -20.22
N ILE A 2162 35.40 5.21 -21.47
CA ILE A 2162 36.79 5.56 -21.75
C ILE A 2162 37.14 6.92 -21.16
N PHE A 2163 36.19 7.85 -21.16
CA PHE A 2163 36.51 9.14 -20.56
C PHE A 2163 36.72 9.01 -19.06
N ILE A 2164 35.89 8.22 -18.38
CA ILE A 2164 36.08 8.07 -16.94
C ILE A 2164 37.43 7.44 -16.65
N ILE A 2165 37.79 6.40 -17.40
CA ILE A 2165 39.10 5.78 -17.18
C ILE A 2165 40.21 6.76 -17.48
N LYS A 2166 40.05 7.59 -18.51
CA LYS A 2166 41.10 8.54 -18.85
C LYS A 2166 41.28 9.57 -17.74
N CYS A 2167 40.20 10.07 -17.17
CA CYS A 2167 40.33 11.01 -16.06
C CYS A 2167 40.99 10.36 -14.87
N SER A 2168 40.69 9.08 -14.61
CA SER A 2168 41.34 8.42 -13.49
C SER A 2168 42.84 8.25 -13.74
N ARG A 2169 43.23 7.93 -14.96
CA ARG A 2169 44.67 7.79 -15.23
C ARG A 2169 45.37 9.14 -15.13
N GLU A 2170 44.73 10.21 -15.61
CA GLU A 2170 45.34 11.54 -15.52
C GLU A 2170 45.51 11.95 -14.07
N THR A 2171 44.48 11.78 -13.25
CA THR A 2171 44.59 12.10 -11.84
C THR A 2171 45.69 11.29 -11.17
N GLU A 2172 45.78 9.99 -11.50
CA GLU A 2172 46.84 9.19 -10.89
C GLU A 2172 48.22 9.69 -11.30
N LYS A 2173 48.39 10.05 -12.57
CA LYS A 2173 49.69 10.54 -13.02
C LYS A 2173 50.06 11.84 -12.32
N LYS A 2174 49.09 12.73 -12.14
CA LYS A 2174 49.39 14.01 -11.50
C LYS A 2174 49.84 13.81 -10.05
N TYR A 2175 49.17 12.92 -9.32
CA TYR A 2175 49.42 12.72 -7.88
C TYR A 2175 49.70 11.25 -7.62
N PRO A 2176 50.95 10.83 -7.79
CA PRO A 2176 51.26 9.39 -7.73
C PRO A 2176 51.15 8.84 -6.32
N GLN A 2177 51.45 7.54 -6.22
CA GLN A 2177 51.57 6.77 -5.00
C GLN A 2177 52.78 5.85 -5.14
N PRO A 2178 53.58 5.69 -4.11
CA PRO A 2178 54.87 4.98 -4.26
C PRO A 2178 54.75 3.49 -4.58
N LYS A 2179 55.89 2.80 -4.61
CA LYS A 2179 55.93 1.37 -4.93
C LYS A 2179 55.35 0.53 -3.81
N GLY A 2180 54.10 0.78 -3.45
CA GLY A 2180 53.46 -0.03 -2.45
C GLY A 2180 53.46 0.64 -1.10
N GLN A 2181 52.35 1.28 -0.74
CA GLN A 2181 52.22 1.88 0.57
C GLN A 2181 50.90 1.47 1.16
N LYS A 2182 50.91 1.28 2.48
CA LYS A 2182 49.70 1.12 3.27
C LYS A 2182 48.65 2.11 2.77
N LYS A 2183 47.46 1.63 2.44
CA LYS A 2183 46.38 2.58 2.14
C LYS A 2183 46.13 3.42 3.38
N LYS A 2184 46.01 4.74 3.18
CA LYS A 2184 45.87 5.66 4.31
C LYS A 2184 44.81 5.17 5.27
N LYS A 2185 45.14 5.16 6.56
CA LYS A 2185 44.18 4.65 7.53
C LYS A 2185 42.94 5.51 7.59
N ILE A 2186 43.10 6.83 7.44
CA ILE A 2186 41.94 7.72 7.55
C ILE A 2186 40.93 7.45 6.43
N VAL A 2187 41.40 7.28 5.21
CA VAL A 2187 40.47 7.06 4.10
C VAL A 2187 39.79 5.72 4.26
N LYS A 2188 40.54 4.69 4.67
CA LYS A 2188 39.92 3.39 4.88
C LYS A 2188 38.85 3.47 5.94
N TYR A 2189 39.14 4.13 7.05
CA TYR A 2189 38.16 4.21 8.12
C TYR A 2189 36.93 5.01 7.69
N GLY A 2190 37.12 6.13 7.01
CA GLY A 2190 35.99 6.91 6.58
C GLY A 2190 35.11 6.17 5.59
N MET A 2191 35.72 5.55 4.58
CA MET A 2191 34.96 4.86 3.56
C MET A 2191 34.24 3.63 4.14
N GLY A 2192 34.94 2.83 4.94
CA GLY A 2192 34.30 1.70 5.56
C GLY A 2192 33.18 2.12 6.49
N GLY A 2193 33.39 3.17 7.28
CA GLY A 2193 32.35 3.64 8.16
C GLY A 2193 31.12 4.09 7.40
N LEU A 2194 31.33 4.82 6.30
CA LEU A 2194 30.20 5.25 5.49
C LEU A 2194 29.43 4.06 4.96
N ILE A 2195 30.15 3.08 4.40
CA ILE A 2195 29.47 1.94 3.78
C ILE A 2195 28.74 1.12 4.82
N ILE A 2196 29.39 0.84 5.95
CA ILE A 2196 28.77 0.02 6.99
C ILE A 2196 27.58 0.75 7.60
N LEU A 2197 27.69 2.06 7.77
CA LEU A 2197 26.56 2.82 8.27
C LEU A 2197 25.38 2.71 7.33
N PHE A 2198 25.62 2.82 6.01
CA PHE A 2198 24.52 2.68 5.07
C PHE A 2198 23.93 1.27 5.11
N LEU A 2199 24.80 0.25 5.13
CA LEU A 2199 24.33 -1.13 5.05
C LEU A 2199 23.70 -1.61 6.35
N ILE A 2200 23.85 -0.84 7.43
CA ILE A 2200 23.16 -1.19 8.67
C ILE A 2200 21.93 -0.31 8.80
N ALA A 2201 21.97 0.89 8.22
CA ALA A 2201 20.77 1.70 8.17
C ALA A 2201 19.67 1.02 7.38
N ILE A 2202 20.02 0.46 6.22
CA ILE A 2202 19.02 -0.24 5.42
C ILE A 2202 18.50 -1.47 6.15
N ILE A 2203 19.37 -2.14 6.90
CA ILE A 2203 18.94 -3.32 7.65
C ILE A 2203 17.99 -2.92 8.78
N TRP A 2204 18.27 -1.80 9.44
CA TRP A 2204 17.65 -1.51 10.73
C TRP A 2204 16.50 -0.52 10.66
N PHE A 2205 16.69 0.65 10.04
CA PHE A 2205 15.66 1.67 10.06
C PHE A 2205 14.28 1.19 9.60
N PRO A 2206 14.18 0.22 8.69
CA PRO A 2206 12.86 -0.40 8.47
C PRO A 2206 12.26 -0.94 9.76
N LEU A 2207 13.06 -1.59 10.60
CA LEU A 2207 12.53 -2.08 11.86
C LEU A 2207 12.14 -0.93 12.78
N LEU A 2208 12.92 0.16 12.77
CA LEU A 2208 12.58 1.30 13.60
C LEU A 2208 11.24 1.89 13.19
N PHE A 2209 11.04 2.10 11.89
CA PHE A 2209 9.75 2.63 11.43
C PHE A 2209 8.61 1.65 11.73
N MET A 2210 8.84 0.36 11.48
CA MET A 2210 7.77 -0.62 11.64
C MET A 2210 7.36 -0.80 13.09
N SER A 2211 8.29 -0.63 14.03
CA SER A 2211 7.97 -0.71 15.44
C SER A 2211 7.78 0.64 16.09
N LEU A 2212 7.86 1.73 15.33
CA LEU A 2212 7.48 3.03 15.83
C LEU A 2212 6.09 3.46 15.39
N ILE A 2213 5.67 3.09 14.18
CA ILE A 2213 4.31 3.42 13.74
C ILE A 2213 3.29 2.64 14.57
N ARG A 2214 3.59 1.39 14.89
CA ARG A 2214 2.71 0.58 15.74
C ARG A 2214 2.98 0.84 17.21
N SER A 2215 2.91 2.10 17.61
CA SER A 2215 3.16 2.53 18.98
C SER A 2215 2.07 3.50 19.43
N VAL A 2216 0.81 3.10 19.25
CA VAL A 2216 -0.30 3.95 19.64
C VAL A 2216 -0.28 4.08 21.16
N VAL A 2217 0.09 5.25 21.63
CA VAL A 2217 0.35 5.45 23.06
C VAL A 2217 -0.97 5.51 23.80
N GLY A 2218 -0.97 5.01 25.04
CA GLY A 2218 -2.16 5.05 25.86
C GLY A 2218 -2.67 6.46 25.98
N VAL A 2219 -3.92 6.68 25.59
CA VAL A 2219 -4.57 7.98 25.69
C VAL A 2219 -5.93 7.76 26.31
N VAL A 2220 -6.27 8.56 27.32
CA VAL A 2220 -7.51 8.34 28.05
C VAL A 2220 -8.70 8.70 27.18
N ASN A 2221 -9.72 7.85 27.20
CA ASN A 2221 -10.96 8.08 26.46
C ASN A 2221 -12.10 7.90 27.45
N GLN A 2222 -12.41 8.96 28.14
CA GLN A 2222 -13.40 8.99 29.18
C GLN A 2222 -14.79 9.12 28.58
N PRO A 2223 -15.74 8.27 28.94
CA PRO A 2223 -17.12 8.45 28.48
C PRO A 2223 -17.73 9.70 29.10
N ILE A 2224 -18.15 10.63 28.25
CA ILE A 2224 -18.62 11.92 28.74
C ILE A 2224 -20.11 11.90 29.07
N ASP A 2225 -20.87 10.97 28.49
CA ASP A 2225 -22.30 10.89 28.73
C ASP A 2225 -22.68 9.45 29.03
N VAL A 2226 -23.37 9.24 30.14
CA VAL A 2226 -23.88 7.93 30.52
C VAL A 2226 -25.40 8.01 30.60
N THR A 2227 -26.06 7.00 30.06
CA THR A 2227 -27.52 6.97 30.01
C THR A 2227 -28.00 5.60 30.46
N VAL A 2228 -28.98 5.58 31.35
CA VAL A 2228 -29.54 4.35 31.89
C VAL A 2228 -31.05 4.39 31.71
N THR A 2229 -31.62 3.28 31.25
CA THR A 2229 -33.05 3.21 30.98
C THR A 2229 -33.61 1.90 31.49
N LEU A 2230 -34.87 1.92 31.92
CA LEU A 2230 -35.54 0.74 32.44
C LEU A 2230 -36.88 0.62 31.73
N LYS A 2231 -37.01 -0.36 30.84
CA LYS A 2231 -38.13 -0.44 29.92
C LYS A 2231 -38.84 -1.76 30.12
N LEU A 2232 -39.95 -1.75 30.84
CA LEU A 2232 -40.67 -2.97 31.16
C LEU A 2232 -41.37 -3.47 29.91
N GLY A 2233 -40.90 -4.58 29.37
CA GLY A 2233 -41.44 -5.03 28.09
C GLY A 2233 -41.17 -4.00 27.03
N GLY A 2234 -42.21 -3.68 26.26
CA GLY A 2234 -42.07 -2.66 25.24
C GLY A 2234 -43.02 -1.50 25.43
N TYR A 2235 -43.43 -1.26 26.68
CA TYR A 2235 -44.45 -0.24 26.92
C TYR A 2235 -43.84 1.15 26.89
N GLU A 2236 -42.98 1.46 27.85
CA GLU A 2236 -42.39 2.78 27.94
C GLU A 2236 -41.29 2.79 29.00
N PRO A 2237 -40.21 3.51 28.79
CA PRO A 2237 -39.20 3.64 29.84
C PRO A 2237 -39.80 4.14 31.14
N LEU A 2238 -39.80 3.28 32.16
CA LEU A 2238 -40.20 3.72 33.49
C LEU A 2238 -39.28 4.81 33.99
N PHE A 2239 -37.97 4.63 33.78
CA PHE A 2239 -37.00 5.56 34.34
C PHE A 2239 -35.84 5.67 33.35
N THR A 2240 -35.65 6.86 32.82
CA THR A 2240 -34.50 7.17 31.98
C THR A 2240 -33.73 8.29 32.64
N MET A 2241 -32.40 8.25 32.49
CA MET A 2241 -31.57 9.28 33.09
C MET A 2241 -30.26 9.40 32.31
N SER A 2242 -29.77 10.63 32.22
CA SER A 2242 -28.47 10.90 31.61
C SER A 2242 -27.75 11.92 32.46
N ALA A 2243 -26.56 11.57 32.94
CA ALA A 2243 -25.73 12.47 33.72
C ALA A 2243 -24.36 12.54 33.05
N GLN A 2244 -23.95 13.74 32.63
CA GLN A 2244 -22.77 13.84 31.79
C GLN A 2244 -21.60 14.59 32.43
N GLN A 2245 -21.72 15.87 32.75
CA GLN A 2245 -20.53 16.51 33.31
C GLN A 2245 -20.34 16.25 34.80
N PRO A 2246 -21.25 16.68 35.68
CA PRO A 2246 -20.91 16.71 37.10
C PRO A 2246 -20.93 15.33 37.74
N SER A 2247 -21.92 14.51 37.37
CA SER A 2247 -22.05 13.21 38.00
C SER A 2247 -21.02 12.21 37.49
N ILE A 2248 -20.28 12.54 36.44
CA ILE A 2248 -19.22 11.69 35.94
C ILE A 2248 -17.92 12.22 36.55
N VAL A 2249 -17.38 11.48 37.52
CA VAL A 2249 -16.17 11.87 38.23
C VAL A 2249 -15.22 10.69 38.23
N PRO A 2250 -13.93 10.90 37.97
CA PRO A 2250 -12.97 9.80 38.07
C PRO A 2250 -12.56 9.53 39.51
N PHE A 2251 -11.96 8.37 39.71
CA PHE A 2251 -11.46 8.03 41.04
C PHE A 2251 -10.33 8.95 41.48
N THR A 2252 -10.19 9.03 42.79
CA THR A 2252 -8.95 9.45 43.42
C THR A 2252 -8.03 8.25 43.52
N PRO A 2253 -6.73 8.43 43.54
CA PRO A 2253 -5.82 7.27 43.64
C PRO A 2253 -6.10 6.42 44.87
N GLN A 2254 -6.36 7.08 45.99
CA GLN A 2254 -6.61 6.35 47.23
C GLN A 2254 -7.87 5.51 47.12
N ALA A 2255 -8.86 5.99 46.35
CA ALA A 2255 -10.03 5.17 46.10
C ALA A 2255 -9.68 3.95 45.28
N TYR A 2256 -8.74 4.09 44.35
CA TYR A 2256 -8.26 2.93 43.61
C TYR A 2256 -7.61 1.92 44.54
N GLU A 2257 -6.79 2.40 45.47
CA GLU A 2257 -6.20 1.50 46.46
C GLU A 2257 -7.28 0.82 47.29
N GLU A 2258 -8.33 1.56 47.63
CA GLU A 2258 -9.44 0.96 48.36
C GLU A 2258 -10.06 -0.16 47.55
N LEU A 2259 -10.30 0.09 46.27
CA LEU A 2259 -10.82 -0.95 45.40
C LEU A 2259 -9.89 -2.15 45.37
N SER A 2260 -8.58 -1.89 45.38
CA SER A 2260 -7.62 -2.99 45.42
C SER A 2260 -7.79 -3.81 46.68
N GLN A 2261 -7.79 -3.14 47.82
CA GLN A 2261 -7.82 -3.86 49.08
C GLN A 2261 -9.16 -4.51 49.34
N GLN A 2262 -10.21 -4.20 48.58
CA GLN A 2262 -11.48 -4.89 48.79
C GLN A 2262 -11.64 -6.10 47.89
N PHE A 2263 -10.61 -6.51 47.16
CA PHE A 2263 -10.62 -7.74 46.38
C PHE A 2263 -9.42 -8.62 46.70
N ASP A 2264 -9.07 -8.65 47.98
CA ASP A 2264 -7.82 -9.27 48.41
C ASP A 2264 -7.64 -10.70 47.91
N PRO A 2265 -8.55 -11.65 48.19
CA PRO A 2265 -8.27 -13.06 47.87
C PRO A 2265 -7.80 -13.30 46.46
N TYR A 2266 -7.94 -12.32 45.57
CA TYR A 2266 -8.08 -12.57 44.16
C TYR A 2266 -6.85 -12.11 43.41
N PRO A 2267 -6.09 -13.01 42.79
CA PRO A 2267 -5.13 -12.55 41.78
C PRO A 2267 -5.83 -11.94 40.58
N LEU A 2268 -7.10 -12.28 40.37
CA LEU A 2268 -7.86 -11.78 39.24
C LEU A 2268 -7.79 -10.27 39.16
N ALA A 2269 -7.97 -9.61 40.31
CA ALA A 2269 -7.88 -8.17 40.36
C ALA A 2269 -6.54 -7.68 39.82
N MET A 2270 -5.46 -8.35 40.19
CA MET A 2270 -4.15 -7.95 39.69
C MET A 2270 -4.14 -7.98 38.16
N GLN A 2271 -4.67 -9.05 37.57
CA GLN A 2271 -4.66 -9.15 36.12
C GLN A 2271 -5.49 -8.05 35.49
N PHE A 2272 -6.67 -7.78 36.03
CA PHE A 2272 -7.58 -6.85 35.35
C PHE A 2272 -7.44 -5.41 35.83
N ILE A 2273 -7.69 -5.18 37.11
CA ILE A 2273 -7.78 -3.83 37.63
C ILE A 2273 -6.47 -3.09 37.41
N SER A 2274 -5.34 -3.77 37.61
CA SER A 2274 -4.06 -3.11 37.53
C SER A 2274 -3.78 -2.49 36.17
N GLN A 2275 -4.43 -2.99 35.12
CA GLN A 2275 -4.15 -2.50 33.77
C GLN A 2275 -4.47 -1.02 33.61
N TYR A 2276 -5.28 -0.45 34.50
CA TYR A 2276 -5.85 0.87 34.30
C TYR A 2276 -5.32 1.83 35.36
N SER A 2277 -4.87 2.99 34.91
CA SER A 2277 -4.51 4.05 35.84
C SER A 2277 -5.77 4.46 36.61
N PRO A 2278 -5.62 4.82 37.88
CA PRO A 2278 -6.81 5.16 38.68
C PRO A 2278 -7.68 6.24 38.07
N GLU A 2279 -7.09 7.17 37.31
CA GLU A 2279 -7.89 8.18 36.63
C GLU A 2279 -8.59 7.65 35.39
N ASP A 2280 -8.14 6.51 34.85
CA ASP A 2280 -8.77 5.91 33.68
C ASP A 2280 -10.15 5.35 33.97
N ILE A 2281 -10.58 5.39 35.23
CA ILE A 2281 -11.80 4.73 35.65
C ILE A 2281 -12.65 5.76 36.39
N VAL A 2282 -13.91 5.91 35.96
CA VAL A 2282 -14.78 6.95 36.48
C VAL A 2282 -16.06 6.32 37.00
N THR A 2283 -16.80 7.10 37.77
CA THR A 2283 -18.05 6.67 38.38
C THR A 2283 -19.20 7.56 37.92
N ALA A 2284 -20.37 6.97 37.79
CA ALA A 2284 -21.57 7.67 37.31
C ALA A 2284 -22.57 7.75 38.45
N GLN A 2285 -22.58 8.88 39.14
CA GLN A 2285 -23.49 9.11 40.26
C GLN A 2285 -24.90 9.42 39.76
N ILE A 2286 -25.47 8.46 39.04
CA ILE A 2286 -26.78 8.68 38.44
C ILE A 2286 -27.84 8.72 39.52
N GLU A 2287 -28.65 9.76 39.52
CA GLU A 2287 -29.71 9.90 40.52
C GLU A 2287 -30.91 9.05 40.14
N GLY A 2288 -31.69 8.70 41.15
CA GLY A 2288 -32.88 7.90 40.93
C GLY A 2288 -34.15 8.72 41.00
N SER A 2289 -34.16 9.73 41.86
CA SER A 2289 -35.37 10.53 42.06
C SER A 2289 -35.69 11.38 40.84
N SER A 2290 -34.67 11.96 40.19
CA SER A 2290 -34.91 12.98 39.20
C SER A 2290 -35.32 12.43 37.84
N GLY A 2291 -35.77 11.19 37.77
CA GLY A 2291 -36.45 10.73 36.59
C GLY A 2291 -37.64 11.62 36.27
N ALA A 2292 -37.82 11.88 34.98
CA ALA A 2292 -38.88 12.75 34.54
C ALA A 2292 -40.22 12.04 34.64
N LEU A 2293 -41.30 12.81 34.44
CA LEU A 2293 -42.63 12.25 34.55
C LEU A 2293 -42.82 11.10 33.58
N TRP A 2294 -43.50 10.07 34.05
CA TRP A 2294 -43.76 8.93 33.21
C TRP A 2294 -44.64 9.36 32.05
N ARG A 2295 -44.49 8.68 30.93
CA ARG A 2295 -45.24 8.89 29.70
C ARG A 2295 -45.94 7.59 29.36
N ILE A 2296 -47.14 7.38 29.87
CA ILE A 2296 -47.88 6.20 29.46
C ILE A 2296 -49.32 6.59 29.22
N SER A 2297 -49.84 6.21 28.08
CA SER A 2297 -51.21 6.52 27.73
C SER A 2297 -52.15 5.56 28.45
N PRO A 2298 -53.22 6.06 29.06
CA PRO A 2298 -54.01 5.23 29.97
C PRO A 2298 -54.57 3.97 29.32
N PRO A 2299 -54.81 3.92 28.00
CA PRO A 2299 -54.99 2.60 27.39
C PRO A 2299 -53.79 1.69 27.61
N SER A 2300 -52.59 2.20 27.34
CA SER A 2300 -51.41 1.36 27.50
C SER A 2300 -51.15 1.06 28.97
N ARG A 2301 -51.40 2.01 29.87
CA ARG A 2301 -51.24 1.72 31.28
C ARG A 2301 -52.20 0.63 31.73
N ALA A 2302 -53.45 0.70 31.29
CA ALA A 2302 -54.40 -0.33 31.66
C ALA A 2302 -54.00 -1.68 31.09
N GLN A 2303 -53.53 -1.70 29.84
CA GLN A 2303 -53.11 -2.96 29.23
C GLN A 2303 -51.89 -3.53 29.94
N MET A 2304 -50.95 -2.68 30.34
CA MET A 2304 -49.81 -3.11 31.15
C MET A 2304 -50.27 -3.72 32.46
N LYS A 2305 -51.21 -3.05 33.12
CA LYS A 2305 -51.74 -3.60 34.37
C LYS A 2305 -52.40 -4.94 34.14
N GLN A 2306 -53.14 -5.08 33.05
CA GLN A 2306 -53.76 -6.36 32.74
C GLN A 2306 -52.72 -7.44 32.53
N GLU A 2307 -51.69 -7.15 31.74
CA GLU A 2307 -50.66 -8.15 31.47
C GLU A 2307 -49.93 -8.54 32.74
N LEU A 2308 -49.78 -7.61 33.66
CA LEU A 2308 -49.14 -7.95 34.93
C LEU A 2308 -50.08 -8.73 35.84
N TYR A 2309 -51.36 -8.40 35.82
CA TYR A 2309 -52.34 -8.98 36.72
C TYR A 2309 -52.73 -10.40 36.30
N ASN A 2310 -53.32 -10.54 35.12
CA ASN A 2310 -53.75 -11.83 34.61
C ASN A 2310 -53.01 -12.22 33.34
N GLY A 2311 -51.72 -11.90 33.27
CA GLY A 2311 -50.93 -12.29 32.12
C GLY A 2311 -50.60 -13.77 32.11
N THR A 2312 -50.32 -14.28 30.93
CA THR A 2312 -49.92 -15.66 30.74
C THR A 2312 -48.52 -15.81 30.20
N ALA A 2313 -48.20 -15.13 29.11
CA ALA A 2313 -46.85 -15.19 28.55
C ALA A 2313 -45.87 -14.52 29.51
N ASP A 2314 -44.69 -15.12 29.63
CA ASP A 2314 -43.67 -14.57 30.51
C ASP A 2314 -43.18 -13.23 30.00
N ILE A 2315 -43.04 -12.27 30.90
CA ILE A 2315 -42.76 -10.88 30.55
C ILE A 2315 -41.31 -10.57 30.83
N THR A 2316 -40.81 -9.51 30.20
CA THR A 2316 -39.42 -9.08 30.33
C THR A 2316 -39.34 -7.70 30.96
N LEU A 2317 -38.15 -7.38 31.46
CA LEU A 2317 -37.89 -6.08 32.07
C LEU A 2317 -36.39 -5.80 31.92
N ARG A 2318 -36.03 -4.99 30.95
CA ARG A 2318 -34.65 -4.77 30.58
C ARG A 2318 -34.11 -3.48 31.19
N PHE A 2319 -32.79 -3.36 31.16
CA PHE A 2319 -32.08 -2.29 31.87
C PHE A 2319 -30.82 -1.96 31.08
N THR A 2320 -30.92 -0.96 30.21
CA THR A 2320 -29.88 -0.68 29.24
C THR A 2320 -29.08 0.55 29.64
N TRP A 2321 -27.76 0.41 29.69
CA TRP A 2321 -26.87 1.55 29.88
C TRP A 2321 -26.30 1.96 28.54
N ASN A 2322 -25.71 3.15 28.49
CA ASN A 2322 -25.20 3.66 27.23
C ASN A 2322 -24.19 4.78 27.52
N PHE A 2323 -22.97 4.62 27.04
CA PHE A 2323 -21.89 5.57 27.28
C PHE A 2323 -21.55 6.29 25.98
N GLN A 2324 -21.44 7.61 26.06
CA GLN A 2324 -21.04 8.42 24.92
C GLN A 2324 -19.69 9.07 25.21
N ARG A 2325 -18.73 8.83 24.33
CA ARG A 2325 -17.39 9.37 24.47
C ARG A 2325 -17.19 10.54 23.52
N ASP A 2326 -15.94 11.01 23.45
CA ASP A 2326 -15.59 12.14 22.59
C ASP A 2326 -14.70 11.68 21.44
N LEU A 2327 -15.05 12.11 20.23
CA LEU A 2327 -14.27 11.74 19.06
C LEU A 2327 -13.02 12.58 18.89
N ALA A 2328 -12.98 13.77 19.50
CA ALA A 2328 -11.83 14.65 19.36
C ALA A 2328 -10.55 13.99 19.82
N LYS A 2329 -10.63 12.99 20.70
CA LYS A 2329 -9.49 12.23 21.14
C LYS A 2329 -9.23 11.03 20.24
N GLY A 2330 -9.64 11.09 18.99
CA GLY A 2330 -9.55 9.96 18.10
C GLY A 2330 -10.67 8.97 18.36
N GLY A 2331 -10.45 7.74 17.90
CA GLY A 2331 -11.43 6.71 18.12
C GLY A 2331 -12.36 6.55 16.94
N THR A 2332 -12.91 5.34 16.80
CA THR A 2332 -13.80 5.02 15.69
C THR A 2332 -15.23 4.79 16.10
N VAL A 2333 -15.50 4.50 17.37
CA VAL A 2333 -16.85 4.28 17.85
C VAL A 2333 -17.21 5.42 18.80
N GLU A 2334 -18.50 5.71 18.88
CA GLU A 2334 -18.99 6.82 19.68
C GLU A 2334 -19.98 6.34 20.72
N TYR A 2335 -20.74 5.31 20.39
CA TYR A 2335 -21.75 4.75 21.29
C TYR A 2335 -21.42 3.29 21.57
N THR A 2336 -21.50 2.91 22.84
CA THR A 2336 -21.44 1.52 23.25
C THR A 2336 -22.58 1.27 24.23
N ASN A 2337 -23.08 0.04 24.24
CA ASN A 2337 -24.29 -0.22 25.01
C ASN A 2337 -24.52 -1.71 25.08
N GLU A 2338 -25.18 -2.15 26.15
CA GLU A 2338 -25.76 -3.48 26.20
C GLU A 2338 -26.86 -3.49 27.25
N LYS A 2339 -27.50 -4.65 27.37
CA LYS A 2339 -28.68 -4.80 28.20
C LYS A 2339 -28.56 -6.05 29.06
N HIS A 2340 -29.24 -6.06 30.19
CA HIS A 2340 -29.37 -7.24 31.03
C HIS A 2340 -30.84 -7.58 31.14
N THR A 2341 -31.34 -8.37 30.20
CA THR A 2341 -32.74 -8.76 30.20
C THR A 2341 -33.03 -9.67 31.38
N LEU A 2342 -34.16 -9.42 32.05
CA LEU A 2342 -34.64 -10.26 33.13
C LEU A 2342 -36.08 -10.68 32.87
N GLU A 2343 -36.41 -11.91 33.25
CA GLU A 2343 -37.74 -12.45 33.06
C GLU A 2343 -38.48 -12.47 34.39
N LEU A 2344 -39.74 -12.06 34.37
CA LEU A 2344 -40.60 -12.09 35.53
C LEU A 2344 -41.65 -13.17 35.33
N ALA A 2345 -41.52 -14.27 36.05
CA ALA A 2345 -42.36 -15.44 35.81
C ALA A 2345 -43.82 -15.11 36.11
N PRO A 2346 -44.76 -15.66 35.36
CA PRO A 2346 -46.18 -15.47 35.70
C PRO A 2346 -46.48 -16.04 37.07
N ASN A 2347 -47.36 -15.36 37.79
CA ASN A 2347 -47.74 -15.71 39.15
C ASN A 2347 -46.56 -15.73 40.11
N SER A 2348 -45.39 -15.25 39.69
CA SER A 2348 -44.27 -15.14 40.60
C SER A 2348 -44.43 -13.91 41.48
N THR A 2349 -43.63 -13.85 42.55
CA THR A 2349 -43.77 -12.77 43.51
C THR A 2349 -43.48 -11.42 42.87
N ALA A 2350 -42.45 -11.34 42.04
CA ALA A 2350 -42.04 -10.05 41.48
C ALA A 2350 -43.17 -9.40 40.69
N ARG A 2351 -43.75 -10.13 39.74
CA ARG A 2351 -44.86 -9.58 38.99
C ARG A 2351 -46.07 -9.34 39.88
N ARG A 2352 -46.34 -10.26 40.81
CA ARG A 2352 -47.48 -10.11 41.69
C ARG A 2352 -47.37 -8.86 42.54
N GLN A 2353 -46.16 -8.33 42.73
CA GLN A 2353 -45.97 -7.09 43.46
C GLN A 2353 -45.93 -5.87 42.56
N LEU A 2354 -45.33 -5.97 41.38
CA LEU A 2354 -45.41 -4.86 40.43
C LEU A 2354 -46.86 -4.52 40.10
N ALA A 2355 -47.69 -5.55 39.89
CA ALA A 2355 -49.09 -5.30 39.56
C ALA A 2355 -49.78 -4.53 40.66
N GLN A 2356 -49.58 -4.93 41.92
CA GLN A 2356 -50.12 -4.16 43.03
C GLN A 2356 -49.54 -2.74 43.03
N LEU A 2357 -48.27 -2.61 42.72
CA LEU A 2357 -47.66 -1.28 42.71
C LEU A 2357 -48.38 -0.36 41.75
N LEU A 2358 -48.80 -0.89 40.60
CA LEU A 2358 -49.44 -0.05 39.60
C LEU A 2358 -50.80 0.49 40.03
N GLU A 2359 -51.42 -0.06 41.08
CA GLU A 2359 -52.77 0.40 41.42
C GLU A 2359 -52.76 1.74 42.14
N GLY A 2360 -51.59 2.30 42.40
CA GLY A 2360 -51.49 3.61 42.99
C GLY A 2360 -51.60 3.67 44.49
N ARG A 2361 -51.29 2.59 45.19
CA ARG A 2361 -51.22 2.65 46.63
C ARG A 2361 -50.08 3.58 47.05
N PRO A 2362 -50.21 4.25 48.21
CA PRO A 2362 -49.28 5.35 48.51
C PRO A 2362 -47.83 4.94 48.73
N ASP A 2363 -47.59 3.99 49.64
CA ASP A 2363 -46.24 3.78 50.16
C ASP A 2363 -45.62 2.46 49.73
N GLN A 2364 -46.41 1.52 49.23
CA GLN A 2364 -45.92 0.20 48.90
C GLN A 2364 -44.82 0.27 47.85
N SER A 2365 -44.00 -0.77 47.82
CA SER A 2365 -42.83 -0.81 46.95
C SER A 2365 -42.40 -2.26 46.78
N VAL A 2366 -41.52 -2.49 45.81
CA VAL A 2366 -40.98 -3.81 45.54
C VAL A 2366 -39.49 -3.70 45.26
N VAL A 2367 -38.79 -4.81 45.44
CA VAL A 2367 -37.36 -4.92 45.14
C VAL A 2367 -37.18 -6.05 44.15
N ILE A 2368 -36.36 -5.83 43.13
CA ILE A 2368 -36.07 -6.83 42.11
C ILE A 2368 -34.59 -7.19 42.22
N PRO A 2369 -34.24 -8.46 42.35
CA PRO A 2369 -32.84 -8.84 42.50
C PRO A 2369 -32.11 -8.93 41.18
N HIS A 2370 -30.80 -8.70 41.25
CA HIS A 2370 -29.86 -8.96 40.15
C HIS A 2370 -30.23 -8.16 38.90
N LEU A 2371 -30.10 -6.84 39.01
CA LEU A 2371 -30.49 -5.96 37.92
C LEU A 2371 -29.50 -4.86 37.59
N PHE A 2372 -28.54 -4.56 38.47
CA PHE A 2372 -27.68 -3.39 38.31
C PHE A 2372 -26.23 -3.80 38.50
N PRO A 2373 -25.55 -4.22 37.44
CA PRO A 2373 -24.11 -4.51 37.54
C PRO A 2373 -23.35 -3.25 37.94
N LYS A 2374 -22.24 -3.44 38.65
CA LYS A 2374 -21.52 -2.31 39.21
C LYS A 2374 -20.27 -1.94 38.44
N TYR A 2375 -19.59 -2.89 37.82
CA TYR A 2375 -18.32 -2.64 37.15
C TYR A 2375 -18.44 -3.01 35.67
N ILE A 2376 -18.41 -2.02 34.80
CA ILE A 2376 -18.70 -2.19 33.39
C ILE A 2376 -17.51 -1.72 32.57
N ARG A 2377 -17.04 -2.59 31.68
CA ARG A 2377 -15.93 -2.28 30.80
C ARG A 2377 -16.45 -1.62 29.54
N ALA A 2378 -15.79 -0.55 29.10
CA ALA A 2378 -16.18 0.20 27.92
C ALA A 2378 -15.01 0.21 26.94
N PRO A 2379 -14.74 -0.92 26.30
CA PRO A 2379 -13.61 -0.97 25.37
C PRO A 2379 -13.94 -0.26 24.06
N ASN A 2380 -13.05 -0.32 23.10
CA ASN A 2380 -13.23 0.40 21.84
C ASN A 2380 -14.27 -0.24 20.93
N GLY A 2381 -14.95 -1.28 21.38
CA GLY A 2381 -15.99 -1.89 20.60
C GLY A 2381 -17.35 -1.68 21.22
N PRO A 2382 -18.39 -1.68 20.39
CA PRO A 2382 -19.76 -1.56 20.92
C PRO A 2382 -20.22 -2.74 21.74
N GLU A 2383 -19.41 -3.19 22.71
CA GLU A 2383 -19.84 -4.19 23.67
C GLU A 2383 -19.36 -3.73 25.05
N ALA A 2384 -20.27 -3.18 25.84
CA ALA A 2384 -19.93 -2.72 27.19
C ALA A 2384 -20.14 -3.86 28.19
N ASN A 2385 -19.51 -4.98 27.87
CA ASN A 2385 -19.79 -6.23 28.59
C ASN A 2385 -19.44 -6.08 30.06
N PRO A 2386 -20.26 -6.61 30.97
CA PRO A 2386 -19.95 -6.50 32.39
C PRO A 2386 -18.62 -7.20 32.65
N VAL A 2387 -17.85 -6.68 33.61
CA VAL A 2387 -16.56 -7.31 33.86
C VAL A 2387 -16.82 -8.61 34.61
N LYS A 2388 -16.54 -9.74 33.96
CA LYS A 2388 -16.77 -11.04 34.59
C LYS A 2388 -15.87 -11.22 35.80
N GLN A 2389 -14.74 -10.52 35.82
CA GLN A 2389 -13.63 -10.90 36.68
C GLN A 2389 -13.58 -10.13 37.99
N LEU A 2390 -14.58 -9.30 38.28
CA LEU A 2390 -14.89 -8.92 39.66
C LEU A 2390 -16.14 -9.60 40.18
N GLN A 2391 -16.74 -10.51 39.41
CA GLN A 2391 -18.05 -11.08 39.74
C GLN A 2391 -18.24 -12.42 39.04
N PRO A 2392 -17.93 -13.52 39.73
CA PRO A 2392 -17.95 -14.83 39.06
C PRO A 2392 -19.32 -15.27 38.57
N ASP A 2393 -20.39 -14.97 39.32
CA ASP A 2393 -21.67 -15.55 38.99
C ASP A 2393 -22.25 -14.98 37.70
N GLU A 2394 -22.00 -13.71 37.42
CA GLU A 2394 -22.49 -13.00 36.25
C GLU A 2394 -23.99 -12.79 36.32
N GLU A 2395 -24.65 -13.42 37.31
CA GLU A 2395 -26.06 -13.16 37.52
C GLU A 2395 -26.45 -13.00 38.97
N GLU A 2396 -25.71 -13.58 39.91
CA GLU A 2396 -26.03 -13.42 41.32
C GLU A 2396 -25.24 -12.29 41.97
N ASP A 2397 -24.12 -11.91 41.38
CA ASP A 2397 -23.33 -10.83 41.94
C ASP A 2397 -23.88 -9.46 41.58
N TYR A 2398 -24.89 -9.40 40.71
CA TYR A 2398 -25.54 -8.12 40.42
C TYR A 2398 -26.27 -7.61 41.66
N LEU A 2399 -26.30 -6.29 41.79
CA LEU A 2399 -26.99 -5.67 42.91
C LEU A 2399 -28.49 -5.86 42.78
N GLY A 2400 -29.19 -5.64 43.88
CA GLY A 2400 -30.64 -5.55 43.87
C GLY A 2400 -31.06 -4.09 43.85
N VAL A 2401 -32.04 -3.79 43.00
CA VAL A 2401 -32.56 -2.44 42.88
C VAL A 2401 -33.95 -2.41 43.48
N ARG A 2402 -34.33 -1.25 44.02
CA ARG A 2402 -35.62 -1.07 44.66
C ARG A 2402 -36.44 -0.07 43.86
N ILE A 2403 -37.52 -0.54 43.25
CA ILE A 2403 -38.39 0.30 42.46
C ILE A 2403 -39.51 0.82 43.33
N GLN A 2404 -39.81 2.10 43.22
CA GLN A 2404 -40.93 2.73 43.91
C GLN A 2404 -41.64 3.65 42.95
N LEU A 2405 -42.96 3.57 42.92
CA LEU A 2405 -43.78 4.43 42.07
C LEU A 2405 -44.28 5.58 42.94
N ARG A 2406 -43.58 6.71 42.89
CA ARG A 2406 -44.07 7.91 43.52
C ARG A 2406 -45.24 8.45 42.70
N ARG A 2407 -46.21 9.03 43.39
CA ARG A 2407 -47.48 9.36 42.77
C ARG A 2407 -48.00 10.66 43.33
N GLU A 2408 -48.42 11.57 42.46
CA GLU A 2408 -48.81 12.91 42.88
C GLU A 2408 -50.15 13.27 42.28
N GLN A 2409 -51.05 13.78 43.11
CA GLN A 2409 -52.42 14.08 42.70
C GLN A 2409 -52.52 15.42 42.00
N VAL A 2410 -53.40 15.48 41.01
CA VAL A 2410 -53.78 16.72 40.35
C VAL A 2410 -55.29 16.76 40.24
N GLY A 2411 -55.87 17.95 40.42
CA GLY A 2411 -57.31 18.11 40.37
C GLY A 2411 -57.84 19.16 41.33
N GLY A 2420 -64.95 9.11 36.43
CA GLY A 2420 -64.53 9.22 37.80
C GLY A 2420 -63.38 8.30 38.16
N THR A 2421 -62.36 8.29 37.32
CA THR A 2421 -61.20 7.43 37.55
C THR A 2421 -60.37 7.94 38.72
N LYS A 2422 -60.01 7.02 39.62
CA LYS A 2422 -59.05 7.30 40.68
C LYS A 2422 -57.64 6.87 40.31
N ALA A 2423 -57.47 6.19 39.18
CA ALA A 2423 -56.17 5.61 38.82
C ALA A 2423 -55.36 6.53 37.89
N SER A 2424 -55.91 6.84 36.72
CA SER A 2424 -55.17 7.58 35.70
C SER A 2424 -55.53 9.04 35.66
N ASP A 2425 -55.83 9.62 36.81
CA ASP A 2425 -56.29 10.99 36.89
C ASP A 2425 -55.15 11.99 37.13
N PHE A 2426 -53.93 11.53 37.30
CA PHE A 2426 -52.91 12.37 37.92
C PHE A 2426 -51.52 11.73 37.80
N LEU A 2427 -50.52 12.50 38.23
CA LEU A 2427 -49.15 12.33 37.76
C LEU A 2427 -48.50 11.06 38.26
N GLU A 2428 -47.48 10.60 37.55
CA GLU A 2428 -46.72 9.42 37.94
C GLU A 2428 -45.25 9.63 37.58
N TRP A 2429 -44.38 8.91 38.29
CA TRP A 2429 -42.98 8.76 37.90
C TRP A 2429 -42.35 7.67 38.74
N TRP A 2430 -41.19 7.20 38.30
CA TRP A 2430 -40.53 6.06 38.91
C TRP A 2430 -39.23 6.48 39.60
N VAL A 2431 -38.94 5.86 40.73
CA VAL A 2431 -37.74 6.13 41.50
C VAL A 2431 -37.12 4.80 41.89
N ILE A 2432 -35.85 4.59 41.52
CA ILE A 2432 -35.16 3.34 41.82
C ILE A 2432 -33.99 3.64 42.75
N GLU A 2433 -33.80 2.75 43.72
CA GLU A 2433 -32.75 2.87 44.73
C GLU A 2433 -32.06 1.53 44.85
N LEU A 2434 -30.83 1.54 45.36
CA LEU A 2434 -30.17 0.28 45.60
C LEU A 2434 -30.86 -0.46 46.75
N GLN A 2435 -30.72 -1.78 46.75
CA GLN A 2435 -31.34 -2.58 47.80
C GLN A 2435 -30.79 -2.21 49.17
N ASP A 2436 -29.49 -2.00 49.25
CA ASP A 2436 -28.82 -1.64 50.50
C ASP A 2436 -28.39 -0.17 50.46
N CYS A 2437 -29.33 0.72 50.76
CA CYS A 2437 -29.07 2.15 50.83
C CYS A 2437 -28.99 2.58 52.28
N LYS A 2438 -27.89 3.23 52.65
CA LYS A 2438 -27.65 3.64 54.02
C LYS A 2438 -28.25 5.02 54.28
N ALA A 2439 -27.78 6.03 53.54
CA ALA A 2439 -28.39 7.34 53.55
C ALA A 2439 -28.40 7.95 52.16
N ASP A 2440 -28.11 7.16 51.14
CA ASP A 2440 -27.87 7.63 49.78
C ASP A 2440 -28.98 7.21 48.83
N CYS A 2441 -30.24 7.35 49.26
CA CYS A 2441 -31.35 6.94 48.43
C CYS A 2441 -31.35 7.65 47.08
N ASN A 2442 -30.74 8.83 47.02
CA ASN A 2442 -30.54 9.54 45.76
C ASN A 2442 -29.17 9.25 45.17
N LEU A 2443 -28.83 7.98 44.99
CA LEU A 2443 -27.50 7.62 44.52
C LEU A 2443 -27.48 6.20 44.00
N LEU A 2444 -26.90 6.02 42.82
CA LEU A 2444 -26.63 4.71 42.25
C LEU A 2444 -25.23 4.73 41.66
N PRO A 2445 -24.22 4.40 42.45
CA PRO A 2445 -22.86 4.39 41.91
C PRO A 2445 -22.71 3.28 40.88
N MET A 2446 -21.91 3.56 39.85
CA MET A 2446 -21.75 2.61 38.75
C MET A 2446 -20.34 2.81 38.19
N VAL A 2447 -19.41 1.99 38.64
CA VAL A 2447 -18.01 2.10 38.24
C VAL A 2447 -17.86 1.56 36.83
N ILE A 2448 -17.30 2.36 35.94
CA ILE A 2448 -17.24 2.02 34.53
C ILE A 2448 -15.79 2.11 34.05
N PHE A 2449 -15.35 1.08 33.34
CA PHE A 2449 -13.95 0.93 32.94
C PHE A 2449 -13.77 1.43 31.52
N SER A 2450 -12.72 2.21 31.31
CA SER A 2450 -12.42 2.76 30.00
C SER A 2450 -11.03 2.32 29.57
N ASP A 2451 -10.93 1.72 28.38
CA ASP A 2451 -9.63 1.41 27.83
C ASP A 2451 -9.14 2.58 26.97
N LYS A 2452 -7.82 2.66 26.80
CA LYS A 2452 -7.22 3.81 26.14
C LYS A 2452 -7.72 3.91 24.70
N VAL A 2453 -7.50 5.08 24.10
CA VAL A 2453 -7.95 5.35 22.74
C VAL A 2453 -6.74 5.39 21.83
N SER A 2454 -6.85 4.74 20.68
CA SER A 2454 -5.81 4.66 19.68
C SER A 2454 -6.37 5.08 18.32
N PRO A 2455 -5.58 5.76 17.51
CA PRO A 2455 -6.02 6.08 16.15
C PRO A 2455 -6.19 4.80 15.35
N PRO A 2456 -7.23 4.70 14.54
CA PRO A 2456 -7.39 3.49 13.72
C PRO A 2456 -6.37 3.46 12.59
N SER A 2457 -5.11 3.72 12.95
CA SER A 2457 -3.99 3.65 12.02
C SER A 2457 -3.27 2.31 12.11
N LEU A 2458 -3.89 1.33 12.76
CA LEU A 2458 -3.25 0.03 12.94
C LEU A 2458 -2.98 -0.65 11.61
N GLY A 2459 -3.94 -0.58 10.68
CA GLY A 2459 -3.76 -1.22 9.39
C GLY A 2459 -3.63 -2.72 9.55
N PHE A 2460 -2.54 -3.26 9.03
CA PHE A 2460 -2.19 -4.66 9.15
C PHE A 2460 -0.89 -4.79 9.95
N LEU A 2461 -0.95 -5.56 11.03
CA LEU A 2461 0.08 -5.62 12.06
C LEU A 2461 1.06 -6.76 11.76
N ALA A 2462 1.98 -6.99 12.71
CA ALA A 2462 2.92 -8.10 12.62
C ALA A 2462 2.19 -9.44 12.66
N GLY A 2463 2.92 -10.54 12.57
CA GLY A 2463 2.28 -11.81 12.35
C GLY A 2463 1.96 -12.00 10.88
N TYR A 2464 3.02 -12.14 10.07
CA TYR A 2464 2.94 -12.29 8.61
C TYR A 2464 2.02 -11.26 7.95
N GLY A 2465 1.83 -10.10 8.58
CA GLY A 2465 1.14 -9.01 7.93
C GLY A 2465 2.09 -7.96 7.40
N ILE A 2466 2.96 -7.45 8.26
CA ILE A 2466 3.87 -6.37 7.89
C ILE A 2466 5.32 -6.83 7.85
N VAL A 2467 5.67 -7.92 8.52
CA VAL A 2467 7.02 -8.50 8.39
C VAL A 2467 7.28 -8.88 6.94
N GLY A 2468 6.23 -9.20 6.18
CA GLY A 2468 6.41 -9.54 4.79
C GLY A 2468 7.00 -8.41 3.97
N LEU A 2469 6.51 -7.19 4.18
CA LEU A 2469 7.04 -6.06 3.42
C LEU A 2469 8.49 -5.76 3.82
N TYR A 2470 8.81 -5.89 5.11
CA TYR A 2470 10.19 -5.68 5.54
C TYR A 2470 11.12 -6.73 4.93
N VAL A 2471 10.71 -7.99 4.92
CA VAL A 2471 11.52 -9.02 4.29
C VAL A 2471 11.66 -8.73 2.80
N SER A 2472 10.61 -8.26 2.17
CA SER A 2472 10.69 -7.93 0.75
C SER A 2472 11.72 -6.83 0.51
N ILE A 2473 11.69 -5.78 1.34
CA ILE A 2473 12.59 -4.66 1.09
C ILE A 2473 14.03 -5.06 1.40
N VAL A 2474 14.25 -5.86 2.45
CA VAL A 2474 15.63 -6.25 2.76
C VAL A 2474 16.16 -7.20 1.69
N LEU A 2475 15.34 -8.11 1.20
CA LEU A 2475 15.83 -9.02 0.15
C LEU A 2475 16.09 -8.26 -1.15
N VAL A 2476 15.22 -7.33 -1.52
CA VAL A 2476 15.41 -6.60 -2.77
C VAL A 2476 16.66 -5.73 -2.68
N VAL A 2477 16.84 -5.03 -1.56
CA VAL A 2477 18.04 -4.21 -1.44
C VAL A 2477 19.27 -5.09 -1.35
N GLY A 2478 19.16 -6.27 -0.74
CA GLY A 2478 20.29 -7.18 -0.71
C GLY A 2478 20.73 -7.60 -2.10
N LYS A 2479 19.77 -7.98 -2.94
CA LYS A 2479 20.10 -8.36 -4.30
C LYS A 2479 20.70 -7.19 -5.07
N PHE A 2480 20.07 -6.02 -4.96
CA PHE A 2480 20.59 -4.86 -5.70
C PHE A 2480 22.01 -4.52 -5.28
N VAL A 2481 22.27 -4.52 -3.97
CA VAL A 2481 23.59 -4.14 -3.49
C VAL A 2481 24.62 -5.20 -3.85
N ARG A 2482 24.25 -6.48 -3.77
CA ARG A 2482 25.11 -7.53 -4.29
C ARG A 2482 25.39 -7.35 -5.77
N GLY A 2483 24.53 -6.63 -6.47
CA GLY A 2483 24.82 -6.30 -7.85
C GLY A 2483 26.19 -5.68 -8.06
N PHE A 2484 26.74 -5.01 -7.05
CA PHE A 2484 28.04 -4.38 -7.16
C PHE A 2484 29.19 -5.27 -6.72
N PHE A 2485 28.91 -6.43 -6.14
CA PHE A 2485 29.98 -7.23 -5.55
C PHE A 2485 30.10 -8.64 -6.12
N SER A 2486 29.17 -9.08 -6.97
CA SER A 2486 29.08 -10.48 -7.37
C SER A 2486 29.64 -10.74 -8.76
N GLU A 2487 29.18 -10.00 -9.76
CA GLU A 2487 29.67 -10.14 -11.12
C GLU A 2487 30.61 -9.00 -11.48
N ILE A 2488 31.45 -8.60 -10.52
CA ILE A 2488 32.34 -7.46 -10.71
C ILE A 2488 33.63 -7.92 -11.36
N SER A 2489 33.92 -9.22 -11.27
CA SER A 2489 35.17 -9.73 -11.84
C SER A 2489 35.08 -9.89 -13.34
N HIS A 2490 33.88 -10.06 -13.89
CA HIS A 2490 33.76 -10.32 -15.32
C HIS A 2490 34.20 -9.11 -16.13
N SER A 2491 33.53 -7.98 -15.94
CA SER A 2491 33.88 -6.75 -16.64
C SER A 2491 35.13 -6.16 -16.01
N ILE A 2492 36.24 -6.90 -16.15
CA ILE A 2492 37.54 -6.44 -15.69
C ILE A 2492 38.52 -6.30 -16.82
N MET A 2493 38.17 -6.76 -18.01
CA MET A 2493 38.94 -6.52 -19.22
C MET A 2493 38.54 -5.22 -19.90
N PHE A 2494 37.43 -4.63 -19.50
CA PHE A 2494 36.96 -3.37 -20.03
C PHE A 2494 37.10 -2.20 -19.07
N GLU A 2495 37.70 -2.42 -17.90
CA GLU A 2495 37.78 -1.36 -16.91
C GLU A 2495 39.15 -1.28 -16.22
N GLU A 2496 40.16 -1.97 -16.70
CA GLU A 2496 41.50 -1.91 -16.10
C GLU A 2496 42.55 -1.55 -17.13
N LEU A 2497 42.16 -0.78 -18.14
CA LEU A 2497 43.07 -0.43 -19.21
C LEU A 2497 44.19 0.48 -18.69
N PRO A 2498 45.44 0.21 -19.01
CA PRO A 2498 46.51 1.09 -18.58
C PRO A 2498 46.44 2.47 -19.21
N CYS A 2499 46.44 2.55 -20.53
CA CYS A 2499 46.50 3.82 -21.24
C CYS A 2499 45.41 3.84 -22.29
N VAL A 2500 44.39 4.65 -22.09
CA VAL A 2500 43.24 4.68 -22.96
C VAL A 2500 43.35 5.78 -24.00
N ASP A 2501 44.56 6.27 -24.27
CA ASP A 2501 44.70 7.38 -25.21
C ASP A 2501 44.23 7.00 -26.60
N ARG A 2502 44.54 5.79 -27.06
CA ARG A 2502 44.22 5.46 -28.44
C ARG A 2502 42.71 5.27 -28.64
N ILE A 2503 42.04 4.59 -27.72
CA ILE A 2503 40.59 4.47 -27.83
C ILE A 2503 39.93 5.83 -27.74
N LEU A 2504 40.48 6.71 -26.91
CA LEU A 2504 39.92 8.05 -26.79
C LEU A 2504 40.06 8.81 -28.10
N LYS A 2505 41.21 8.70 -28.76
CA LYS A 2505 41.36 9.34 -30.05
C LYS A 2505 40.42 8.75 -31.08
N LEU A 2506 40.19 7.44 -31.01
CA LEU A 2506 39.26 6.83 -31.96
C LEU A 2506 37.83 7.33 -31.75
N CYS A 2507 37.38 7.40 -30.50
CA CYS A 2507 36.03 7.92 -30.25
C CYS A 2507 35.92 9.37 -30.67
N GLN A 2508 36.93 10.17 -30.36
CA GLN A 2508 36.89 11.58 -30.77
C GLN A 2508 36.91 11.70 -32.29
N ASP A 2509 37.55 10.78 -32.98
CA ASP A 2509 37.54 10.85 -34.44
C ASP A 2509 36.20 10.43 -35.01
N ILE A 2510 35.52 9.48 -34.37
CA ILE A 2510 34.16 9.17 -34.79
C ILE A 2510 33.27 10.41 -34.64
N PHE A 2511 33.37 11.08 -33.49
CA PHE A 2511 32.56 12.28 -33.29
C PHE A 2511 32.92 13.36 -34.29
N LEU A 2512 34.22 13.60 -34.50
CA LEU A 2512 34.66 14.66 -35.40
C LEU A 2512 34.20 14.39 -36.82
N VAL A 2513 34.30 13.15 -37.30
CA VAL A 2513 33.89 12.88 -38.66
C VAL A 2513 32.38 12.84 -38.78
N ARG A 2514 31.65 12.59 -37.70
CA ARG A 2514 30.20 12.71 -37.74
C ARG A 2514 29.79 14.17 -37.78
N GLU A 2515 30.64 15.05 -37.25
CA GLU A 2515 30.32 16.47 -37.18
C GLU A 2515 30.30 17.10 -38.57
N THR A 2516 31.26 16.78 -39.41
CA THR A 2516 31.46 17.46 -40.68
C THR A 2516 30.64 16.84 -41.81
N ARG A 2517 29.54 16.17 -41.47
CA ARG A 2517 28.64 15.55 -42.45
C ARG A 2517 29.37 14.58 -43.37
N GLU A 2518 30.54 14.12 -42.96
CA GLU A 2518 31.33 13.12 -43.68
C GLU A 2518 30.96 11.78 -43.09
N LEU A 2519 30.44 10.86 -43.90
CA LEU A 2519 29.77 9.71 -43.33
C LEU A 2519 30.46 8.38 -43.55
N GLU A 2520 30.99 8.09 -44.74
CA GLU A 2520 31.63 6.80 -44.93
C GLU A 2520 32.72 6.56 -43.90
N LEU A 2521 33.51 7.58 -43.61
CA LEU A 2521 34.56 7.44 -42.62
C LEU A 2521 33.99 7.09 -41.26
N GLU A 2522 32.77 7.52 -40.96
CA GLU A 2522 32.17 7.12 -39.70
C GLU A 2522 31.93 5.62 -39.64
N GLU A 2523 31.45 5.02 -40.73
CA GLU A 2523 31.24 3.58 -40.70
C GLU A 2523 32.55 2.83 -40.61
N GLU A 2524 33.57 3.28 -41.33
CA GLU A 2524 34.85 2.56 -41.23
C GLU A 2524 35.46 2.68 -39.84
N LEU A 2525 35.38 3.87 -39.23
CA LEU A 2525 35.90 4.05 -37.88
C LEU A 2525 35.09 3.26 -36.86
N TYR A 2526 33.77 3.20 -37.04
CA TYR A 2526 32.95 2.40 -36.16
C TYR A 2526 33.29 0.92 -36.29
N ALA A 2527 33.61 0.47 -37.51
CA ALA A 2527 34.05 -0.90 -37.69
C ALA A 2527 35.32 -1.16 -36.91
N LYS A 2528 36.26 -0.23 -36.97
CA LYS A 2528 37.49 -0.40 -36.20
C LYS A 2528 37.21 -0.47 -34.71
N LEU A 2529 36.33 0.39 -34.22
CA LEU A 2529 36.03 0.41 -32.79
C LEU A 2529 35.36 -0.88 -32.34
N ILE A 2530 34.39 -1.36 -33.11
CA ILE A 2530 33.71 -2.60 -32.73
C ILE A 2530 34.68 -3.76 -32.74
N PHE A 2531 35.54 -3.83 -33.75
CA PHE A 2531 36.50 -4.93 -33.70
C PHE A 2531 37.50 -4.77 -32.57
N LEU A 2532 37.68 -3.55 -32.06
CA LEU A 2532 38.52 -3.42 -30.87
C LEU A 2532 37.83 -4.02 -29.65
N TYR A 2533 36.58 -3.64 -29.41
CA TYR A 2533 35.87 -4.30 -28.30
C TYR A 2533 35.47 -5.68 -28.55
N ARG A 2534 35.84 -6.33 -29.64
CA ARG A 2534 35.43 -7.70 -29.93
C ARG A 2534 36.61 -8.66 -29.89
N SER A 2535 37.72 -8.24 -29.30
CA SER A 2535 38.96 -9.00 -29.37
C SER A 2535 39.93 -8.57 -28.29
N PRO A 2536 39.82 -9.10 -27.06
CA PRO A 2536 40.58 -8.53 -25.95
C PRO A 2536 42.09 -8.60 -26.11
N GLU A 2537 42.64 -9.49 -26.93
CA GLU A 2537 44.07 -9.48 -27.13
C GLU A 2537 44.52 -8.27 -27.95
N THR A 2538 43.73 -7.84 -28.92
CA THR A 2538 44.05 -6.59 -29.57
C THR A 2538 43.73 -5.37 -28.72
N MET A 2539 42.91 -5.52 -27.71
CA MET A 2539 42.72 -4.43 -26.76
C MET A 2539 43.72 -4.48 -25.63
N ILE A 2540 44.59 -5.50 -25.61
CA ILE A 2540 45.83 -5.42 -24.84
C ILE A 2540 46.95 -4.84 -25.69
N LYS A 2541 47.05 -5.24 -26.96
CA LYS A 2541 48.01 -4.64 -27.87
C LYS A 2541 47.74 -3.15 -28.04
N TRP A 2542 46.48 -2.75 -27.97
CA TRP A 2542 46.08 -1.43 -28.42
C TRP A 2542 46.01 -0.44 -27.26
N THR A 2543 45.90 -0.93 -26.03
CA THR A 2543 46.00 -0.09 -24.85
C THR A 2543 47.17 -0.53 -23.97
N ARG A 2544 48.30 -0.82 -24.59
CA ARG A 2544 49.51 -1.11 -23.85
C ARG A 2544 50.19 0.20 -23.52
N GLU A 2545 50.67 0.31 -22.29
CA GLU A 2545 51.32 1.54 -21.84
C GLU A 2545 52.46 1.89 -22.78
N ARG A 2546 52.36 3.06 -23.41
CA ARG A 2546 53.37 3.45 -24.40
C ARG A 2546 54.75 3.47 -23.76
N GLU A 2547 55.72 2.91 -24.48
CA GLU A 2547 57.08 2.76 -23.97
C GLU A 2547 57.72 4.11 -23.67
N CYS B 227 43.11 12.59 13.15
CA CYS B 227 43.12 13.87 12.46
C CYS B 227 42.45 13.76 11.10
N CYS B 228 42.70 14.74 10.24
CA CYS B 228 42.12 14.77 8.90
C CYS B 228 43.11 15.46 7.97
N GLU B 229 42.64 15.81 6.78
CA GLU B 229 43.43 16.51 5.77
C GLU B 229 42.45 17.05 4.73
N SER B 230 42.97 17.62 3.65
CA SER B 230 42.15 17.96 2.51
C SER B 230 42.19 16.88 1.44
N SER B 231 43.28 16.12 1.37
CA SER B 231 43.35 14.99 0.46
C SER B 231 42.54 13.81 0.95
N ASP B 232 42.41 13.65 2.27
CA ASP B 232 41.72 12.47 2.80
C ASP B 232 40.27 12.44 2.38
N CYS B 233 39.55 13.54 2.59
CA CYS B 233 38.15 13.57 2.16
C CYS B 233 38.04 13.46 0.66
N LEU B 234 38.98 14.05 -0.08
CA LEU B 234 38.93 14.00 -1.54
C LEU B 234 39.01 12.56 -2.04
N GLU B 235 39.99 11.81 -1.55
CA GLU B 235 40.11 10.44 -2.03
C GLU B 235 39.13 9.48 -1.37
N ILE B 236 38.55 9.84 -0.21
CA ILE B 236 37.38 9.12 0.26
C ILE B 236 36.25 9.25 -0.75
N CYS B 237 36.01 10.46 -1.23
CA CYS B 237 35.02 10.65 -2.29
C CYS B 237 35.41 9.89 -3.55
N MET B 238 36.72 9.80 -3.82
CA MET B 238 37.19 9.05 -4.98
C MET B 238 36.79 7.58 -4.88
N GLU B 239 37.04 6.96 -3.73
CA GLU B 239 36.64 5.56 -3.59
C GLU B 239 35.14 5.38 -3.38
N CYS B 240 34.42 6.45 -3.03
CA CYS B 240 32.97 6.32 -2.95
C CYS B 240 32.32 6.43 -4.32
N CYS B 241 32.95 7.13 -5.25
CA CYS B 241 32.56 7.05 -6.65
C CYS B 241 33.35 5.99 -7.40
N GLY B 242 34.20 5.24 -6.71
CA GLY B 242 34.97 4.20 -7.35
C GLY B 242 34.26 2.85 -7.35
N ILE B 243 33.30 2.69 -6.44
CA ILE B 243 32.50 1.47 -6.42
C ILE B 243 31.54 1.45 -7.60
N CYS B 244 30.70 2.48 -7.70
CA CYS B 244 29.66 2.51 -8.73
C CYS B 244 30.27 2.50 -10.12
N PHE B 245 31.29 3.30 -10.35
CA PHE B 245 31.87 3.58 -11.65
C PHE B 245 33.23 2.90 -11.83
N PRO B 246 33.73 2.84 -13.07
CA PRO B 246 35.05 2.23 -13.30
C PRO B 246 36.19 2.95 -12.62
N SER B 247 37.40 2.42 -12.82
CA SER B 247 38.62 2.93 -12.21
C SER B 247 38.72 4.46 -12.19
N CYS C 227 11.31 -44.96 -7.23
CA CYS C 227 12.09 -45.13 -6.01
C CYS C 227 12.91 -43.88 -5.72
N CYS C 228 13.90 -44.00 -4.84
CA CYS C 228 14.77 -42.89 -4.47
C CYS C 228 16.14 -43.44 -4.16
N GLU C 229 16.98 -42.61 -3.54
CA GLU C 229 18.33 -42.97 -3.13
C GLU C 229 18.81 -41.91 -2.16
N SER C 230 20.07 -41.98 -1.76
CA SER C 230 20.68 -40.89 -1.02
C SER C 230 21.47 -39.95 -1.93
N SER C 231 21.97 -40.47 -3.06
CA SER C 231 22.63 -39.61 -4.03
C SER C 231 21.64 -38.79 -4.83
N ASP C 232 20.43 -39.29 -5.04
CA ASP C 232 19.47 -38.59 -5.88
C ASP C 232 19.10 -37.24 -5.29
N CYS C 233 18.71 -37.22 -4.01
CA CYS C 233 18.38 -35.94 -3.38
C CYS C 233 19.61 -35.04 -3.31
N LEU C 234 20.78 -35.61 -3.08
CA LEU C 234 21.99 -34.81 -2.98
C LEU C 234 22.28 -34.07 -4.28
N GLU C 235 22.23 -34.77 -5.40
CA GLU C 235 22.53 -34.10 -6.66
C GLU C 235 21.33 -33.30 -7.19
N ILE C 236 20.10 -33.59 -6.73
CA ILE C 236 19.02 -32.65 -6.96
C ILE C 236 19.34 -31.31 -6.30
N CYS C 237 19.79 -31.36 -5.05
CA CYS C 237 20.23 -30.13 -4.39
C CYS C 237 21.40 -29.50 -5.13
N MET C 238 22.28 -30.33 -5.71
CA MET C 238 23.39 -29.81 -6.49
C MET C 238 22.91 -28.98 -7.67
N GLU C 239 21.96 -29.51 -8.45
CA GLU C 239 21.45 -28.74 -9.57
C GLU C 239 20.50 -27.63 -9.15
N CYS C 240 19.98 -27.67 -7.91
CA CYS C 240 19.18 -26.55 -7.45
C CYS C 240 20.04 -25.38 -6.98
N CYS C 241 21.25 -25.67 -6.50
CA CYS C 241 22.24 -24.63 -6.30
C CYS C 241 23.13 -24.43 -7.52
N GLY C 242 22.86 -25.15 -8.60
CA GLY C 242 23.64 -25.01 -9.82
C GLY C 242 23.10 -23.95 -10.75
N ILE C 243 21.83 -23.61 -10.60
CA ILE C 243 21.24 -22.53 -11.39
C ILE C 243 21.77 -21.18 -10.91
N CYS C 244 21.59 -20.88 -9.63
CA CYS C 244 21.95 -19.58 -9.10
C CYS C 244 23.45 -19.33 -9.23
N PHE C 245 24.26 -20.32 -8.89
CA PHE C 245 25.70 -20.20 -8.76
C PHE C 245 26.44 -20.88 -9.91
N PRO C 246 27.74 -20.63 -10.06
CA PRO C 246 28.50 -21.28 -11.12
C PRO C 246 28.60 -22.78 -10.99
N SER C 247 29.29 -23.40 -11.93
CA SER C 247 29.45 -24.85 -12.02
C SER C 247 29.70 -25.53 -10.67
N LEU D 784 -36.31 13.75 -74.55
CA LEU D 784 -35.74 12.85 -75.54
C LEU D 784 -36.53 11.55 -75.62
N ASP D 785 -35.83 10.41 -75.52
CA ASP D 785 -36.48 9.11 -75.57
C ASP D 785 -37.28 8.82 -74.32
N LEU D 786 -37.13 9.61 -73.26
CA LEU D 786 -37.87 9.38 -72.03
C LEU D 786 -39.37 9.52 -72.25
N ALA D 787 -39.79 10.54 -73.01
CA ALA D 787 -41.21 10.73 -73.27
C ALA D 787 -41.78 9.58 -74.07
N ALA D 788 -41.04 9.11 -75.09
CA ALA D 788 -41.51 7.97 -75.88
C ALA D 788 -41.60 6.71 -75.03
N SER D 789 -40.62 6.49 -74.16
CA SER D 789 -40.66 5.32 -73.28
C SER D 789 -41.85 5.40 -72.33
N PHE D 790 -42.12 6.59 -71.79
CA PHE D 790 -43.28 6.76 -70.91
C PHE D 790 -44.58 6.51 -71.65
N SER D 791 -44.69 7.00 -72.89
CA SER D 791 -45.90 6.76 -73.68
C SER D 791 -46.08 5.28 -73.98
N ALA D 792 -45.00 4.58 -74.32
CA ALA D 792 -45.09 3.14 -74.58
C ALA D 792 -45.48 2.39 -73.32
N VAL D 793 -44.92 2.77 -72.17
CA VAL D 793 -45.27 2.13 -70.91
C VAL D 793 -46.74 2.37 -70.59
N LEU D 794 -47.23 3.59 -70.82
CA LEU D 794 -48.64 3.89 -70.57
C LEU D 794 -49.54 3.06 -71.48
N THR D 795 -49.18 2.93 -72.76
CA THR D 795 -49.98 2.13 -73.67
C THR D 795 -50.01 0.67 -73.25
N ARG D 796 -48.84 0.13 -72.86
CA ARG D 796 -48.79 -1.25 -72.39
C ARG D 796 -49.61 -1.43 -71.12
N ILE D 797 -49.55 -0.47 -70.21
CA ILE D 797 -50.33 -0.54 -68.98
C ILE D 797 -51.82 -0.52 -69.29
N GLN D 798 -52.23 0.32 -70.24
CA GLN D 798 -53.64 0.38 -70.61
C GLN D 798 -54.09 -0.94 -71.22
N VAL D 799 -53.28 -1.52 -72.10
CA VAL D 799 -53.64 -2.80 -72.72
C VAL D 799 -53.75 -3.89 -71.66
N PHE D 800 -52.78 -3.94 -70.75
CA PHE D 800 -52.79 -4.95 -69.70
C PHE D 800 -53.98 -4.77 -68.78
N VAL D 801 -54.32 -3.52 -68.44
CA VAL D 801 -55.46 -3.26 -67.57
C VAL D 801 -56.75 -3.69 -68.25
N ARG D 802 -56.89 -3.40 -69.54
CA ARG D 802 -58.09 -3.81 -70.27
C ARG D 802 -58.21 -5.33 -70.30
N ARG D 803 -57.10 -6.02 -70.59
CA ARG D 803 -57.15 -7.49 -70.63
C ARG D 803 -57.49 -8.07 -69.26
N LEU D 804 -56.85 -7.54 -68.21
CA LEU D 804 -57.10 -8.05 -66.87
C LEU D 804 -58.54 -7.80 -66.44
N LEU D 805 -59.09 -6.63 -66.78
CA LEU D 805 -60.48 -6.36 -66.49
C LEU D 805 -61.39 -7.35 -67.20
N GLU D 806 -61.20 -7.49 -68.52
CA GLU D 806 -62.03 -8.41 -69.29
C GLU D 806 -61.91 -9.85 -68.79
N LEU D 807 -60.79 -10.20 -68.17
CA LEU D 807 -60.61 -11.56 -67.69
C LEU D 807 -61.16 -11.77 -66.27
N HIS D 808 -61.13 -10.75 -65.42
CA HIS D 808 -61.38 -10.95 -64.00
C HIS D 808 -62.65 -10.30 -63.48
N VAL D 809 -63.14 -9.24 -64.12
CA VAL D 809 -64.23 -8.45 -63.56
C VAL D 809 -65.51 -9.28 -63.45
N PHE D 810 -65.73 -10.20 -64.39
CA PHE D 810 -66.95 -11.00 -64.38
C PHE D 810 -67.14 -11.73 -63.05
N LYS D 811 -66.03 -12.14 -62.42
CA LYS D 811 -66.11 -12.74 -61.10
C LYS D 811 -65.89 -11.72 -59.99
N LEU D 812 -65.03 -10.73 -60.22
CA LEU D 812 -64.70 -9.77 -59.18
C LEU D 812 -65.86 -8.85 -58.83
N VAL D 813 -66.88 -8.78 -59.68
CA VAL D 813 -68.00 -7.89 -59.42
C VAL D 813 -68.73 -8.29 -58.14
N ALA D 814 -68.97 -9.59 -57.96
CA ALA D 814 -69.77 -10.06 -56.83
C ALA D 814 -69.03 -9.97 -55.49
N LEU D 815 -67.73 -9.67 -55.50
CA LEU D 815 -66.96 -9.64 -54.25
C LEU D 815 -67.48 -8.56 -53.31
N TYR D 816 -67.71 -7.35 -53.83
CA TYR D 816 -68.20 -6.27 -52.99
C TYR D 816 -69.61 -6.56 -52.49
N THR D 817 -70.45 -7.14 -53.35
CA THR D 817 -71.80 -7.50 -52.92
C THR D 817 -71.78 -8.53 -51.81
N VAL D 818 -70.89 -9.52 -51.93
CA VAL D 818 -70.77 -10.54 -50.88
C VAL D 818 -70.27 -9.91 -49.59
N TRP D 819 -69.30 -9.00 -49.69
CA TRP D 819 -68.79 -8.32 -48.50
C TRP D 819 -69.89 -7.52 -47.81
N VAL D 820 -70.72 -6.83 -48.60
CA VAL D 820 -71.83 -6.07 -48.02
C VAL D 820 -72.84 -7.00 -47.37
N ALA D 821 -73.17 -8.11 -48.05
CA ALA D 821 -74.15 -9.04 -47.50
C ALA D 821 -73.68 -9.64 -46.19
N LEU D 822 -72.39 -9.99 -46.11
CA LEU D 822 -71.84 -10.49 -44.85
C LEU D 822 -71.72 -9.40 -43.80
N LYS D 823 -71.58 -8.15 -44.24
CA LYS D 823 -71.47 -7.04 -43.30
C LYS D 823 -72.75 -6.87 -42.51
N GLU D 824 -73.90 -6.98 -43.18
CA GLU D 824 -75.21 -6.82 -42.52
C GLU D 824 -76.19 -7.75 -43.22
N VAL D 825 -76.48 -8.88 -42.58
CA VAL D 825 -77.42 -9.84 -43.14
C VAL D 825 -78.82 -9.27 -43.10
N SER D 826 -79.47 -9.19 -44.26
CA SER D 826 -80.81 -8.66 -44.36
C SER D 826 -81.53 -9.34 -45.52
N VAL D 827 -82.86 -9.30 -45.47
CA VAL D 827 -83.66 -9.97 -46.48
C VAL D 827 -83.41 -9.35 -47.86
N MET D 828 -83.22 -8.03 -47.90
CA MET D 828 -82.98 -7.37 -49.19
C MET D 828 -81.69 -7.84 -49.83
N ASN D 829 -80.62 -7.96 -49.04
CA ASN D 829 -79.33 -8.40 -49.57
C ASN D 829 -79.28 -9.90 -49.84
N LEU D 830 -80.19 -10.68 -49.26
CA LEU D 830 -80.16 -12.13 -49.44
C LEU D 830 -80.38 -12.52 -50.89
N LEU D 831 -81.35 -11.88 -51.56
CA LEU D 831 -81.62 -12.20 -52.96
C LEU D 831 -80.44 -11.79 -53.83
N LEU D 832 -79.84 -10.63 -53.55
CA LEU D 832 -78.68 -10.19 -54.33
C LEU D 832 -77.52 -11.16 -54.17
N VAL D 833 -77.29 -11.64 -52.95
CA VAL D 833 -76.22 -12.61 -52.72
C VAL D 833 -76.51 -13.91 -53.45
N VAL D 834 -77.76 -14.38 -53.37
CA VAL D 834 -78.13 -15.67 -53.98
C VAL D 834 -78.02 -15.61 -55.49
N LEU D 835 -78.35 -14.45 -56.09
CA LEU D 835 -78.25 -14.33 -57.54
C LEU D 835 -76.81 -14.53 -58.00
N TRP D 836 -75.87 -13.84 -57.36
CA TRP D 836 -74.46 -14.03 -57.71
C TRP D 836 -73.97 -15.43 -57.37
N ALA D 837 -74.49 -16.02 -56.29
CA ALA D 837 -74.08 -17.36 -55.91
C ALA D 837 -74.47 -18.38 -56.97
N PHE D 838 -75.70 -18.29 -57.46
CA PHE D 838 -76.14 -19.19 -58.53
C PHE D 838 -75.46 -18.86 -59.85
N ALA D 839 -75.17 -17.58 -60.09
CA ALA D 839 -74.56 -17.17 -61.35
C ALA D 839 -73.14 -17.71 -61.47
N LEU D 840 -72.38 -17.66 -60.37
CA LEU D 840 -71.01 -18.17 -60.40
C LEU D 840 -70.95 -19.63 -60.81
N PRO D 841 -71.80 -20.52 -60.31
CA PRO D 841 -71.76 -21.92 -60.75
C PRO D 841 -72.11 -22.08 -62.23
N TYR D 842 -73.24 -21.49 -62.64
CA TYR D 842 -73.70 -21.63 -64.02
C TYR D 842 -73.42 -20.34 -64.77
N PRO D 843 -72.42 -20.31 -65.66
CA PRO D 843 -72.16 -19.07 -66.41
C PRO D 843 -73.27 -18.70 -67.38
N ARG D 844 -74.19 -19.62 -67.67
CA ARG D 844 -75.29 -19.30 -68.57
C ARG D 844 -76.17 -18.19 -68.00
N PHE D 845 -76.45 -18.22 -66.69
CA PHE D 845 -77.22 -17.18 -66.04
C PHE D 845 -76.37 -16.00 -65.60
N ARG D 846 -75.05 -16.06 -65.83
CA ARG D 846 -74.18 -14.95 -65.43
C ARG D 846 -74.54 -13.64 -66.12
N PRO D 847 -74.75 -13.61 -67.45
CA PRO D 847 -75.21 -12.35 -68.06
C PRO D 847 -76.56 -11.90 -67.53
N MET D 848 -77.45 -12.84 -67.23
CA MET D 848 -78.73 -12.48 -66.65
C MET D 848 -78.54 -11.85 -65.26
N ALA D 849 -77.61 -12.40 -64.47
CA ALA D 849 -77.32 -11.82 -63.17
C ALA D 849 -76.70 -10.43 -63.31
N SER D 850 -75.83 -10.24 -64.30
CA SER D 850 -75.27 -8.92 -64.54
C SER D 850 -76.36 -7.92 -64.90
N CYS D 851 -77.31 -8.34 -65.73
CA CYS D 851 -78.44 -7.47 -66.07
C CYS D 851 -79.30 -7.16 -64.85
N LEU D 852 -79.57 -8.17 -64.02
CA LEU D 852 -80.45 -8.01 -62.87
C LEU D 852 -79.77 -7.36 -61.68
N SER D 853 -78.45 -7.15 -61.74
CA SER D 853 -77.75 -6.45 -60.66
C SER D 853 -78.34 -5.06 -60.43
N THR D 854 -78.60 -4.32 -61.50
CA THR D 854 -79.21 -3.00 -61.38
C THR D 854 -80.60 -3.08 -60.79
N VAL D 855 -81.41 -4.06 -61.19
CA VAL D 855 -82.75 -4.21 -60.64
C VAL D 855 -82.69 -4.50 -59.15
N TRP D 856 -81.78 -5.38 -58.73
CA TRP D 856 -81.63 -5.70 -57.32
C TRP D 856 -81.13 -4.51 -56.52
N THR D 857 -80.25 -3.70 -57.12
CA THR D 857 -79.70 -2.53 -56.43
C THR D 857 -80.73 -1.46 -56.15
N CYS D 858 -81.93 -1.55 -56.75
CA CYS D 858 -82.95 -0.53 -56.54
C CYS D 858 -83.40 -0.45 -55.09
N ILE D 859 -83.21 -1.53 -54.33
CA ILE D 859 -83.61 -1.53 -52.93
C ILE D 859 -82.77 -0.59 -52.08
N ILE D 860 -81.62 -0.15 -52.58
CA ILE D 860 -80.76 0.74 -51.81
C ILE D 860 -81.45 2.07 -51.56
N ILE D 861 -82.13 2.60 -52.57
CA ILE D 861 -82.82 3.88 -52.42
C ILE D 861 -83.95 3.75 -51.40
N VAL D 862 -84.69 2.64 -51.46
CA VAL D 862 -85.79 2.43 -50.52
C VAL D 862 -85.25 2.30 -49.09
N CYS D 863 -84.14 1.59 -48.93
CA CYS D 863 -83.54 1.45 -47.60
C CYS D 863 -83.05 2.79 -47.07
N LYS D 864 -82.44 3.61 -47.94
CA LYS D 864 -82.00 4.94 -47.52
C LYS D 864 -83.18 5.82 -47.13
N MET D 865 -84.27 5.75 -47.89
CA MET D 865 -85.46 6.54 -47.56
C MET D 865 -86.06 6.09 -46.23
N LEU D 866 -86.13 4.79 -46.01
CA LEU D 866 -86.66 4.29 -44.74
C LEU D 866 -85.78 4.72 -43.57
N TYR D 867 -84.46 4.62 -43.73
CA TYR D 867 -83.54 5.05 -42.68
C TYR D 867 -83.64 6.55 -42.44
N GLN D 868 -83.75 7.34 -43.50
CA GLN D 868 -83.85 8.78 -43.37
C GLN D 868 -85.25 9.26 -43.71
N ILE D 924 -77.48 5.39 -46.59
CA ILE D 924 -76.60 4.24 -46.43
C ILE D 924 -75.47 4.29 -47.44
N GLN D 925 -74.26 4.60 -46.96
CA GLN D 925 -73.11 4.69 -47.85
C GLN D 925 -72.72 3.33 -48.40
N ASN D 926 -72.90 2.27 -47.61
CA ASN D 926 -72.49 0.94 -48.05
C ASN D 926 -73.30 0.46 -49.24
N HIS D 927 -74.64 0.57 -49.15
CA HIS D 927 -75.49 0.15 -50.26
C HIS D 927 -75.26 1.02 -51.49
N LEU D 928 -75.05 2.31 -51.29
CA LEU D 928 -74.76 3.20 -52.41
C LEU D 928 -73.47 2.81 -53.11
N GLN D 929 -72.42 2.51 -52.33
CA GLN D 929 -71.16 2.06 -52.92
C GLN D 929 -71.33 0.73 -53.64
N ILE D 930 -72.16 -0.16 -53.08
CA ILE D 930 -72.42 -1.44 -53.74
C ILE D 930 -73.10 -1.23 -55.08
N LEU D 931 -74.10 -0.36 -55.13
CA LEU D 931 -74.77 -0.06 -56.39
C LEU D 931 -73.81 0.59 -57.38
N LEU D 932 -72.94 1.49 -56.89
CA LEU D 932 -71.96 2.12 -57.76
C LEU D 932 -71.00 1.10 -58.36
N LEU D 933 -70.55 0.15 -57.54
CA LEU D 933 -69.67 -0.91 -58.04
C LEU D 933 -70.40 -1.80 -59.05
N LEU D 934 -71.68 -2.09 -58.79
CA LEU D 934 -72.45 -2.89 -59.73
C LEU D 934 -72.58 -2.18 -61.08
N VAL D 935 -72.80 -0.87 -61.06
CA VAL D 935 -72.86 -0.11 -62.29
C VAL D 935 -71.50 -0.10 -62.98
N PHE D 936 -70.44 0.11 -62.20
CA PHE D 936 -69.09 0.14 -62.77
C PHE D 936 -68.71 -1.21 -63.38
N GLU D 937 -69.32 -2.29 -62.91
CA GLU D 937 -69.06 -3.60 -63.50
C GLU D 937 -69.44 -3.62 -64.98
N ALA D 938 -70.63 -3.11 -65.31
CA ALA D 938 -71.03 -3.02 -66.71
C ALA D 938 -70.33 -1.87 -67.42
N VAL D 939 -69.97 -0.81 -66.69
CA VAL D 939 -69.25 0.30 -67.31
C VAL D 939 -67.90 -0.16 -67.83
N VAL D 940 -67.20 -0.98 -67.05
CA VAL D 940 -65.91 -1.50 -67.48
C VAL D 940 -66.07 -2.40 -68.71
N TYR D 941 -67.13 -3.22 -68.72
CA TYR D 941 -67.37 -4.06 -69.88
C TYR D 941 -67.63 -3.24 -71.13
N ARG D 942 -68.44 -2.19 -71.02
CA ARG D 942 -68.70 -1.33 -72.16
C ARG D 942 -67.43 -0.62 -72.62
N ARG D 943 -66.62 -0.15 -71.68
CA ARG D 943 -65.37 0.51 -72.04
C ARG D 943 -64.42 -0.45 -72.74
N GLN D 944 -64.34 -1.69 -72.27
CA GLN D 944 -63.50 -2.69 -72.90
C GLN D 944 -64.00 -3.02 -74.30
N GLU D 945 -65.32 -3.14 -74.47
CA GLU D 945 -65.88 -3.39 -75.80
C GLU D 945 -65.56 -2.25 -76.75
N HIS D 946 -65.68 -1.01 -76.27
CA HIS D 946 -65.34 0.15 -77.10
C HIS D 946 -63.86 0.15 -77.47
N TYR D 947 -62.99 -0.12 -76.49
CA TYR D 947 -61.56 -0.14 -76.76
C TYR D 947 -61.19 -1.25 -77.73
N ARG D 948 -61.93 -2.37 -77.70
CA ARG D 948 -61.71 -3.41 -78.69
C ARG D 948 -62.18 -2.97 -80.07
N ARG D 949 -63.37 -2.38 -80.15
CA ARG D 949 -63.87 -1.91 -81.45
C ARG D 949 -63.10 -0.70 -81.94
N GLN D 950 -62.88 0.29 -81.07
CA GLN D 950 -62.17 1.50 -81.43
C GLN D 950 -60.68 1.32 -81.14
N HIS D 951 -59.93 2.42 -81.17
CA HIS D 951 -58.50 2.42 -80.88
C HIS D 951 -57.72 1.46 -81.77
N ARG D 967 -46.39 -24.17 -72.36
CA ARG D 967 -46.13 -23.25 -73.47
C ARG D 967 -44.80 -23.57 -74.14
N GLN D 968 -44.70 -23.24 -75.42
CA GLN D 968 -43.48 -23.50 -76.18
C GLN D 968 -42.36 -22.51 -75.87
N ARG D 969 -42.71 -21.24 -75.62
CA ARG D 969 -41.74 -20.25 -75.21
C ARG D 969 -41.49 -20.27 -73.71
N LEU D 970 -42.10 -21.22 -73.00
CA LEU D 970 -42.00 -21.28 -71.55
C LEU D 970 -40.55 -21.45 -71.09
N ASP D 971 -39.81 -22.33 -71.76
CA ASP D 971 -38.49 -22.72 -71.29
C ASP D 971 -37.39 -21.73 -71.64
N GLN D 972 -37.68 -20.73 -72.48
CA GLN D 972 -36.63 -19.82 -72.92
C GLN D 972 -36.13 -18.95 -71.77
N ASP D 973 -37.04 -18.31 -71.04
CA ASP D 973 -36.64 -17.37 -70.01
C ASP D 973 -37.65 -17.39 -68.87
N LEU D 974 -37.22 -16.86 -67.73
CA LEU D 974 -38.06 -16.83 -66.54
C LEU D 974 -39.30 -15.98 -66.75
N LEU D 975 -39.16 -14.85 -67.47
CA LEU D 975 -40.30 -13.98 -67.69
C LEU D 975 -41.37 -14.67 -68.53
N SER D 976 -40.95 -15.48 -69.50
CA SER D 976 -41.92 -16.24 -70.30
C SER D 976 -42.69 -17.22 -69.45
N CYS D 977 -42.00 -17.94 -68.55
CA CYS D 977 -42.69 -18.87 -67.67
C CYS D 977 -43.64 -18.13 -66.73
N LEU D 978 -43.24 -16.95 -66.26
CA LEU D 978 -44.12 -16.14 -65.42
C LEU D 978 -45.37 -15.74 -66.20
N LYS D 979 -45.20 -15.35 -67.47
CA LYS D 979 -46.35 -15.04 -68.30
C LYS D 979 -47.24 -16.27 -68.48
N TYR D 980 -46.64 -17.44 -68.63
CA TYR D 980 -47.42 -18.67 -68.72
C TYR D 980 -48.25 -18.90 -67.46
N PHE D 981 -47.64 -18.70 -66.29
CA PHE D 981 -48.39 -18.83 -65.05
C PHE D 981 -49.51 -17.80 -64.98
N ILE D 982 -49.24 -16.56 -65.39
CA ILE D 982 -50.29 -15.55 -65.40
C ILE D 982 -51.45 -16.00 -66.29
N ASN D 983 -51.13 -16.63 -67.42
CA ASN D 983 -52.16 -16.99 -68.39
C ASN D 983 -52.96 -18.21 -67.96
N PHE D 984 -52.32 -19.20 -67.35
CA PHE D 984 -53.01 -20.45 -67.02
C PHE D 984 -52.67 -20.94 -65.63
N PHE D 985 -52.70 -20.04 -64.65
CA PHE D 985 -52.54 -20.45 -63.26
C PHE D 985 -53.66 -21.39 -62.84
N PHE D 986 -54.91 -20.98 -63.07
CA PHE D 986 -56.05 -21.79 -62.67
C PHE D 986 -56.07 -23.11 -63.43
N TYR D 987 -55.85 -23.07 -64.75
CA TYR D 987 -55.98 -24.27 -65.57
C TYR D 987 -55.09 -25.40 -65.05
N LYS D 988 -53.96 -25.07 -64.45
CA LYS D 988 -53.08 -26.09 -63.89
C LYS D 988 -53.35 -26.37 -62.43
N PHE D 989 -53.64 -25.34 -61.62
CA PHE D 989 -53.61 -25.49 -60.18
C PHE D 989 -54.97 -25.33 -59.52
N GLY D 990 -56.06 -25.48 -60.29
CA GLY D 990 -57.37 -25.23 -59.74
C GLY D 990 -57.76 -26.19 -58.63
N LEU D 991 -57.49 -27.47 -58.82
CA LEU D 991 -57.87 -28.45 -57.81
C LEU D 991 -57.12 -28.22 -56.51
N GLU D 992 -55.82 -27.95 -56.60
CA GLU D 992 -55.03 -27.67 -55.40
C GLU D 992 -55.51 -26.39 -54.72
N ILE D 993 -55.79 -25.34 -55.49
CA ILE D 993 -56.23 -24.09 -54.91
C ILE D 993 -57.57 -24.25 -54.21
N CYS D 994 -58.49 -24.97 -54.84
CA CYS D 994 -59.79 -25.21 -54.20
C CYS D 994 -59.63 -26.03 -52.93
N PHE D 995 -58.75 -27.04 -52.95
CA PHE D 995 -58.49 -27.81 -51.74
C PHE D 995 -57.96 -26.92 -50.63
N LEU D 996 -57.04 -26.02 -50.95
CA LEU D 996 -56.45 -25.17 -49.91
C LEU D 996 -57.45 -24.13 -49.40
N MET D 997 -58.33 -23.62 -50.26
CA MET D 997 -59.40 -22.76 -49.77
C MET D 997 -60.35 -23.53 -48.85
N ALA D 998 -60.62 -24.79 -49.18
CA ALA D 998 -61.44 -25.61 -48.30
C ALA D 998 -60.78 -25.78 -46.94
N VAL D 999 -59.48 -26.06 -46.91
CA VAL D 999 -58.78 -26.17 -45.64
C VAL D 999 -58.80 -24.83 -44.92
N ASN D 1000 -58.72 -23.73 -45.67
CA ASN D 1000 -58.83 -22.41 -45.08
C ASN D 1000 -60.15 -22.25 -44.33
N VAL D 1001 -61.25 -22.64 -44.95
CA VAL D 1001 -62.55 -22.46 -44.28
C VAL D 1001 -62.67 -23.42 -43.10
N ILE D 1002 -62.14 -24.63 -43.23
CA ILE D 1002 -62.11 -25.56 -42.09
C ILE D 1002 -61.42 -24.92 -40.90
N GLY D 1003 -60.26 -24.32 -41.14
CA GLY D 1003 -59.52 -23.70 -40.05
C GLY D 1003 -60.22 -22.47 -39.50
N GLN D 1004 -60.85 -21.68 -40.38
CA GLN D 1004 -61.44 -20.42 -39.94
C GLN D 1004 -62.67 -20.65 -39.09
N ARG D 1005 -63.54 -21.56 -39.50
CA ARG D 1005 -64.80 -21.73 -38.77
C ARG D 1005 -64.62 -22.57 -37.51
N MET D 1006 -64.28 -23.85 -37.69
CA MET D 1006 -64.21 -24.82 -36.61
C MET D 1006 -65.57 -24.94 -35.89
N ASN D 1007 -66.63 -25.06 -36.69
CA ASN D 1007 -67.96 -25.29 -36.12
C ASN D 1007 -68.56 -26.58 -36.67
N PHE D 1008 -69.83 -26.83 -36.36
CA PHE D 1008 -70.47 -28.07 -36.78
C PHE D 1008 -70.86 -28.06 -38.25
N MET D 1009 -71.18 -26.91 -38.81
CA MET D 1009 -71.67 -26.87 -40.20
C MET D 1009 -70.56 -27.18 -41.18
N VAL D 1010 -69.32 -26.80 -40.88
CA VAL D 1010 -68.22 -26.94 -41.82
C VAL D 1010 -67.70 -28.38 -41.76
N ILE D 1011 -68.28 -29.18 -40.87
CA ILE D 1011 -67.96 -30.60 -40.84
C ILE D 1011 -68.40 -31.28 -42.13
N LEU D 1012 -69.51 -30.82 -42.72
CA LEU D 1012 -69.92 -31.33 -44.02
C LEU D 1012 -68.90 -30.95 -45.09
N HIS D 1013 -68.38 -29.71 -45.02
CA HIS D 1013 -67.26 -29.32 -45.87
C HIS D 1013 -66.13 -30.33 -45.76
N GLY D 1014 -65.74 -30.64 -44.54
CA GLY D 1014 -64.61 -31.56 -44.34
C GLY D 1014 -64.89 -32.96 -44.84
N CYS D 1015 -66.09 -33.47 -44.57
CA CYS D 1015 -66.44 -34.81 -45.02
C CYS D 1015 -66.44 -34.90 -46.55
N TRP D 1016 -67.01 -33.90 -47.21
CA TRP D 1016 -67.01 -33.94 -48.67
C TRP D 1016 -65.61 -33.69 -49.22
N LEU D 1017 -64.79 -32.92 -48.53
CA LEU D 1017 -63.39 -32.77 -48.90
C LEU D 1017 -62.69 -34.12 -48.91
N VAL D 1018 -62.84 -34.88 -47.83
CA VAL D 1018 -62.19 -36.18 -47.75
C VAL D 1018 -62.75 -37.13 -48.81
N ALA D 1019 -64.05 -37.05 -49.07
CA ALA D 1019 -64.64 -37.87 -50.12
C ALA D 1019 -64.09 -37.51 -51.50
N ILE D 1020 -63.75 -36.23 -51.71
CA ILE D 1020 -63.06 -35.85 -52.93
C ILE D 1020 -61.65 -36.42 -52.96
N LEU D 1021 -60.94 -36.34 -51.83
CA LEU D 1021 -59.55 -36.79 -51.81
C LEU D 1021 -59.43 -38.28 -52.09
N THR D 1022 -60.31 -39.10 -51.51
CA THR D 1022 -60.17 -40.55 -51.67
C THR D 1022 -60.23 -40.96 -53.13
N ARG D 1023 -60.96 -40.20 -53.95
CA ARG D 1023 -60.84 -40.31 -55.40
C ARG D 1023 -59.97 -39.17 -55.92
N ARG D 1024 -58.66 -39.31 -55.68
CA ARG D 1024 -57.72 -38.24 -56.00
C ARG D 1024 -57.56 -38.04 -57.50
N ARG D 1025 -57.65 -39.12 -58.27
CA ARG D 1025 -57.39 -39.05 -59.70
C ARG D 1025 -58.44 -38.18 -60.39
N ARG D 1026 -57.97 -37.30 -61.27
CA ARG D 1026 -58.82 -36.24 -61.80
C ARG D 1026 -59.99 -36.76 -62.64
N GLU D 1027 -59.92 -38.00 -63.13
CA GLU D 1027 -61.01 -38.51 -63.93
C GLU D 1027 -62.27 -38.76 -63.11
N ALA D 1028 -62.12 -39.13 -61.84
CA ALA D 1028 -63.29 -39.25 -60.98
C ALA D 1028 -63.81 -37.87 -60.57
N ILE D 1029 -62.89 -36.93 -60.34
CA ILE D 1029 -63.31 -35.56 -60.07
C ILE D 1029 -64.06 -34.98 -61.26
N ALA D 1030 -63.77 -35.49 -62.47
CA ALA D 1030 -64.46 -35.01 -63.65
C ALA D 1030 -65.97 -35.19 -63.52
N ARG D 1031 -66.41 -36.32 -62.98
CA ARG D 1031 -67.84 -36.54 -62.79
C ARG D 1031 -68.33 -36.04 -61.43
N LEU D 1032 -67.46 -35.96 -60.43
CA LEU D 1032 -67.91 -35.52 -59.12
C LEU D 1032 -68.07 -34.00 -59.03
N TRP D 1033 -67.31 -33.24 -59.81
CA TRP D 1033 -67.28 -31.79 -59.64
C TRP D 1033 -68.62 -31.10 -59.90
N PRO D 1034 -69.38 -31.42 -60.96
CA PRO D 1034 -70.71 -30.81 -61.07
C PRO D 1034 -71.59 -31.11 -59.87
N ASN D 1035 -71.55 -32.36 -59.38
CA ASN D 1035 -72.28 -32.70 -58.17
C ASN D 1035 -71.74 -31.93 -56.97
N TYR D 1036 -70.41 -31.73 -56.93
CA TYR D 1036 -69.81 -30.93 -55.88
C TYR D 1036 -70.38 -29.51 -55.88
N CYS D 1037 -70.44 -28.88 -57.04
CA CYS D 1037 -70.95 -27.52 -57.12
C CYS D 1037 -72.43 -27.46 -56.74
N LEU D 1038 -73.21 -28.44 -57.21
CA LEU D 1038 -74.62 -28.48 -56.85
C LEU D 1038 -74.80 -28.60 -55.35
N PHE D 1039 -74.03 -29.48 -54.71
CA PHE D 1039 -74.14 -29.64 -53.26
C PHE D 1039 -73.67 -28.38 -52.54
N LEU D 1040 -72.61 -27.75 -53.03
CA LEU D 1040 -72.13 -26.52 -52.40
C LEU D 1040 -73.20 -25.44 -52.42
N THR D 1041 -73.83 -25.21 -53.58
CA THR D 1041 -74.86 -24.18 -53.64
C THR D 1041 -76.08 -24.57 -52.82
N LEU D 1042 -76.46 -25.85 -52.84
CA LEU D 1042 -77.62 -26.30 -52.08
C LEU D 1042 -77.42 -26.07 -50.58
N PHE D 1043 -76.24 -26.43 -50.06
CA PHE D 1043 -75.99 -26.27 -48.64
C PHE D 1043 -75.74 -24.81 -48.27
N LEU D 1044 -75.14 -24.02 -49.17
CA LEU D 1044 -74.93 -22.61 -48.88
C LEU D 1044 -76.25 -21.86 -48.83
N LEU D 1045 -77.23 -22.27 -49.65
CA LEU D 1045 -78.54 -21.64 -49.59
C LEU D 1045 -79.16 -21.82 -48.21
N TYR D 1046 -79.16 -23.05 -47.69
CA TYR D 1046 -79.69 -23.31 -46.36
C TYR D 1046 -78.89 -22.58 -45.30
N GLN D 1047 -77.56 -22.54 -45.46
CA GLN D 1047 -76.70 -21.86 -44.49
C GLN D 1047 -77.02 -20.37 -44.41
N TYR D 1048 -77.19 -19.72 -45.56
CA TYR D 1048 -77.52 -18.30 -45.57
C TYR D 1048 -78.93 -18.06 -45.04
N LEU D 1049 -79.87 -18.96 -45.37
CA LEU D 1049 -81.23 -18.80 -44.89
C LEU D 1049 -81.30 -18.91 -43.37
N LEU D 1050 -80.50 -19.81 -42.79
CA LEU D 1050 -80.56 -20.04 -41.35
C LEU D 1050 -80.13 -18.80 -40.57
N CYS D 1051 -79.30 -17.95 -41.15
CA CYS D 1051 -78.78 -16.80 -40.43
C CYS D 1051 -79.89 -15.87 -39.99
N LEU D 1052 -80.74 -15.45 -40.91
CA LEU D 1052 -81.78 -14.48 -40.57
C LEU D 1052 -82.90 -15.10 -39.77
N GLY D 1053 -83.35 -16.28 -40.17
CA GLY D 1053 -84.48 -16.93 -39.51
C GLY D 1053 -85.81 -16.29 -39.84
N MET D 1072 -79.76 -26.46 -25.23
CA MET D 1072 -79.55 -25.33 -26.14
C MET D 1072 -78.74 -24.22 -25.47
N ASN D 1073 -77.70 -24.63 -24.74
CA ASN D 1073 -76.81 -23.72 -24.04
C ASN D 1073 -76.18 -22.73 -25.02
N SER D 1074 -75.76 -21.59 -24.48
CA SER D 1074 -75.25 -20.51 -25.33
C SER D 1074 -73.98 -20.92 -26.06
N ALA D 1075 -73.06 -21.61 -25.38
CA ALA D 1075 -71.82 -22.02 -26.03
C ALA D 1075 -72.09 -23.01 -27.16
N LEU D 1076 -72.94 -24.01 -26.93
CA LEU D 1076 -73.21 -25.00 -27.96
C LEU D 1076 -74.02 -24.40 -29.10
N ILE D 1077 -74.97 -23.52 -28.79
CA ILE D 1077 -75.77 -22.91 -29.85
C ILE D 1077 -74.92 -21.94 -30.67
N LYS D 1078 -73.90 -21.33 -30.05
CA LYS D 1078 -72.94 -20.55 -30.82
C LYS D 1078 -72.07 -21.45 -31.68
N TRP D 1079 -71.62 -22.58 -31.13
CA TRP D 1079 -70.81 -23.52 -31.90
C TRP D 1079 -71.59 -24.06 -33.09
N LEU D 1080 -72.87 -24.35 -32.89
CA LEU D 1080 -73.74 -24.71 -34.00
C LEU D 1080 -74.33 -23.43 -34.58
N TYR D 1081 -75.29 -23.59 -35.48
CA TYR D 1081 -76.07 -22.48 -36.06
C TYR D 1081 -77.54 -22.81 -35.86
N LEU D 1082 -78.10 -22.36 -34.73
CA LEU D 1082 -79.51 -22.57 -34.43
C LEU D 1082 -80.01 -21.37 -33.66
N PRO D 1083 -81.32 -21.08 -33.72
CA PRO D 1083 -81.89 -19.99 -32.93
C PRO D 1083 -82.30 -20.46 -31.52
N PRO D 1089 -76.24 -16.72 -33.72
CA PRO D 1089 -75.88 -17.24 -35.04
C PRO D 1089 -75.04 -16.26 -35.85
N ASN D 1090 -73.72 -16.32 -35.67
CA ASN D 1090 -72.82 -15.43 -36.38
C ASN D 1090 -72.80 -15.76 -37.88
N SER D 1091 -72.53 -14.76 -38.69
CA SER D 1091 -72.48 -14.94 -40.14
C SER D 1091 -71.33 -14.20 -40.81
N THR D 1092 -70.44 -13.55 -40.05
CA THR D 1092 -69.32 -12.85 -40.66
C THR D 1092 -68.36 -13.81 -41.34
N ASN D 1093 -68.27 -15.06 -40.85
CA ASN D 1093 -67.34 -16.04 -41.39
C ASN D 1093 -67.69 -16.50 -42.79
N LEU D 1094 -68.88 -16.14 -43.30
CA LEU D 1094 -69.33 -16.67 -44.58
C LEU D 1094 -68.50 -16.18 -45.76
N ILE D 1095 -67.62 -15.19 -45.54
CA ILE D 1095 -66.81 -14.68 -46.65
C ILE D 1095 -65.90 -15.78 -47.19
N SER D 1096 -65.32 -16.59 -46.31
CA SER D 1096 -64.43 -17.66 -46.77
C SER D 1096 -65.20 -18.72 -47.55
N ASP D 1097 -66.40 -19.07 -47.09
CA ASP D 1097 -67.22 -20.04 -47.82
C ASP D 1097 -67.63 -19.49 -49.18
N PHE D 1098 -67.97 -18.19 -49.24
CA PHE D 1098 -68.30 -17.59 -50.53
C PHE D 1098 -67.10 -17.62 -51.46
N LEU D 1099 -65.91 -17.34 -50.94
CA LEU D 1099 -64.70 -17.42 -51.76
C LEU D 1099 -64.46 -18.84 -52.24
N LEU D 1100 -64.73 -19.83 -51.38
CA LEU D 1100 -64.63 -21.22 -51.80
C LEU D 1100 -65.58 -21.52 -52.95
N LEU D 1101 -66.82 -21.05 -52.85
CA LEU D 1101 -67.77 -21.29 -53.93
C LEU D 1101 -67.29 -20.62 -55.22
N LEU D 1102 -66.75 -19.40 -55.10
CA LEU D 1102 -66.23 -18.71 -56.29
C LEU D 1102 -65.11 -19.52 -56.94
N CYS D 1103 -64.15 -19.98 -56.14
CA CYS D 1103 -63.03 -20.72 -56.68
C CYS D 1103 -63.48 -22.03 -57.30
N ALA D 1104 -64.39 -22.74 -56.63
CA ALA D 1104 -64.88 -24.01 -57.16
C ALA D 1104 -65.65 -23.80 -58.45
N SER D 1105 -66.45 -22.73 -58.52
CA SER D 1105 -67.18 -22.43 -59.74
C SER D 1105 -66.24 -22.10 -60.90
N GLN D 1106 -65.20 -21.32 -60.64
CA GLN D 1106 -64.23 -21.03 -61.69
C GLN D 1106 -63.49 -22.29 -62.11
N GLN D 1107 -63.17 -23.16 -61.16
CA GLN D 1107 -62.56 -24.44 -61.51
C GLN D 1107 -63.48 -25.27 -62.37
N TRP D 1108 -64.78 -25.30 -62.04
CA TRP D 1108 -65.75 -26.02 -62.85
C TRP D 1108 -65.81 -25.45 -64.26
N GLN D 1109 -65.83 -24.13 -64.38
CA GLN D 1109 -65.88 -23.48 -65.68
C GLN D 1109 -64.66 -23.84 -66.52
N VAL D 1110 -63.46 -23.69 -65.94
CA VAL D 1110 -62.24 -23.97 -66.68
C VAL D 1110 -62.17 -25.45 -67.04
N PHE D 1111 -62.53 -26.33 -66.10
CA PHE D 1111 -62.48 -27.77 -66.34
C PHE D 1111 -63.43 -28.16 -67.47
N SER D 1112 -64.64 -27.59 -67.48
CA SER D 1112 -65.56 -27.84 -68.58
C SER D 1112 -65.01 -27.33 -69.89
N ALA D 1113 -64.46 -26.11 -69.89
CA ALA D 1113 -63.87 -25.57 -71.11
C ALA D 1113 -62.62 -26.35 -71.51
N GLU D 1114 -61.79 -26.74 -70.53
CA GLU D 1114 -60.57 -27.50 -70.74
C GLU D 1114 -59.51 -26.70 -71.47
N ARG D 1115 -59.87 -25.50 -71.96
CA ARG D 1115 -59.04 -24.75 -72.89
C ARG D 1115 -58.37 -25.69 -73.89
N THR D 1116 -59.21 -26.45 -74.59
CA THR D 1116 -58.76 -27.65 -75.30
C THR D 1116 -57.70 -27.35 -76.35
N GLU D 1117 -57.59 -26.10 -76.80
CA GLU D 1117 -56.62 -25.77 -77.82
C GLU D 1117 -55.17 -25.72 -77.31
N GLU D 1118 -54.96 -25.68 -76.00
CA GLU D 1118 -53.59 -25.56 -75.48
C GLU D 1118 -53.13 -26.77 -74.69
N TRP D 1119 -53.82 -27.12 -73.59
CA TRP D 1119 -53.33 -28.11 -72.63
C TRP D 1119 -51.85 -27.86 -72.30
N GLN D 1120 -51.54 -26.60 -72.03
CA GLN D 1120 -50.16 -26.21 -71.76
C GLN D 1120 -49.73 -26.66 -70.36
N ARG D 1134 -42.76 -44.36 -72.37
CA ARG D 1134 -42.14 -43.05 -72.29
C ARG D 1134 -40.86 -43.00 -73.12
N GLY D 1135 -40.99 -42.64 -74.39
CA GLY D 1135 -39.84 -42.56 -75.26
C GLY D 1135 -38.98 -41.33 -74.99
N GLU D 1136 -39.51 -40.15 -75.30
CA GLU D 1136 -38.82 -38.89 -75.01
C GLU D 1136 -39.79 -37.71 -75.07
N PRO D 1137 -40.79 -37.65 -74.18
CA PRO D 1137 -41.75 -36.54 -74.25
C PRO D 1137 -41.27 -35.27 -73.57
N ASN D 1138 -40.39 -35.38 -72.58
CA ASN D 1138 -39.89 -34.22 -71.86
C ASN D 1138 -39.04 -33.34 -72.76
N PRO D 1139 -39.41 -32.08 -72.98
CA PRO D 1139 -38.75 -31.26 -74.01
C PRO D 1139 -37.31 -30.89 -73.69
N ILE D 1140 -37.08 -30.29 -72.53
CA ILE D 1140 -35.74 -29.89 -72.12
C ILE D 1140 -35.54 -30.39 -70.69
N PRO D 1141 -35.56 -31.71 -70.48
CA PRO D 1141 -35.51 -32.23 -69.11
C PRO D 1141 -34.22 -31.94 -68.38
N ASN D 1142 -33.15 -31.63 -69.09
CA ASN D 1142 -31.82 -31.57 -68.49
C ASN D 1142 -31.63 -30.35 -67.61
N PHE D 1143 -32.39 -30.28 -66.51
CA PHE D 1143 -32.11 -29.28 -65.48
C PHE D 1143 -30.77 -29.52 -64.82
N ILE D 1144 -30.34 -30.78 -64.76
CA ILE D 1144 -29.25 -31.17 -63.87
C ILE D 1144 -27.97 -30.41 -64.21
N HIS D 1145 -27.79 -30.06 -65.48
CA HIS D 1145 -26.57 -29.36 -65.88
C HIS D 1145 -26.67 -27.85 -65.74
N CYS D 1146 -27.89 -27.30 -65.68
CA CYS D 1146 -28.10 -25.91 -65.30
C CYS D 1146 -27.34 -24.95 -66.21
N ARG D 1147 -27.76 -24.92 -67.47
CA ARG D 1147 -27.19 -24.00 -68.44
C ARG D 1147 -27.92 -22.67 -68.51
N SER D 1148 -28.94 -22.46 -67.68
CA SER D 1148 -29.70 -21.23 -67.69
C SER D 1148 -30.26 -20.98 -66.29
N TYR D 1149 -30.56 -19.71 -66.01
CA TYR D 1149 -31.12 -19.37 -64.71
C TYR D 1149 -32.43 -20.10 -64.47
N LEU D 1150 -33.26 -20.22 -65.51
CA LEU D 1150 -34.48 -21.00 -65.37
C LEU D 1150 -34.18 -22.43 -64.98
N ASP D 1151 -33.11 -23.02 -65.54
CA ASP D 1151 -32.75 -24.37 -65.15
C ASP D 1151 -32.34 -24.43 -63.68
N MET D 1152 -31.63 -23.42 -63.20
CA MET D 1152 -31.29 -23.36 -61.78
C MET D 1152 -32.56 -23.38 -60.92
N LEU D 1153 -33.53 -22.52 -61.25
CA LEU D 1153 -34.74 -22.49 -60.46
C LEU D 1153 -35.52 -23.79 -60.59
N LYS D 1154 -35.57 -24.38 -61.78
CA LYS D 1154 -36.32 -25.61 -61.95
C LYS D 1154 -35.71 -26.75 -61.16
N VAL D 1155 -34.38 -26.84 -61.10
CA VAL D 1155 -33.78 -27.89 -60.27
C VAL D 1155 -33.98 -27.58 -58.79
N ALA D 1156 -33.92 -26.30 -58.41
CA ALA D 1156 -34.12 -25.96 -57.00
C ALA D 1156 -35.56 -26.17 -56.56
N VAL D 1157 -36.47 -26.33 -57.53
CA VAL D 1157 -37.85 -26.65 -57.17
C VAL D 1157 -38.12 -28.15 -57.30
N PHE D 1158 -37.49 -28.82 -58.26
CA PHE D 1158 -37.80 -30.21 -58.54
C PHE D 1158 -36.93 -31.20 -57.79
N ARG D 1159 -35.85 -30.75 -57.19
CA ARG D 1159 -34.99 -31.72 -56.53
C ARG D 1159 -34.69 -31.37 -55.08
N TYR D 1160 -34.57 -30.08 -54.76
CA TYR D 1160 -34.28 -29.65 -53.40
C TYR D 1160 -35.51 -29.12 -52.68
N LEU D 1161 -36.69 -29.59 -53.04
CA LEU D 1161 -37.92 -29.16 -52.36
C LEU D 1161 -38.53 -30.26 -51.50
N PHE D 1162 -38.50 -31.51 -51.97
CA PHE D 1162 -38.88 -32.62 -51.12
C PHE D 1162 -38.12 -32.56 -49.80
N TRP D 1163 -36.84 -32.21 -49.87
CA TRP D 1163 -36.01 -31.97 -48.70
C TRP D 1163 -36.28 -30.64 -48.04
N LEU D 1164 -37.38 -29.97 -48.43
CA LEU D 1164 -37.99 -28.91 -47.63
C LEU D 1164 -39.38 -29.25 -47.17
N VAL D 1165 -40.11 -30.08 -47.93
CA VAL D 1165 -41.37 -30.64 -47.43
C VAL D 1165 -41.12 -31.41 -46.13
N LEU D 1166 -39.99 -32.11 -46.06
CA LEU D 1166 -39.68 -32.83 -44.83
C LEU D 1166 -39.49 -31.87 -43.65
N VAL D 1167 -38.80 -30.75 -43.86
CA VAL D 1167 -38.59 -29.81 -42.76
C VAL D 1167 -39.89 -29.12 -42.39
N VAL D 1168 -40.74 -28.84 -43.37
CA VAL D 1168 -42.05 -28.27 -43.05
C VAL D 1168 -42.87 -29.23 -42.22
N VAL D 1169 -42.88 -30.51 -42.57
CA VAL D 1169 -43.60 -31.50 -41.77
C VAL D 1169 -43.07 -31.52 -40.35
N PHE D 1170 -41.74 -31.53 -40.21
CA PHE D 1170 -41.16 -31.54 -38.87
C PHE D 1170 -41.59 -30.33 -38.06
N VAL D 1171 -41.51 -29.14 -38.65
CA VAL D 1171 -41.86 -27.94 -37.89
C VAL D 1171 -43.34 -27.93 -37.55
N ALA D 1172 -44.19 -28.34 -38.49
CA ALA D 1172 -45.62 -28.42 -38.21
C ALA D 1172 -45.90 -29.33 -37.03
N GLY D 1173 -45.21 -30.45 -36.96
CA GLY D 1173 -45.36 -31.32 -35.81
C GLY D 1173 -44.83 -30.72 -34.52
N ALA D 1174 -43.73 -29.99 -34.60
CA ALA D 1174 -43.04 -29.61 -33.38
C ALA D 1174 -43.38 -28.21 -32.89
N THR D 1175 -44.30 -27.51 -33.57
CA THR D 1175 -44.71 -26.21 -33.07
C THR D 1175 -46.11 -26.25 -32.44
N ARG D 1176 -47.02 -27.03 -33.01
CA ARG D 1176 -48.31 -27.31 -32.37
C ARG D 1176 -48.13 -28.56 -31.52
N ILE D 1177 -48.14 -28.41 -30.20
CA ILE D 1177 -47.67 -29.46 -29.31
C ILE D 1177 -48.73 -30.52 -29.08
N SER D 1178 -49.87 -30.42 -29.75
CA SER D 1178 -50.93 -31.40 -29.60
C SER D 1178 -50.43 -32.80 -29.96
N ILE D 1179 -51.20 -33.82 -29.57
CA ILE D 1179 -50.84 -35.16 -30.01
C ILE D 1179 -51.42 -35.44 -31.38
N PHE D 1180 -50.88 -34.75 -32.38
CA PHE D 1180 -50.93 -35.12 -33.78
C PHE D 1180 -49.59 -34.76 -34.38
N GLY D 1181 -48.95 -33.75 -33.78
CA GLY D 1181 -47.62 -33.34 -34.10
C GLY D 1181 -46.64 -34.47 -33.89
N LEU D 1182 -46.86 -35.30 -32.86
CA LEU D 1182 -46.04 -36.48 -32.72
C LEU D 1182 -46.18 -37.40 -33.93
N GLY D 1183 -47.37 -37.44 -34.53
CA GLY D 1183 -47.51 -38.14 -35.79
C GLY D 1183 -46.63 -37.53 -36.88
N TYR D 1184 -46.57 -36.20 -36.94
CA TYR D 1184 -45.69 -35.56 -37.91
C TYR D 1184 -44.23 -35.86 -37.62
N LEU D 1185 -43.84 -35.90 -36.35
CA LEU D 1185 -42.45 -36.24 -36.05
C LEU D 1185 -42.14 -37.65 -36.51
N LEU D 1186 -43.06 -38.58 -36.31
CA LEU D 1186 -42.85 -39.93 -36.83
C LEU D 1186 -42.76 -39.94 -38.35
N ALA D 1187 -43.62 -39.16 -39.02
CA ALA D 1187 -43.60 -39.12 -40.48
C ALA D 1187 -42.30 -38.53 -41.01
N CYS D 1188 -41.84 -37.45 -40.41
CA CYS D 1188 -40.58 -36.85 -40.82
C CYS D 1188 -39.41 -37.81 -40.57
N PHE D 1189 -39.37 -38.43 -39.40
CA PHE D 1189 -38.28 -39.35 -39.10
C PHE D 1189 -38.29 -40.54 -40.03
N TYR D 1190 -39.48 -40.96 -40.49
CA TYR D 1190 -39.52 -42.09 -41.40
C TYR D 1190 -39.07 -41.70 -42.79
N LEU D 1191 -39.65 -40.64 -43.35
CA LEU D 1191 -39.28 -40.25 -44.71
C LEU D 1191 -37.81 -39.88 -44.80
N LEU D 1192 -37.31 -39.16 -43.80
CA LEU D 1192 -35.93 -38.71 -43.81
C LEU D 1192 -34.94 -39.86 -43.84
N LEU D 1193 -35.32 -41.03 -43.32
CA LEU D 1193 -34.52 -42.24 -43.44
C LEU D 1193 -34.78 -43.01 -44.72
N PHE D 1194 -35.82 -42.65 -45.47
CA PHE D 1194 -36.15 -43.41 -46.68
C PHE D 1194 -36.57 -42.51 -47.83
N GLY D 1195 -36.42 -41.19 -47.72
CA GLY D 1195 -36.71 -40.33 -48.85
C GLY D 1195 -35.75 -40.55 -50.00
N THR D 1196 -34.46 -40.68 -49.69
CA THR D 1196 -33.45 -40.83 -50.74
C THR D 1196 -33.70 -42.10 -51.55
N THR D 1197 -34.32 -43.10 -50.94
CA THR D 1197 -34.73 -44.28 -51.69
C THR D 1197 -36.18 -44.22 -52.13
N LEU D 1198 -36.99 -43.34 -51.52
CA LEU D 1198 -38.34 -43.12 -52.02
C LEU D 1198 -38.32 -42.50 -53.41
N LEU D 1199 -37.45 -41.51 -53.61
CA LEU D 1199 -37.34 -40.88 -54.93
C LEU D 1199 -36.97 -41.92 -56.00
N GLN D 1200 -36.16 -42.91 -55.65
CA GLN D 1200 -35.74 -43.92 -56.61
C GLN D 1200 -36.90 -44.76 -57.11
N LYS D 1201 -37.99 -44.82 -56.36
CA LYS D 1201 -39.14 -45.62 -56.79
C LYS D 1201 -39.83 -44.97 -57.98
N ASP D 1202 -40.58 -45.78 -58.72
CA ASP D 1202 -41.40 -45.26 -59.80
C ASP D 1202 -42.57 -44.48 -59.21
N THR D 1203 -43.35 -43.87 -60.11
CA THR D 1203 -44.41 -42.97 -59.67
C THR D 1203 -45.50 -43.69 -58.87
N ARG D 1204 -45.67 -44.99 -59.07
CA ARG D 1204 -46.76 -45.72 -58.42
C ARG D 1204 -46.63 -45.68 -56.90
N ALA D 1205 -45.56 -46.25 -56.37
CA ALA D 1205 -45.38 -46.30 -54.92
C ALA D 1205 -45.24 -44.90 -54.34
N GLN D 1206 -44.57 -44.00 -55.08
CA GLN D 1206 -44.44 -42.62 -54.63
C GLN D 1206 -45.79 -41.99 -54.39
N LEU D 1207 -46.68 -42.06 -55.38
CA LEU D 1207 -47.99 -41.44 -55.22
C LEU D 1207 -48.82 -42.16 -54.18
N VAL D 1208 -48.65 -43.48 -54.03
CA VAL D 1208 -49.41 -44.20 -53.01
C VAL D 1208 -49.03 -43.71 -51.62
N LEU D 1209 -47.73 -43.67 -51.33
CA LEU D 1209 -47.30 -43.25 -50.00
C LEU D 1209 -47.57 -41.78 -49.76
N TRP D 1210 -47.46 -40.96 -50.81
CA TRP D 1210 -47.73 -39.53 -50.65
C TRP D 1210 -49.22 -39.28 -50.42
N ASP D 1211 -50.08 -40.06 -51.09
CA ASP D 1211 -51.50 -40.01 -50.78
C ASP D 1211 -51.75 -40.41 -49.33
N CYS D 1212 -51.02 -41.42 -48.84
CA CYS D 1212 -51.18 -41.81 -47.44
C CYS D 1212 -50.84 -40.65 -46.51
N LEU D 1213 -49.74 -39.96 -46.77
CA LEU D 1213 -49.36 -38.85 -45.90
C LEU D 1213 -50.34 -37.70 -46.00
N ILE D 1214 -50.81 -37.39 -47.21
CA ILE D 1214 -51.82 -36.33 -47.36
C ILE D 1214 -53.09 -36.68 -46.61
N LEU D 1215 -53.50 -37.95 -46.69
CA LEU D 1215 -54.71 -38.38 -46.00
C LEU D 1215 -54.53 -38.28 -44.49
N TYR D 1216 -53.35 -38.62 -43.98
CA TYR D 1216 -53.12 -38.46 -42.55
C TYR D 1216 -53.19 -36.99 -42.15
N ASN D 1217 -52.62 -36.11 -42.96
CA ASN D 1217 -52.66 -34.69 -42.64
C ASN D 1217 -54.10 -34.16 -42.65
N VAL D 1218 -54.90 -34.56 -43.63
CA VAL D 1218 -56.28 -34.08 -43.67
C VAL D 1218 -57.07 -34.70 -42.53
N THR D 1219 -56.74 -35.92 -42.13
CA THR D 1219 -57.36 -36.50 -40.93
C THR D 1219 -57.05 -35.66 -39.71
N VAL D 1220 -55.81 -35.19 -39.59
CA VAL D 1220 -55.44 -34.34 -38.47
C VAL D 1220 -56.26 -33.06 -38.47
N ILE D 1221 -56.40 -32.41 -39.63
CA ILE D 1221 -57.09 -31.13 -39.64
C ILE D 1221 -58.59 -31.32 -39.37
N ILE D 1222 -59.19 -32.37 -39.93
CA ILE D 1222 -60.61 -32.61 -39.68
C ILE D 1222 -60.85 -33.01 -38.22
N SER D 1223 -59.94 -33.80 -37.65
CA SER D 1223 -60.06 -34.15 -36.24
C SER D 1223 -59.91 -32.93 -35.34
N LYS D 1224 -59.03 -31.99 -35.71
CA LYS D 1224 -58.94 -30.76 -34.93
C LYS D 1224 -60.23 -29.96 -35.03
N ASN D 1225 -60.83 -29.93 -36.21
CA ASN D 1225 -62.15 -29.32 -36.34
C ASN D 1225 -63.17 -29.98 -35.41
N MET D 1226 -63.20 -31.31 -35.40
CA MET D 1226 -64.11 -32.02 -34.51
C MET D 1226 -63.87 -31.66 -33.05
N LEU D 1227 -62.63 -31.78 -32.59
CA LEU D 1227 -62.29 -31.51 -31.20
C LEU D 1227 -62.47 -30.04 -30.83
N SER D 1228 -62.63 -29.15 -31.82
CA SER D 1228 -63.02 -27.79 -31.47
C SER D 1228 -64.34 -27.75 -30.72
N LEU D 1229 -65.18 -28.78 -30.85
CA LEU D 1229 -66.37 -28.89 -30.03
C LEU D 1229 -66.03 -28.89 -28.54
N LEU D 1230 -64.90 -29.48 -28.18
CA LEU D 1230 -64.50 -29.50 -26.78
C LEU D 1230 -64.10 -28.12 -26.29
N SER D 1231 -64.18 -27.10 -27.14
CA SER D 1231 -64.00 -25.72 -26.67
C SER D 1231 -65.29 -25.11 -26.15
N CYS D 1232 -66.44 -25.71 -26.43
CA CYS D 1232 -67.72 -25.23 -25.89
C CYS D 1232 -68.04 -25.90 -24.57
N VAL D 1233 -68.07 -27.24 -24.55
CA VAL D 1233 -68.17 -27.97 -23.29
C VAL D 1233 -66.78 -27.99 -22.65
N PHE D 1234 -66.53 -27.00 -21.80
CA PHE D 1234 -65.17 -26.66 -21.40
C PHE D 1234 -65.07 -26.41 -19.90
N CYS D 1243 -59.06 -32.12 -17.97
CA CYS D 1243 -57.80 -31.52 -17.56
C CYS D 1243 -56.63 -32.12 -18.33
N TRP D 1244 -56.25 -33.34 -17.96
CA TRP D 1244 -55.15 -33.99 -18.66
C TRP D 1244 -55.49 -34.21 -20.13
N VAL D 1245 -56.76 -34.50 -20.44
CA VAL D 1245 -57.14 -34.71 -21.83
C VAL D 1245 -56.98 -33.43 -22.63
N ILE D 1246 -57.44 -32.30 -22.08
CA ILE D 1246 -57.31 -31.05 -22.83
C ILE D 1246 -55.85 -30.64 -22.95
N GLN D 1247 -55.03 -30.92 -21.94
CA GLN D 1247 -53.60 -30.68 -22.09
C GLN D 1247 -53.02 -31.55 -23.20
N LEU D 1248 -53.45 -32.80 -23.27
CA LEU D 1248 -52.83 -33.77 -24.17
C LEU D 1248 -53.28 -33.59 -25.60
N PHE D 1249 -54.45 -33.01 -25.84
CA PHE D 1249 -54.86 -32.69 -27.21
C PHE D 1249 -54.73 -31.21 -27.54
N SER D 1250 -54.32 -30.37 -26.59
CA SER D 1250 -54.02 -28.96 -26.83
C SER D 1250 -55.23 -28.21 -27.41
N LEU D 1251 -56.29 -28.16 -26.61
CA LEU D 1251 -57.45 -27.33 -26.95
C LEU D 1251 -57.39 -26.00 -26.21
N ILE D 1281 -52.58 -23.00 -38.40
CA ILE D 1281 -51.92 -22.69 -39.67
C ILE D 1281 -50.86 -23.72 -40.03
N TRP D 1282 -49.98 -24.07 -39.08
CA TRP D 1282 -48.84 -24.91 -39.40
C TRP D 1282 -49.26 -26.28 -39.90
N ASP D 1283 -50.46 -26.72 -39.60
CA ASP D 1283 -50.96 -27.99 -40.09
C ASP D 1283 -51.66 -27.84 -41.43
N SER D 1284 -51.56 -26.67 -42.04
CA SER D 1284 -52.07 -26.40 -43.38
C SER D 1284 -51.00 -26.01 -44.38
N ILE D 1285 -49.93 -25.35 -43.93
CA ILE D 1285 -48.81 -25.10 -44.82
C ILE D 1285 -48.17 -26.42 -45.24
N CYS D 1286 -48.17 -27.41 -44.33
CA CYS D 1286 -47.75 -28.75 -44.69
C CYS D 1286 -48.65 -29.33 -45.77
N PHE D 1287 -49.95 -29.07 -45.69
CA PHE D 1287 -50.86 -29.51 -46.74
C PHE D 1287 -50.51 -28.87 -48.07
N PHE D 1288 -50.21 -27.57 -48.05
CA PHE D 1288 -49.85 -26.87 -49.27
C PHE D 1288 -48.62 -27.50 -49.91
N PHE D 1289 -47.58 -27.73 -49.11
CA PHE D 1289 -46.35 -28.31 -49.65
C PHE D 1289 -46.57 -29.75 -50.12
N LEU D 1290 -47.40 -30.52 -49.41
CA LEU D 1290 -47.67 -31.89 -49.83
C LEU D 1290 -48.38 -31.92 -51.18
N LEU D 1291 -49.39 -31.08 -51.37
CA LEU D 1291 -50.05 -31.04 -52.67
C LEU D 1291 -49.09 -30.57 -53.76
N LEU D 1292 -48.25 -29.58 -53.46
CA LEU D 1292 -47.32 -29.11 -54.49
C LEU D 1292 -46.37 -30.22 -54.89
N GLN D 1293 -45.84 -30.95 -53.92
CA GLN D 1293 -44.90 -32.04 -54.24
C GLN D 1293 -45.59 -33.20 -54.93
N ARG D 1294 -46.85 -33.47 -54.59
CA ARG D 1294 -47.58 -34.52 -55.29
C ARG D 1294 -47.86 -34.12 -56.73
N ARG D 1295 -48.05 -32.84 -56.99
CA ARG D 1295 -48.15 -32.39 -58.37
C ARG D 1295 -46.82 -32.52 -59.09
N ILE D 1296 -45.72 -32.23 -58.39
CA ILE D 1296 -44.40 -32.35 -58.99
C ILE D 1296 -44.12 -33.78 -59.42
N PHE D 1297 -44.41 -34.74 -58.53
CA PHE D 1297 -44.08 -36.15 -58.81
C PHE D 1297 -44.59 -36.60 -60.17
N LEU D 1298 -45.91 -36.56 -60.37
CA LEU D 1298 -46.47 -37.11 -61.59
C LEU D 1298 -46.03 -36.34 -62.83
N SER D 1299 -45.49 -35.14 -62.66
CA SER D 1299 -45.14 -34.30 -63.79
C SER D 1299 -43.99 -34.91 -64.60
N HIS D 1300 -43.92 -34.55 -65.88
CA HIS D 1300 -42.85 -35.03 -66.73
C HIS D 1300 -41.50 -34.47 -66.29
N TYR D 1301 -41.45 -33.22 -65.87
CA TYR D 1301 -40.18 -32.58 -65.53
C TYR D 1301 -39.52 -33.18 -64.31
N PHE D 1302 -40.10 -34.23 -63.71
CA PHE D 1302 -39.44 -34.92 -62.62
C PHE D 1302 -38.79 -36.22 -63.07
N LEU D 1303 -39.19 -36.74 -64.23
CA LEU D 1303 -38.61 -37.98 -64.71
C LEU D 1303 -37.11 -37.88 -64.91
N HIS D 1304 -36.62 -36.74 -65.39
CA HIS D 1304 -35.19 -36.59 -65.63
C HIS D 1304 -34.40 -36.58 -64.34
N VAL D 1305 -34.93 -35.93 -63.30
CA VAL D 1305 -34.22 -35.93 -62.02
C VAL D 1305 -34.30 -37.31 -61.36
N SER D 1306 -35.39 -38.04 -61.56
CA SER D 1306 -35.42 -39.41 -61.06
C SER D 1306 -34.38 -40.27 -61.78
N ALA D 1307 -34.22 -40.06 -63.09
CA ALA D 1307 -33.18 -40.76 -63.83
C ALA D 1307 -31.79 -40.39 -63.31
N ASP D 1308 -31.59 -39.12 -62.97
CA ASP D 1308 -30.33 -38.68 -62.38
C ASP D 1308 -30.06 -39.41 -61.06
N LEU D 1309 -31.08 -39.53 -60.21
CA LEU D 1309 -30.90 -40.27 -58.97
C LEU D 1309 -30.58 -41.74 -59.22
N LYS D 1310 -31.25 -42.36 -60.19
CA LYS D 1310 -30.89 -43.74 -60.53
C LYS D 1310 -29.45 -43.83 -60.98
N ALA D 1311 -29.00 -42.87 -61.79
CA ALA D 1311 -27.62 -42.87 -62.25
C ALA D 1311 -26.65 -42.74 -61.08
N THR D 1312 -26.97 -41.86 -60.12
CA THR D 1312 -26.10 -41.73 -58.95
C THR D 1312 -26.07 -43.01 -58.13
N ALA D 1313 -27.22 -43.67 -57.99
CA ALA D 1313 -27.26 -44.92 -57.24
C ALA D 1313 -26.37 -45.98 -57.90
N LEU D 1314 -26.41 -46.06 -59.23
CA LEU D 1314 -25.55 -47.03 -59.91
C LEU D 1314 -24.08 -46.61 -59.90
N GLN D 1315 -23.82 -45.30 -59.88
CA GLN D 1315 -22.47 -44.78 -59.91
C GLN D 1315 -21.80 -44.76 -58.53
N ALA D 1316 -22.55 -45.07 -57.48
CA ALA D 1316 -22.00 -45.04 -56.13
C ALA D 1316 -20.70 -45.83 -56.01
N SER D 1317 -20.63 -46.99 -56.66
CA SER D 1317 -19.50 -47.89 -56.46
C SER D 1317 -18.19 -47.26 -56.90
N ARG D 1318 -18.21 -46.51 -58.01
CA ARG D 1318 -16.96 -45.96 -58.56
C ARG D 1318 -16.29 -45.01 -57.58
N GLY D 1319 -17.08 -44.20 -56.88
CA GLY D 1319 -16.51 -43.23 -55.96
C GLY D 1319 -15.66 -43.87 -54.89
N PHE D 1320 -16.01 -45.07 -54.46
CA PHE D 1320 -15.24 -45.76 -53.44
C PHE D 1320 -13.85 -46.10 -53.94
N ALA D 1321 -13.75 -46.64 -55.16
CA ALA D 1321 -12.45 -46.91 -55.74
C ALA D 1321 -11.66 -45.63 -55.96
N LEU D 1322 -12.33 -44.57 -56.38
CA LEU D 1322 -11.65 -43.30 -56.56
C LEU D 1322 -11.07 -42.80 -55.25
N TYR D 1323 -11.83 -42.91 -54.17
CA TYR D 1323 -11.36 -42.45 -52.87
C TYR D 1323 -10.21 -43.32 -52.37
N ASN D 1324 -10.27 -44.63 -52.60
CA ASN D 1324 -9.15 -45.49 -52.23
C ASN D 1324 -7.90 -45.10 -53.01
N ALA D 1325 -8.06 -44.76 -54.28
CA ALA D 1325 -6.91 -44.31 -55.07
C ALA D 1325 -6.32 -43.03 -54.48
N ALA D 1326 -7.18 -42.09 -54.08
CA ALA D 1326 -6.68 -40.86 -53.47
C ALA D 1326 -5.94 -41.14 -52.17
N ASN D 1327 -6.48 -42.03 -51.33
CA ASN D 1327 -5.82 -42.37 -50.08
C ASN D 1327 -4.47 -43.03 -50.32
N LEU D 1328 -4.40 -43.95 -51.28
CA LEU D 1328 -3.13 -44.60 -51.55
C LEU D 1328 -2.12 -43.61 -52.13
N LYS D 1329 -2.57 -42.66 -52.93
CA LYS D 1329 -1.67 -41.63 -53.42
C LYS D 1329 -1.10 -40.81 -52.26
N SER D 1330 -1.95 -40.41 -51.33
CA SER D 1330 -1.48 -39.62 -50.19
C SER D 1330 -0.53 -40.43 -49.32
N ILE D 1331 -0.85 -41.70 -49.08
CA ILE D 1331 0.01 -42.55 -48.25
C ILE D 1331 1.36 -42.74 -48.92
N ASN D 1332 1.37 -42.97 -50.24
CA ASN D 1332 2.64 -43.10 -50.94
C ASN D 1332 3.44 -41.82 -50.86
N PHE D 1333 2.78 -40.68 -51.01
CA PHE D 1333 3.47 -39.39 -50.92
C PHE D 1333 4.12 -39.21 -49.56
N HIS D 1334 3.39 -39.54 -48.49
CA HIS D 1334 3.94 -39.33 -47.16
C HIS D 1334 5.04 -40.33 -46.85
N ARG D 1335 4.93 -41.57 -47.35
CA ARG D 1335 6.03 -42.51 -47.22
C ARG D 1335 7.26 -41.98 -47.92
N GLN D 1336 7.10 -41.40 -49.10
CA GLN D 1336 8.23 -40.83 -49.83
C GLN D 1336 8.88 -39.70 -49.03
N ILE D 1337 8.07 -38.79 -48.49
CA ILE D 1337 8.66 -37.65 -47.78
C ILE D 1337 9.33 -38.11 -46.49
N GLU D 1338 8.75 -39.10 -45.81
CA GLU D 1338 9.39 -39.65 -44.61
C GLU D 1338 10.71 -40.31 -44.97
N GLU D 1339 10.75 -41.05 -46.08
CA GLU D 1339 12.00 -41.67 -46.50
C GLU D 1339 13.06 -40.63 -46.79
N LYS D 1340 12.68 -39.55 -47.47
CA LYS D 1340 13.63 -38.48 -47.75
C LYS D 1340 14.17 -37.88 -46.46
N SER D 1341 13.29 -37.58 -45.51
CA SER D 1341 13.74 -36.98 -44.26
C SER D 1341 14.67 -37.91 -43.49
N LEU D 1342 14.34 -39.21 -43.45
CA LEU D 1342 15.18 -40.13 -42.69
C LEU D 1342 16.52 -40.33 -43.38
N ALA D 1343 16.54 -40.31 -44.71
CA ALA D 1343 17.83 -40.33 -45.41
C ALA D 1343 18.64 -39.08 -45.08
N GLN D 1344 17.98 -37.93 -45.00
CA GLN D 1344 18.67 -36.71 -44.59
C GLN D 1344 19.32 -36.89 -43.23
N LEU D 1345 18.55 -37.38 -42.25
CA LEU D 1345 19.09 -37.54 -40.91
C LEU D 1345 20.26 -38.53 -40.89
N LYS D 1346 20.13 -39.64 -41.62
CA LYS D 1346 21.20 -40.62 -41.66
C LYS D 1346 22.47 -40.02 -42.25
N ARG D 1347 22.33 -39.26 -43.34
CA ARG D 1347 23.51 -38.62 -43.94
C ARG D 1347 24.14 -37.63 -42.97
N GLN D 1348 23.32 -36.86 -42.25
CA GLN D 1348 23.86 -35.90 -41.30
C GLN D 1348 24.66 -36.61 -40.22
N MET D 1349 24.15 -37.71 -39.70
CA MET D 1349 24.88 -38.43 -38.67
C MET D 1349 26.15 -39.05 -39.22
N LYS D 1350 26.12 -39.48 -40.47
CA LYS D 1350 27.35 -39.96 -41.10
C LYS D 1350 28.40 -38.86 -41.14
N ARG D 1351 27.99 -37.65 -41.53
CA ARG D 1351 28.93 -36.53 -41.58
C ARG D 1351 29.50 -36.22 -40.20
N ILE D 1352 28.63 -36.14 -39.20
CA ILE D 1352 29.10 -35.78 -37.86
C ILE D 1352 30.06 -36.83 -37.32
N ARG D 1353 29.72 -38.11 -37.51
CA ARG D 1353 30.61 -39.15 -37.01
C ARG D 1353 31.94 -39.16 -37.76
N ALA D 1354 31.93 -38.86 -39.05
CA ALA D 1354 33.18 -38.75 -39.79
C ALA D 1354 34.05 -37.64 -39.21
N LYS D 1355 33.45 -36.48 -38.95
CA LYS D 1355 34.22 -35.37 -38.40
C LYS D 1355 34.77 -35.71 -37.02
N GLN D 1356 33.97 -36.37 -36.19
CA GLN D 1356 34.43 -36.73 -34.85
C GLN D 1356 35.56 -37.77 -34.92
N GLU D 1357 35.47 -38.70 -35.86
CA GLU D 1357 36.55 -39.66 -36.02
C GLU D 1357 37.83 -38.96 -36.46
N LYS D 1358 37.71 -37.99 -37.37
CA LYS D 1358 38.90 -37.25 -37.79
C LYS D 1358 39.53 -36.51 -36.61
N TYR D 1359 38.70 -35.88 -35.78
CA TYR D 1359 39.26 -35.17 -34.63
C TYR D 1359 39.91 -36.13 -33.63
N ARG D 1360 39.28 -37.29 -33.39
CA ARG D 1360 39.89 -38.26 -32.48
C ARG D 1360 41.24 -38.72 -33.01
N GLN D 1361 41.31 -39.04 -34.30
CA GLN D 1361 42.56 -39.47 -34.90
C GLN D 1361 43.61 -38.38 -34.79
N SER D 1362 43.22 -37.13 -35.04
CA SER D 1362 44.18 -36.03 -34.98
C SER D 1362 44.70 -35.83 -33.57
N GLN D 1363 43.83 -35.87 -32.56
CA GLN D 1363 44.29 -35.60 -31.21
C GLN D 1363 45.02 -36.80 -30.62
N ALA D 1364 44.85 -37.99 -31.18
CA ALA D 1364 45.60 -39.14 -30.71
C ALA D 1364 47.10 -38.91 -30.83
N SER D 1365 47.52 -38.35 -31.96
CA SER D 1365 48.92 -38.00 -32.20
C SER D 1365 49.86 -39.19 -32.02
N ASP D 1402 34.68 -39.06 -15.53
CA ASP D 1402 35.10 -39.33 -16.90
C ASP D 1402 34.10 -38.75 -17.90
N HIS D 1403 33.26 -37.85 -17.41
CA HIS D 1403 32.29 -37.13 -18.23
C HIS D 1403 32.59 -35.64 -18.27
N ALA D 1404 32.86 -35.05 -17.11
CA ALA D 1404 33.36 -33.69 -17.09
C ALA D 1404 34.63 -33.57 -17.91
N THR D 1405 35.43 -34.65 -17.97
CA THR D 1405 36.63 -34.62 -18.79
C THR D 1405 36.27 -34.49 -20.26
N VAL D 1406 35.22 -35.17 -20.72
CA VAL D 1406 34.92 -35.08 -22.15
C VAL D 1406 34.20 -33.78 -22.47
N ILE D 1407 33.48 -33.20 -21.51
CA ILE D 1407 32.95 -31.86 -21.75
C ILE D 1407 34.07 -30.83 -21.80
N HIS D 1408 35.06 -30.95 -20.91
CA HIS D 1408 36.17 -30.01 -20.86
C HIS D 1408 37.34 -30.48 -21.72
N SER D 1409 37.06 -30.82 -22.97
CA SER D 1409 38.09 -31.21 -23.92
C SER D 1409 37.88 -30.41 -25.20
N GLY D 1410 38.40 -29.20 -25.23
CA GLY D 1410 38.33 -28.40 -26.43
C GLY D 1410 39.59 -27.60 -26.63
N ASP D 1411 40.27 -27.80 -27.76
CA ASP D 1411 41.44 -27.02 -28.10
C ASP D 1411 41.23 -26.34 -29.44
N TYR D 1412 42.16 -25.48 -29.81
CA TYR D 1412 42.02 -24.80 -31.08
C TYR D 1412 42.10 -25.75 -32.26
N PHE D 1413 42.56 -26.98 -32.06
CA PHE D 1413 42.63 -27.88 -33.20
C PHE D 1413 41.26 -28.33 -33.67
N LEU D 1414 40.20 -28.08 -32.89
CA LEU D 1414 38.87 -28.41 -33.35
C LEU D 1414 38.38 -27.43 -34.41
N PHE D 1415 38.69 -26.15 -34.24
CA PHE D 1415 38.12 -25.09 -35.06
C PHE D 1415 38.89 -24.83 -36.33
N GLU D 1416 39.99 -25.53 -36.58
CA GLU D 1416 40.73 -25.28 -37.81
C GLU D 1416 39.95 -25.80 -39.00
N SER D 1417 40.23 -25.22 -40.17
CA SER D 1417 39.41 -25.43 -41.36
C SER D 1417 39.39 -26.89 -41.80
N ASP D 1418 38.22 -27.52 -41.74
CA ASP D 1418 38.04 -28.89 -42.21
C ASP D 1418 37.58 -28.88 -43.66
N SER D 1419 38.38 -28.21 -44.49
CA SER D 1419 38.09 -28.06 -45.92
C SER D 1419 36.72 -27.44 -46.16
N GLU D 1420 36.24 -26.65 -45.19
CA GLU D 1420 34.92 -26.02 -45.25
C GLU D 1420 33.83 -27.06 -45.50
N GLU D 1421 33.96 -28.21 -44.85
CA GLU D 1421 33.00 -29.30 -45.03
C GLU D 1421 32.87 -30.13 -43.76
N GLY D 1509 -10.64 -1.97 -54.45
CA GLY D 1509 -10.51 -3.06 -53.49
C GLY D 1509 -11.57 -4.12 -53.65
N GLN D 1510 -12.26 -4.11 -54.79
CA GLN D 1510 -13.30 -5.08 -55.06
C GLN D 1510 -12.75 -6.49 -55.20
N ALA D 1511 -11.44 -6.65 -55.41
CA ALA D 1511 -10.85 -7.96 -55.62
C ALA D 1511 -10.80 -8.81 -54.35
N THR D 1512 -11.18 -8.24 -53.21
CA THR D 1512 -11.17 -9.02 -51.97
C THR D 1512 -12.15 -10.18 -52.05
N VAL D 1513 -13.35 -9.94 -52.59
CA VAL D 1513 -14.32 -11.01 -52.73
C VAL D 1513 -13.82 -12.07 -53.71
N ASP D 1514 -13.12 -11.65 -54.77
CA ASP D 1514 -12.54 -12.60 -55.71
C ASP D 1514 -11.48 -13.46 -55.03
N GLY D 1515 -10.65 -12.84 -54.19
CA GLY D 1515 -9.67 -13.61 -53.44
C GLY D 1515 -10.31 -14.58 -52.48
N LEU D 1516 -11.38 -14.16 -51.81
CA LEU D 1516 -12.10 -15.09 -50.93
C LEU D 1516 -12.66 -16.26 -51.71
N THR D 1517 -13.27 -15.99 -52.88
CA THR D 1517 -13.82 -17.07 -53.69
C THR D 1517 -12.73 -18.03 -54.15
N ARG D 1518 -11.58 -17.49 -54.59
CA ARG D 1518 -10.52 -18.37 -55.06
C ARG D 1518 -9.93 -19.18 -53.91
N TRP D 1519 -9.87 -18.60 -52.72
CA TRP D 1519 -9.38 -19.35 -51.56
C TRP D 1519 -10.35 -20.46 -51.19
N LEU D 1520 -11.65 -20.19 -51.23
CA LEU D 1520 -12.63 -21.23 -50.98
C LEU D 1520 -12.52 -22.34 -52.02
N ARG D 1521 -12.34 -21.96 -53.29
CA ARG D 1521 -12.13 -22.96 -54.32
C ARG D 1521 -10.84 -23.74 -54.07
N ALA D 1522 -9.82 -23.10 -53.50
CA ALA D 1522 -8.61 -23.83 -53.16
C ALA D 1522 -8.89 -24.87 -52.08
N PHE D 1523 -9.70 -24.51 -51.09
CA PHE D 1523 -10.07 -25.49 -50.06
C PHE D 1523 -10.85 -26.66 -50.66
N THR D 1524 -11.76 -26.38 -51.58
CA THR D 1524 -12.70 -27.39 -52.06
C THR D 1524 -12.35 -27.95 -53.43
N LYS D 1525 -11.14 -27.69 -53.93
CA LYS D 1525 -10.74 -28.18 -55.24
C LYS D 1525 -10.81 -29.69 -55.33
N HIS D 1526 -10.49 -30.38 -54.23
CA HIS D 1526 -10.52 -31.83 -54.24
C HIS D 1526 -11.92 -32.33 -54.56
N HIS D 1527 -12.91 -31.84 -53.82
CA HIS D 1527 -14.28 -32.26 -54.09
C HIS D 1527 -14.78 -31.72 -55.42
N ARG D 1528 -14.31 -30.55 -55.85
CA ARG D 1528 -14.76 -30.01 -57.14
C ARG D 1528 -14.32 -30.91 -58.28
N THR D 1529 -13.04 -31.28 -58.31
CA THR D 1529 -12.55 -32.16 -59.36
C THR D 1529 -13.20 -33.54 -59.26
N MET D 1530 -13.35 -34.05 -58.05
CA MET D 1530 -13.98 -35.35 -57.87
C MET D 1530 -15.41 -35.34 -58.40
N SER D 1531 -16.17 -34.30 -58.06
CA SER D 1531 -17.54 -34.19 -58.53
C SER D 1531 -17.60 -33.99 -60.04
N ASP D 1532 -16.65 -33.24 -60.60
CA ASP D 1532 -16.64 -33.07 -62.05
C ASP D 1532 -16.44 -34.40 -62.75
N VAL D 1533 -15.50 -35.20 -62.26
CA VAL D 1533 -15.28 -36.52 -62.87
C VAL D 1533 -16.52 -37.39 -62.71
N LEU D 1534 -17.10 -37.40 -61.50
CA LEU D 1534 -18.26 -38.23 -61.25
C LEU D 1534 -19.44 -37.84 -62.12
N CYS D 1535 -19.66 -36.53 -62.29
CA CYS D 1535 -20.81 -36.08 -63.09
C CYS D 1535 -20.57 -36.31 -64.57
N ALA D 1536 -19.34 -36.11 -65.04
CA ALA D 1536 -19.04 -36.41 -66.42
C ALA D 1536 -19.32 -37.88 -66.72
N GLU D 1537 -18.89 -38.77 -65.82
CA GLU D 1537 -19.23 -40.17 -65.98
C GLU D 1537 -20.74 -40.38 -65.90
N ARG D 1538 -21.40 -39.66 -64.99
CA ARG D 1538 -22.81 -39.90 -64.70
C ARG D 1538 -23.69 -39.54 -65.88
N TYR D 1539 -23.33 -38.50 -66.63
CA TYR D 1539 -24.17 -38.10 -67.76
C TYR D 1539 -24.26 -39.19 -68.81
N LEU D 1540 -23.10 -39.71 -69.22
CA LEU D 1540 -23.08 -40.85 -70.13
C LEU D 1540 -23.74 -42.06 -69.51
N LEU D 1541 -23.54 -42.26 -68.20
CA LEU D 1541 -24.15 -43.39 -67.52
C LEU D 1541 -25.67 -43.36 -67.64
N THR D 1542 -26.28 -42.21 -67.36
CA THR D 1542 -27.73 -42.13 -67.42
C THR D 1542 -28.25 -42.14 -68.85
N GLN D 1543 -27.51 -41.53 -69.78
CA GLN D 1543 -27.96 -41.55 -71.16
C GLN D 1543 -27.91 -42.96 -71.74
N GLU D 1544 -26.98 -43.78 -71.27
CA GLU D 1544 -26.98 -45.19 -71.64
C GLU D 1544 -28.07 -45.96 -70.90
N LEU D 1545 -28.27 -45.64 -69.62
CA LEU D 1545 -29.29 -46.30 -68.83
C LEU D 1545 -30.68 -46.06 -69.38
N LEU D 1546 -30.88 -44.97 -70.11
CA LEU D 1546 -32.15 -44.67 -70.77
C LEU D 1546 -32.77 -45.91 -71.40
N ARG D 1547 -31.97 -46.68 -72.13
CA ARG D 1547 -32.53 -47.83 -72.82
C ARG D 1547 -32.62 -49.04 -71.89
N VAL D 1548 -31.48 -49.61 -71.51
CA VAL D 1548 -31.45 -50.71 -70.55
C VAL D 1548 -30.42 -50.50 -69.44
N GLY D 1549 -29.15 -50.32 -69.82
CA GLY D 1549 -28.04 -50.37 -68.90
C GLY D 1549 -27.47 -51.78 -68.88
N GLU D 1550 -26.36 -52.01 -69.57
CA GLU D 1550 -25.90 -53.37 -69.82
C GLU D 1550 -24.55 -53.70 -69.20
N VAL D 1551 -23.50 -52.94 -69.52
CA VAL D 1551 -22.13 -53.35 -69.24
C VAL D 1551 -21.46 -52.32 -68.32
N ARG D 1552 -20.84 -52.81 -67.26
CA ARG D 1552 -20.09 -51.95 -66.36
C ARG D 1552 -18.80 -51.44 -67.00
N ARG D 1553 -18.23 -52.22 -67.93
CA ARG D 1553 -17.01 -51.79 -68.61
C ARG D 1553 -17.28 -50.76 -69.69
N GLY D 1554 -18.51 -50.70 -70.20
CA GLY D 1554 -18.84 -49.71 -71.21
C GLY D 1554 -18.73 -48.29 -70.69
N VAL D 1555 -19.15 -48.07 -69.44
CA VAL D 1555 -19.22 -46.71 -68.92
C VAL D 1555 -17.83 -46.16 -68.60
N LEU D 1556 -16.85 -47.03 -68.40
CA LEU D 1556 -15.51 -46.57 -68.07
C LEU D 1556 -14.72 -46.20 -69.31
N ASP D 1557 -14.56 -47.14 -70.23
CA ASP D 1557 -13.62 -47.00 -71.34
C ASP D 1557 -14.21 -46.31 -72.56
N GLN D 1558 -15.51 -46.02 -72.56
CA GLN D 1558 -16.11 -45.42 -73.75
C GLN D 1558 -15.53 -44.05 -74.05
N LEU D 1559 -15.40 -43.22 -73.01
CA LEU D 1559 -14.86 -41.88 -73.19
C LEU D 1559 -13.33 -41.90 -73.08
N ALA D 1645 -7.14 -49.32 -66.63
CA ALA D 1645 -7.11 -48.03 -65.94
C ALA D 1645 -8.34 -47.88 -65.06
N SER D 1646 -8.50 -48.79 -64.10
CA SER D 1646 -9.68 -48.76 -63.24
C SER D 1646 -9.61 -47.60 -62.25
N GLU D 1647 -8.46 -47.40 -61.59
CA GLU D 1647 -8.33 -46.39 -60.56
C GLU D 1647 -7.27 -45.37 -60.92
N LEU D 1648 -7.63 -44.09 -60.79
CA LEU D 1648 -6.70 -42.98 -60.89
C LEU D 1648 -7.45 -41.73 -60.48
N LEU D 1649 -6.80 -40.88 -59.68
CA LEU D 1649 -7.48 -39.74 -59.08
C LEU D 1649 -8.05 -38.75 -60.09
N LEU D 1650 -7.18 -38.07 -60.83
CA LEU D 1650 -7.57 -37.04 -61.76
C LEU D 1650 -7.19 -37.46 -63.16
N ASP D 1651 -8.19 -37.76 -63.99
CA ASP D 1651 -7.94 -38.29 -65.32
C ASP D 1651 -8.68 -37.44 -66.34
N ARG D 1652 -8.18 -37.48 -67.58
CA ARG D 1652 -8.74 -36.69 -68.67
C ARG D 1652 -8.89 -37.56 -69.91
N ARG D 1653 -10.05 -37.45 -70.56
CA ARG D 1653 -10.34 -38.17 -71.79
C ARG D 1653 -11.14 -37.25 -72.68
N LEU D 1654 -11.80 -37.81 -73.70
CA LEU D 1654 -12.58 -37.02 -74.64
C LEU D 1654 -13.71 -36.28 -73.92
N HIS D 1655 -14.36 -35.38 -74.66
CA HIS D 1655 -15.32 -34.44 -74.09
C HIS D 1655 -16.75 -34.82 -74.45
N ILE D 1656 -17.67 -34.21 -73.74
CA ILE D 1656 -19.11 -34.29 -74.02
C ILE D 1656 -19.62 -32.86 -74.17
N PRO D 1657 -20.27 -32.52 -75.29
CA PRO D 1657 -20.61 -31.11 -75.55
C PRO D 1657 -21.52 -30.49 -74.51
N GLU D 1658 -22.48 -31.25 -73.97
CA GLU D 1658 -23.45 -30.66 -73.06
C GLU D 1658 -22.79 -30.15 -71.78
N LEU D 1659 -21.94 -30.97 -71.18
CA LEU D 1659 -21.32 -30.58 -69.91
C LEU D 1659 -20.34 -29.43 -70.10
N GLU D 1660 -19.53 -29.48 -71.15
CA GLU D 1660 -18.60 -28.38 -71.39
C GLU D 1660 -19.33 -27.09 -71.72
N GLU D 1661 -20.50 -27.17 -72.37
CA GLU D 1661 -21.34 -25.98 -72.50
C GLU D 1661 -21.82 -25.50 -71.14
N ALA D 1662 -22.25 -26.42 -70.30
CA ALA D 1662 -22.75 -26.06 -68.98
C ALA D 1662 -21.66 -25.47 -68.08
N GLU D 1663 -20.39 -25.81 -68.36
CA GLU D 1663 -19.31 -25.46 -67.45
C GLU D 1663 -19.15 -23.95 -67.33
N ARG D 1664 -19.05 -23.25 -68.45
CA ARG D 1664 -18.80 -21.82 -68.43
C ARG D 1664 -20.02 -21.02 -68.01
N PHE D 1665 -21.19 -21.66 -67.91
CA PHE D 1665 -22.39 -20.94 -67.53
C PHE D 1665 -22.24 -20.28 -66.16
N GLU D 1666 -21.48 -20.92 -65.26
CA GLU D 1666 -21.27 -20.32 -63.95
C GLU D 1666 -20.49 -19.02 -64.05
N ALA D 1667 -19.59 -18.91 -65.03
CA ALA D 1667 -18.82 -17.67 -65.19
C ALA D 1667 -19.71 -16.50 -65.57
N GLN D 1668 -20.91 -16.78 -66.07
CA GLN D 1668 -21.85 -15.70 -66.38
C GLN D 1668 -22.24 -14.93 -65.13
N GLN D 1669 -22.49 -15.64 -64.03
CA GLN D 1669 -22.81 -15.04 -62.75
C GLN D 1669 -21.55 -15.01 -61.89
N GLY D 1670 -21.05 -13.81 -61.60
CA GLY D 1670 -19.78 -13.71 -60.93
C GLY D 1670 -19.68 -12.70 -59.81
N ARG D 1671 -20.78 -12.02 -59.50
CA ARG D 1671 -20.74 -11.00 -58.45
C ARG D 1671 -20.75 -11.66 -57.07
N THR D 1672 -21.82 -12.39 -56.75
CA THR D 1672 -21.93 -13.06 -55.46
C THR D 1672 -22.27 -14.53 -55.63
N LEU D 1673 -22.93 -14.86 -56.74
CA LEU D 1673 -23.37 -16.23 -56.95
C LEU D 1673 -22.20 -17.20 -56.96
N ARG D 1674 -21.04 -16.78 -57.46
CA ARG D 1674 -19.85 -17.62 -57.34
C ARG D 1674 -19.51 -17.87 -55.88
N LEU D 1675 -19.59 -16.84 -55.05
CA LEU D 1675 -19.29 -17.01 -53.63
C LEU D 1675 -20.28 -17.96 -52.97
N LEU D 1676 -21.57 -17.82 -53.28
CA LEU D 1676 -22.56 -18.72 -52.71
C LEU D 1676 -22.34 -20.15 -53.15
N ARG D 1677 -22.06 -20.36 -54.44
CA ARG D 1677 -21.78 -21.71 -54.92
C ARG D 1677 -20.56 -22.29 -54.23
N ALA D 1678 -19.50 -21.49 -54.08
CA ALA D 1678 -18.29 -21.95 -53.42
C ALA D 1678 -18.55 -22.31 -51.97
N GLY D 1679 -19.33 -21.49 -51.27
CA GLY D 1679 -19.64 -21.78 -49.87
C GLY D 1679 -20.45 -23.05 -49.71
N TYR D 1680 -21.50 -23.21 -50.52
CA TYR D 1680 -22.29 -24.42 -50.45
C TYR D 1680 -21.45 -25.64 -50.81
N GLN D 1681 -20.57 -25.50 -51.78
CA GLN D 1681 -19.72 -26.63 -52.15
C GLN D 1681 -18.71 -26.93 -51.05
N CYS D 1682 -18.28 -25.90 -50.31
CA CYS D 1682 -17.41 -26.12 -49.16
C CYS D 1682 -18.12 -26.90 -48.07
N VAL D 1683 -19.37 -26.55 -47.78
CA VAL D 1683 -20.15 -27.33 -46.83
C VAL D 1683 -20.30 -28.77 -47.32
N ALA D 1684 -20.58 -28.94 -48.62
CA ALA D 1684 -20.67 -30.29 -49.17
C ALA D 1684 -19.36 -31.03 -49.04
N ALA D 1685 -18.23 -30.32 -49.03
CA ALA D 1685 -16.95 -30.99 -48.93
C ALA D 1685 -16.51 -31.18 -47.48
N HIS D 1686 -17.24 -30.62 -46.52
CA HIS D 1686 -16.89 -30.76 -45.11
C HIS D 1686 -18.13 -31.02 -44.27
N SER D 1687 -19.06 -31.83 -44.77
CA SER D 1687 -20.20 -32.22 -43.95
C SER D 1687 -19.74 -32.96 -42.71
N GLU D 1688 -18.64 -33.72 -42.81
CA GLU D 1688 -18.12 -34.45 -41.67
C GLU D 1688 -17.73 -33.50 -40.55
N LEU D 1689 -17.33 -32.29 -40.89
CA LEU D 1689 -16.98 -31.31 -39.87
C LEU D 1689 -18.16 -30.44 -39.50
N LEU D 1690 -19.08 -30.22 -40.44
CA LEU D 1690 -20.30 -29.49 -40.12
C LEU D 1690 -21.10 -30.22 -39.05
N CYS D 1691 -21.17 -31.55 -39.15
CA CYS D 1691 -21.93 -32.30 -38.16
C CYS D 1691 -21.30 -32.19 -36.78
N TYR D 1692 -19.96 -32.27 -36.70
CA TYR D 1692 -19.32 -32.13 -35.39
C TYR D 1692 -19.56 -30.74 -34.83
N PHE D 1693 -19.47 -29.72 -35.68
CA PHE D 1693 -19.68 -28.37 -35.17
C PHE D 1693 -21.10 -28.17 -34.70
N ILE D 1694 -22.08 -28.70 -35.42
CA ILE D 1694 -23.46 -28.55 -35.00
C ILE D 1694 -23.71 -29.30 -33.70
N ILE D 1695 -23.15 -30.50 -33.55
CA ILE D 1695 -23.35 -31.26 -32.31
C ILE D 1695 -22.76 -30.50 -31.13
N ILE D 1696 -21.54 -29.99 -31.29
CA ILE D 1696 -20.91 -29.25 -30.20
C ILE D 1696 -21.69 -27.97 -29.89
N LEU D 1697 -22.15 -27.26 -30.92
CA LEU D 1697 -22.93 -26.05 -30.69
C LEU D 1697 -24.22 -26.36 -29.96
N ASN D 1698 -24.91 -27.42 -30.38
CA ASN D 1698 -26.15 -27.81 -29.71
C ASN D 1698 -25.89 -28.13 -28.25
N HIS D 1699 -24.78 -28.79 -27.96
CA HIS D 1699 -24.48 -29.07 -26.56
C HIS D 1699 -23.99 -27.85 -25.80
N MET D 1700 -23.54 -26.82 -26.51
CA MET D 1700 -23.05 -25.63 -25.83
C MET D 1700 -24.22 -24.83 -25.26
N VAL D 1701 -25.31 -24.75 -26.00
CA VAL D 1701 -26.61 -24.35 -25.49
C VAL D 1701 -27.19 -25.61 -24.85
N THR D 1702 -28.29 -25.50 -24.10
CA THR D 1702 -29.01 -26.62 -23.50
C THR D 1702 -28.07 -27.62 -22.81
N ALA D 1703 -27.32 -27.10 -21.84
CA ALA D 1703 -26.38 -27.92 -21.08
C ALA D 1703 -27.13 -28.97 -20.29
N SER D 1704 -27.01 -30.23 -20.69
CA SER D 1704 -27.77 -31.30 -20.07
C SER D 1704 -27.20 -32.64 -20.48
N ALA D 1705 -27.28 -33.62 -19.58
CA ALA D 1705 -26.70 -34.93 -19.85
C ALA D 1705 -27.23 -35.54 -21.14
N ALA D 1706 -28.51 -35.28 -21.44
CA ALA D 1706 -29.09 -35.76 -22.68
C ALA D 1706 -28.35 -35.18 -23.89
N SER D 1707 -27.85 -33.96 -23.76
CA SER D 1707 -27.01 -33.36 -24.78
C SER D 1707 -25.53 -33.50 -24.48
N LEU D 1708 -25.18 -34.24 -23.42
CA LEU D 1708 -23.80 -34.49 -23.04
C LEU D 1708 -23.30 -35.86 -23.42
N VAL D 1709 -24.19 -36.82 -23.65
CA VAL D 1709 -23.69 -38.13 -24.05
C VAL D 1709 -23.20 -38.11 -25.49
N LEU D 1710 -23.57 -37.13 -26.28
CA LEU D 1710 -23.17 -37.13 -27.68
C LEU D 1710 -21.79 -36.50 -27.94
N PRO D 1711 -21.49 -35.31 -27.41
CA PRO D 1711 -20.13 -34.78 -27.60
C PRO D 1711 -19.03 -35.67 -27.04
N VAL D 1712 -19.28 -36.37 -25.94
CA VAL D 1712 -18.28 -37.32 -25.46
C VAL D 1712 -18.02 -38.37 -26.51
N LEU D 1713 -19.07 -38.86 -27.16
CA LEU D 1713 -18.88 -39.79 -28.27
C LEU D 1713 -18.07 -39.14 -29.39
N VAL D 1714 -18.41 -37.91 -29.77
CA VAL D 1714 -17.72 -37.27 -30.87
C VAL D 1714 -16.22 -37.16 -30.58
N PHE D 1715 -15.87 -36.78 -29.36
CA PHE D 1715 -14.47 -36.59 -29.01
C PHE D 1715 -13.75 -37.86 -28.62
N LEU D 1716 -14.46 -38.98 -28.39
CA LEU D 1716 -13.81 -40.20 -27.96
C LEU D 1716 -13.84 -41.33 -28.97
N TRP D 1717 -14.84 -41.40 -29.82
CA TRP D 1717 -15.03 -42.51 -30.74
C TRP D 1717 -15.01 -42.07 -32.19
N ALA D 1718 -15.74 -41.01 -32.55
CA ALA D 1718 -15.84 -40.67 -33.95
C ALA D 1718 -14.60 -39.96 -34.46
N MET D 1719 -13.80 -39.39 -33.57
CA MET D 1719 -12.59 -38.68 -33.95
C MET D 1719 -11.34 -39.53 -33.73
N LEU D 1720 -11.48 -40.84 -33.55
CA LEU D 1720 -10.32 -41.68 -33.28
C LEU D 1720 -10.21 -42.90 -34.18
N THR D 1721 -11.30 -43.38 -34.78
CA THR D 1721 -11.26 -44.69 -35.42
C THR D 1721 -10.35 -44.80 -36.63
N ILE D 1722 -10.77 -44.18 -37.72
CA ILE D 1722 -10.36 -44.47 -39.10
C ILE D 1722 -10.84 -43.27 -39.91
N PRO D 1723 -10.11 -42.83 -40.96
CA PRO D 1723 -10.53 -41.60 -41.66
C PRO D 1723 -12.01 -41.52 -42.01
N ARG D 1724 -12.70 -42.64 -42.08
CA ARG D 1724 -14.16 -42.61 -42.12
C ARG D 1724 -14.69 -43.11 -40.77
N PRO D 1725 -15.22 -42.23 -39.91
CA PRO D 1725 -15.90 -42.71 -38.71
C PRO D 1725 -17.01 -43.69 -39.08
N SER D 1726 -17.02 -44.81 -38.39
CA SER D 1726 -17.77 -45.96 -38.86
C SER D 1726 -19.27 -45.67 -38.94
N LYS D 1727 -19.94 -46.38 -39.84
CA LYS D 1727 -21.37 -46.21 -40.06
C LYS D 1727 -22.16 -46.35 -38.77
N ARG D 1728 -21.69 -47.23 -37.87
CA ARG D 1728 -22.38 -47.40 -36.61
C ARG D 1728 -22.46 -46.10 -35.82
N PHE D 1729 -21.45 -45.23 -35.93
CA PHE D 1729 -21.51 -43.97 -35.18
C PHE D 1729 -22.55 -43.03 -35.74
N TRP D 1730 -22.60 -42.88 -37.05
CA TRP D 1730 -23.60 -41.98 -37.62
C TRP D 1730 -25.00 -42.49 -37.31
N MET D 1731 -25.20 -43.80 -37.40
CA MET D 1731 -26.50 -44.34 -37.05
C MET D 1731 -26.80 -44.10 -35.57
N THR D 1732 -25.79 -44.21 -34.71
CA THR D 1732 -26.00 -43.97 -33.28
C THR D 1732 -26.43 -42.53 -33.04
N ALA D 1733 -25.74 -41.58 -33.65
CA ALA D 1733 -26.10 -40.18 -33.41
C ALA D 1733 -27.47 -39.85 -33.98
N ILE D 1734 -27.78 -40.35 -35.18
CA ILE D 1734 -29.08 -40.05 -35.79
C ILE D 1734 -30.21 -40.64 -34.95
N VAL D 1735 -30.08 -41.91 -34.57
CA VAL D 1735 -31.13 -42.55 -33.78
C VAL D 1735 -31.23 -41.91 -32.41
N PHE D 1736 -30.10 -41.54 -31.82
CA PHE D 1736 -30.16 -40.90 -30.50
C PHE D 1736 -30.83 -39.55 -30.57
N THR D 1737 -30.57 -38.76 -31.61
CA THR D 1737 -31.23 -37.47 -31.67
C THR D 1737 -32.71 -37.62 -32.03
N GLU D 1738 -33.07 -38.63 -32.82
CA GLU D 1738 -34.48 -38.99 -32.93
C GLU D 1738 -35.09 -39.22 -31.56
N VAL D 1739 -34.47 -40.09 -30.77
CA VAL D 1739 -35.04 -40.48 -29.49
C VAL D 1739 -35.15 -39.29 -28.56
N MET D 1740 -34.12 -38.45 -28.52
CA MET D 1740 -34.09 -37.38 -27.53
C MET D 1740 -34.72 -36.10 -28.07
N VAL D 1741 -35.29 -36.12 -29.26
CA VAL D 1741 -36.21 -35.04 -29.62
C VAL D 1741 -37.63 -35.54 -29.41
N VAL D 1742 -37.87 -36.84 -29.65
CA VAL D 1742 -39.19 -37.39 -29.36
C VAL D 1742 -39.50 -37.29 -27.88
N THR D 1743 -38.52 -37.61 -27.02
CA THR D 1743 -38.75 -37.53 -25.59
C THR D 1743 -38.93 -36.10 -25.13
N LYS D 1744 -38.13 -35.17 -25.66
CA LYS D 1744 -38.33 -33.76 -25.33
C LYS D 1744 -39.74 -33.29 -25.71
N TYR D 1745 -40.20 -33.66 -26.90
CA TYR D 1745 -41.53 -33.27 -27.31
C TYR D 1745 -42.60 -33.93 -26.45
N LEU D 1746 -42.41 -35.20 -26.11
CA LEU D 1746 -43.35 -35.90 -25.25
C LEU D 1746 -43.49 -35.20 -23.91
N PHE D 1747 -42.37 -34.83 -23.30
CA PHE D 1747 -42.43 -34.10 -22.04
C PHE D 1747 -42.89 -32.66 -22.21
N GLN D 1748 -42.83 -32.12 -23.43
CA GLN D 1748 -43.36 -30.78 -23.64
C GLN D 1748 -44.87 -30.73 -23.44
N PHE D 1749 -45.53 -31.87 -23.43
CA PHE D 1749 -46.96 -31.94 -23.19
C PHE D 1749 -47.32 -31.28 -21.85
N GLY D 1750 -48.58 -30.87 -21.74
CA GLY D 1750 -49.03 -30.21 -20.53
C GLY D 1750 -49.48 -31.14 -19.41
N PHE D 1751 -49.65 -32.43 -19.67
CA PHE D 1751 -50.16 -33.31 -18.62
C PHE D 1751 -49.10 -33.59 -17.55
N PHE D 1752 -47.83 -33.62 -17.92
CA PHE D 1752 -46.84 -33.95 -16.91
C PHE D 1752 -46.33 -32.67 -16.24
N PRO D 1753 -46.07 -32.73 -14.92
CA PRO D 1753 -45.45 -31.60 -14.20
C PRO D 1753 -44.01 -31.36 -14.62
N PRO D 1770 -33.62 -34.28 -11.33
CA PRO D 1770 -33.94 -32.87 -11.51
C PRO D 1770 -34.41 -32.55 -12.93
N PRO D 1771 -35.18 -31.48 -13.10
CA PRO D 1771 -35.67 -31.12 -14.43
C PRO D 1771 -34.56 -30.67 -15.37
N ARG D 1772 -33.71 -29.75 -14.89
CA ARG D 1772 -32.70 -29.14 -15.76
C ARG D 1772 -31.55 -30.08 -16.07
N ILE D 1773 -31.13 -30.90 -15.10
CA ILE D 1773 -29.98 -31.77 -15.32
C ILE D 1773 -30.31 -32.86 -16.32
N LEU D 1774 -31.46 -33.51 -16.17
CA LEU D 1774 -31.82 -34.56 -17.11
C LEU D 1774 -32.11 -34.01 -18.50
N GLY D 1775 -32.32 -32.71 -18.64
CA GLY D 1775 -32.46 -32.11 -19.96
C GLY D 1775 -33.80 -32.30 -20.62
N LEU D 1776 -34.81 -32.78 -19.91
CA LEU D 1776 -36.15 -32.94 -20.44
C LEU D 1776 -37.06 -31.75 -20.11
N GLU D 1777 -36.50 -30.59 -19.80
CA GLU D 1777 -37.31 -29.45 -19.40
C GLU D 1777 -38.26 -29.03 -20.52
N LYS D 1778 -39.27 -28.26 -20.16
CA LYS D 1778 -40.25 -27.77 -21.11
C LYS D 1778 -40.11 -26.26 -21.25
N THR D 1779 -39.95 -25.79 -22.49
CA THR D 1779 -39.84 -24.38 -22.83
C THR D 1779 -40.59 -24.13 -24.12
N ASP D 1780 -40.56 -22.87 -24.58
CA ASP D 1780 -41.11 -22.55 -25.89
C ASP D 1780 -40.23 -23.12 -26.98
N SER D 1781 -38.92 -22.89 -26.90
CA SER D 1781 -37.96 -23.47 -27.82
C SER D 1781 -37.33 -24.72 -27.23
N TYR D 1782 -38.19 -25.73 -27.01
CA TYR D 1782 -37.73 -26.97 -26.43
C TYR D 1782 -36.79 -27.72 -27.37
N ILE D 1783 -37.06 -27.66 -28.67
CA ILE D 1783 -36.13 -28.18 -29.67
C ILE D 1783 -35.23 -27.04 -30.13
N LYS D 1784 -34.01 -27.00 -29.60
CA LYS D 1784 -33.09 -25.91 -29.89
C LYS D 1784 -31.83 -26.50 -30.51
N TYR D 1785 -31.50 -26.05 -31.72
CA TYR D 1785 -30.39 -26.63 -32.48
C TYR D 1785 -30.49 -28.14 -32.52
N ASP D 1786 -31.72 -28.66 -32.51
CA ASP D 1786 -31.97 -30.09 -32.57
C ASP D 1786 -32.65 -30.51 -33.85
N LEU D 1787 -33.36 -29.60 -34.51
CA LEU D 1787 -33.71 -29.84 -35.90
C LEU D 1787 -32.50 -29.65 -36.80
N VAL D 1788 -31.67 -28.66 -36.49
CA VAL D 1788 -30.46 -28.42 -37.28
C VAL D 1788 -29.51 -29.61 -37.16
N GLN D 1789 -29.35 -30.14 -35.95
CA GLN D 1789 -28.43 -31.27 -35.77
C GLN D 1789 -28.92 -32.50 -36.51
N LEU D 1790 -30.22 -32.79 -36.43
CA LEU D 1790 -30.77 -33.94 -37.14
C LEU D 1790 -30.64 -33.76 -38.64
N MET D 1791 -30.90 -32.55 -39.14
CA MET D 1791 -30.78 -32.33 -40.58
C MET D 1791 -29.33 -32.40 -41.03
N ALA D 1792 -28.39 -31.91 -40.22
CA ALA D 1792 -26.99 -32.02 -40.58
C ALA D 1792 -26.54 -33.47 -40.63
N LEU D 1793 -26.94 -34.27 -39.63
CA LEU D 1793 -26.61 -35.69 -39.62
C LEU D 1793 -27.16 -36.37 -40.86
N PHE D 1794 -28.42 -36.06 -41.21
CA PHE D 1794 -29.02 -36.73 -42.35
C PHE D 1794 -28.44 -36.26 -43.67
N PHE D 1795 -28.08 -34.99 -43.77
CA PHE D 1795 -27.41 -34.51 -44.97
C PHE D 1795 -26.06 -35.18 -45.14
N HIS D 1796 -25.32 -35.34 -44.04
CA HIS D 1796 -24.04 -36.03 -44.12
C HIS D 1796 -24.22 -37.50 -44.51
N ARG D 1797 -25.22 -38.17 -43.94
CA ARG D 1797 -25.46 -39.55 -44.31
C ARG D 1797 -25.84 -39.66 -45.79
N SER D 1798 -26.68 -38.74 -46.27
CA SER D 1798 -27.07 -38.76 -47.67
C SER D 1798 -25.87 -38.57 -48.58
N GLN D 1799 -25.04 -37.57 -48.28
CA GLN D 1799 -23.86 -37.30 -49.11
C GLN D 1799 -22.88 -38.46 -49.07
N LEU D 1800 -22.62 -39.00 -47.88
CA LEU D 1800 -21.74 -40.16 -47.75
C LEU D 1800 -22.34 -41.40 -48.40
N LEU D 1801 -23.66 -41.40 -48.62
CA LEU D 1801 -24.29 -42.53 -49.29
C LEU D 1801 -24.16 -42.42 -50.80
N CYS D 1802 -24.61 -41.31 -51.37
CA CYS D 1802 -24.55 -41.14 -52.82
C CYS D 1802 -23.11 -41.19 -53.32
N TYR D 1803 -22.17 -40.67 -52.55
CA TYR D 1803 -20.75 -40.73 -52.89
C TYR D 1803 -20.04 -41.63 -51.89
N GLY D 1804 -19.50 -42.74 -52.36
CA GLY D 1804 -18.66 -43.58 -51.54
C GLY D 1804 -19.41 -44.76 -50.95
N LEU D 1805 -18.90 -45.22 -49.82
CA LEU D 1805 -19.43 -46.38 -49.13
C LEU D 1805 -19.97 -45.98 -47.78
N TRP D 1806 -21.11 -46.57 -47.41
CA TRP D 1806 -21.75 -46.29 -46.13
C TRP D 1806 -21.86 -47.58 -45.35
N PRO D 1957 -12.67 -57.19 -25.53
CA PRO D 1957 -13.05 -57.71 -26.85
C PRO D 1957 -13.01 -56.65 -27.94
N LEU D 1958 -14.18 -56.20 -28.40
CA LEU D 1958 -14.26 -55.28 -29.53
C LEU D 1958 -13.54 -53.97 -29.22
N GLN D 1959 -13.66 -53.47 -27.99
CA GLN D 1959 -12.91 -52.29 -27.60
C GLN D 1959 -11.41 -52.52 -27.70
N ARG D 1960 -10.95 -53.70 -27.28
CA ARG D 1960 -9.53 -54.01 -27.40
C ARG D 1960 -9.09 -54.04 -28.85
N PHE D 1961 -9.91 -54.62 -29.74
CA PHE D 1961 -9.56 -54.60 -31.16
C PHE D 1961 -9.53 -53.17 -31.70
N PHE D 1962 -10.46 -52.33 -31.26
CA PHE D 1962 -10.50 -50.94 -31.70
C PHE D 1962 -9.23 -50.21 -31.28
N HIS D 1963 -8.81 -50.41 -30.04
CA HIS D 1963 -7.57 -49.77 -29.60
C HIS D 1963 -6.37 -50.30 -30.35
N ASP D 1964 -6.29 -51.62 -30.54
CA ASP D 1964 -5.11 -52.19 -31.19
C ASP D 1964 -5.04 -51.78 -32.65
N ILE D 1965 -6.18 -51.59 -33.31
CA ILE D 1965 -6.12 -51.07 -34.67
C ILE D 1965 -5.79 -49.60 -34.66
N LEU D 1966 -6.13 -48.89 -33.58
CA LEU D 1966 -5.73 -47.49 -33.50
C LEU D 1966 -4.22 -47.34 -33.38
N HIS D 1967 -3.58 -48.15 -32.54
CA HIS D 1967 -2.13 -48.02 -32.36
C HIS D 1967 -1.37 -48.51 -33.59
N THR D 1968 -1.48 -49.79 -33.90
CA THR D 1968 -0.61 -50.44 -34.87
C THR D 1968 -1.25 -50.36 -36.25
N LYS D 1969 -0.72 -49.48 -37.10
CA LYS D 1969 -1.21 -49.31 -38.45
C LYS D 1969 -0.26 -48.36 -39.19
N TYR D 1970 -0.46 -48.24 -40.49
CA TYR D 1970 0.29 -47.33 -41.33
C TYR D 1970 -0.53 -46.06 -41.56
N ARG D 1971 0.07 -44.91 -41.23
CA ARG D 1971 -0.64 -43.64 -41.31
C ARG D 1971 0.32 -42.55 -41.75
N ALA D 1972 -0.25 -41.44 -42.22
CA ALA D 1972 0.51 -40.22 -42.41
C ALA D 1972 0.91 -39.67 -41.05
N ALA D 1973 2.07 -39.04 -40.99
CA ALA D 1973 2.58 -38.47 -39.74
C ALA D 1973 2.53 -36.96 -39.82
N THR D 1974 1.80 -36.34 -38.90
CA THR D 1974 1.67 -34.89 -38.85
C THR D 1974 1.83 -34.41 -37.42
N ASP D 1975 2.36 -33.20 -37.28
CA ASP D 1975 2.58 -32.58 -35.98
C ASP D 1975 1.70 -31.35 -35.88
N VAL D 1976 0.87 -31.30 -34.84
CA VAL D 1976 0.00 -30.16 -34.61
C VAL D 1976 0.18 -29.65 -33.19
N TYR D 1977 1.37 -29.79 -32.63
CA TYR D 1977 1.55 -29.30 -31.26
C TYR D 1977 1.47 -27.79 -31.19
N ALA D 1978 1.99 -27.10 -32.21
CA ALA D 1978 1.91 -25.65 -32.20
C ALA D 1978 0.48 -25.19 -32.00
N LEU D 1979 -0.45 -25.72 -32.79
CA LEU D 1979 -1.84 -25.29 -32.71
C LEU D 1979 -2.51 -25.78 -31.43
N MET D 1980 -2.17 -26.97 -30.98
CA MET D 1980 -2.73 -27.48 -29.73
C MET D 1980 -2.40 -26.56 -28.57
N PHE D 1981 -1.12 -26.21 -28.43
CA PHE D 1981 -0.72 -25.33 -27.35
C PHE D 1981 -1.22 -23.91 -27.57
N LEU D 1982 -1.39 -23.50 -28.83
CA LEU D 1982 -1.99 -22.19 -29.07
C LEU D 1982 -3.43 -22.15 -28.60
N ALA D 1983 -4.18 -23.23 -28.81
CA ALA D 1983 -5.54 -23.30 -28.30
C ALA D 1983 -5.56 -23.26 -26.78
N ASP D 1984 -4.63 -23.96 -26.13
CA ASP D 1984 -4.58 -23.86 -24.67
C ASP D 1984 -4.24 -22.44 -24.20
N ILE D 1985 -3.34 -21.74 -24.90
CA ILE D 1985 -3.03 -20.37 -24.49
C ILE D 1985 -4.24 -19.47 -24.66
N VAL D 1986 -4.96 -19.60 -25.77
CA VAL D 1986 -6.20 -18.84 -25.93
C VAL D 1986 -7.17 -19.18 -24.81
N ASP D 1987 -7.19 -20.44 -24.39
CA ASP D 1987 -8.06 -20.85 -23.31
C ASP D 1987 -7.72 -20.14 -22.01
N ILE D 1988 -6.43 -20.06 -21.67
CA ILE D 1988 -6.07 -19.33 -20.45
C ILE D 1988 -6.36 -17.83 -20.60
N ILE D 1989 -6.18 -17.27 -21.78
CA ILE D 1989 -6.60 -15.87 -21.95
C ILE D 1989 -8.08 -15.73 -21.62
N ILE D 1990 -8.90 -16.68 -22.09
CA ILE D 1990 -10.33 -16.65 -21.82
C ILE D 1990 -10.61 -16.75 -20.33
N ILE D 1991 -9.92 -17.66 -19.64
CA ILE D 1991 -10.13 -17.80 -18.19
C ILE D 1991 -9.74 -16.52 -17.47
N ILE D 1992 -8.63 -15.90 -17.87
CA ILE D 1992 -8.19 -14.68 -17.19
C ILE D 1992 -9.22 -13.58 -17.36
N PHE D 1993 -9.73 -13.39 -18.58
CA PHE D 1993 -10.65 -12.28 -18.79
C PHE D 1993 -12.06 -12.59 -18.27
N GLY D 1994 -12.46 -13.86 -18.22
CA GLY D 1994 -13.71 -14.20 -17.56
C GLY D 1994 -13.61 -14.32 -16.06
N PHE D 1995 -12.39 -14.26 -15.54
CA PHE D 1995 -12.18 -14.06 -14.12
C PHE D 1995 -12.26 -12.57 -13.78
N TRP D 1996 -11.60 -11.74 -14.60
CA TRP D 1996 -11.62 -10.30 -14.36
C TRP D 1996 -13.00 -9.70 -14.64
N ALA D 1997 -13.76 -10.27 -15.56
CA ALA D 1997 -15.03 -9.70 -15.98
C ALA D 1997 -16.24 -10.35 -15.33
N PHE D 1998 -16.04 -11.31 -14.44
CA PHE D 1998 -17.14 -12.04 -13.78
C PHE D 1998 -18.10 -12.64 -14.81
N GLN D 2015 -18.61 -18.29 -5.42
CA GLN D 2015 -18.93 -17.91 -6.79
C GLN D 2015 -18.02 -18.59 -7.80
N VAL D 2016 -18.18 -18.24 -9.06
CA VAL D 2016 -17.44 -18.87 -10.17
C VAL D 2016 -15.96 -18.50 -10.18
N PRO D 2017 -15.51 -17.32 -9.72
CA PRO D 2017 -14.06 -17.09 -9.69
C PRO D 2017 -13.31 -18.13 -8.87
N GLN D 2018 -13.88 -18.60 -7.77
CA GLN D 2018 -13.24 -19.70 -7.04
C GLN D 2018 -13.26 -20.99 -7.82
N ALA D 2019 -14.05 -21.09 -8.88
CA ALA D 2019 -13.97 -22.23 -9.78
C ALA D 2019 -12.97 -21.99 -10.91
N PHE D 2020 -12.95 -20.78 -11.47
CA PHE D 2020 -12.00 -20.50 -12.53
C PHE D 2020 -10.56 -20.38 -12.05
N LEU D 2021 -10.30 -20.11 -10.78
CA LEU D 2021 -8.92 -20.17 -10.32
C LEU D 2021 -8.42 -21.62 -10.31
N PHE D 2022 -9.23 -22.54 -9.78
CA PHE D 2022 -8.87 -23.94 -9.84
C PHE D 2022 -8.76 -24.42 -11.28
N MET D 2023 -9.64 -23.92 -12.14
CA MET D 2023 -9.56 -24.32 -13.54
C MET D 2023 -8.31 -23.76 -14.21
N LEU D 2024 -7.87 -22.57 -13.83
CA LEU D 2024 -6.63 -22.03 -14.34
C LEU D 2024 -5.45 -22.89 -13.93
N LEU D 2025 -5.43 -23.32 -12.67
CA LEU D 2025 -4.36 -24.21 -12.24
C LEU D 2025 -4.39 -25.52 -13.00
N VAL D 2026 -5.59 -26.06 -13.25
CA VAL D 2026 -5.66 -27.29 -14.01
C VAL D 2026 -5.26 -27.07 -15.47
N GLN D 2027 -5.48 -25.88 -16.02
CA GLN D 2027 -4.93 -25.58 -17.34
C GLN D 2027 -3.41 -25.61 -17.33
N PHE D 2028 -2.80 -25.04 -16.30
CA PHE D 2028 -1.35 -25.13 -16.22
C PHE D 2028 -0.91 -26.59 -16.13
N GLY D 2029 -1.60 -27.38 -15.32
CA GLY D 2029 -1.25 -28.78 -15.17
C GLY D 2029 -1.39 -29.56 -16.47
N THR D 2030 -2.47 -29.32 -17.21
CA THR D 2030 -2.68 -30.07 -18.44
C THR D 2030 -1.77 -29.59 -19.56
N MET D 2031 -1.39 -28.30 -19.61
CA MET D 2031 -0.33 -27.91 -20.53
C MET D 2031 0.97 -28.63 -20.22
N VAL D 2032 1.34 -28.71 -18.94
CA VAL D 2032 2.60 -29.37 -18.62
C VAL D 2032 2.55 -30.84 -18.99
N ILE D 2033 1.44 -31.51 -18.67
CA ILE D 2033 1.33 -32.93 -18.98
C ILE D 2033 1.32 -33.14 -20.49
N ASP D 2034 0.63 -32.28 -21.23
CA ASP D 2034 0.61 -32.41 -22.69
C ASP D 2034 2.00 -32.20 -23.29
N ARG D 2035 2.74 -31.23 -22.76
CA ARG D 2035 4.11 -31.02 -23.23
C ARG D 2035 4.96 -32.26 -22.97
N ALA D 2036 4.79 -32.87 -21.81
CA ALA D 2036 5.54 -34.09 -21.53
C ALA D 2036 5.16 -35.21 -22.48
N LEU D 2037 3.86 -35.39 -22.72
CA LEU D 2037 3.40 -36.40 -23.66
C LEU D 2037 3.94 -36.15 -25.05
N TYR D 2038 4.17 -34.88 -25.40
CA TYR D 2038 4.67 -34.58 -26.73
C TYR D 2038 6.16 -34.89 -26.84
N LEU D 2039 6.95 -34.43 -25.86
CA LEU D 2039 8.38 -34.73 -25.89
C LEU D 2039 8.62 -36.23 -25.87
N ARG D 2040 8.00 -36.94 -24.93
CA ARG D 2040 8.28 -38.35 -24.78
C ARG D 2040 7.74 -39.17 -25.96
N LYS D 2041 6.85 -38.60 -26.77
CA LYS D 2041 6.33 -39.23 -27.99
C LYS D 2041 5.68 -40.58 -27.68
N THR D 2042 4.59 -40.51 -26.92
CA THR D 2042 3.78 -41.68 -26.60
C THR D 2042 2.37 -41.46 -27.10
N VAL D 2043 2.01 -42.15 -28.19
CA VAL D 2043 0.64 -42.08 -28.69
C VAL D 2043 -0.33 -42.68 -27.68
N LEU D 2044 0.04 -43.81 -27.08
CA LEU D 2044 -0.84 -44.46 -26.11
C LEU D 2044 -1.09 -43.55 -24.91
N GLY D 2045 -0.05 -42.91 -24.41
CA GLY D 2045 -0.24 -41.97 -23.32
C GLY D 2045 -1.17 -40.84 -23.70
N LYS D 2046 -1.02 -40.32 -24.92
CA LYS D 2046 -1.91 -39.26 -25.38
C LYS D 2046 -3.35 -39.74 -25.45
N LEU D 2047 -3.56 -40.98 -25.89
CA LEU D 2047 -4.92 -41.52 -25.95
C LEU D 2047 -5.53 -41.60 -24.55
N ALA D 2048 -4.79 -42.15 -23.59
CA ALA D 2048 -5.31 -42.26 -22.24
C ALA D 2048 -5.58 -40.88 -21.64
N PHE D 2049 -4.65 -39.95 -21.84
CA PHE D 2049 -4.83 -38.62 -21.30
C PHE D 2049 -5.97 -37.89 -21.97
N GLN D 2050 -6.23 -38.15 -23.24
CA GLN D 2050 -7.30 -37.44 -23.92
C GLN D 2050 -8.66 -38.00 -23.52
N VAL D 2051 -8.74 -39.31 -23.28
CA VAL D 2051 -9.96 -39.87 -22.70
C VAL D 2051 -10.23 -39.26 -21.33
N VAL D 2052 -9.21 -39.26 -20.46
CA VAL D 2052 -9.37 -38.69 -19.13
C VAL D 2052 -9.79 -37.23 -19.22
N LEU D 2053 -9.14 -36.48 -20.11
CA LEU D 2053 -9.41 -35.05 -20.21
C LEU D 2053 -10.82 -34.79 -20.69
N VAL D 2054 -11.27 -35.49 -21.74
CA VAL D 2054 -12.60 -35.20 -22.24
C VAL D 2054 -13.66 -35.55 -21.21
N VAL D 2055 -13.52 -36.72 -20.56
CA VAL D 2055 -14.51 -37.09 -19.56
C VAL D 2055 -14.54 -36.09 -18.42
N ALA D 2056 -13.36 -35.75 -17.89
CA ALA D 2056 -13.30 -34.86 -16.74
C ALA D 2056 -13.80 -33.47 -17.09
N ILE D 2057 -13.43 -32.95 -18.26
CA ILE D 2057 -13.87 -31.62 -18.63
C ILE D 2057 -15.38 -31.57 -18.77
N HIS D 2058 -15.97 -32.55 -19.46
CA HIS D 2058 -17.41 -32.52 -19.63
C HIS D 2058 -18.13 -32.64 -18.28
N ILE D 2059 -17.74 -33.63 -17.48
CA ILE D 2059 -18.40 -33.82 -16.18
C ILE D 2059 -18.28 -32.57 -15.34
N TRP D 2060 -17.06 -32.05 -15.18
CA TRP D 2060 -16.87 -30.86 -14.37
C TRP D 2060 -17.71 -29.71 -14.90
N MET D 2061 -17.48 -29.33 -16.16
CA MET D 2061 -18.13 -28.16 -16.73
C MET D 2061 -19.64 -28.22 -16.58
N PHE D 2062 -20.24 -29.40 -16.75
CA PHE D 2062 -21.68 -29.42 -16.84
C PHE D 2062 -22.39 -29.85 -15.57
N PHE D 2063 -21.67 -30.39 -14.58
CA PHE D 2063 -22.30 -30.70 -13.31
C PHE D 2063 -21.70 -29.90 -12.16
N ILE D 2064 -20.38 -29.93 -12.00
CA ILE D 2064 -19.77 -29.37 -10.79
C ILE D 2064 -19.89 -27.87 -10.77
N LEU D 2065 -19.53 -27.20 -11.86
CA LEU D 2065 -19.63 -25.75 -11.91
C LEU D 2065 -21.06 -25.25 -11.84
N PRO D 2066 -22.03 -25.80 -12.58
CA PRO D 2066 -23.40 -25.24 -12.52
C PRO D 2066 -24.06 -25.42 -11.16
N ALA D 2067 -23.47 -26.20 -10.25
CA ALA D 2067 -23.97 -26.25 -8.88
C ALA D 2067 -23.26 -25.25 -7.98
N VAL D 2068 -21.96 -25.07 -8.15
CA VAL D 2068 -21.22 -24.06 -7.41
C VAL D 2068 -21.65 -22.65 -7.80
N THR D 2069 -22.03 -22.45 -9.05
CA THR D 2069 -22.43 -21.13 -9.54
C THR D 2069 -23.62 -21.33 -10.47
N GLU D 2070 -23.95 -20.30 -11.25
CA GLU D 2070 -25.18 -20.29 -12.03
C GLU D 2070 -25.11 -21.26 -13.21
N ARG D 2071 -26.19 -21.26 -14.00
CA ARG D 2071 -26.22 -21.99 -15.25
C ARG D 2071 -25.11 -21.50 -16.17
N MET D 2072 -24.80 -22.32 -17.18
CA MET D 2072 -23.76 -21.94 -18.14
C MET D 2072 -24.32 -21.28 -19.39
N PHE D 2073 -25.62 -21.40 -19.66
CA PHE D 2073 -26.21 -20.74 -20.81
C PHE D 2073 -27.05 -19.53 -20.45
N SER D 2074 -27.60 -19.48 -19.23
CA SER D 2074 -28.31 -18.28 -18.78
C SER D 2074 -27.37 -17.09 -18.77
N GLN D 2075 -26.13 -17.30 -18.33
CA GLN D 2075 -25.06 -16.32 -18.39
C GLN D 2075 -23.76 -17.09 -18.62
N ASN D 2076 -22.64 -16.45 -18.32
CA ASN D 2076 -21.32 -17.04 -18.55
C ASN D 2076 -21.17 -17.42 -20.03
N ALA D 2077 -21.23 -16.39 -20.87
CA ALA D 2077 -20.76 -16.56 -22.24
C ALA D 2077 -19.28 -16.88 -22.27
N VAL D 2078 -18.55 -16.43 -21.25
CA VAL D 2078 -17.15 -16.81 -21.11
C VAL D 2078 -17.03 -18.31 -21.00
N ALA D 2079 -17.92 -18.95 -20.22
CA ALA D 2079 -17.85 -20.40 -20.09
C ALA D 2079 -18.18 -21.09 -21.41
N GLN D 2080 -19.16 -20.58 -22.15
CA GLN D 2080 -19.45 -21.15 -23.46
C GLN D 2080 -18.23 -21.07 -24.37
N LEU D 2081 -17.59 -19.89 -24.42
CA LEU D 2081 -16.44 -19.71 -25.30
C LEU D 2081 -15.28 -20.59 -24.86
N TRP D 2082 -15.02 -20.67 -23.56
CA TRP D 2082 -13.96 -21.53 -23.06
C TRP D 2082 -14.22 -22.98 -23.44
N TYR D 2083 -15.48 -23.41 -23.35
CA TYR D 2083 -15.78 -24.77 -23.77
C TYR D 2083 -15.56 -24.95 -25.25
N PHE D 2084 -15.87 -23.94 -26.06
CA PHE D 2084 -15.66 -24.10 -27.49
C PHE D 2084 -14.18 -24.21 -27.82
N VAL D 2085 -13.36 -23.37 -27.20
CA VAL D 2085 -11.91 -23.46 -27.42
C VAL D 2085 -11.38 -24.80 -26.97
N LYS D 2086 -11.83 -25.28 -25.81
CA LYS D 2086 -11.40 -26.62 -25.40
C LYS D 2086 -11.90 -27.69 -26.35
N CYS D 2087 -13.03 -27.46 -27.02
CA CYS D 2087 -13.46 -28.43 -28.02
C CYS D 2087 -12.53 -28.43 -29.23
N ILE D 2088 -12.06 -27.26 -29.63
CA ILE D 2088 -11.06 -27.22 -30.70
C ILE D 2088 -9.81 -27.97 -30.26
N TYR D 2089 -9.37 -27.74 -29.02
CA TYR D 2089 -8.26 -28.51 -28.46
C TYR D 2089 -8.49 -30.00 -28.58
N PHE D 2090 -9.69 -30.47 -28.22
CA PHE D 2090 -9.94 -31.90 -28.24
C PHE D 2090 -9.92 -32.44 -29.66
N ALA D 2091 -10.47 -31.70 -30.61
CA ALA D 2091 -10.42 -32.14 -31.99
C ALA D 2091 -8.98 -32.23 -32.49
N LEU D 2092 -8.15 -31.26 -32.13
CA LEU D 2092 -6.75 -31.30 -32.55
C LEU D 2092 -6.02 -32.49 -31.93
N SER D 2093 -6.24 -32.74 -30.64
CA SER D 2093 -5.59 -33.90 -30.04
C SER D 2093 -6.07 -35.19 -30.67
N ALA D 2094 -7.36 -35.29 -31.02
CA ALA D 2094 -7.84 -36.50 -31.65
C ALA D 2094 -7.21 -36.68 -33.02
N TYR D 2095 -7.03 -35.59 -33.76
CA TYR D 2095 -6.34 -35.68 -35.04
C TYR D 2095 -4.90 -36.14 -34.84
N GLN D 2096 -4.24 -35.62 -33.81
CA GLN D 2096 -2.85 -36.00 -33.56
C GLN D 2096 -2.73 -37.45 -33.14
N ILE D 2097 -3.72 -37.95 -32.39
CA ILE D 2097 -3.72 -39.36 -31.98
C ILE D 2097 -3.98 -40.25 -33.18
N ARG D 2098 -4.88 -39.84 -34.07
CA ARG D 2098 -5.10 -40.61 -35.29
C ARG D 2098 -3.84 -40.68 -36.13
N CYS D 2099 -3.15 -39.54 -36.28
CA CYS D 2099 -2.05 -39.50 -37.24
C CYS D 2099 -0.72 -39.96 -36.64
N GLY D 2100 -0.58 -40.00 -35.32
CA GLY D 2100 0.64 -40.50 -34.74
C GLY D 2100 1.79 -39.51 -34.85
N TYR D 2101 2.66 -39.47 -33.85
CA TYR D 2101 3.73 -38.49 -33.85
C TYR D 2101 4.73 -38.78 -34.97
N PRO D 2102 5.36 -37.75 -35.50
CA PRO D 2102 6.37 -37.96 -36.54
C PRO D 2102 7.75 -38.22 -35.94
N THR D 2103 8.76 -38.28 -36.79
CA THR D 2103 10.13 -38.08 -36.36
C THR D 2103 10.50 -36.61 -36.53
N ARG D 2104 11.64 -36.21 -35.97
CA ARG D 2104 12.10 -34.83 -36.05
C ARG D 2104 11.09 -33.87 -35.41
N ILE D 2105 10.91 -34.04 -34.10
CA ILE D 2105 9.99 -33.18 -33.36
C ILE D 2105 10.71 -31.97 -32.76
N LEU D 2106 11.98 -32.11 -32.37
CA LEU D 2106 12.68 -31.00 -31.74
C LEU D 2106 12.89 -29.86 -32.73
N GLY D 2107 13.36 -28.74 -32.19
CA GLY D 2107 13.51 -27.53 -32.99
C GLY D 2107 12.35 -26.60 -32.73
N ASN D 2108 12.62 -25.31 -32.59
CA ASN D 2108 11.59 -24.38 -32.15
C ASN D 2108 10.45 -24.34 -33.17
N PHE D 2109 9.31 -23.82 -32.71
CA PHE D 2109 8.11 -23.78 -33.54
C PHE D 2109 8.12 -22.59 -34.48
N LEU D 2110 9.03 -21.63 -34.28
CA LEU D 2110 9.08 -20.40 -35.05
C LEU D 2110 10.36 -20.22 -35.86
N THR D 2111 11.34 -21.11 -35.71
CA THR D 2111 12.66 -20.92 -36.29
C THR D 2111 12.91 -21.87 -37.46
N LYS D 2112 11.92 -22.11 -38.30
CA LYS D 2112 12.13 -22.96 -39.46
C LYS D 2112 12.63 -22.18 -40.66
N LYS D 2113 12.23 -20.93 -40.79
CA LYS D 2113 12.61 -20.09 -41.91
C LYS D 2113 13.06 -18.75 -41.38
N TYR D 2114 14.21 -18.27 -41.82
CA TYR D 2114 14.77 -17.03 -41.31
C TYR D 2114 14.26 -15.82 -42.07
N ASN D 2115 12.93 -15.71 -42.20
CA ASN D 2115 12.35 -14.58 -42.91
C ASN D 2115 12.32 -13.38 -41.98
N HIS D 2116 11.62 -12.34 -42.41
CA HIS D 2116 11.52 -11.11 -41.62
C HIS D 2116 10.42 -11.17 -40.58
N LEU D 2117 9.59 -12.20 -40.63
CA LEU D 2117 8.47 -12.40 -39.72
C LEU D 2117 8.84 -13.29 -38.53
N ASN D 2118 9.58 -14.35 -38.80
CA ASN D 2118 9.97 -15.25 -37.72
C ASN D 2118 10.76 -14.51 -36.66
N LEU D 2119 11.50 -13.48 -37.04
CA LEU D 2119 12.29 -12.74 -36.05
C LEU D 2119 11.39 -11.99 -35.09
N PHE D 2120 10.38 -11.29 -35.61
CA PHE D 2120 9.47 -10.56 -34.73
C PHE D 2120 8.63 -11.51 -33.91
N LEU D 2121 8.16 -12.60 -34.51
CA LEU D 2121 7.37 -13.55 -33.74
C LEU D 2121 8.21 -14.21 -32.64
N PHE D 2122 9.46 -14.55 -32.95
CA PHE D 2122 10.32 -15.16 -31.95
C PHE D 2122 10.64 -14.18 -30.83
N GLN D 2123 10.92 -12.92 -31.16
CA GLN D 2123 11.16 -11.94 -30.11
C GLN D 2123 9.93 -11.76 -29.24
N GLY D 2124 8.75 -11.70 -29.86
CA GLY D 2124 7.53 -11.60 -29.07
C GLY D 2124 7.33 -12.79 -28.15
N PHE D 2125 7.55 -14.00 -28.67
CA PHE D 2125 7.42 -15.19 -27.84
C PHE D 2125 8.44 -15.20 -26.73
N ARG D 2126 9.59 -14.59 -26.95
CA ARG D 2126 10.56 -14.46 -25.88
C ARG D 2126 10.13 -13.43 -24.85
N LEU D 2127 9.36 -12.43 -25.28
CA LEU D 2127 9.03 -11.29 -24.43
C LEU D 2127 7.99 -11.63 -23.39
N VAL D 2128 7.09 -12.57 -23.67
CA VAL D 2128 6.08 -12.96 -22.69
C VAL D 2128 6.77 -13.63 -21.51
N PRO D 2129 6.43 -13.28 -20.27
CA PRO D 2129 7.13 -13.87 -19.13
C PRO D 2129 6.82 -15.35 -19.00
N PHE D 2130 7.83 -16.09 -18.55
CA PHE D 2130 7.70 -17.46 -18.06
C PHE D 2130 7.39 -18.48 -19.15
N LEU D 2131 7.58 -18.17 -20.43
CA LEU D 2131 7.51 -19.26 -21.41
C LEU D 2131 8.88 -19.87 -21.67
N VAL D 2132 9.84 -19.07 -22.15
CA VAL D 2132 11.16 -19.62 -22.41
C VAL D 2132 11.74 -20.21 -21.14
N GLU D 2133 11.32 -19.70 -19.98
CA GLU D 2133 11.64 -20.22 -18.67
C GLU D 2133 11.22 -21.68 -18.64
N LEU D 2134 9.91 -21.85 -18.73
CA LEU D 2134 9.29 -23.17 -18.67
C LEU D 2134 9.59 -23.98 -19.92
N ARG D 2135 9.67 -23.35 -21.08
CA ARG D 2135 10.01 -24.09 -22.28
C ARG D 2135 11.36 -24.77 -22.12
N ALA D 2136 12.36 -24.03 -21.65
CA ALA D 2136 13.69 -24.61 -21.46
C ALA D 2136 13.66 -25.71 -20.40
N VAL D 2137 13.03 -25.44 -19.27
CA VAL D 2137 13.05 -26.44 -18.19
C VAL D 2137 12.32 -27.71 -18.60
N MET D 2138 11.12 -27.59 -19.16
CA MET D 2138 10.35 -28.78 -19.53
C MET D 2138 10.96 -29.50 -20.71
N ASP D 2139 11.57 -28.77 -21.64
CA ASP D 2139 12.31 -29.44 -22.70
C ASP D 2139 13.48 -30.22 -22.14
N TRP D 2140 14.06 -29.74 -21.02
CA TRP D 2140 15.14 -30.50 -20.43
C TRP D 2140 14.65 -31.74 -19.69
N VAL D 2141 13.56 -31.59 -18.93
CA VAL D 2141 13.19 -32.67 -18.01
C VAL D 2141 12.83 -33.93 -18.77
N TRP D 2142 12.19 -33.80 -19.93
CA TRP D 2142 11.65 -34.94 -20.64
C TRP D 2142 12.43 -35.32 -21.88
N THR D 2143 13.54 -34.66 -22.18
CA THR D 2143 14.41 -35.08 -23.27
C THR D 2143 15.56 -35.90 -22.69
N ASP D 2144 16.02 -36.87 -23.47
CA ASP D 2144 17.15 -37.68 -23.02
C ASP D 2144 18.45 -36.90 -23.24
N THR D 2145 19.06 -36.47 -22.15
CA THR D 2145 20.23 -35.61 -22.25
C THR D 2145 21.25 -36.02 -21.21
N THR D 2146 22.51 -35.69 -21.47
CA THR D 2146 23.57 -35.91 -20.51
C THR D 2146 24.01 -34.62 -19.83
N LEU D 2147 23.40 -33.49 -20.17
CA LEU D 2147 23.83 -32.21 -19.65
C LEU D 2147 23.09 -31.88 -18.36
N SER D 2148 23.76 -31.18 -17.47
CA SER D 2148 23.12 -30.72 -16.25
C SER D 2148 22.20 -29.56 -16.63
N LEU D 2149 21.62 -28.88 -15.65
CA LEU D 2149 20.69 -27.83 -16.01
C LEU D 2149 21.40 -26.58 -16.51
N SER D 2150 22.49 -26.17 -15.85
CA SER D 2150 23.17 -24.95 -16.28
C SER D 2150 23.70 -25.10 -17.70
N ASN D 2151 24.26 -26.26 -18.03
CA ASN D 2151 24.76 -26.46 -19.38
C ASN D 2151 23.63 -26.43 -20.39
N TRP D 2152 22.47 -26.99 -20.03
CA TRP D 2152 21.32 -26.91 -20.92
C TRP D 2152 20.90 -25.47 -21.14
N MET D 2153 20.90 -24.65 -20.08
CA MET D 2153 20.52 -23.25 -20.25
C MET D 2153 21.52 -22.53 -21.13
N CYS D 2154 22.81 -22.86 -20.99
CA CYS D 2154 23.81 -22.26 -21.87
C CYS D 2154 23.53 -22.61 -23.32
N VAL D 2155 23.22 -23.87 -23.61
CA VAL D 2155 22.98 -24.25 -25.00
C VAL D 2155 21.73 -23.57 -25.55
N GLU D 2156 20.65 -23.56 -24.78
CA GLU D 2156 19.43 -22.95 -25.28
C GLU D 2156 19.59 -21.45 -25.47
N ASP D 2157 20.28 -20.77 -24.56
CA ASP D 2157 20.50 -19.34 -24.74
C ASP D 2157 21.39 -19.05 -25.93
N ILE D 2158 22.45 -19.84 -26.10
CA ILE D 2158 23.29 -19.68 -27.28
C ILE D 2158 22.47 -19.82 -28.54
N TYR D 2159 21.56 -20.80 -28.58
CA TYR D 2159 20.78 -20.99 -29.79
C TYR D 2159 19.81 -19.84 -30.02
N ALA D 2160 19.17 -19.34 -28.96
CA ALA D 2160 18.25 -18.22 -29.16
C ALA D 2160 18.99 -17.00 -29.69
N ASN D 2161 20.13 -16.68 -29.08
CA ASN D 2161 20.90 -15.52 -29.51
C ASN D 2161 21.40 -15.68 -30.94
N ILE D 2162 21.91 -16.86 -31.27
CA ILE D 2162 22.42 -17.08 -32.62
C ILE D 2162 21.30 -17.03 -33.64
N PHE D 2163 20.12 -17.52 -33.30
CA PHE D 2163 19.03 -17.44 -34.25
C PHE D 2163 18.62 -16.00 -34.50
N ILE D 2164 18.55 -15.18 -33.46
CA ILE D 2164 18.17 -13.79 -33.67
C ILE D 2164 19.19 -13.09 -34.56
N ILE D 2165 20.48 -13.32 -34.28
CA ILE D 2165 21.51 -12.69 -35.13
C ILE D 2165 21.41 -13.21 -36.55
N LYS D 2166 21.11 -14.49 -36.73
CA LYS D 2166 21.01 -15.04 -38.08
C LYS D 2166 19.86 -14.41 -38.85
N CYS D 2167 18.71 -14.23 -38.20
CA CYS D 2167 17.60 -13.59 -38.88
C CYS D 2167 17.94 -12.14 -39.24
N SER D 2168 18.67 -11.46 -38.37
CA SER D 2168 19.05 -10.09 -38.70
C SER D 2168 20.00 -10.05 -39.89
N ARG D 2169 20.94 -10.98 -39.96
CA ARG D 2169 21.85 -10.99 -41.11
C ARG D 2169 21.11 -11.34 -42.40
N GLU D 2170 20.16 -12.28 -42.33
CA GLU D 2170 19.40 -12.64 -43.52
C GLU D 2170 18.57 -11.46 -44.01
N THR D 2171 17.87 -10.79 -43.09
CA THR D 2171 17.11 -9.61 -43.48
C THR D 2171 17.99 -8.54 -44.08
N GLU D 2172 19.17 -8.31 -43.50
CA GLU D 2172 20.06 -7.30 -44.06
C GLU D 2172 20.49 -7.69 -45.47
N LYS D 2173 20.83 -8.96 -45.69
CA LYS D 2173 21.26 -9.39 -47.01
C LYS D 2173 20.15 -9.22 -48.03
N LYS D 2174 18.91 -9.54 -47.66
CA LYS D 2174 17.81 -9.42 -48.61
C LYS D 2174 17.59 -7.97 -49.02
N TYR D 2175 17.65 -7.04 -48.07
CA TYR D 2175 17.34 -5.63 -48.31
C TYR D 2175 18.51 -4.77 -47.85
N PRO D 2176 19.51 -4.58 -48.70
CA PRO D 2176 20.75 -3.93 -48.27
C PRO D 2176 20.55 -2.43 -48.03
N GLN D 2177 21.66 -1.80 -47.65
CA GLN D 2177 21.82 -0.37 -47.48
C GLN D 2177 23.17 0.03 -48.05
N PRO D 2178 23.26 1.15 -48.76
CA PRO D 2178 24.50 1.46 -49.51
C PRO D 2178 25.72 1.74 -48.65
N LYS D 2179 26.83 2.14 -49.28
CA LYS D 2179 28.07 2.41 -48.58
C LYS D 2179 27.99 3.69 -47.77
N GLY D 2180 27.04 3.75 -46.84
CA GLY D 2180 26.95 4.90 -45.98
C GLY D 2180 25.88 5.87 -46.43
N GLN D 2181 24.71 5.78 -45.82
CA GLN D 2181 23.64 6.71 -46.13
C GLN D 2181 23.08 7.24 -44.82
N LYS D 2182 22.69 8.52 -44.86
CA LYS D 2182 21.91 9.14 -43.80
C LYS D 2182 20.84 8.15 -43.34
N LYS D 2183 20.76 7.88 -42.05
CA LYS D 2183 19.63 7.09 -41.56
C LYS D 2183 18.34 7.85 -41.87
N LYS D 2184 17.35 7.14 -42.40
CA LYS D 2184 16.11 7.77 -42.84
C LYS D 2184 15.58 8.70 -41.76
N LYS D 2185 15.23 9.92 -42.15
CA LYS D 2185 14.76 10.88 -41.16
C LYS D 2185 13.47 10.42 -40.52
N ILE D 2186 12.58 9.78 -41.29
CA ILE D 2186 11.29 9.38 -40.74
C ILE D 2186 11.47 8.35 -39.64
N VAL D 2187 12.32 7.35 -39.86
CA VAL D 2187 12.50 6.32 -38.84
C VAL D 2187 13.14 6.90 -37.60
N LYS D 2188 14.13 7.78 -37.77
CA LYS D 2188 14.76 8.40 -36.62
C LYS D 2188 13.74 9.19 -35.83
N TYR D 2189 12.91 9.98 -36.50
CA TYR D 2189 11.93 10.79 -35.79
C TYR D 2189 10.90 9.93 -35.08
N GLY D 2190 10.40 8.89 -35.75
CA GLY D 2190 9.42 8.03 -35.12
C GLY D 2190 9.97 7.31 -33.90
N MET D 2191 11.16 6.72 -34.04
CA MET D 2191 11.75 5.96 -32.94
C MET D 2191 12.11 6.87 -31.77
N GLY D 2192 12.74 8.01 -32.05
CA GLY D 2192 13.06 8.95 -30.99
C GLY D 2192 11.81 9.47 -30.30
N GLY D 2193 10.78 9.80 -31.09
CA GLY D 2193 9.55 10.28 -30.49
C GLY D 2193 8.92 9.24 -29.58
N LEU D 2194 8.90 7.99 -30.02
CA LEU D 2194 8.35 6.93 -29.20
C LEU D 2194 9.12 6.81 -27.89
N ILE D 2195 10.45 6.78 -27.97
CA ILE D 2195 11.25 6.58 -26.77
C ILE D 2195 11.11 7.76 -25.82
N ILE D 2196 11.18 8.98 -26.35
CA ILE D 2196 11.09 10.16 -25.50
C ILE D 2196 9.70 10.27 -24.89
N LEU D 2197 8.66 9.93 -25.65
CA LEU D 2197 7.33 9.93 -25.09
C LEU D 2197 7.23 8.96 -23.93
N PHE D 2198 7.80 7.76 -24.08
CA PHE D 2198 7.76 6.81 -22.97
C PHE D 2198 8.55 7.32 -21.77
N LEU D 2199 9.75 7.86 -22.01
CA LEU D 2199 10.62 8.27 -20.92
C LEU D 2199 10.15 9.56 -20.26
N ILE D 2200 9.19 10.26 -20.86
CA ILE D 2200 8.62 11.43 -20.20
C ILE D 2200 7.29 11.03 -19.58
N ALA D 2201 6.62 10.03 -20.15
CA ALA D 2201 5.43 9.51 -19.52
C ALA D 2201 5.75 8.92 -18.16
N ILE D 2202 6.82 8.13 -18.08
CA ILE D 2202 7.20 7.54 -16.80
C ILE D 2202 7.60 8.62 -15.81
N ILE D 2203 8.24 9.69 -16.29
CA ILE D 2203 8.64 10.78 -15.41
C ILE D 2203 7.41 11.53 -14.89
N TRP D 2204 6.41 11.72 -15.74
CA TRP D 2204 5.36 12.70 -15.47
C TRP D 2204 4.06 12.09 -14.95
N PHE D 2205 3.51 11.09 -15.64
CA PHE D 2205 2.21 10.55 -15.26
C PHE D 2205 2.10 10.14 -13.79
N PRO D 2206 3.18 9.69 -13.13
CA PRO D 2206 3.10 9.56 -11.68
C PRO D 2206 2.70 10.86 -11.00
N LEU D 2207 3.25 11.99 -11.44
CA LEU D 2207 2.86 13.27 -10.86
C LEU D 2207 1.40 13.58 -11.17
N LEU D 2208 0.94 13.25 -12.38
CA LEU D 2208 -0.45 13.51 -12.73
C LEU D 2208 -1.39 12.73 -11.83
N PHE D 2209 -1.12 11.44 -11.64
CA PHE D 2209 -1.96 10.64 -10.75
C PHE D 2209 -1.88 11.15 -9.31
N MET D 2210 -0.67 11.46 -8.84
CA MET D 2210 -0.49 11.84 -7.44
C MET D 2210 -1.14 13.18 -7.13
N SER D 2211 -1.20 14.09 -8.10
CA SER D 2211 -1.87 15.38 -7.90
C SER D 2211 -3.28 15.40 -8.48
N LEU D 2212 -3.77 14.28 -9.00
CA LEU D 2212 -5.17 14.17 -9.38
C LEU D 2212 -6.00 13.41 -8.35
N ILE D 2213 -5.42 12.41 -7.69
CA ILE D 2213 -6.15 11.70 -6.65
C ILE D 2213 -6.38 12.61 -5.45
N ARG D 2214 -5.41 13.45 -5.12
CA ARG D 2214 -5.55 14.43 -4.03
C ARG D 2214 -6.22 15.70 -4.53
N SER D 2215 -7.40 15.55 -5.12
CA SER D 2215 -8.16 16.66 -5.67
C SER D 2215 -9.62 16.55 -5.24
N VAL D 2216 -9.85 16.36 -3.95
CA VAL D 2216 -11.22 16.24 -3.44
C VAL D 2216 -11.91 17.57 -3.65
N VAL D 2217 -12.84 17.58 -4.61
CA VAL D 2217 -13.44 18.84 -5.05
C VAL D 2217 -14.44 19.32 -4.00
N GLY D 2218 -14.55 20.63 -3.87
CA GLY D 2218 -15.50 21.20 -2.94
C GLY D 2218 -16.89 20.69 -3.20
N VAL D 2219 -17.50 20.07 -2.19
CA VAL D 2219 -18.86 19.58 -2.28
C VAL D 2219 -19.60 20.03 -1.04
N VAL D 2220 -20.80 20.59 -1.25
CA VAL D 2220 -21.53 21.18 -0.13
C VAL D 2220 -22.03 20.09 0.79
N ASN D 2221 -21.88 20.31 2.10
CA ASN D 2221 -22.34 19.38 3.12
C ASN D 2221 -23.17 20.20 4.11
N GLN D 2222 -24.42 20.36 3.79
CA GLN D 2222 -25.36 21.17 4.55
C GLN D 2222 -25.87 20.38 5.73
N PRO D 2223 -25.83 20.92 6.95
CA PRO D 2223 -26.45 20.24 8.09
C PRO D 2223 -27.96 20.23 7.93
N ILE D 2224 -28.55 19.03 7.91
CA ILE D 2224 -29.97 18.91 7.65
C ILE D 2224 -30.80 19.02 8.92
N ASP D 2225 -30.22 18.76 10.09
CA ASP D 2225 -30.95 18.83 11.34
C ASP D 2225 -30.14 19.61 12.35
N VAL D 2226 -30.76 20.61 12.95
CA VAL D 2226 -30.16 21.41 14.00
C VAL D 2226 -30.99 21.24 15.27
N THR D 2227 -30.31 21.06 16.39
CA THR D 2227 -30.97 20.84 17.67
C THR D 2227 -30.32 21.73 18.73
N VAL D 2228 -31.15 22.42 19.51
CA VAL D 2228 -30.69 23.31 20.55
C VAL D 2228 -31.38 22.94 21.85
N THR D 2229 -30.61 22.88 22.93
CA THR D 2229 -31.13 22.47 24.22
C THR D 2229 -30.60 23.39 25.31
N LEU D 2230 -31.40 23.59 26.35
CA LEU D 2230 -31.04 24.45 27.48
C LEU D 2230 -31.30 23.66 28.75
N LYS D 2231 -30.24 23.23 29.42
CA LYS D 2231 -30.35 22.28 30.52
C LYS D 2231 -29.74 22.89 31.77
N LEU D 2232 -30.59 23.38 32.66
CA LEU D 2232 -30.12 24.08 33.86
C LEU D 2232 -29.57 23.04 34.82
N GLY D 2233 -28.26 23.04 35.01
CA GLY D 2233 -27.65 22.00 35.81
C GLY D 2233 -27.88 20.65 35.17
N GLY D 2234 -28.32 19.69 35.97
CA GLY D 2234 -28.62 18.38 35.44
C GLY D 2234 -30.07 17.97 35.68
N TYR D 2235 -30.96 18.96 35.79
CA TYR D 2235 -32.33 18.64 36.15
C TYR D 2235 -33.11 18.13 34.94
N GLU D 2236 -33.31 19.00 33.96
CA GLU D 2236 -34.09 18.64 32.78
C GLU D 2236 -34.00 19.74 31.74
N PRO D 2237 -33.95 19.40 30.46
CA PRO D 2237 -33.99 20.45 29.43
C PRO D 2237 -35.19 21.35 29.59
N LEU D 2238 -34.94 22.62 29.92
CA LEU D 2238 -36.02 23.60 29.93
C LEU D 2238 -36.62 23.75 28.55
N PHE D 2239 -35.77 23.81 27.53
CA PHE D 2239 -36.23 24.07 26.18
C PHE D 2239 -35.36 23.28 25.21
N THR D 2240 -35.97 22.35 24.51
CA THR D 2240 -35.31 21.63 23.44
C THR D 2240 -36.07 21.88 22.15
N MET D 2241 -35.34 21.93 21.03
CA MET D 2241 -35.97 22.18 19.76
C MET D 2241 -35.12 21.60 18.64
N SER D 2242 -35.78 21.11 17.61
CA SER D 2242 -35.11 20.62 16.41
C SER D 2242 -35.91 21.07 15.20
N ALA D 2243 -35.26 21.80 14.31
CA ALA D 2243 -35.87 22.27 13.07
C ALA D 2243 -34.99 21.82 11.92
N GLN D 2244 -35.54 21.01 11.01
CA GLN D 2244 -34.71 20.36 10.01
C GLN D 2244 -34.98 20.81 8.57
N GLN D 2245 -36.16 20.58 8.01
CA GLN D 2245 -36.31 21.00 6.62
C GLN D 2245 -36.62 22.48 6.44
N PRO D 2246 -37.75 22.98 6.95
CA PRO D 2246 -38.19 24.31 6.51
C PRO D 2246 -37.40 25.43 7.15
N SER D 2247 -37.09 25.29 8.44
CA SER D 2247 -36.40 26.36 9.14
C SER D 2247 -34.92 26.43 8.80
N ILE D 2248 -34.39 25.44 8.09
CA ILE D 2248 -33.01 25.47 7.63
C ILE D 2248 -33.04 25.98 6.20
N VAL D 2249 -32.60 27.22 6.01
CA VAL D 2249 -32.61 27.88 4.71
C VAL D 2249 -31.24 28.48 4.47
N PRO D 2250 -30.67 28.33 3.28
CA PRO D 2250 -29.39 28.98 2.98
C PRO D 2250 -29.58 30.44 2.63
N PHE D 2251 -28.46 31.18 2.67
CA PHE D 2251 -28.50 32.58 2.29
C PHE D 2251 -28.85 32.77 0.82
N THR D 2252 -29.38 33.95 0.53
CA THR D 2252 -29.36 34.52 -0.80
C THR D 2252 -28.02 35.21 -1.00
N PRO D 2253 -27.54 35.33 -2.23
CA PRO D 2253 -26.24 35.99 -2.45
C PRO D 2253 -26.23 37.41 -1.89
N GLN D 2254 -27.32 38.13 -2.09
CA GLN D 2254 -27.39 39.51 -1.63
C GLN D 2254 -27.30 39.58 -0.11
N ALA D 2255 -27.82 38.56 0.57
CA ALA D 2255 -27.66 38.50 2.02
C ALA D 2255 -26.21 38.28 2.40
N TYR D 2256 -25.49 37.51 1.59
CA TYR D 2256 -24.06 37.35 1.81
C TYR D 2256 -23.34 38.69 1.67
N GLU D 2257 -23.69 39.45 0.63
CA GLU D 2257 -23.11 40.79 0.49
C GLU D 2257 -23.45 41.67 1.68
N GLU D 2258 -24.67 41.55 2.20
CA GLU D 2258 -25.04 42.29 3.38
C GLU D 2258 -24.15 41.93 4.55
N LEU D 2259 -23.93 40.63 4.74
CA LEU D 2259 -23.02 40.18 5.80
C LEU D 2259 -21.63 40.76 5.58
N SER D 2260 -21.20 40.84 4.32
CA SER D 2260 -19.90 41.43 4.03
C SER D 2260 -19.87 42.88 4.47
N GLN D 2261 -20.85 43.65 4.04
CA GLN D 2261 -20.82 45.08 4.31
C GLN D 2261 -21.07 45.40 5.77
N GLN D 2262 -21.51 44.44 6.58
CA GLN D 2262 -21.68 44.73 8.00
C GLN D 2262 -20.45 44.38 8.83
N PHE D 2263 -19.34 44.01 8.20
CA PHE D 2263 -18.08 43.78 8.90
C PHE D 2263 -16.95 44.59 8.26
N ASP D 2264 -17.28 45.81 7.85
CA ASP D 2264 -16.36 46.62 7.04
C ASP D 2264 -14.97 46.74 7.64
N PRO D 2265 -14.79 47.25 8.87
CA PRO D 2265 -13.42 47.57 9.35
C PRO D 2265 -12.44 46.43 9.20
N TYR D 2266 -12.90 45.22 8.91
CA TYR D 2266 -12.20 44.03 9.28
C TYR D 2266 -11.65 43.32 8.06
N PRO D 2267 -10.34 43.21 7.90
CA PRO D 2267 -9.82 42.23 6.94
C PRO D 2267 -10.13 40.82 7.34
N LEU D 2268 -10.41 40.59 8.62
CA LEU D 2268 -10.70 39.26 9.14
C LEU D 2268 -11.80 38.60 8.33
N ALA D 2269 -12.86 39.37 8.06
CA ALA D 2269 -13.96 38.84 7.26
C ALA D 2269 -13.47 38.35 5.91
N MET D 2270 -12.57 39.10 5.28
CA MET D 2270 -12.05 38.64 3.99
C MET D 2270 -11.39 37.28 4.14
N GLN D 2271 -10.58 37.10 5.18
CA GLN D 2271 -9.91 35.82 5.35
C GLN D 2271 -10.90 34.70 5.58
N PHE D 2272 -11.91 34.91 6.41
CA PHE D 2272 -12.79 33.81 6.81
C PHE D 2272 -14.02 33.70 5.93
N ILE D 2273 -14.86 34.74 5.91
CA ILE D 2273 -16.15 34.67 5.28
C ILE D 2273 -16.00 34.35 3.80
N SER D 2274 -15.01 34.95 3.14
CA SER D 2274 -14.86 34.80 1.71
C SER D 2274 -14.66 33.34 1.29
N GLN D 2275 -14.15 32.49 2.19
CA GLN D 2275 -13.85 31.12 1.83
C GLN D 2275 -15.08 30.34 1.38
N TYR D 2276 -16.27 30.82 1.72
CA TYR D 2276 -17.50 30.04 1.58
C TYR D 2276 -18.42 30.68 0.55
N SER D 2277 -18.91 29.88 -0.38
CA SER D 2277 -19.93 30.36 -1.28
C SER D 2277 -21.18 30.72 -0.48
N PRO D 2278 -21.90 31.76 -0.88
CA PRO D 2278 -23.08 32.20 -0.11
C PRO D 2278 -24.08 31.09 0.16
N GLU D 2279 -24.19 30.11 -0.73
CA GLU D 2279 -25.09 28.99 -0.48
C GLU D 2279 -24.51 27.98 0.50
N ASP D 2280 -23.19 27.99 0.72
CA ASP D 2280 -22.56 27.09 1.66
C ASP D 2280 -22.91 27.40 3.11
N ILE D 2281 -23.67 28.45 3.35
CA ILE D 2281 -23.92 28.94 4.69
C ILE D 2281 -25.42 29.09 4.86
N VAL D 2282 -25.98 28.49 5.91
CA VAL D 2282 -27.42 28.42 6.10
C VAL D 2282 -27.76 28.99 7.46
N THR D 2283 -29.05 29.26 7.66
CA THR D 2283 -29.56 29.83 8.89
C THR D 2283 -30.62 28.90 9.48
N ALA D 2284 -30.68 28.86 10.80
CA ALA D 2284 -31.59 27.99 11.53
C ALA D 2284 -32.61 28.87 12.26
N GLN D 2285 -33.78 29.03 11.64
CA GLN D 2285 -34.84 29.85 12.22
C GLN D 2285 -35.58 29.08 13.33
N ILE D 2286 -34.82 28.72 14.36
CA ILE D 2286 -35.37 27.92 15.43
C ILE D 2286 -36.36 28.75 16.24
N GLU D 2287 -37.56 28.23 16.42
CA GLU D 2287 -38.58 28.94 17.18
C GLU D 2287 -38.36 28.77 18.67
N GLY D 2288 -38.88 29.72 19.43
CA GLY D 2288 -38.74 29.68 20.88
C GLY D 2288 -40.01 29.25 21.56
N SER D 2289 -41.16 29.63 21.00
CA SER D 2289 -42.44 29.33 21.63
C SER D 2289 -42.77 27.84 21.58
N SER D 2290 -42.45 27.17 20.48
CA SER D 2290 -42.96 25.82 20.26
C SER D 2290 -42.17 24.75 21.02
N GLY D 2291 -41.40 25.13 22.03
CA GLY D 2291 -40.89 24.13 22.95
C GLY D 2291 -42.02 23.34 23.57
N ALA D 2292 -41.78 22.05 23.70
CA ALA D 2292 -42.80 21.17 24.24
C ALA D 2292 -42.93 21.35 25.74
N LEU D 2293 -43.97 20.72 26.30
CA LEU D 2293 -44.23 20.87 27.72
C LEU D 2293 -43.04 20.42 28.53
N TRP D 2294 -42.76 21.15 29.59
CA TRP D 2294 -41.67 20.81 30.46
C TRP D 2294 -41.95 19.47 31.11
N ARG D 2295 -40.89 18.74 31.42
CA ARG D 2295 -40.92 17.44 32.06
C ARG D 2295 -40.12 17.55 33.34
N ILE D 2296 -40.74 17.94 34.44
CA ILE D 2296 -40.01 17.93 35.70
C ILE D 2296 -40.93 17.38 36.78
N SER D 2297 -40.41 16.42 37.51
CA SER D 2297 -41.17 15.79 38.58
C SER D 2297 -41.18 16.70 39.80
N PRO D 2298 -42.33 16.91 40.42
CA PRO D 2298 -42.44 17.97 41.43
C PRO D 2298 -41.48 17.79 42.60
N PRO D 2299 -41.02 16.58 42.94
CA PRO D 2299 -39.84 16.54 43.82
C PRO D 2299 -38.64 17.25 43.21
N SER D 2300 -38.35 16.97 41.95
CA SER D 2300 -37.19 17.60 41.32
C SER D 2300 -37.43 19.08 41.11
N ARG D 2301 -38.65 19.49 40.79
CA ARG D 2301 -38.92 20.92 40.66
C ARG D 2301 -38.72 21.63 41.99
N ALA D 2302 -39.21 21.04 43.08
CA ALA D 2302 -39.03 21.65 44.38
C ALA D 2302 -37.55 21.72 44.75
N GLN D 2303 -36.80 20.65 44.46
CA GLN D 2303 -35.38 20.66 44.77
C GLN D 2303 -34.63 21.69 43.94
N MET D 2304 -34.99 21.83 42.67
CA MET D 2304 -34.44 22.89 41.83
C MET D 2304 -34.73 24.27 42.41
N LYS D 2305 -35.97 24.48 42.83
CA LYS D 2305 -36.32 25.76 43.44
C LYS D 2305 -35.50 26.00 44.70
N GLN D 2306 -35.30 24.96 45.51
CA GLN D 2306 -34.49 25.10 46.72
C GLN D 2306 -33.06 25.48 46.37
N GLU D 2307 -32.47 24.78 45.41
CA GLU D 2307 -31.08 25.07 45.03
C GLU D 2307 -30.95 26.47 44.48
N LEU D 2308 -31.97 26.97 43.80
CA LEU D 2308 -31.91 28.33 43.31
C LEU D 2308 -32.15 29.35 44.42
N TYR D 2309 -33.01 29.02 45.38
CA TYR D 2309 -33.41 29.95 46.43
C TYR D 2309 -32.32 30.08 47.50
N ASN D 2310 -32.03 28.98 48.19
CA ASN D 2310 -31.02 28.97 49.24
C ASN D 2310 -29.85 28.06 48.90
N GLY D 2311 -29.43 28.05 47.64
CA GLY D 2311 -28.28 27.27 47.25
C GLY D 2311 -26.98 27.90 47.70
N THR D 2312 -25.96 27.05 47.81
CA THR D 2312 -24.61 27.48 48.18
C THR D 2312 -23.60 27.24 47.08
N ALA D 2313 -23.53 26.01 46.57
CA ALA D 2313 -22.61 25.72 45.48
C ALA D 2313 -23.03 26.44 44.21
N ASP D 2314 -22.06 26.95 43.48
CA ASP D 2314 -22.33 27.68 42.25
C ASP D 2314 -22.93 26.73 41.21
N ILE D 2315 -23.97 27.19 40.53
CA ILE D 2315 -24.77 26.36 39.63
C ILE D 2315 -24.42 26.70 38.20
N THR D 2316 -24.74 25.76 37.30
CA THR D 2316 -24.44 25.90 35.88
C THR D 2316 -25.74 25.95 35.07
N LEU D 2317 -25.61 26.42 33.83
CA LEU D 2317 -26.74 26.50 32.91
C LEU D 2317 -26.16 26.45 31.49
N ARG D 2318 -26.23 25.29 30.86
CA ARG D 2318 -25.57 25.06 29.59
C ARG D 2318 -26.56 25.17 28.43
N PHE D 2319 -26.01 25.27 27.23
CA PHE D 2319 -26.78 25.59 26.03
C PHE D 2319 -26.09 24.91 24.85
N THR D 2320 -26.56 23.71 24.52
CA THR D 2320 -25.88 22.85 23.56
C THR D 2320 -26.61 22.83 22.23
N TRP D 2321 -25.88 23.12 21.15
CA TRP D 2321 -26.41 22.95 19.81
C TRP D 2321 -25.90 21.64 19.23
N ASN D 2322 -26.51 21.20 18.14
CA ASN D 2322 -26.15 19.93 17.55
C ASN D 2322 -26.64 19.89 16.11
N PHE D 2323 -25.73 19.68 15.17
CA PHE D 2323 -26.04 19.67 13.75
C PHE D 2323 -25.91 18.26 13.21
N GLN D 2324 -26.90 17.81 12.44
CA GLN D 2324 -26.88 16.50 11.81
C GLN D 2324 -26.83 16.69 10.29
N ARG D 2325 -25.83 16.11 9.66
CA ARG D 2325 -25.65 16.20 8.22
C ARG D 2325 -26.08 14.90 7.55
N ASP D 2326 -25.80 14.82 6.25
CA ASP D 2326 -26.15 13.64 5.47
C ASP D 2326 -24.90 12.90 5.03
N LEU D 2327 -24.91 11.58 5.22
CA LEU D 2327 -23.77 10.77 4.84
C LEU D 2327 -23.75 10.45 3.35
N ALA D 2328 -24.89 10.53 2.68
CA ALA D 2328 -24.95 10.21 1.26
C ALA D 2328 -24.01 11.06 0.43
N LYS D 2329 -23.66 12.24 0.92
CA LYS D 2329 -22.67 13.10 0.27
C LYS D 2329 -21.26 12.80 0.73
N GLY D 2330 -20.99 11.57 1.16
CA GLY D 2330 -19.71 11.23 1.71
C GLY D 2330 -19.59 11.71 3.15
N GLY D 2331 -18.35 11.80 3.60
CA GLY D 2331 -18.11 12.28 4.95
C GLY D 2331 -17.96 11.15 5.94
N THR D 2332 -17.24 11.42 7.02
CA THR D 2332 -16.96 10.43 8.05
C THR D 2332 -17.65 10.70 9.37
N VAL D 2333 -18.08 11.93 9.62
CA VAL D 2333 -18.75 12.28 10.86
C VAL D 2333 -20.19 12.64 10.53
N GLU D 2334 -21.08 12.43 11.50
CA GLU D 2334 -22.50 12.64 11.30
C GLU D 2334 -23.03 13.66 12.29
N TYR D 2335 -22.48 13.66 13.50
CA TYR D 2335 -22.89 14.56 14.56
C TYR D 2335 -21.72 15.44 14.97
N THR D 2336 -21.99 16.73 15.12
CA THR D 2336 -21.06 17.67 15.71
C THR D 2336 -21.81 18.49 16.74
N ASN D 2337 -21.11 18.93 17.78
CA ASN D 2337 -21.80 19.57 18.88
C ASN D 2337 -20.79 20.20 19.81
N GLU D 2338 -21.20 21.26 20.51
CA GLU D 2338 -20.47 21.75 21.66
C GLU D 2338 -21.42 22.56 22.52
N LYS D 2339 -20.90 23.05 23.65
CA LYS D 2339 -21.69 23.71 24.66
C LYS D 2339 -21.01 24.99 25.10
N HIS D 2340 -21.80 25.93 25.60
CA HIS D 2340 -21.29 27.15 26.21
C HIS D 2340 -21.78 27.18 27.65
N THR D 2341 -21.03 26.58 28.55
CA THR D 2341 -21.40 26.53 29.95
C THR D 2341 -21.33 27.93 30.55
N LEU D 2342 -22.34 28.29 31.35
CA LEU D 2342 -22.36 29.56 32.07
C LEU D 2342 -22.63 29.29 33.55
N GLU D 2343 -21.99 30.07 34.41
CA GLU D 2343 -22.15 29.94 35.84
C GLU D 2343 -23.03 31.05 36.37
N LEU D 2344 -23.95 30.69 37.27
CA LEU D 2344 -24.82 31.67 37.92
C LEU D 2344 -24.41 31.76 39.39
N ALA D 2345 -23.79 32.87 39.75
CA ALA D 2345 -23.20 33.00 41.08
C ALA D 2345 -24.27 32.96 42.15
N PRO D 2346 -24.00 32.37 43.30
CA PRO D 2346 -24.97 32.40 44.40
C PRO D 2346 -25.23 33.84 44.83
N ASN D 2347 -26.48 34.12 45.17
CA ASN D 2347 -26.96 35.44 45.55
C ASN D 2347 -26.76 36.47 44.46
N SER D 2348 -26.39 36.05 43.25
CA SER D 2348 -26.31 36.99 42.15
C SER D 2348 -27.69 37.27 41.60
N THR D 2349 -27.79 38.32 40.79
CA THR D 2349 -29.08 38.75 40.29
C THR D 2349 -29.73 37.68 39.42
N ALA D 2350 -28.95 37.03 38.57
CA ALA D 2350 -29.53 36.07 37.63
C ALA D 2350 -30.25 34.95 38.35
N ARG D 2351 -29.58 34.29 39.30
CA ARG D 2351 -30.23 33.24 40.06
C ARG D 2351 -31.37 33.80 40.91
N ARG D 2352 -31.17 34.97 41.51
CA ARG D 2352 -32.20 35.56 42.34
C ARG D 2352 -33.47 35.84 41.55
N GLN D 2353 -33.35 35.98 40.23
CA GLN D 2353 -34.53 36.17 39.39
C GLN D 2353 -35.08 34.87 38.83
N LEU D 2354 -34.23 33.91 38.47
CA LEU D 2354 -34.74 32.61 38.06
C LEU D 2354 -35.57 31.98 39.18
N ALA D 2355 -35.09 32.09 40.42
CA ALA D 2355 -35.82 31.51 41.54
C ALA D 2355 -37.22 32.11 41.65
N GLN D 2356 -37.32 33.43 41.57
CA GLN D 2356 -38.63 34.06 41.56
C GLN D 2356 -39.45 33.59 40.37
N LEU D 2357 -38.81 33.42 39.21
CA LEU D 2357 -39.53 32.96 38.03
C LEU D 2357 -40.20 31.62 38.29
N LEU D 2358 -39.52 30.74 39.01
CA LEU D 2358 -40.07 29.41 39.25
C LEU D 2358 -41.34 29.41 40.10
N GLU D 2359 -41.63 30.50 40.83
CA GLU D 2359 -42.78 30.44 41.73
C GLU D 2359 -44.11 30.57 41.00
N GLY D 2360 -44.08 30.74 39.69
CA GLY D 2360 -45.29 30.77 38.90
C GLY D 2360 -46.00 32.10 38.83
N ARG D 2361 -45.30 33.20 39.03
CA ARG D 2361 -45.90 34.50 38.82
C ARG D 2361 -46.24 34.66 37.34
N PRO D 2362 -47.29 35.44 37.01
CA PRO D 2362 -47.81 35.39 35.64
C PRO D 2362 -46.88 35.94 34.57
N ASP D 2363 -46.40 37.18 34.75
CA ASP D 2363 -45.79 37.91 33.65
C ASP D 2363 -44.30 38.14 33.80
N GLN D 2364 -43.75 37.94 34.99
CA GLN D 2364 -42.36 38.24 35.25
C GLN D 2364 -41.45 37.40 34.36
N SER D 2365 -40.23 37.89 34.17
CA SER D 2365 -39.28 37.27 33.25
C SER D 2365 -37.88 37.75 33.61
N VAL D 2366 -36.89 37.08 33.05
CA VAL D 2366 -35.49 37.43 33.27
C VAL D 2366 -34.74 37.33 31.94
N VAL D 2367 -33.61 38.02 31.87
CA VAL D 2367 -32.72 37.98 30.72
C VAL D 2367 -31.35 37.55 31.22
N ILE D 2368 -30.71 36.65 30.48
CA ILE D 2368 -29.38 36.16 30.81
C ILE D 2368 -28.43 36.60 29.71
N PRO D 2369 -27.33 37.27 30.03
CA PRO D 2369 -26.42 37.74 28.99
C PRO D 2369 -25.45 36.67 28.52
N HIS D 2370 -25.03 36.82 27.27
CA HIS D 2370 -23.93 36.05 26.69
C HIS D 2370 -24.21 34.54 26.71
N LEU D 2371 -25.21 34.14 25.93
CA LEU D 2371 -25.63 32.75 25.94
C LEU D 2371 -25.88 32.15 24.56
N PHE D 2372 -26.00 32.96 23.51
CA PHE D 2372 -26.42 32.46 22.19
C PHE D 2372 -25.47 32.99 21.12
N PRO D 2373 -24.39 32.29 20.84
CA PRO D 2373 -23.52 32.68 19.73
C PRO D 2373 -24.27 32.65 18.42
N LYS D 2374 -23.87 33.51 17.49
CA LYS D 2374 -24.64 33.67 16.26
C LYS D 2374 -24.00 33.00 15.06
N TYR D 2375 -22.68 32.90 15.00
CA TYR D 2375 -21.99 32.35 13.84
C TYR D 2375 -21.16 31.15 14.27
N ILE D 2376 -21.56 29.96 13.82
CA ILE D 2376 -20.98 28.71 14.29
C ILE D 2376 -20.44 27.94 13.10
N ARG D 2377 -19.17 27.55 13.19
CA ARG D 2377 -18.51 26.76 12.16
C ARG D 2377 -18.77 25.28 12.40
N ALA D 2378 -19.09 24.56 11.34
CA ALA D 2378 -19.38 23.12 11.41
C ALA D 2378 -18.42 22.39 10.48
N PRO D 2379 -17.15 22.29 10.86
CA PRO D 2379 -16.19 21.62 9.99
C PRO D 2379 -16.37 20.11 10.04
N ASN D 2380 -15.49 19.37 9.38
CA ASN D 2380 -15.62 17.92 9.29
C ASN D 2380 -15.26 17.22 10.59
N GLY D 2381 -14.97 17.95 11.65
CA GLY D 2381 -14.69 17.33 12.93
C GLY D 2381 -15.76 17.63 13.95
N PRO D 2382 -15.93 16.74 14.91
CA PRO D 2382 -16.90 16.99 15.99
C PRO D 2382 -16.53 18.15 16.90
N GLU D 2383 -16.20 19.30 16.34
CA GLU D 2383 -16.03 20.53 17.12
C GLU D 2383 -16.71 21.65 16.35
N ALA D 2384 -17.90 22.04 16.80
CA ALA D 2384 -18.64 23.13 16.16
C ALA D 2384 -18.27 24.45 16.81
N ASN D 2385 -16.97 24.69 16.85
CA ASN D 2385 -16.43 25.80 17.64
C ASN D 2385 -16.98 27.12 17.14
N PRO D 2386 -17.33 28.05 18.03
CA PRO D 2386 -17.84 29.35 17.57
C PRO D 2386 -16.77 30.03 16.76
N VAL D 2387 -17.19 30.79 15.75
CA VAL D 2387 -16.18 31.44 14.93
C VAL D 2387 -15.61 32.61 15.72
N LYS D 2388 -14.33 32.50 16.10
CA LYS D 2388 -13.70 33.56 16.88
C LYS D 2388 -13.61 34.85 16.09
N GLN D 2389 -13.62 34.74 14.77
CA GLN D 2389 -13.13 35.83 13.93
C GLN D 2389 -14.24 36.72 13.38
N LEU D 2390 -15.48 36.52 13.81
CA LEU D 2390 -16.49 37.58 13.76
C LEU D 2390 -16.79 38.16 15.13
N GLN D 2391 -16.05 37.74 16.17
CA GLN D 2391 -16.38 38.08 17.55
C GLN D 2391 -15.15 37.95 18.45
N PRO D 2392 -14.43 39.05 18.66
CA PRO D 2392 -13.16 38.96 19.39
C PRO D 2392 -13.28 38.51 20.83
N ASP D 2393 -14.33 38.93 21.54
CA ASP D 2393 -14.38 38.69 22.97
C ASP D 2393 -14.57 37.22 23.30
N GLU D 2394 -15.32 36.49 22.47
CA GLU D 2394 -15.63 35.08 22.65
C GLU D 2394 -16.54 34.87 23.84
N GLU D 2395 -16.78 35.92 24.63
CA GLU D 2395 -17.75 35.82 25.71
C GLU D 2395 -18.65 37.03 25.84
N GLU D 2396 -18.23 38.21 25.39
CA GLU D 2396 -19.09 39.39 25.46
C GLU D 2396 -19.85 39.63 24.17
N ASP D 2397 -19.35 39.10 23.06
CA ASP D 2397 -20.04 39.29 21.80
C ASP D 2397 -21.22 38.34 21.63
N TYR D 2398 -21.40 37.39 22.55
CA TYR D 2398 -22.58 36.54 22.50
C TYR D 2398 -23.84 37.36 22.76
N LEU D 2399 -24.92 36.96 22.13
CA LEU D 2399 -26.19 37.63 22.33
C LEU D 2399 -26.72 37.39 23.73
N GLY D 2400 -27.69 38.22 24.11
CA GLY D 2400 -28.45 37.97 25.33
C GLY D 2400 -29.77 37.33 24.98
N VAL D 2401 -30.14 36.30 25.75
CA VAL D 2401 -31.39 35.59 25.53
C VAL D 2401 -32.33 35.94 26.67
N ARG D 2402 -33.62 35.91 26.38
CA ARG D 2402 -34.66 36.26 27.35
C ARG D 2402 -35.50 35.02 27.63
N ILE D 2403 -35.40 34.51 28.85
CA ILE D 2403 -36.17 33.34 29.26
C ILE D 2403 -37.46 33.78 29.90
N GLN D 2404 -38.55 33.13 29.53
CA GLN D 2404 -39.86 33.37 30.12
C GLN D 2404 -40.54 32.03 30.37
N LEU D 2405 -41.10 31.86 31.56
CA LEU D 2405 -41.81 30.64 31.92
C LEU D 2405 -43.29 30.90 31.70
N ARG D 2406 -43.81 30.51 30.55
CA ARG D 2406 -45.24 30.54 30.31
C ARG D 2406 -45.88 29.43 31.13
N ARG D 2407 -47.08 29.69 31.62
CA ARG D 2407 -47.70 28.82 32.62
C ARG D 2407 -49.19 28.76 32.36
N GLU D 2408 -49.74 27.55 32.35
CA GLU D 2408 -51.14 27.35 31.99
C GLU D 2408 -51.82 26.48 33.03
N GLN D 2409 -52.99 26.92 33.48
CA GLN D 2409 -53.71 26.25 34.55
C GLN D 2409 -54.52 25.06 34.04
N VAL D 2410 -54.59 24.02 34.86
CA VAL D 2410 -55.46 22.88 34.63
C VAL D 2410 -56.18 22.57 35.93
N GLY D 2411 -57.45 22.18 35.82
CA GLY D 2411 -58.25 21.88 36.99
C GLY D 2411 -59.71 22.27 36.84
N GLY D 2420 -53.39 20.84 48.40
CA GLY D 2420 -53.84 22.11 47.87
C GLY D 2420 -52.71 22.94 47.28
N THR D 2421 -51.86 22.32 46.49
CA THR D 2421 -50.73 23.03 45.90
C THR D 2421 -51.20 24.00 44.81
N LYS D 2422 -50.68 25.22 44.88
CA LYS D 2422 -50.86 26.20 43.83
C LYS D 2422 -49.70 26.22 42.84
N ALA D 2423 -48.63 25.49 43.13
CA ALA D 2423 -47.40 25.56 42.33
C ALA D 2423 -47.35 24.47 41.26
N SER D 2424 -47.37 23.21 41.68
CA SER D 2424 -47.16 22.10 40.77
C SER D 2424 -48.46 21.42 40.35
N ASP D 2425 -49.52 22.20 40.23
CA ASP D 2425 -50.84 21.68 39.94
C ASP D 2425 -51.15 21.65 38.45
N PHE D 2426 -50.27 22.15 37.60
CA PHE D 2426 -50.68 22.52 36.25
C PHE D 2426 -49.48 22.83 35.37
N LEU D 2427 -49.75 23.05 34.09
CA LEU D 2427 -48.77 22.87 33.02
C LEU D 2427 -47.68 23.93 33.06
N GLU D 2428 -46.53 23.60 32.46
CA GLU D 2428 -45.41 24.52 32.34
C GLU D 2428 -44.72 24.31 31.02
N TRP D 2429 -44.02 25.35 30.56
CA TRP D 2429 -43.07 25.24 29.45
C TRP D 2429 -42.26 26.52 29.37
N TRP D 2430 -41.16 26.46 28.64
CA TRP D 2430 -40.20 27.56 28.58
C TRP D 2430 -40.19 28.18 27.20
N VAL D 2431 -40.02 29.50 27.14
CA VAL D 2431 -39.96 30.25 25.89
C VAL D 2431 -38.79 31.21 25.98
N ILE D 2432 -37.87 31.13 25.03
CA ILE D 2432 -36.69 31.99 25.02
C ILE D 2432 -36.73 32.88 23.79
N GLU D 2433 -36.33 34.14 23.96
CA GLU D 2433 -36.34 35.13 22.91
C GLU D 2433 -35.01 35.87 22.97
N LEU D 2434 -34.64 36.49 21.86
CA LEU D 2434 -33.44 37.31 21.89
C LEU D 2434 -33.68 38.55 22.75
N GLN D 2435 -32.58 39.09 23.29
CA GLN D 2435 -32.69 40.28 24.12
C GLN D 2435 -33.27 41.44 23.34
N ASP D 2436 -32.84 41.62 22.11
CA ASP D 2436 -33.30 42.69 21.23
C ASP D 2436 -34.20 42.13 20.14
N CYS D 2437 -35.48 41.92 20.49
CA CYS D 2437 -36.48 41.45 19.55
C CYS D 2437 -37.37 42.62 19.14
N LYS D 2438 -37.49 42.84 17.83
CA LYS D 2438 -38.26 43.96 17.30
C LYS D 2438 -39.71 43.56 17.11
N ALA D 2439 -39.97 42.57 16.27
CA ALA D 2439 -41.29 41.97 16.15
C ALA D 2439 -41.19 40.46 15.99
N ASP D 2440 -40.02 39.88 16.22
CA ASP D 2440 -39.72 38.49 15.89
C ASP D 2440 -39.55 37.65 17.14
N CYS D 2441 -40.43 37.82 18.12
CA CYS D 2441 -40.32 37.07 19.37
C CYS D 2441 -40.32 35.56 19.13
N ASN D 2442 -40.92 35.13 18.02
CA ASN D 2442 -40.85 33.73 17.61
C ASN D 2442 -39.71 33.49 16.62
N LEU D 2443 -38.49 33.89 16.98
CA LEU D 2443 -37.39 33.78 16.05
C LEU D 2443 -36.06 33.86 16.78
N LEU D 2444 -35.16 32.94 16.47
CA LEU D 2444 -33.78 32.97 16.94
C LEU D 2444 -32.89 32.62 15.77
N PRO D 2445 -32.46 33.60 14.98
CA PRO D 2445 -31.56 33.29 13.87
C PRO D 2445 -30.21 32.82 14.38
N MET D 2446 -29.63 31.87 13.64
CA MET D 2446 -28.37 31.27 14.06
C MET D 2446 -27.61 30.88 12.80
N VAL D 2447 -26.70 31.75 12.36
CA VAL D 2447 -25.95 31.51 11.13
C VAL D 2447 -24.88 30.47 11.40
N ILE D 2448 -24.87 29.42 10.59
CA ILE D 2448 -24.00 28.27 10.83
C ILE D 2448 -23.17 28.00 9.57
N PHE D 2449 -21.88 27.81 9.76
CA PHE D 2449 -20.91 27.71 8.67
C PHE D 2449 -20.63 26.25 8.39
N SER D 2450 -20.64 25.87 7.12
CA SER D 2450 -20.38 24.50 6.70
C SER D 2450 -19.19 24.48 5.76
N ASP D 2451 -18.20 23.64 6.07
CA ASP D 2451 -17.11 23.45 5.15
C ASP D 2451 -17.42 22.27 4.23
N LYS D 2452 -16.78 22.26 3.07
CA LYS D 2452 -17.10 21.28 2.05
C LYS D 2452 -16.84 19.86 2.54
N VAL D 2453 -17.39 18.88 1.83
CA VAL D 2453 -17.26 17.48 2.20
C VAL D 2453 -16.33 16.80 1.21
N SER D 2454 -15.42 15.99 1.74
CA SER D 2454 -14.44 15.26 0.96
C SER D 2454 -14.47 13.79 1.36
N PRO D 2455 -14.30 12.88 0.41
CA PRO D 2455 -14.20 11.47 0.76
C PRO D 2455 -12.97 11.23 1.61
N PRO D 2456 -13.06 10.39 2.63
CA PRO D 2456 -11.87 10.10 3.43
C PRO D 2456 -10.90 9.22 2.67
N SER D 2457 -10.62 9.60 1.43
CA SER D 2457 -9.65 8.94 0.58
C SER D 2457 -8.31 9.65 0.62
N LEU D 2458 -8.11 10.55 1.58
CA LEU D 2458 -6.86 11.31 1.65
C LEU D 2458 -5.67 10.40 1.86
N GLY D 2459 -5.81 9.41 2.75
CA GLY D 2459 -4.70 8.51 3.02
C GLY D 2459 -3.54 9.27 3.63
N PHE D 2460 -2.39 9.15 3.00
CA PHE D 2460 -1.18 9.87 3.39
C PHE D 2460 -0.77 10.81 2.25
N LEU D 2461 -0.64 12.10 2.59
CA LEU D 2461 -0.52 13.19 1.64
C LEU D 2461 0.96 13.50 1.38
N ALA D 2462 1.19 14.57 0.62
CA ALA D 2462 2.54 15.06 0.36
C ALA D 2462 3.21 15.52 1.66
N GLY D 2463 4.45 15.98 1.57
CA GLY D 2463 5.22 16.19 2.78
C GLY D 2463 5.81 14.90 3.28
N TYR D 2464 6.75 14.35 2.50
CA TYR D 2464 7.43 13.07 2.77
C TYR D 2464 6.46 11.95 3.11
N GLY D 2465 5.21 12.04 2.66
CA GLY D 2465 4.29 10.92 2.78
C GLY D 2465 4.16 10.14 1.48
N ILE D 2466 3.84 10.84 0.40
CA ILE D 2466 3.60 10.21 -0.90
C ILE D 2466 4.67 10.54 -1.92
N VAL D 2467 5.42 11.63 -1.74
CA VAL D 2467 6.55 11.91 -2.60
C VAL D 2467 7.58 10.78 -2.52
N GLY D 2468 7.62 10.09 -1.39
CA GLY D 2468 8.55 8.97 -1.24
C GLY D 2468 8.29 7.86 -2.25
N LEU D 2469 7.02 7.50 -2.44
CA LEU D 2469 6.72 6.44 -3.39
C LEU D 2469 7.03 6.88 -4.82
N TYR D 2470 6.76 8.14 -5.15
CA TYR D 2470 7.09 8.63 -6.49
C TYR D 2470 8.60 8.62 -6.72
N VAL D 2471 9.38 9.06 -5.74
CA VAL D 2471 10.82 9.00 -5.88
C VAL D 2471 11.28 7.55 -6.01
N SER D 2472 10.66 6.65 -5.27
CA SER D 2472 11.02 5.24 -5.38
C SER D 2472 10.77 4.73 -6.79
N ILE D 2473 9.60 5.05 -7.36
CA ILE D 2473 9.27 4.52 -8.67
C ILE D 2473 10.16 5.14 -9.75
N VAL D 2474 10.46 6.43 -9.64
CA VAL D 2474 11.29 7.06 -10.65
C VAL D 2474 12.72 6.54 -10.56
N LEU D 2475 13.24 6.34 -9.35
CA LEU D 2475 14.59 5.80 -9.22
C LEU D 2475 14.67 4.36 -9.71
N VAL D 2476 13.68 3.54 -9.38
CA VAL D 2476 13.72 2.15 -9.81
C VAL D 2476 13.62 2.05 -11.32
N VAL D 2477 12.70 2.80 -11.93
CA VAL D 2477 12.61 2.76 -13.38
C VAL D 2477 13.85 3.35 -14.02
N GLY D 2478 14.46 4.36 -13.39
CA GLY D 2478 15.69 4.89 -13.93
C GLY D 2478 16.80 3.85 -13.96
N LYS D 2479 16.96 3.12 -12.88
CA LYS D 2479 17.98 2.07 -12.86
C LYS D 2479 17.67 0.99 -13.88
N PHE D 2480 16.42 0.55 -13.94
CA PHE D 2480 16.07 -0.51 -14.88
C PHE D 2480 16.33 -0.08 -16.31
N VAL D 2481 15.92 1.14 -16.66
CA VAL D 2481 16.07 1.60 -18.04
C VAL D 2481 17.54 1.83 -18.37
N ARG D 2482 18.31 2.36 -17.41
CA ARG D 2482 19.76 2.42 -17.60
C ARG D 2482 20.36 1.04 -17.79
N GLY D 2483 19.67 0.01 -17.35
CA GLY D 2483 20.12 -1.34 -17.63
C GLY D 2483 20.39 -1.60 -19.11
N PHE D 2484 19.72 -0.87 -20.00
CA PHE D 2484 19.91 -1.05 -21.44
C PHE D 2484 20.98 -0.13 -22.03
N PHE D 2485 21.51 0.81 -21.26
CA PHE D 2485 22.40 1.80 -21.85
C PHE D 2485 23.78 1.86 -21.20
N SER D 2486 24.01 1.14 -20.11
CA SER D 2486 25.22 1.32 -19.30
C SER D 2486 26.26 0.23 -19.54
N GLU D 2487 25.87 -1.03 -19.41
CA GLU D 2487 26.78 -2.15 -19.64
C GLU D 2487 26.50 -2.79 -20.99
N ILE D 2488 26.20 -1.98 -21.99
CA ILE D 2488 25.83 -2.47 -23.31
C ILE D 2488 27.08 -2.70 -24.15
N SER D 2489 28.19 -2.08 -23.75
CA SER D 2489 29.41 -2.23 -24.53
C SER D 2489 30.11 -3.54 -24.24
N HIS D 2490 29.88 -4.14 -23.07
CA HIS D 2490 30.61 -5.35 -22.71
C HIS D 2490 30.21 -6.51 -23.60
N SER D 2491 28.94 -6.87 -23.61
CA SER D 2491 28.45 -7.94 -24.46
C SER D 2491 28.34 -7.44 -25.90
N ILE D 2492 29.50 -7.13 -26.48
CA ILE D 2492 29.59 -6.71 -27.87
C ILE D 2492 30.41 -7.67 -28.70
N MET D 2493 31.09 -8.61 -28.05
CA MET D 2493 31.77 -9.70 -28.73
C MET D 2493 30.86 -10.89 -28.96
N PHE D 2494 29.69 -10.90 -28.34
CA PHE D 2494 28.71 -11.96 -28.50
C PHE D 2494 27.48 -11.52 -29.28
N GLU D 2495 27.46 -10.29 -29.80
CA GLU D 2495 26.28 -9.79 -30.49
C GLU D 2495 26.60 -9.02 -31.76
N GLU D 2496 27.82 -9.05 -32.26
CA GLU D 2496 28.17 -8.35 -33.49
C GLU D 2496 28.83 -9.30 -34.49
N LEU D 2497 28.46 -10.56 -34.45
CA LEU D 2497 29.07 -11.55 -35.31
C LEU D 2497 28.70 -11.29 -36.77
N PRO D 2498 29.64 -11.30 -37.69
CA PRO D 2498 29.29 -11.13 -39.10
C PRO D 2498 28.45 -12.25 -39.66
N CYS D 2499 28.93 -13.48 -39.58
CA CYS D 2499 28.27 -14.63 -40.20
C CYS D 2499 28.16 -15.73 -39.17
N VAL D 2500 26.94 -16.00 -38.71
CA VAL D 2500 26.73 -16.97 -37.65
C VAL D 2500 26.35 -18.33 -38.19
N ASP D 2501 26.66 -18.61 -39.46
CA ASP D 2501 26.26 -19.88 -40.05
C ASP D 2501 26.89 -21.06 -39.33
N ARG D 2502 28.16 -20.96 -38.96
CA ARG D 2502 28.83 -22.11 -38.39
C ARG D 2502 28.32 -22.43 -36.99
N ILE D 2503 28.15 -21.41 -36.15
CA ILE D 2503 27.60 -21.66 -34.82
C ILE D 2503 26.18 -22.20 -34.93
N LEU D 2504 25.42 -21.72 -35.92
CA LEU D 2504 24.07 -22.22 -36.11
C LEU D 2504 24.08 -23.69 -36.49
N LYS D 2505 25.00 -24.09 -37.37
CA LYS D 2505 25.09 -25.50 -37.71
C LYS D 2505 25.52 -26.32 -36.51
N LEU D 2506 26.39 -25.77 -35.66
CA LEU D 2506 26.80 -26.52 -34.47
C LEU D 2506 25.64 -26.72 -33.51
N CYS D 2507 24.85 -25.68 -33.26
CA CYS D 2507 23.70 -25.83 -32.37
C CYS D 2507 22.68 -26.79 -32.96
N GLN D 2508 22.43 -26.70 -34.26
CA GLN D 2508 21.49 -27.63 -34.88
C GLN D 2508 22.03 -29.05 -34.83
N ASP D 2509 23.34 -29.24 -34.86
CA ASP D 2509 23.86 -30.60 -34.76
C ASP D 2509 23.78 -31.12 -33.34
N ILE D 2510 23.92 -30.26 -32.34
CA ILE D 2510 23.67 -30.70 -30.97
C ILE D 2510 22.23 -31.17 -30.83
N PHE D 2511 21.29 -30.38 -31.35
CA PHE D 2511 19.88 -30.78 -31.27
C PHE D 2511 19.62 -32.07 -32.02
N LEU D 2512 20.15 -32.18 -33.25
CA LEU D 2512 19.92 -33.36 -34.06
C LEU D 2512 20.48 -34.61 -33.41
N VAL D 2513 21.68 -34.53 -32.84
CA VAL D 2513 22.25 -35.73 -32.23
C VAL D 2513 21.60 -36.02 -30.89
N ARG D 2514 21.00 -35.02 -30.24
CA ARG D 2514 20.22 -35.31 -29.04
C ARG D 2514 18.91 -35.98 -29.40
N GLU D 2515 18.43 -35.73 -30.62
CA GLU D 2515 17.14 -36.27 -31.05
C GLU D 2515 17.21 -37.79 -31.22
N THR D 2516 18.27 -38.30 -31.82
CA THR D 2516 18.35 -39.69 -32.22
C THR D 2516 18.89 -40.59 -31.10
N ARG D 2517 18.75 -40.16 -29.84
CA ARG D 2517 19.18 -40.92 -28.69
C ARG D 2517 20.66 -41.28 -28.76
N GLU D 2518 21.42 -40.56 -29.57
CA GLU D 2518 22.87 -40.72 -29.69
C GLU D 2518 23.49 -39.69 -28.76
N LEU D 2519 24.28 -40.15 -27.78
CA LEU D 2519 24.60 -39.25 -26.68
C LEU D 2519 26.07 -38.83 -26.60
N GLU D 2520 27.03 -39.73 -26.81
CA GLU D 2520 28.42 -39.31 -26.71
C GLU D 2520 28.72 -38.12 -27.62
N LEU D 2521 28.19 -38.17 -28.84
CA LEU D 2521 28.40 -37.07 -29.77
C LEU D 2521 27.84 -35.77 -29.23
N GLU D 2522 26.80 -35.84 -28.40
CA GLU D 2522 26.30 -34.62 -27.80
C GLU D 2522 27.32 -34.00 -26.86
N GLU D 2523 27.99 -34.81 -26.06
CA GLU D 2523 28.99 -34.24 -25.16
C GLU D 2523 30.17 -33.69 -25.93
N GLU D 2524 30.62 -34.38 -26.97
CA GLU D 2524 31.75 -33.84 -27.72
C GLU D 2524 31.38 -32.54 -28.44
N LEU D 2525 30.18 -32.47 -29.01
CA LEU D 2525 29.74 -31.24 -29.67
C LEU D 2525 29.54 -30.12 -28.66
N TYR D 2526 29.01 -30.43 -27.48
CA TYR D 2526 28.89 -29.42 -26.45
C TYR D 2526 30.25 -28.91 -26.01
N ALA D 2527 31.24 -29.80 -25.94
CA ALA D 2527 32.59 -29.36 -25.63
C ALA D 2527 33.08 -28.37 -26.67
N LYS D 2528 32.85 -28.68 -27.94
CA LYS D 2528 33.27 -27.75 -28.99
C LYS D 2528 32.57 -26.41 -28.85
N LEU D 2529 31.28 -26.42 -28.56
CA LEU D 2529 30.55 -25.16 -28.43
C LEU D 2529 31.04 -24.33 -27.25
N ILE D 2530 31.24 -24.97 -26.11
CA ILE D 2530 31.72 -24.23 -24.94
C ILE D 2530 33.10 -23.65 -25.21
N PHE D 2531 33.98 -24.42 -25.82
CA PHE D 2531 35.27 -23.82 -26.11
C PHE D 2531 35.17 -22.73 -27.16
N LEU D 2532 34.11 -22.71 -27.97
CA LEU D 2532 33.93 -21.58 -28.86
C LEU D 2532 33.56 -20.33 -28.07
N TYR D 2533 32.56 -20.42 -27.20
CA TYR D 2533 32.28 -19.23 -26.36
C TYR D 2533 33.25 -18.98 -25.31
N ARG D 2534 34.38 -19.66 -25.21
CA ARG D 2534 35.36 -19.44 -24.15
C ARG D 2534 36.66 -18.87 -24.70
N SER D 2535 36.63 -18.34 -25.92
CA SER D 2535 37.85 -17.94 -26.61
C SER D 2535 37.55 -16.99 -27.76
N PRO D 2536 37.39 -15.69 -27.51
CA PRO D 2536 36.87 -14.80 -28.55
C PRO D 2536 37.72 -14.72 -29.81
N GLU D 2537 39.02 -15.03 -29.76
CA GLU D 2537 39.78 -15.04 -30.99
C GLU D 2537 39.40 -16.19 -31.90
N THR D 2538 39.07 -17.36 -31.35
CA THR D 2538 38.53 -18.40 -32.19
C THR D 2538 37.09 -18.16 -32.58
N MET D 2539 36.38 -17.28 -31.89
CA MET D 2539 35.07 -16.88 -32.36
C MET D 2539 35.13 -15.69 -33.30
N ILE D 2540 36.33 -15.16 -33.55
CA ILE D 2540 36.55 -14.34 -34.72
C ILE D 2540 37.00 -15.18 -35.91
N LYS D 2541 37.88 -16.16 -35.68
CA LYS D 2541 38.25 -17.09 -36.73
C LYS D 2541 37.03 -17.88 -37.22
N TRP D 2542 36.08 -18.13 -36.33
CA TRP D 2542 35.05 -19.13 -36.60
C TRP D 2542 33.78 -18.48 -37.13
N THR D 2543 33.60 -17.18 -36.90
CA THR D 2543 32.52 -16.43 -37.51
C THR D 2543 33.07 -15.30 -38.38
N ARG D 2544 34.10 -15.60 -39.15
CA ARG D 2544 34.60 -14.65 -40.13
C ARG D 2544 33.79 -14.77 -41.40
N GLU D 2545 33.43 -13.64 -41.97
CA GLU D 2545 32.61 -13.62 -43.18
C GLU D 2545 33.27 -14.47 -44.27
N ARG D 2546 32.58 -15.52 -44.69
CA ARG D 2546 33.17 -16.43 -45.67
C ARG D 2546 33.56 -15.68 -46.93
N GLU D 2547 34.76 -15.98 -47.42
CA GLU D 2547 35.33 -15.27 -48.57
C GLU D 2547 34.47 -15.45 -49.82
N LEU E 784 2.19 -78.02 31.20
CA LEU E 784 3.57 -78.48 31.25
C LEU E 784 4.23 -78.14 32.59
N ASP E 785 5.39 -77.51 32.52
CA ASP E 785 6.10 -77.13 33.74
C ASP E 785 5.43 -75.98 34.47
N LEU E 786 4.45 -75.32 33.85
CA LEU E 786 3.78 -74.20 34.50
C LEU E 786 3.03 -74.66 35.74
N ALA E 787 2.35 -75.81 35.67
CA ALA E 787 1.62 -76.31 36.83
C ALA E 787 2.57 -76.66 37.96
N ALA E 788 3.70 -77.29 37.65
CA ALA E 788 4.68 -77.62 38.68
C ALA E 788 5.27 -76.37 39.30
N SER E 789 5.56 -75.35 38.49
CA SER E 789 6.07 -74.10 39.03
C SER E 789 5.05 -73.43 39.94
N PHE E 790 3.77 -73.44 39.53
CA PHE E 790 2.72 -72.87 40.36
C PHE E 790 2.59 -73.62 41.68
N SER E 791 2.67 -74.95 41.64
CA SER E 791 2.59 -75.73 42.87
C SER E 791 3.77 -75.43 43.80
N ALA E 792 4.98 -75.34 43.23
CA ALA E 792 6.14 -75.01 44.05
C ALA E 792 6.02 -73.62 44.65
N VAL E 793 5.53 -72.66 43.86
CA VAL E 793 5.34 -71.31 44.38
C VAL E 793 4.32 -71.30 45.50
N LEU E 794 3.23 -72.06 45.34
CA LEU E 794 2.21 -72.14 46.39
C LEU E 794 2.78 -72.76 47.66
N THR E 795 3.58 -73.81 47.52
CA THR E 795 4.19 -74.44 48.70
C THR E 795 5.13 -73.48 49.41
N ARG E 796 5.95 -72.76 48.63
CA ARG E 796 6.85 -71.78 49.23
C ARG E 796 6.08 -70.66 49.92
N ILE E 797 4.99 -70.21 49.30
CA ILE E 797 4.17 -69.16 49.91
C ILE E 797 3.57 -69.65 51.21
N GLN E 798 3.09 -70.90 51.23
CA GLN E 798 2.51 -71.45 52.45
C GLN E 798 3.56 -71.54 53.55
N VAL E 799 4.77 -72.00 53.23
CA VAL E 799 5.83 -72.11 54.22
C VAL E 799 6.20 -70.73 54.76
N PHE E 800 6.33 -69.76 53.86
CA PHE E 800 6.68 -68.40 54.27
C PHE E 800 5.58 -67.79 55.14
N VAL E 801 4.32 -68.02 54.78
CA VAL E 801 3.21 -67.50 55.56
C VAL E 801 3.20 -68.11 56.95
N ARG E 802 3.42 -69.42 57.04
CA ARG E 802 3.46 -70.07 58.35
C ARG E 802 4.59 -69.52 59.21
N ARG E 803 5.78 -69.36 58.62
CA ARG E 803 6.91 -68.83 59.38
C ARG E 803 6.63 -67.39 59.84
N LEU E 804 6.12 -66.56 58.94
CA LEU E 804 5.83 -65.18 59.29
C LEU E 804 4.77 -65.07 60.37
N LEU E 805 3.74 -65.91 60.29
CA LEU E 805 2.73 -65.95 61.34
C LEU E 805 3.34 -66.32 62.68
N GLU E 806 4.08 -67.44 62.70
CA GLU E 806 4.71 -67.89 63.94
C GLU E 806 5.67 -66.85 64.50
N LEU E 807 6.24 -66.00 63.65
CA LEU E 807 7.18 -64.99 64.12
C LEU E 807 6.50 -63.70 64.58
N HIS E 808 5.38 -63.33 63.97
CA HIS E 808 4.83 -61.98 64.17
C HIS E 808 3.50 -61.95 64.89
N VAL E 809 2.70 -63.02 64.85
CA VAL E 809 1.33 -62.96 65.35
C VAL E 809 1.31 -62.70 66.85
N PHE E 810 2.30 -63.21 67.59
CA PHE E 810 2.33 -63.05 69.04
C PHE E 810 2.26 -61.59 69.44
N LYS E 811 2.85 -60.71 68.63
CA LYS E 811 2.73 -59.28 68.88
C LYS E 811 1.60 -58.64 68.09
N LEU E 812 1.35 -59.13 66.87
CA LEU E 812 0.34 -58.51 66.01
C LEU E 812 -1.08 -58.72 66.53
N VAL E 813 -1.28 -59.65 67.46
CA VAL E 813 -2.62 -59.92 67.97
C VAL E 813 -3.18 -58.69 68.68
N ALA E 814 -2.37 -58.05 69.52
CA ALA E 814 -2.85 -56.94 70.33
C ALA E 814 -3.11 -55.67 69.54
N LEU E 815 -2.71 -55.62 68.26
CA LEU E 815 -2.87 -54.40 67.48
C LEU E 815 -4.34 -54.04 67.31
N TYR E 816 -5.18 -55.02 66.95
CA TYR E 816 -6.59 -54.75 66.76
C TYR E 816 -7.26 -54.36 68.08
N THR E 817 -6.86 -55.03 69.17
CA THR E 817 -7.42 -54.68 70.48
C THR E 817 -7.05 -53.26 70.87
N VAL E 818 -5.81 -52.85 70.60
CA VAL E 818 -5.39 -51.49 70.91
C VAL E 818 -6.17 -50.50 70.06
N TRP E 819 -6.36 -50.81 68.77
CA TRP E 819 -7.12 -49.93 67.89
C TRP E 819 -8.56 -49.78 68.38
N VAL E 820 -9.16 -50.86 68.83
CA VAL E 820 -10.53 -50.80 69.36
C VAL E 820 -10.57 -49.97 70.64
N ALA E 821 -9.59 -50.18 71.54
CA ALA E 821 -9.57 -49.45 72.79
C ALA E 821 -9.41 -47.95 72.56
N LEU E 822 -8.55 -47.57 71.62
CA LEU E 822 -8.41 -46.16 71.28
C LEU E 822 -9.62 -45.63 70.53
N LYS E 823 -10.35 -46.51 69.83
CA LYS E 823 -11.53 -46.07 69.11
C LYS E 823 -12.62 -45.59 70.06
N GLU E 824 -12.81 -46.31 71.17
CA GLU E 824 -13.83 -45.95 72.16
C GLU E 824 -13.31 -46.34 73.53
N VAL E 825 -12.83 -45.35 74.29
CA VAL E 825 -12.31 -45.61 75.62
C VAL E 825 -13.45 -45.98 76.54
N SER E 826 -13.36 -47.16 77.17
CA SER E 826 -14.38 -47.63 78.08
C SER E 826 -13.73 -48.51 79.14
N VAL E 827 -14.43 -48.66 80.26
CA VAL E 827 -13.88 -49.43 81.38
C VAL E 827 -13.68 -50.88 80.98
N MET E 828 -14.59 -51.42 80.16
CA MET E 828 -14.46 -52.82 79.74
C MET E 828 -13.20 -53.05 78.92
N ASN E 829 -12.91 -52.14 77.98
CA ASN E 829 -11.74 -52.28 77.14
C ASN E 829 -10.44 -51.91 77.85
N LEU E 830 -10.52 -51.21 78.98
CA LEU E 830 -9.31 -50.78 79.68
C LEU E 830 -8.52 -51.99 80.19
N LEU E 831 -9.21 -52.96 80.79
CA LEU E 831 -8.53 -54.16 81.29
C LEU E 831 -7.91 -54.96 80.15
N LEU E 832 -8.63 -55.07 79.03
CA LEU E 832 -8.10 -55.81 77.88
C LEU E 832 -6.84 -55.12 77.34
N VAL E 833 -6.86 -53.79 77.27
CA VAL E 833 -5.69 -53.06 76.81
C VAL E 833 -4.53 -53.25 77.78
N VAL E 834 -4.80 -53.15 79.08
CA VAL E 834 -3.73 -53.24 80.07
C VAL E 834 -3.11 -54.63 80.10
N LEU E 835 -3.92 -55.67 79.87
CA LEU E 835 -3.37 -57.03 79.85
C LEU E 835 -2.33 -57.18 78.75
N TRP E 836 -2.67 -56.74 77.53
CA TRP E 836 -1.70 -56.80 76.43
C TRP E 836 -0.52 -55.87 76.69
N ALA E 837 -0.75 -54.72 77.32
CA ALA E 837 0.33 -53.79 77.59
C ALA E 837 1.36 -54.40 78.53
N PHE E 838 0.89 -55.05 79.60
CA PHE E 838 1.81 -55.72 80.51
C PHE E 838 2.42 -56.96 79.88
N ALA E 839 1.67 -57.65 79.02
CA ALA E 839 2.18 -58.87 78.40
C ALA E 839 3.32 -58.58 77.45
N LEU E 840 3.21 -57.50 76.67
CA LEU E 840 4.28 -57.14 75.75
C LEU E 840 5.61 -56.94 76.45
N PRO E 841 5.68 -56.23 77.58
CA PRO E 841 6.96 -56.08 78.28
C PRO E 841 7.51 -57.40 78.79
N TYR E 842 6.68 -58.16 79.51
CA TYR E 842 7.12 -59.41 80.10
C TYR E 842 6.58 -60.58 79.28
N PRO E 843 7.39 -61.26 78.48
CA PRO E 843 6.87 -62.40 77.71
C PRO E 843 6.43 -63.57 78.57
N ARG E 844 6.81 -63.60 79.85
CA ARG E 844 6.40 -64.68 80.73
C ARG E 844 4.88 -64.73 80.89
N PHE E 845 4.25 -63.56 81.03
CA PHE E 845 2.80 -63.48 81.13
C PHE E 845 2.13 -63.44 79.76
N ARG E 846 2.90 -63.45 78.67
CA ARG E 846 2.30 -63.41 77.34
C ARG E 846 1.40 -64.60 77.06
N PRO E 847 1.81 -65.85 77.34
CA PRO E 847 0.87 -66.97 77.18
C PRO E 847 -0.36 -66.84 78.06
N MET E 848 -0.18 -66.33 79.28
CA MET E 848 -1.33 -66.09 80.16
C MET E 848 -2.27 -65.07 79.56
N ALA E 849 -1.73 -64.01 78.95
CA ALA E 849 -2.57 -63.01 78.30
C ALA E 849 -3.29 -63.61 77.10
N SER E 850 -2.61 -64.47 76.33
CA SER E 850 -3.25 -65.13 75.21
C SER E 850 -4.41 -66.00 75.69
N CYS E 851 -4.22 -66.71 76.80
CA CYS E 851 -5.30 -67.51 77.37
C CYS E 851 -6.44 -66.64 77.86
N LEU E 852 -6.13 -65.53 78.52
CA LEU E 852 -7.16 -64.66 79.09
C LEU E 852 -7.81 -63.74 78.07
N SER E 853 -7.31 -63.72 76.83
CA SER E 853 -7.95 -62.92 75.79
C SER E 853 -9.41 -63.34 75.59
N THR E 854 -9.67 -64.64 75.54
CA THR E 854 -11.03 -65.12 75.41
C THR E 854 -11.89 -64.74 76.60
N VAL E 855 -11.35 -64.83 77.82
CA VAL E 855 -12.12 -64.44 79.00
C VAL E 855 -12.47 -62.97 78.96
N TRP E 856 -11.51 -62.12 78.57
CA TRP E 856 -11.78 -60.69 78.49
C TRP E 856 -12.78 -60.37 77.38
N THR E 857 -12.74 -61.12 76.27
CA THR E 857 -13.65 -60.88 75.16
C THR E 857 -15.10 -61.20 75.50
N CYS E 858 -15.37 -61.86 76.63
CA CYS E 858 -16.73 -62.22 76.98
C CYS E 858 -17.60 -60.98 77.21
N ILE E 859 -16.99 -59.83 77.51
CA ILE E 859 -17.75 -58.61 77.74
C ILE E 859 -18.42 -58.11 76.46
N ILE E 860 -18.00 -58.58 75.30
CA ILE E 860 -18.58 -58.12 74.05
C ILE E 860 -20.05 -58.51 73.96
N ILE E 861 -20.38 -59.74 74.37
CA ILE E 861 -21.76 -60.20 74.33
C ILE E 861 -22.62 -59.36 75.28
N VAL E 862 -22.10 -59.08 76.48
CA VAL E 862 -22.86 -58.28 77.44
C VAL E 862 -23.08 -56.88 76.91
N CYS E 863 -22.05 -56.28 76.29
CA CYS E 863 -22.20 -54.95 75.72
C CYS E 863 -23.22 -54.94 74.59
N LYS E 864 -23.20 -55.97 73.74
CA LYS E 864 -24.18 -56.04 72.66
C LYS E 864 -25.60 -56.19 73.20
N MET E 865 -25.77 -57.01 74.25
CA MET E 865 -27.09 -57.19 74.86
C MET E 865 -27.58 -55.88 75.48
N LEU E 866 -26.69 -55.16 76.17
CA LEU E 866 -27.08 -53.89 76.76
C LEU E 866 -27.45 -52.87 75.69
N TYR E 867 -26.67 -52.81 74.61
CA TYR E 867 -26.99 -51.89 73.51
C TYR E 867 -28.29 -52.28 72.82
N GLN E 868 -28.53 -53.58 72.62
CA GLN E 868 -29.75 -54.05 71.99
C GLN E 868 -30.66 -54.73 73.00
N ILE E 924 -22.72 -54.78 68.44
CA ILE E 924 -21.47 -54.05 68.23
C ILE E 924 -20.55 -54.85 67.32
N GLN E 925 -20.40 -54.37 66.09
CA GLN E 925 -19.55 -55.07 65.13
C GLN E 925 -18.08 -54.98 65.51
N ASN E 926 -17.67 -53.87 66.12
CA ASN E 926 -16.26 -53.68 66.46
C ASN E 926 -15.81 -54.69 67.51
N HIS E 927 -16.58 -54.82 68.59
CA HIS E 927 -16.21 -55.77 69.65
C HIS E 927 -16.27 -57.21 69.13
N LEU E 928 -17.25 -57.51 68.28
CA LEU E 928 -17.33 -58.85 67.70
C LEU E 928 -16.12 -59.14 66.83
N GLN E 929 -15.70 -58.18 66.01
CA GLN E 929 -14.50 -58.38 65.20
C GLN E 929 -13.26 -58.52 66.06
N ILE E 930 -13.20 -57.78 67.17
CA ILE E 930 -12.07 -57.90 68.09
C ILE E 930 -12.01 -59.29 68.68
N LEU E 931 -13.16 -59.81 69.12
CA LEU E 931 -13.19 -61.16 69.67
C LEU E 931 -12.82 -62.20 68.61
N LEU E 932 -13.29 -61.99 67.37
CA LEU E 932 -12.96 -62.91 66.29
C LEU E 932 -11.46 -62.92 66.01
N LEU E 933 -10.83 -61.73 66.02
CA LEU E 933 -9.39 -61.66 65.84
C LEU E 933 -8.65 -62.31 66.99
N LEU E 934 -9.15 -62.13 68.22
CA LEU E 934 -8.52 -62.77 69.37
C LEU E 934 -8.57 -64.29 69.24
N VAL E 935 -9.70 -64.82 68.79
CA VAL E 935 -9.82 -66.26 68.57
C VAL E 935 -8.89 -66.71 67.45
N PHE E 936 -8.85 -65.94 66.36
CA PHE E 936 -7.99 -66.29 65.23
C PHE E 936 -6.52 -66.27 65.63
N GLU E 937 -6.16 -65.48 66.64
CA GLU E 937 -4.79 -65.47 67.12
C GLU E 937 -4.35 -66.85 67.59
N ALA E 938 -5.18 -67.51 68.40
CA ALA E 938 -4.89 -68.87 68.82
C ALA E 938 -5.14 -69.89 67.71
N VAL E 939 -6.08 -69.59 66.81
CA VAL E 939 -6.34 -70.50 65.69
C VAL E 939 -5.12 -70.62 64.80
N VAL E 940 -4.46 -69.49 64.54
CA VAL E 940 -3.25 -69.50 63.71
C VAL E 940 -2.15 -70.28 64.40
N TYR E 941 -2.01 -70.11 65.73
CA TYR E 941 -1.00 -70.85 66.47
C TYR E 941 -1.25 -72.35 66.39
N ARG E 942 -2.50 -72.78 66.56
CA ARG E 942 -2.83 -74.19 66.45
C ARG E 942 -2.58 -74.72 65.05
N ARG E 943 -2.94 -73.94 64.03
CA ARG E 943 -2.69 -74.36 62.65
C ARG E 943 -1.20 -74.50 62.38
N GLN E 944 -0.40 -73.55 62.88
CA GLN E 944 1.05 -73.63 62.70
C GLN E 944 1.63 -74.84 63.43
N GLU E 945 1.14 -75.12 64.63
CA GLU E 945 1.61 -76.30 65.36
C GLU E 945 1.27 -77.57 64.60
N HIS E 946 0.05 -77.65 64.05
CA HIS E 946 -0.33 -78.82 63.26
C HIS E 946 0.52 -78.95 62.01
N TYR E 947 0.77 -77.84 61.31
CA TYR E 947 1.59 -77.88 60.11
C TYR E 947 3.02 -78.29 60.43
N ARG E 948 3.51 -77.91 61.61
CA ARG E 948 4.83 -78.37 62.02
C ARG E 948 4.83 -79.86 62.33
N ARG E 949 3.83 -80.33 63.08
CA ARG E 949 3.75 -81.75 63.40
C ARG E 949 3.38 -82.58 62.17
N GLN E 950 2.37 -82.15 61.42
CA GLN E 950 1.93 -82.86 60.23
C GLN E 950 2.67 -82.32 59.01
N HIS E 951 2.19 -82.69 57.83
CA HIS E 951 2.77 -82.23 56.56
C HIS E 951 4.26 -82.56 56.44
N ARG E 967 25.73 -62.36 58.49
CA ARG E 967 25.60 -63.70 57.91
C ARG E 967 26.77 -64.01 56.98
N GLN E 968 27.09 -65.29 56.84
CA GLN E 968 28.19 -65.71 55.99
C GLN E 968 27.84 -65.67 54.50
N ARG E 969 26.59 -65.99 54.15
CA ARG E 969 26.12 -65.88 52.78
C ARG E 969 25.65 -64.47 52.44
N LEU E 970 25.80 -63.53 53.38
CA LEU E 970 25.29 -62.19 53.19
C LEU E 970 25.95 -61.51 51.99
N ASP E 971 27.26 -61.66 51.84
CA ASP E 971 28.01 -60.91 50.86
C ASP E 971 27.91 -61.48 49.44
N GLN E 972 27.34 -62.67 49.27
CA GLN E 972 27.32 -63.29 47.95
C GLN E 972 26.43 -62.53 46.99
N ASP E 973 25.20 -62.23 47.39
CA ASP E 973 24.25 -61.61 46.49
C ASP E 973 23.31 -60.70 47.27
N LEU E 974 22.63 -59.82 46.53
CA LEU E 974 21.73 -58.86 47.14
C LEU E 974 20.55 -59.57 47.81
N LEU E 975 20.04 -60.63 47.20
CA LEU E 975 18.89 -61.34 47.77
C LEU E 975 19.26 -61.96 49.11
N SER E 976 20.49 -62.48 49.24
CA SER E 976 20.92 -63.04 50.51
C SER E 976 20.97 -61.97 51.60
N CYS E 977 21.49 -60.78 51.28
CA CYS E 977 21.52 -59.70 52.26
C CYS E 977 20.10 -59.26 52.62
N LEU E 978 19.19 -59.25 51.65
CA LEU E 978 17.80 -58.93 51.94
C LEU E 978 17.20 -59.96 52.89
N LYS E 979 17.50 -61.24 52.66
CA LYS E 979 17.04 -62.28 53.58
C LYS E 979 17.62 -62.07 54.98
N TYR E 980 18.89 -61.65 55.04
CA TYR E 980 19.50 -61.36 56.33
C TYR E 980 18.76 -60.24 57.06
N PHE E 981 18.43 -59.17 56.33
CA PHE E 981 17.66 -58.09 56.94
C PHE E 981 16.29 -58.59 57.38
N ILE E 982 15.62 -59.40 56.57
CA ILE E 982 14.34 -59.97 56.97
C ILE E 982 14.48 -60.75 58.28
N ASN E 983 15.59 -61.49 58.42
CA ASN E 983 15.76 -62.36 59.57
C ASN E 983 16.14 -61.60 60.83
N PHE E 984 16.97 -60.56 60.71
CA PHE E 984 17.47 -59.87 61.90
C PHE E 984 17.45 -58.35 61.72
N PHE E 985 16.34 -57.82 61.22
CA PHE E 985 16.16 -56.38 61.16
C PHE E 985 16.17 -55.78 62.56
N PHE E 986 15.34 -56.32 63.45
CA PHE E 986 15.25 -55.79 64.80
C PHE E 986 16.58 -55.95 65.54
N TYR E 987 17.18 -57.13 65.45
CA TYR E 987 18.39 -57.42 66.22
C TYR E 987 19.48 -56.39 65.98
N LYS E 988 19.53 -55.82 64.77
CA LYS E 988 20.52 -54.80 64.47
C LYS E 988 20.01 -53.39 64.70
N PHE E 989 18.75 -53.11 64.39
CA PHE E 989 18.29 -51.72 64.30
C PHE E 989 17.24 -51.37 65.35
N GLY E 990 17.14 -52.16 66.42
CA GLY E 990 16.07 -51.94 67.39
C GLY E 990 16.18 -50.59 68.10
N LEU E 991 17.39 -50.22 68.51
CA LEU E 991 17.55 -48.97 69.24
C LEU E 991 17.19 -47.78 68.36
N GLU E 992 17.65 -47.80 67.11
CA GLU E 992 17.33 -46.71 66.18
C GLU E 992 15.84 -46.67 65.91
N ILE E 993 15.21 -47.82 65.71
CA ILE E 993 13.78 -47.83 65.40
C ILE E 993 12.97 -47.32 66.58
N CYS E 994 13.34 -47.73 67.80
CA CYS E 994 12.64 -47.23 68.98
C CYS E 994 12.83 -45.73 69.13
N PHE E 995 14.04 -45.23 68.86
CA PHE E 995 14.27 -43.80 68.92
C PHE E 995 13.38 -43.05 67.92
N LEU E 996 13.26 -43.59 66.70
CA LEU E 996 12.47 -42.90 65.69
C LEU E 996 10.98 -42.98 65.99
N MET E 997 10.51 -44.08 66.58
CA MET E 997 9.12 -44.12 67.03
C MET E 997 8.88 -43.11 68.16
N ALA E 998 9.86 -42.94 69.04
CA ALA E 998 9.74 -41.93 70.08
C ALA E 998 9.64 -40.54 69.46
N VAL E 999 10.48 -40.23 68.49
CA VAL E 999 10.37 -38.94 67.81
C VAL E 999 9.03 -38.82 67.10
N ASN E 1000 8.53 -39.93 66.56
CA ASN E 1000 7.20 -39.92 65.94
C ASN E 1000 6.14 -39.48 66.93
N VAL E 1001 6.15 -40.04 68.14
CA VAL E 1001 5.13 -39.67 69.11
C VAL E 1001 5.32 -38.23 69.58
N ILE E 1002 6.57 -37.79 69.74
CA ILE E 1002 6.84 -36.40 70.08
C ILE E 1002 6.19 -35.48 69.05
N GLY E 1003 6.39 -35.77 67.78
CA GLY E 1003 5.82 -34.94 66.73
C GLY E 1003 4.30 -35.02 66.69
N GLN E 1004 3.75 -36.20 66.91
CA GLN E 1004 2.32 -36.40 66.75
C GLN E 1004 1.53 -35.70 67.86
N ARG E 1005 1.99 -35.82 69.11
CA ARG E 1005 1.21 -35.25 70.21
C ARG E 1005 1.44 -33.76 70.36
N MET E 1006 2.67 -33.36 70.71
CA MET E 1006 3.01 -31.98 71.04
C MET E 1006 2.16 -31.48 72.20
N ASN E 1007 2.05 -32.29 73.25
CA ASN E 1007 1.36 -31.86 74.47
C ASN E 1007 2.29 -31.94 75.67
N PHE E 1008 1.74 -31.71 76.87
CA PHE E 1008 2.56 -31.69 78.08
C PHE E 1008 2.97 -33.08 78.54
N MET E 1009 2.14 -34.10 78.29
CA MET E 1009 2.44 -35.43 78.81
C MET E 1009 3.63 -36.06 78.10
N VAL E 1010 3.81 -35.77 76.82
CA VAL E 1010 4.83 -36.41 76.01
C VAL E 1010 6.18 -35.73 76.28
N ILE E 1011 6.15 -34.68 77.10
CA ILE E 1011 7.39 -34.05 77.51
C ILE E 1011 8.22 -35.01 78.34
N LEU E 1012 7.57 -35.86 79.14
CA LEU E 1012 8.31 -36.91 79.85
C LEU E 1012 8.94 -37.89 78.87
N HIS E 1013 8.20 -38.25 77.81
CA HIS E 1013 8.80 -39.02 76.73
C HIS E 1013 10.07 -38.38 76.24
N GLY E 1014 10.01 -37.08 75.94
CA GLY E 1014 11.18 -36.40 75.41
C GLY E 1014 12.34 -36.34 76.38
N CYS E 1015 12.04 -36.05 77.65
CA CYS E 1015 13.10 -35.97 78.65
C CYS E 1015 13.78 -37.32 78.83
N TRP E 1016 13.01 -38.41 78.90
CA TRP E 1016 13.62 -39.71 79.04
C TRP E 1016 14.34 -40.13 77.77
N LEU E 1017 13.86 -39.69 76.60
CA LEU E 1017 14.57 -39.90 75.35
C LEU E 1017 15.97 -39.28 75.42
N VAL E 1018 16.04 -38.02 75.83
CA VAL E 1018 17.33 -37.34 75.90
C VAL E 1018 18.22 -38.01 76.94
N ALA E 1019 17.63 -38.45 78.06
CA ALA E 1019 18.41 -39.16 79.07
C ALA E 1019 18.96 -40.47 78.53
N ILE E 1020 18.22 -41.13 77.63
CA ILE E 1020 18.76 -42.30 76.95
C ILE E 1020 19.89 -41.91 76.02
N LEU E 1021 19.72 -40.82 75.27
CA LEU E 1021 20.73 -40.44 74.29
C LEU E 1021 22.06 -40.09 74.95
N THR E 1022 22.03 -39.35 76.05
CA THR E 1022 23.27 -38.91 76.67
C THR E 1022 24.16 -40.08 77.06
N ARG E 1023 23.56 -41.23 77.38
CA ARG E 1023 24.30 -42.48 77.47
C ARG E 1023 24.05 -43.29 76.19
N ARG E 1024 24.68 -42.84 75.11
CA ARG E 1024 24.45 -43.42 73.80
C ARG E 1024 24.98 -44.85 73.70
N ARG E 1025 26.09 -45.14 74.37
CA ARG E 1025 26.74 -46.43 74.24
C ARG E 1025 25.85 -47.54 74.78
N ARG E 1026 25.75 -48.63 74.01
CA ARG E 1026 24.74 -49.64 74.27
C ARG E 1026 24.92 -50.35 75.61
N GLU E 1027 26.11 -50.29 76.20
CA GLU E 1027 26.30 -50.98 77.48
C GLU E 1027 25.55 -50.30 78.61
N ALA E 1028 25.38 -48.97 78.56
CA ALA E 1028 24.55 -48.29 79.55
C ALA E 1028 23.08 -48.53 79.28
N ILE E 1029 22.70 -48.59 78.00
CA ILE E 1029 21.33 -48.93 77.66
C ILE E 1029 21.01 -50.34 78.13
N ALA E 1030 22.02 -51.20 78.24
CA ALA E 1030 21.80 -52.56 78.70
C ALA E 1030 21.16 -52.57 80.09
N ARG E 1031 21.60 -51.69 80.97
CA ARG E 1031 21.00 -51.62 82.30
C ARG E 1031 19.82 -50.66 82.35
N LEU E 1032 19.78 -49.65 81.47
CA LEU E 1032 18.68 -48.69 81.53
C LEU E 1032 17.39 -49.24 80.92
N TRP E 1033 17.49 -50.15 79.94
CA TRP E 1033 16.30 -50.56 79.19
C TRP E 1033 15.23 -51.25 80.03
N PRO E 1034 15.55 -52.18 80.94
CA PRO E 1034 14.47 -52.71 81.80
C PRO E 1034 13.79 -51.61 82.61
N ASN E 1035 14.57 -50.67 83.14
CA ASN E 1035 13.98 -49.53 83.83
C ASN E 1035 13.17 -48.68 82.88
N TYR E 1036 13.64 -48.54 81.64
CA TYR E 1036 12.88 -47.83 80.62
C TYR E 1036 11.51 -48.45 80.41
N CYS E 1037 11.47 -49.77 80.25
CA CYS E 1037 10.20 -50.45 80.02
C CYS E 1037 9.28 -50.33 81.24
N LEU E 1038 9.85 -50.48 82.44
CA LEU E 1038 9.05 -50.31 83.66
C LEU E 1038 8.44 -48.92 83.73
N PHE E 1039 9.24 -47.89 83.45
CA PHE E 1039 8.72 -46.53 83.49
C PHE E 1039 7.68 -46.31 82.40
N LEU E 1040 7.90 -46.87 81.20
CA LEU E 1040 6.92 -46.72 80.13
C LEU E 1040 5.58 -47.30 80.53
N THR E 1041 5.57 -48.54 81.05
CA THR E 1041 4.30 -49.14 81.43
C THR E 1041 3.68 -48.40 82.61
N LEU E 1042 4.49 -47.96 83.58
CA LEU E 1042 3.97 -47.24 84.73
C LEU E 1042 3.27 -45.95 84.31
N PHE E 1043 3.91 -45.17 83.43
CA PHE E 1043 3.32 -43.91 83.01
C PHE E 1043 2.17 -44.13 82.04
N LEU E 1044 2.22 -45.18 81.21
CA LEU E 1044 1.11 -45.45 80.31
C LEU E 1044 -0.13 -45.87 81.07
N LEU E 1045 0.04 -46.58 82.18
CA LEU E 1045 -1.10 -46.95 83.00
C LEU E 1045 -1.83 -45.70 83.50
N TYR E 1046 -1.08 -44.75 84.07
CA TYR E 1046 -1.68 -43.51 84.54
C TYR E 1046 -2.30 -42.72 83.38
N GLN E 1047 -1.62 -42.71 82.24
CA GLN E 1047 -2.12 -41.99 81.07
C GLN E 1047 -3.46 -42.54 80.60
N TYR E 1048 -3.57 -43.87 80.53
CA TYR E 1048 -4.83 -44.48 80.12
C TYR E 1048 -5.91 -44.28 81.17
N LEU E 1049 -5.54 -44.36 82.45
CA LEU E 1049 -6.53 -44.15 83.52
C LEU E 1049 -7.08 -42.74 83.49
N LEU E 1050 -6.25 -41.75 83.18
CA LEU E 1050 -6.68 -40.36 83.22
C LEU E 1050 -7.75 -40.09 82.18
N CYS E 1051 -7.77 -40.85 81.08
CA CYS E 1051 -8.69 -40.57 80.00
C CYS E 1051 -10.14 -40.68 80.46
N LEU E 1052 -10.50 -41.81 81.08
CA LEU E 1052 -11.90 -42.03 81.45
C LEU E 1052 -12.29 -41.20 82.66
N GLY E 1053 -11.42 -41.15 83.67
CA GLY E 1053 -11.74 -40.44 84.91
C GLY E 1053 -12.74 -41.18 85.77
N MET E 1072 -7.91 -23.06 84.27
CA MET E 1072 -8.30 -24.31 83.62
C MET E 1072 -9.05 -24.04 82.31
N ASN E 1073 -8.52 -23.07 81.55
CA ASN E 1073 -9.08 -22.68 80.26
C ASN E 1073 -9.14 -23.88 79.32
N SER E 1074 -10.05 -23.79 78.34
CA SER E 1074 -10.28 -24.90 77.44
C SER E 1074 -9.05 -25.25 76.61
N ALA E 1075 -8.35 -24.23 76.10
CA ALA E 1075 -7.16 -24.49 75.28
C ALA E 1075 -6.07 -25.17 76.11
N LEU E 1076 -5.81 -24.67 77.31
CA LEU E 1076 -4.75 -25.26 78.13
C LEU E 1076 -5.13 -26.64 78.64
N ILE E 1077 -6.41 -26.83 78.99
CA ILE E 1077 -6.83 -28.13 79.47
C ILE E 1077 -6.84 -29.15 78.34
N LYS E 1078 -7.06 -28.70 77.10
CA LYS E 1078 -6.89 -29.58 75.95
C LYS E 1078 -5.42 -29.89 75.73
N TRP E 1079 -4.55 -28.88 75.85
CA TRP E 1079 -3.12 -29.10 75.67
C TRP E 1079 -2.59 -30.06 76.72
N LEU E 1080 -3.07 -29.94 77.96
CA LEU E 1080 -2.76 -30.92 78.99
C LEU E 1080 -3.80 -32.04 78.92
N TYR E 1081 -3.77 -32.93 79.92
CA TYR E 1081 -4.77 -33.98 80.08
C TYR E 1081 -5.32 -33.88 81.50
N LEU E 1082 -6.39 -33.11 81.66
CA LEU E 1082 -7.03 -32.93 82.95
C LEU E 1082 -8.53 -32.78 82.72
N PRO E 1083 -9.36 -33.12 83.72
CA PRO E 1083 -10.81 -32.90 83.60
C PRO E 1083 -11.22 -31.51 84.07
N PRO E 1089 -10.27 -34.17 77.17
CA PRO E 1089 -9.15 -35.12 77.24
C PRO E 1089 -9.17 -36.13 76.09
N ASN E 1090 -8.56 -35.77 74.97
CA ASN E 1090 -8.52 -36.65 73.81
C ASN E 1090 -7.64 -37.87 74.10
N SER E 1091 -7.95 -38.97 73.43
CA SER E 1091 -7.20 -40.20 73.61
C SER E 1091 -6.94 -40.96 72.30
N THR E 1092 -7.32 -40.40 71.16
CA THR E 1092 -7.08 -41.08 69.89
C THR E 1092 -5.58 -41.20 69.61
N ASN E 1093 -4.79 -40.25 70.09
CA ASN E 1093 -3.35 -40.22 69.81
C ASN E 1093 -2.59 -41.37 70.47
N LEU E 1094 -3.24 -42.12 71.37
CA LEU E 1094 -2.53 -43.14 72.14
C LEU E 1094 -2.02 -44.29 71.28
N ILE E 1095 -2.45 -44.38 70.02
CA ILE E 1095 -2.00 -45.47 69.16
C ILE E 1095 -0.48 -45.41 68.98
N SER E 1096 0.07 -44.21 68.78
CA SER E 1096 1.51 -44.09 68.59
C SER E 1096 2.27 -44.47 69.85
N ASP E 1097 1.77 -44.08 71.02
CA ASP E 1097 2.43 -44.46 72.26
C ASP E 1097 2.36 -45.98 72.48
N PHE E 1098 1.22 -46.59 72.13
CA PHE E 1098 1.11 -48.04 72.23
C PHE E 1098 2.10 -48.72 71.30
N LEU E 1099 2.25 -48.20 70.08
CA LEU E 1099 3.23 -48.75 69.14
C LEU E 1099 4.65 -48.59 69.69
N LEU E 1100 4.93 -47.45 70.34
CA LEU E 1100 6.22 -47.27 70.97
C LEU E 1100 6.46 -48.33 72.04
N LEU E 1101 5.46 -48.59 72.87
CA LEU E 1101 5.62 -49.60 73.90
C LEU E 1101 5.85 -50.98 73.28
N LEU E 1102 5.13 -51.28 72.20
CA LEU E 1102 5.33 -52.56 71.51
C LEU E 1102 6.77 -52.68 71.01
N CYS E 1103 7.26 -51.64 70.32
CA CYS E 1103 8.60 -51.70 69.78
C CYS E 1103 9.65 -51.79 70.87
N ALA E 1104 9.48 -51.02 71.94
CA ALA E 1104 10.45 -51.07 73.04
C ALA E 1104 10.43 -52.43 73.73
N SER E 1105 9.24 -53.03 73.88
CA SER E 1105 9.17 -54.35 74.48
C SER E 1105 9.84 -55.39 73.61
N GLN E 1106 9.62 -55.34 72.29
CA GLN E 1106 10.31 -56.28 71.41
C GLN E 1106 11.81 -56.07 71.44
N GLN E 1107 12.25 -54.81 71.50
CA GLN E 1107 13.67 -54.54 71.63
C GLN E 1107 14.22 -55.12 72.92
N TRP E 1108 13.48 -54.98 74.02
CA TRP E 1108 13.90 -55.56 75.29
C TRP E 1108 14.01 -57.07 75.19
N GLN E 1109 13.01 -57.71 74.56
CA GLN E 1109 13.03 -59.16 74.40
C GLN E 1109 14.24 -59.62 73.60
N VAL E 1110 14.46 -58.98 72.44
CA VAL E 1110 15.58 -59.38 71.59
C VAL E 1110 16.91 -59.12 72.29
N PHE E 1111 17.02 -57.96 72.95
CA PHE E 1111 18.25 -57.61 73.65
C PHE E 1111 18.56 -58.60 74.76
N SER E 1112 17.54 -59.00 75.52
CA SER E 1112 17.74 -60.02 76.54
C SER E 1112 18.15 -61.34 75.94
N ALA E 1113 17.47 -61.75 74.85
CA ALA E 1113 17.83 -62.99 74.17
C ALA E 1113 19.22 -62.88 73.53
N GLU E 1114 19.50 -61.73 72.92
CA GLU E 1114 20.78 -61.45 72.26
C GLU E 1114 20.97 -62.30 71.01
N ARG E 1115 20.07 -63.26 70.77
CA ARG E 1115 20.27 -64.30 69.76
C ARG E 1115 21.73 -64.74 69.74
N THR E 1116 22.20 -65.19 70.90
CA THR E 1116 23.63 -65.30 71.17
C THR E 1116 24.34 -66.23 70.20
N GLU E 1117 23.62 -67.11 69.52
CA GLU E 1117 24.24 -68.05 68.61
C GLU E 1117 24.69 -67.41 67.30
N GLU E 1118 24.24 -66.20 66.96
CA GLU E 1118 24.59 -65.60 65.68
C GLU E 1118 25.43 -64.33 65.83
N TRP E 1119 24.92 -63.30 66.49
CA TRP E 1119 25.53 -61.96 66.47
C TRP E 1119 25.92 -61.56 65.04
N GLN E 1120 24.99 -61.78 64.12
CA GLN E 1120 25.24 -61.50 62.71
C GLN E 1120 25.22 -60.00 62.44
N ARG E 1134 43.12 -53.89 65.35
CA ARG E 1134 42.37 -54.25 64.15
C ARG E 1134 43.29 -54.86 63.10
N GLY E 1135 43.47 -56.17 63.15
CA GLY E 1135 44.32 -56.84 62.19
C GLY E 1135 43.68 -56.97 60.81
N GLU E 1136 42.63 -57.79 60.72
CA GLU E 1136 41.87 -57.93 59.47
C GLU E 1136 40.52 -58.58 59.74
N PRO E 1137 39.62 -57.93 60.49
CA PRO E 1137 38.32 -58.56 60.77
C PRO E 1137 37.30 -58.37 59.67
N ASN E 1138 37.41 -57.32 58.87
CA ASN E 1138 36.45 -57.06 57.81
C ASN E 1138 36.56 -58.11 56.71
N PRO E 1139 35.49 -58.87 56.43
CA PRO E 1139 35.60 -60.03 55.55
C PRO E 1139 35.88 -59.70 54.09
N ILE E 1140 35.05 -58.85 53.50
CA ILE E 1140 35.23 -58.46 52.09
C ILE E 1140 35.14 -56.93 52.05
N PRO E 1141 36.06 -56.22 52.69
CA PRO E 1141 35.92 -54.76 52.79
C PRO E 1141 36.02 -54.04 51.47
N ASN E 1142 36.59 -54.67 50.45
CA ASN E 1142 36.94 -53.98 49.23
C ASN E 1142 35.73 -53.63 48.37
N PHE E 1143 34.87 -52.76 48.90
CA PHE E 1143 33.80 -52.19 48.07
C PHE E 1143 34.37 -51.32 46.97
N ILE E 1144 35.54 -50.70 47.22
CA ILE E 1144 36.00 -49.60 46.38
C ILE E 1144 36.18 -50.03 44.93
N HIS E 1145 36.50 -51.30 44.72
CA HIS E 1145 36.73 -51.77 43.36
C HIS E 1145 35.45 -52.26 42.69
N CYS E 1146 34.41 -52.58 43.45
CA CYS E 1146 33.07 -52.81 42.92
C CYS E 1146 33.07 -53.93 41.87
N ARG E 1147 33.35 -55.15 42.33
CA ARG E 1147 33.31 -56.31 41.46
C ARG E 1147 31.95 -57.00 41.44
N SER E 1148 30.97 -56.46 42.15
CA SER E 1148 29.65 -57.06 42.20
C SER E 1148 28.61 -55.96 42.43
N TYR E 1149 27.37 -56.25 42.04
CA TYR E 1149 26.30 -55.27 42.24
C TYR E 1149 26.14 -54.93 43.71
N LEU E 1150 26.26 -55.94 44.58
CA LEU E 1150 26.20 -55.68 46.01
C LEU E 1150 27.30 -54.72 46.43
N ASP E 1151 28.49 -54.85 45.83
CA ASP E 1151 29.56 -53.91 46.15
C ASP E 1151 29.21 -52.50 45.70
N MET E 1152 28.58 -52.37 44.54
CA MET E 1152 28.12 -51.05 44.10
C MET E 1152 27.16 -50.44 45.12
N LEU E 1153 26.16 -51.21 45.56
CA LEU E 1153 25.22 -50.66 46.54
C LEU E 1153 25.91 -50.36 47.87
N LYS E 1154 26.82 -51.22 48.30
CA LYS E 1154 27.49 -50.99 49.58
C LYS E 1154 28.34 -49.73 49.54
N VAL E 1155 29.03 -49.46 48.42
CA VAL E 1155 29.79 -48.22 48.35
C VAL E 1155 28.86 -47.03 48.25
N ALA E 1156 27.74 -47.18 47.53
CA ALA E 1156 26.79 -46.06 47.40
C ALA E 1156 26.10 -45.77 48.72
N VAL E 1157 26.16 -46.71 49.67
CA VAL E 1157 25.60 -46.44 50.99
C VAL E 1157 26.67 -45.99 51.97
N PHE E 1158 27.89 -46.52 51.84
CA PHE E 1158 28.93 -46.27 52.83
C PHE E 1158 29.82 -45.07 52.49
N ARG E 1159 29.75 -44.56 51.29
CA ARG E 1159 30.65 -43.46 50.95
C ARG E 1159 29.92 -42.26 50.40
N TYR E 1160 28.86 -42.45 49.63
CA TYR E 1160 28.11 -41.35 49.06
C TYR E 1160 26.81 -41.07 49.78
N LEU E 1161 26.75 -41.36 51.08
CA LEU E 1161 25.55 -41.08 51.86
C LEU E 1161 25.74 -39.95 52.86
N PHE E 1162 26.92 -39.87 53.49
CA PHE E 1162 27.25 -38.71 54.29
C PHE E 1162 27.03 -37.44 53.49
N TRP E 1163 27.41 -37.47 52.22
CA TRP E 1163 27.15 -36.39 51.28
C TRP E 1163 25.72 -36.36 50.80
N LEU E 1164 24.83 -37.11 51.45
CA LEU E 1164 23.40 -36.89 51.37
C LEU E 1164 22.79 -36.53 52.71
N VAL E 1165 23.38 -36.98 53.82
CA VAL E 1165 23.00 -36.47 55.13
C VAL E 1165 23.19 -34.96 55.18
N LEU E 1166 24.25 -34.46 54.55
CA LEU E 1166 24.46 -33.02 54.52
C LEU E 1166 23.33 -32.30 53.79
N VAL E 1167 22.88 -32.85 52.65
CA VAL E 1167 21.80 -32.19 51.91
C VAL E 1167 20.49 -32.30 52.65
N VAL E 1168 20.26 -33.41 53.34
CA VAL E 1168 19.06 -33.53 54.16
C VAL E 1168 19.06 -32.50 55.28
N VAL E 1169 20.19 -32.31 55.95
CA VAL E 1169 20.28 -31.29 56.98
C VAL E 1169 19.97 -29.92 56.40
N PHE E 1170 20.56 -29.61 55.26
CA PHE E 1170 20.32 -28.32 54.63
C PHE E 1170 18.83 -28.11 54.33
N VAL E 1171 18.19 -29.11 53.73
CA VAL E 1171 16.78 -28.94 53.37
C VAL E 1171 15.92 -28.83 54.62
N ALA E 1172 16.21 -29.63 55.64
CA ALA E 1172 15.46 -29.55 56.89
C ALA E 1172 15.54 -28.15 57.48
N GLY E 1173 16.73 -27.55 57.42
CA GLY E 1173 16.85 -26.18 57.90
C GLY E 1173 16.13 -25.18 57.03
N ALA E 1174 16.12 -25.39 55.72
CA ALA E 1174 15.66 -24.34 54.82
C ALA E 1174 14.22 -24.50 54.39
N THR E 1175 13.51 -25.51 54.88
CA THR E 1175 12.09 -25.63 54.55
C THR E 1175 11.19 -25.22 55.72
N ARG E 1176 11.58 -25.56 56.95
CA ARG E 1176 10.92 -25.04 58.15
C ARG E 1176 11.63 -23.75 58.54
N ILE E 1177 10.96 -22.61 58.34
CA ILE E 1177 11.65 -21.32 58.38
C ILE E 1177 11.85 -20.83 59.81
N SER E 1178 11.49 -21.63 60.80
CA SER E 1178 11.68 -21.24 62.19
C SER E 1178 13.15 -20.95 62.48
N ILE E 1179 13.41 -20.30 63.61
CA ILE E 1179 14.80 -20.12 64.01
C ILE E 1179 15.29 -21.34 64.77
N PHE E 1180 15.43 -22.44 64.05
CA PHE E 1180 16.27 -23.56 64.40
C PHE E 1180 16.87 -24.08 63.12
N GLY E 1181 16.16 -23.85 62.02
CA GLY E 1181 16.62 -24.13 60.69
C GLY E 1181 17.88 -23.35 60.38
N LEU E 1182 17.99 -22.13 60.89
CA LEU E 1182 19.25 -21.42 60.76
C LEU E 1182 20.38 -22.17 61.44
N GLY E 1183 20.09 -22.87 62.54
CA GLY E 1183 21.07 -23.75 63.11
C GLY E 1183 21.48 -24.87 62.16
N TYR E 1184 20.50 -25.45 61.45
CA TYR E 1184 20.82 -26.46 60.46
C TYR E 1184 21.64 -25.88 59.32
N LEU E 1185 21.35 -24.66 58.89
CA LEU E 1185 22.16 -24.07 57.83
C LEU E 1185 23.60 -23.88 58.30
N LEU E 1186 23.79 -23.46 59.54
CA LEU E 1186 25.14 -23.36 60.07
C LEU E 1186 25.81 -24.74 60.13
N ALA E 1187 25.07 -25.76 60.55
CA ALA E 1187 25.66 -27.10 60.64
C ALA E 1187 26.05 -27.64 59.28
N CYS E 1188 25.17 -27.47 58.28
CA CYS E 1188 25.49 -27.90 56.93
C CYS E 1188 26.70 -27.15 56.38
N PHE E 1189 26.73 -25.83 56.56
CA PHE E 1189 27.84 -25.05 56.03
C PHE E 1189 29.14 -25.42 56.72
N TYR E 1190 29.07 -25.84 57.99
CA TYR E 1190 30.30 -26.22 58.67
C TYR E 1190 30.78 -27.58 58.21
N LEU E 1191 29.90 -28.58 58.23
CA LEU E 1191 30.34 -29.93 57.84
C LEU E 1191 30.80 -29.95 56.40
N LEU E 1192 30.08 -29.26 55.52
CA LEU E 1192 30.41 -29.27 54.10
C LEU E 1192 31.79 -28.71 53.83
N LEU E 1193 32.30 -27.83 54.69
CA LEU E 1193 33.67 -27.35 54.60
C LEU E 1193 34.66 -28.24 55.32
N PHE E 1194 34.19 -29.20 56.10
CA PHE E 1194 35.10 -30.05 56.87
C PHE E 1194 34.68 -31.51 56.90
N GLY E 1195 33.68 -31.91 56.11
CA GLY E 1195 33.34 -33.31 56.04
C GLY E 1195 34.44 -34.14 55.41
N THR E 1196 35.04 -33.64 54.33
CA THR E 1196 36.08 -34.40 53.64
C THR E 1196 37.27 -34.66 54.54
N THR E 1197 37.49 -33.79 55.52
CA THR E 1197 38.52 -34.07 56.53
C THR E 1197 37.94 -34.69 57.79
N LEU E 1198 36.62 -34.59 58.00
CA LEU E 1198 36.00 -35.30 59.11
C LEU E 1198 36.10 -36.81 58.91
N LEU E 1199 35.83 -37.27 57.68
CA LEU E 1199 35.94 -38.70 57.40
C LEU E 1199 37.35 -39.21 57.67
N GLN E 1200 38.38 -38.39 57.44
CA GLN E 1200 39.75 -38.81 57.65
C GLN E 1200 40.04 -39.09 59.12
N LYS E 1201 39.26 -38.53 60.03
CA LYS E 1201 39.48 -38.75 61.46
C LYS E 1201 39.14 -40.18 61.84
N ASP E 1202 39.71 -40.63 62.95
CA ASP E 1202 39.34 -41.93 63.49
C ASP E 1202 37.93 -41.87 64.07
N THR E 1203 37.44 -43.02 64.53
CA THR E 1203 36.05 -43.12 64.96
C THR E 1203 35.76 -42.26 66.18
N ARG E 1204 36.77 -41.94 66.99
CA ARG E 1204 36.54 -41.21 68.24
C ARG E 1204 35.95 -39.84 67.97
N ALA E 1205 36.70 -38.97 67.28
CA ALA E 1205 36.23 -37.62 67.01
C ALA E 1205 34.97 -37.64 66.15
N GLN E 1206 34.91 -38.56 65.20
CA GLN E 1206 33.72 -38.67 64.35
C GLN E 1206 32.48 -38.89 65.20
N LEU E 1207 32.51 -39.89 66.09
CA LEU E 1207 31.33 -40.16 66.89
C LEU E 1207 31.06 -39.03 67.88
N VAL E 1208 32.10 -38.36 68.38
CA VAL E 1208 31.87 -37.24 69.29
C VAL E 1208 31.11 -36.13 68.59
N LEU E 1209 31.59 -35.70 67.42
CA LEU E 1209 30.93 -34.60 66.74
C LEU E 1209 29.55 -35.02 66.22
N TRP E 1210 29.41 -36.28 65.82
CA TRP E 1210 28.11 -36.73 65.33
C TRP E 1210 27.10 -36.81 66.46
N ASP E 1211 27.55 -37.23 67.65
CA ASP E 1211 26.70 -37.16 68.83
C ASP E 1211 26.31 -35.72 69.11
N CYS E 1212 27.23 -34.78 68.93
CA CYS E 1212 26.89 -33.37 69.15
C CYS E 1212 25.78 -32.94 68.20
N LEU E 1213 25.89 -33.30 66.92
CA LEU E 1213 24.86 -32.89 65.97
C LEU E 1213 23.52 -33.58 66.25
N ILE E 1214 23.54 -34.86 66.62
CA ILE E 1214 22.31 -35.56 66.97
C ILE E 1214 21.66 -34.91 68.19
N LEU E 1215 22.47 -34.53 69.17
CA LEU E 1215 21.94 -33.89 70.37
C LEU E 1215 21.33 -32.53 70.03
N TYR E 1216 21.96 -31.78 69.13
CA TYR E 1216 21.36 -30.51 68.73
C TYR E 1216 20.03 -30.74 68.03
N ASN E 1217 19.96 -31.75 67.17
CA ASN E 1217 18.71 -32.03 66.48
C ASN E 1217 17.60 -32.43 67.45
N VAL E 1218 17.92 -33.28 68.43
CA VAL E 1218 16.91 -33.68 69.40
C VAL E 1218 16.52 -32.51 70.30
N THR E 1219 17.48 -31.61 70.57
CA THR E 1219 17.13 -30.38 71.28
C THR E 1219 16.14 -29.57 70.49
N VAL E 1220 16.33 -29.48 69.17
CA VAL E 1220 15.38 -28.74 68.33
C VAL E 1220 14.00 -29.37 68.41
N ILE E 1221 13.91 -30.69 68.31
CA ILE E 1221 12.58 -31.30 68.28
C ILE E 1221 11.89 -31.18 69.64
N ILE E 1222 12.64 -31.36 70.73
CA ILE E 1222 12.03 -31.21 72.05
C ILE E 1222 11.63 -29.76 72.32
N SER E 1223 12.46 -28.81 71.88
CA SER E 1223 12.09 -27.40 72.03
C SER E 1223 10.85 -27.06 71.22
N LYS E 1224 10.70 -27.64 70.03
CA LYS E 1224 9.47 -27.41 69.27
C LYS E 1224 8.27 -27.98 70.00
N ASN E 1225 8.44 -29.15 70.62
CA ASN E 1225 7.38 -29.69 71.46
C ASN E 1225 7.02 -28.71 72.58
N MET E 1226 8.03 -28.18 73.27
CA MET E 1226 7.77 -27.21 74.33
C MET E 1226 7.01 -26.01 73.81
N LEU E 1227 7.52 -25.37 72.75
CA LEU E 1227 6.91 -24.18 72.20
C LEU E 1227 5.54 -24.44 71.60
N SER E 1228 5.17 -25.71 71.39
CA SER E 1228 3.78 -25.99 71.02
C SER E 1228 2.81 -25.50 72.07
N LEU E 1229 3.26 -25.31 73.32
CA LEU E 1229 2.42 -24.69 74.33
C LEU E 1229 1.99 -23.30 73.91
N LEU E 1230 2.84 -22.58 73.20
CA LEU E 1230 2.47 -21.25 72.72
C LEU E 1230 1.40 -21.29 71.66
N SER E 1231 0.92 -22.47 71.29
CA SER E 1231 -0.24 -22.57 70.42
C SER E 1231 -1.56 -22.51 71.18
N CYS E 1232 -1.54 -22.69 72.50
CA CYS E 1232 -2.75 -22.56 73.32
C CYS E 1232 -2.92 -21.13 73.82
N VAL E 1233 -1.91 -20.58 74.49
CA VAL E 1233 -1.91 -19.16 74.83
C VAL E 1233 -1.48 -18.40 73.58
N PHE E 1234 -2.46 -17.98 72.81
CA PHE E 1234 -2.24 -17.57 71.43
C PHE E 1234 -2.99 -16.30 71.09
N CYS E 1243 3.55 -11.47 68.54
CA CYS E 1243 3.52 -11.18 67.11
C CYS E 1243 4.87 -11.49 66.48
N TRP E 1244 5.86 -10.61 66.72
CA TRP E 1244 7.18 -10.84 66.15
C TRP E 1244 7.78 -12.13 66.68
N VAL E 1245 7.52 -12.47 67.94
CA VAL E 1245 8.06 -13.70 68.51
C VAL E 1245 7.47 -14.92 67.81
N ILE E 1246 6.15 -14.93 67.59
CA ILE E 1246 5.55 -16.08 66.93
C ILE E 1246 5.99 -16.16 65.47
N GLN E 1247 6.19 -15.02 64.81
CA GLN E 1247 6.76 -15.06 63.48
C GLN E 1247 8.17 -15.65 63.51
N LEU E 1248 8.96 -15.28 64.50
CA LEU E 1248 10.37 -15.62 64.52
C LEU E 1248 10.61 -17.06 64.94
N PHE E 1249 9.68 -17.66 65.70
CA PHE E 1249 9.79 -19.08 66.01
C PHE E 1249 8.85 -19.96 65.21
N SER E 1250 8.02 -19.37 64.34
CA SER E 1250 7.17 -20.11 63.40
C SER E 1250 6.25 -21.09 64.13
N LEU E 1251 5.35 -20.52 64.95
CA LEU E 1251 4.30 -21.31 65.57
C LEU E 1251 2.99 -21.16 64.80
N ILE E 1281 7.98 -32.79 60.24
CA ILE E 1281 8.57 -33.97 59.64
C ILE E 1281 10.02 -33.75 59.25
N TRP E 1282 10.34 -32.64 58.59
CA TRP E 1282 11.67 -32.44 58.05
C TRP E 1282 12.74 -32.42 59.12
N ASP E 1283 12.37 -32.12 60.36
CA ASP E 1283 13.31 -32.13 61.46
C ASP E 1283 13.40 -33.50 62.11
N SER E 1284 12.79 -34.51 61.50
CA SER E 1284 12.88 -35.90 61.93
C SER E 1284 13.52 -36.83 60.90
N ILE E 1285 13.33 -36.53 59.61
CA ILE E 1285 14.04 -37.29 58.59
C ILE E 1285 15.56 -37.06 58.73
N CYS E 1286 15.94 -35.85 59.13
CA CYS E 1286 17.33 -35.59 59.48
C CYS E 1286 17.79 -36.46 60.64
N PHE E 1287 16.92 -36.66 61.63
CA PHE E 1287 17.24 -37.56 62.72
C PHE E 1287 17.46 -38.98 62.22
N PHE E 1288 16.59 -39.43 61.32
CA PHE E 1288 16.73 -40.77 60.77
C PHE E 1288 18.08 -40.93 60.07
N PHE E 1289 18.43 -39.98 59.22
CA PHE E 1289 19.69 -40.08 58.50
C PHE E 1289 20.89 -39.97 59.43
N LEU E 1290 20.80 -39.12 60.47
CA LEU E 1290 21.89 -39.00 61.41
C LEU E 1290 22.13 -40.30 62.16
N LEU E 1291 21.06 -40.95 62.64
CA LEU E 1291 21.24 -42.24 63.30
C LEU E 1291 21.79 -43.28 62.34
N LEU E 1292 21.30 -43.30 61.10
CA LEU E 1292 21.81 -44.29 60.15
C LEU E 1292 23.30 -44.09 59.91
N GLN E 1293 23.73 -42.84 59.73
CA GLN E 1293 25.14 -42.58 59.48
C GLN E 1293 25.99 -42.84 60.72
N ARG E 1294 25.45 -42.60 61.92
CA ARG E 1294 26.20 -42.91 63.12
C ARG E 1294 26.35 -44.41 63.30
N ARG E 1295 25.36 -45.18 62.85
CA ARG E 1295 25.52 -46.63 62.83
C ARG E 1295 26.57 -47.05 61.82
N ILE E 1296 26.59 -46.39 60.66
CA ILE E 1296 27.57 -46.71 59.62
C ILE E 1296 28.99 -46.49 60.14
N PHE E 1297 29.23 -45.34 60.78
CA PHE E 1297 30.59 -44.99 61.22
C PHE E 1297 31.25 -46.12 62.00
N LEU E 1298 30.67 -46.49 63.15
CA LEU E 1298 31.32 -47.46 64.01
C LEU E 1298 31.44 -48.83 63.36
N SER E 1299 30.70 -49.08 62.28
CA SER E 1299 30.69 -50.39 61.66
C SER E 1299 32.04 -50.73 61.04
N HIS E 1300 32.31 -52.03 60.93
CA HIS E 1300 33.55 -52.47 60.30
C HIS E 1300 33.60 -52.11 58.82
N TYR E 1301 32.48 -52.23 58.12
CA TYR E 1301 32.47 -52.00 56.68
C TYR E 1301 32.75 -50.56 56.30
N PHE E 1302 33.04 -49.69 57.26
CA PHE E 1302 33.44 -48.33 56.94
C PHE E 1302 34.95 -48.12 57.06
N LEU E 1303 35.64 -49.03 57.76
CA LEU E 1303 37.07 -48.91 57.92
C LEU E 1303 37.80 -48.93 56.59
N HIS E 1304 37.35 -49.76 55.65
CA HIS E 1304 38.02 -49.84 54.36
C HIS E 1304 37.88 -48.56 53.56
N VAL E 1305 36.69 -47.94 53.59
CA VAL E 1305 36.52 -46.68 52.87
C VAL E 1305 37.27 -45.56 53.56
N SER E 1306 37.38 -45.59 54.89
CA SER E 1306 38.24 -44.60 55.55
C SER E 1306 39.69 -44.77 55.14
N ALA E 1307 40.15 -46.02 55.02
CA ALA E 1307 41.50 -46.28 54.52
C ALA E 1307 41.67 -45.77 53.10
N ASP E 1308 40.63 -45.94 52.27
CA ASP E 1308 40.68 -45.40 50.91
C ASP E 1308 40.83 -43.89 50.91
N LEU E 1309 40.08 -43.20 51.78
CA LEU E 1309 40.23 -41.75 51.87
C LEU E 1309 41.63 -41.35 52.34
N LYS E 1310 42.19 -42.08 53.32
CA LYS E 1310 43.56 -41.80 53.72
C LYS E 1310 44.52 -41.98 52.57
N ALA E 1311 44.32 -43.03 51.78
CA ALA E 1311 45.18 -43.26 50.62
C ALA E 1311 45.07 -42.12 49.63
N THR E 1312 43.85 -41.65 49.38
CA THR E 1312 43.68 -40.53 48.45
C THR E 1312 44.36 -39.27 48.99
N ALA E 1313 44.25 -39.03 50.29
CA ALA E 1313 44.90 -37.86 50.89
C ALA E 1313 46.41 -37.92 50.70
N LEU E 1314 47.00 -39.11 50.89
CA LEU E 1314 48.45 -39.22 50.68
C LEU E 1314 48.82 -39.19 49.21
N GLN E 1315 47.93 -39.64 48.33
CA GLN E 1315 48.19 -39.70 46.90
C GLN E 1315 47.94 -38.38 46.20
N ALA E 1316 47.39 -37.39 46.91
CA ALA E 1316 47.08 -36.10 46.29
C ALA E 1316 48.28 -35.50 45.55
N SER E 1317 49.47 -35.62 46.13
CA SER E 1317 50.63 -34.94 45.57
C SER E 1317 50.97 -35.42 44.16
N ARG E 1318 50.83 -36.72 43.91
CA ARG E 1318 51.23 -37.28 42.61
C ARG E 1318 50.42 -36.68 41.47
N GLY E 1319 49.12 -36.46 41.69
CA GLY E 1319 48.28 -35.94 40.64
C GLY E 1319 48.74 -34.59 40.12
N PHE E 1320 49.33 -33.79 40.99
CA PHE E 1320 49.82 -32.47 40.57
C PHE E 1320 50.97 -32.60 39.58
N ALA E 1321 51.92 -33.50 39.87
CA ALA E 1321 53.02 -33.73 38.93
C ALA E 1321 52.49 -34.33 37.64
N LEU E 1322 51.51 -35.23 37.73
CA LEU E 1322 50.93 -35.81 36.53
C LEU E 1322 50.29 -34.73 35.66
N TYR E 1323 49.56 -33.81 36.28
CA TYR E 1323 48.91 -32.74 35.52
C TYR E 1323 49.94 -31.80 34.91
N ASN E 1324 51.02 -31.49 35.65
CA ASN E 1324 52.07 -30.68 35.06
C ASN E 1324 52.69 -31.37 33.86
N ALA E 1325 52.88 -32.68 33.95
CA ALA E 1325 53.40 -33.42 32.80
C ALA E 1325 52.46 -33.31 31.61
N ALA E 1326 51.15 -33.43 31.85
CA ALA E 1326 50.19 -33.30 30.75
C ALA E 1326 50.24 -31.91 30.13
N ASN E 1327 50.33 -30.87 30.96
CA ASN E 1327 50.39 -29.51 30.45
C ASN E 1327 51.65 -29.29 29.64
N LEU E 1328 52.80 -29.79 30.11
CA LEU E 1328 54.02 -29.61 29.36
C LEU E 1328 53.99 -30.39 28.05
N LYS E 1329 53.35 -31.56 28.04
CA LYS E 1329 53.21 -32.28 26.79
C LYS E 1329 52.37 -31.48 25.79
N SER E 1330 51.25 -30.91 26.24
CA SER E 1330 50.42 -30.12 25.34
C SER E 1330 51.15 -28.87 24.85
N ILE E 1331 51.88 -28.21 25.74
CA ILE E 1331 52.62 -27.01 25.34
C ILE E 1331 53.69 -27.35 24.32
N ASN E 1332 54.41 -28.46 24.54
CA ASN E 1332 55.42 -28.89 23.57
C ASN E 1332 54.78 -29.21 22.23
N PHE E 1333 53.63 -29.89 22.26
CA PHE E 1333 52.94 -30.22 21.02
C PHE E 1333 52.56 -28.97 20.25
N HIS E 1334 52.02 -27.96 20.95
CA HIS E 1334 51.59 -26.76 20.26
C HIS E 1334 52.77 -25.93 19.77
N ARG E 1335 53.87 -25.93 20.53
CA ARG E 1335 55.08 -25.28 20.03
C ARG E 1335 55.56 -25.96 18.75
N GLN E 1336 55.51 -27.29 18.72
CA GLN E 1336 55.91 -28.01 17.52
C GLN E 1336 55.03 -27.66 16.33
N ILE E 1337 53.72 -27.63 16.52
CA ILE E 1337 52.83 -27.36 15.39
C ILE E 1337 52.99 -25.92 14.92
N GLU E 1338 53.19 -24.98 15.86
CA GLU E 1338 53.45 -23.60 15.47
C GLU E 1338 54.74 -23.48 14.68
N GLU E 1339 55.78 -24.19 15.11
CA GLU E 1339 57.04 -24.15 14.38
C GLU E 1339 56.87 -24.70 12.98
N LYS E 1340 56.12 -25.79 12.84
CA LYS E 1340 55.88 -26.34 11.50
C LYS E 1340 55.13 -25.35 10.63
N SER E 1341 54.09 -24.71 11.16
CA SER E 1341 53.33 -23.74 10.36
C SER E 1341 54.20 -22.56 9.95
N LEU E 1342 55.01 -22.05 10.87
CA LEU E 1342 55.82 -20.89 10.53
C LEU E 1342 56.93 -21.25 9.53
N ALA E 1343 57.46 -22.47 9.61
CA ALA E 1343 58.38 -22.92 8.58
C ALA E 1343 57.68 -23.02 7.23
N GLN E 1344 56.43 -23.48 7.23
CA GLN E 1344 55.66 -23.50 5.99
C GLN E 1344 55.54 -22.11 5.39
N LEU E 1345 55.16 -21.14 6.21
CA LEU E 1345 55.00 -19.77 5.71
C LEU E 1345 56.32 -19.21 5.19
N LYS E 1346 57.41 -19.46 5.92
CA LYS E 1346 58.70 -18.96 5.47
C LYS E 1346 59.11 -19.57 4.14
N ARG E 1347 58.89 -20.87 3.97
CA ARG E 1347 59.21 -21.51 2.69
C ARG E 1347 58.36 -20.94 1.58
N GLN E 1348 57.07 -20.70 1.84
CA GLN E 1348 56.20 -20.14 0.82
C GLN E 1348 56.70 -18.77 0.37
N MET E 1349 57.10 -17.93 1.33
CA MET E 1349 57.57 -16.61 0.94
C MET E 1349 58.90 -16.70 0.21
N LYS E 1350 59.73 -17.67 0.56
CA LYS E 1350 60.95 -17.89 -0.21
C LYS E 1350 60.63 -18.22 -1.66
N ARG E 1351 59.65 -19.12 -1.88
CA ARG E 1351 59.26 -19.48 -3.24
C ARG E 1351 58.74 -18.27 -4.01
N ILE E 1352 57.84 -17.49 -3.38
CA ILE E 1352 57.25 -16.37 -4.08
C ILE E 1352 58.30 -15.33 -4.44
N ARG E 1353 59.21 -15.04 -3.51
CA ARG E 1353 60.24 -14.06 -3.80
C ARG E 1353 61.20 -14.55 -4.88
N ALA E 1354 61.48 -15.85 -4.89
CA ALA E 1354 62.31 -16.40 -5.97
C ALA E 1354 61.63 -16.19 -7.32
N LYS E 1355 60.34 -16.50 -7.40
CA LYS E 1355 59.64 -16.34 -8.67
C LYS E 1355 59.60 -14.87 -9.10
N GLN E 1356 59.38 -13.98 -8.15
CA GLN E 1356 59.34 -12.55 -8.49
C GLN E 1356 60.71 -12.05 -8.94
N GLU E 1357 61.77 -12.55 -8.32
CA GLU E 1357 63.11 -12.17 -8.77
C GLU E 1357 63.37 -12.68 -10.18
N LYS E 1358 62.94 -13.90 -10.48
CA LYS E 1358 63.11 -14.42 -11.83
C LYS E 1358 62.36 -13.56 -12.84
N TYR E 1359 61.13 -13.17 -12.52
CA TYR E 1359 60.39 -12.32 -13.45
C TYR E 1359 61.04 -10.96 -13.62
N ARG E 1360 61.52 -10.36 -12.54
CA ARG E 1360 62.20 -9.07 -12.66
C ARG E 1360 63.42 -9.18 -13.56
N GLN E 1361 64.24 -10.22 -13.34
CA GLN E 1361 65.42 -10.42 -14.16
C GLN E 1361 65.04 -10.62 -15.62
N SER E 1362 63.98 -11.40 -15.87
CA SER E 1362 63.58 -11.65 -17.25
C SER E 1362 63.10 -10.36 -17.93
N GLN E 1363 62.29 -9.56 -17.24
CA GLN E 1363 61.76 -8.37 -17.90
C GLN E 1363 62.79 -7.27 -17.99
N ALA E 1364 63.86 -7.33 -17.20
CA ALA E 1364 64.92 -6.34 -17.31
C ALA E 1364 65.53 -6.35 -18.71
N SER E 1365 65.76 -7.54 -19.26
CA SER E 1365 66.26 -7.71 -20.62
C SER E 1365 67.56 -6.96 -20.86
N ASP E 1402 53.38 5.96 -9.28
CA ASP E 1402 54.35 4.89 -9.37
C ASP E 1402 53.82 3.62 -8.72
N HIS E 1403 52.51 3.58 -8.48
CA HIS E 1403 51.83 2.43 -7.92
C HIS E 1403 50.84 1.84 -8.91
N ALA E 1404 50.04 2.70 -9.53
CA ALA E 1404 49.22 2.24 -10.65
C ALA E 1404 50.09 1.63 -11.73
N THR E 1405 51.32 2.10 -11.88
CA THR E 1405 52.22 1.50 -12.85
C THR E 1405 52.55 0.06 -12.50
N VAL E 1406 52.75 -0.23 -11.20
CA VAL E 1406 53.12 -1.59 -10.86
C VAL E 1406 51.89 -2.49 -10.85
N ILE E 1407 50.70 -1.95 -10.60
CA ILE E 1407 49.50 -2.77 -10.79
C ILE E 1407 49.28 -3.07 -12.26
N HIS E 1408 49.48 -2.08 -13.13
CA HIS E 1408 49.27 -2.27 -14.57
C HIS E 1408 50.56 -2.70 -15.26
N SER E 1409 51.19 -3.74 -14.75
CA SER E 1409 52.38 -4.32 -15.37
C SER E 1409 52.18 -5.83 -15.45
N GLY E 1410 51.51 -6.26 -16.50
CA GLY E 1410 51.34 -7.68 -16.73
C GLY E 1410 51.43 -8.01 -18.20
N ASP E 1411 52.37 -8.86 -18.58
CA ASP E 1411 52.46 -9.32 -19.96
C ASP E 1411 52.39 -10.84 -19.98
N TYR E 1412 52.33 -11.40 -21.18
CA TYR E 1412 52.25 -12.84 -21.29
C TYR E 1412 53.51 -13.52 -20.78
N PHE E 1413 54.60 -12.78 -20.60
CA PHE E 1413 55.80 -13.47 -20.10
C PHE E 1413 55.67 -13.89 -18.65
N LEU E 1414 54.64 -13.43 -17.94
CA LEU E 1414 54.45 -13.90 -16.57
C LEU E 1414 53.88 -15.30 -16.55
N PHE E 1415 52.97 -15.62 -17.46
CA PHE E 1415 52.21 -16.86 -17.42
C PHE E 1415 52.90 -18.02 -18.10
N GLU E 1416 54.08 -17.81 -18.68
CA GLU E 1416 54.74 -18.92 -19.34
C GLU E 1416 55.25 -19.92 -18.30
N SER E 1417 55.42 -21.17 -18.73
CA SER E 1417 55.67 -22.27 -17.80
C SER E 1417 56.97 -22.09 -17.03
N ASP E 1418 56.85 -21.95 -15.71
CA ASP E 1418 58.03 -21.85 -14.84
C ASP E 1418 58.39 -23.24 -14.31
N SER E 1419 58.60 -24.15 -15.26
CA SER E 1419 58.92 -25.56 -14.96
C SER E 1419 57.87 -26.19 -14.06
N GLU E 1420 56.64 -25.69 -14.12
CA GLU E 1420 55.53 -26.17 -13.29
C GLU E 1420 55.91 -26.14 -11.81
N GLU E 1421 56.60 -25.07 -11.41
CA GLU E 1421 57.05 -24.93 -10.03
C GLU E 1421 57.11 -23.46 -9.61
N GLY E 1509 18.60 -50.11 15.01
CA GLY E 1509 19.10 -48.80 15.36
C GLY E 1509 19.47 -48.65 16.81
N GLN E 1510 19.60 -49.80 17.50
CA GLN E 1510 19.96 -49.80 18.91
C GLN E 1510 21.38 -49.28 19.14
N ALA E 1511 22.20 -49.23 18.11
CA ALA E 1511 23.60 -48.84 18.27
C ALA E 1511 23.76 -47.34 18.53
N THR E 1512 22.68 -46.58 18.47
CA THR E 1512 22.78 -45.15 18.74
C THR E 1512 23.23 -44.87 20.17
N VAL E 1513 22.68 -45.64 21.13
CA VAL E 1513 23.11 -45.47 22.52
C VAL E 1513 24.57 -45.87 22.69
N ASP E 1514 25.01 -46.91 21.96
CA ASP E 1514 26.40 -47.30 22.03
C ASP E 1514 27.31 -46.20 21.48
N GLY E 1515 26.88 -45.58 20.38
CA GLY E 1515 27.65 -44.46 19.83
C GLY E 1515 27.71 -43.29 20.79
N LEU E 1516 26.59 -42.98 21.45
CA LEU E 1516 26.60 -41.92 22.45
C LEU E 1516 27.55 -42.24 23.59
N THR E 1517 27.52 -43.49 24.08
CA THR E 1517 28.42 -43.86 25.16
C THR E 1517 29.87 -43.77 24.74
N ARG E 1518 30.20 -44.22 23.53
CA ARG E 1518 31.59 -44.16 23.08
C ARG E 1518 32.03 -42.72 22.87
N TRP E 1519 31.12 -41.86 22.42
CA TRP E 1519 31.46 -40.45 22.26
C TRP E 1519 31.71 -39.79 23.62
N LEU E 1520 30.88 -40.11 24.60
CA LEU E 1520 31.11 -39.60 25.95
C LEU E 1520 32.44 -40.09 26.50
N ARG E 1521 32.76 -41.36 26.28
CA ARG E 1521 34.06 -41.89 26.67
C ARG E 1521 35.18 -41.18 25.93
N ALA E 1522 34.95 -40.78 24.68
CA ALA E 1522 35.96 -40.01 23.96
C ALA E 1522 36.19 -38.66 24.62
N PHE E 1523 35.11 -38.01 25.06
CA PHE E 1523 35.27 -36.74 25.77
C PHE E 1523 36.04 -36.93 27.08
N THR E 1524 35.75 -38.00 27.81
CA THR E 1524 36.28 -38.15 29.16
C THR E 1524 37.44 -39.14 29.25
N LYS E 1525 38.03 -39.53 28.11
CA LYS E 1525 39.13 -40.48 28.14
C LYS E 1525 40.32 -39.96 28.95
N HIS E 1526 40.55 -38.65 28.91
CA HIS E 1526 41.66 -38.09 29.67
C HIS E 1526 41.50 -38.38 31.15
N HIS E 1527 40.34 -38.03 31.71
CA HIS E 1527 40.10 -38.28 33.11
C HIS E 1527 39.99 -39.78 33.40
N ARG E 1528 39.49 -40.57 32.45
CA ARG E 1528 39.38 -42.00 32.68
C ARG E 1528 40.75 -42.63 32.85
N THR E 1529 41.67 -42.34 31.93
CA THR E 1529 43.02 -42.88 32.04
C THR E 1529 43.74 -42.33 33.27
N MET E 1530 43.56 -41.04 33.55
CA MET E 1530 44.19 -40.45 34.72
C MET E 1530 43.70 -41.13 36.00
N SER E 1531 42.39 -41.34 36.11
CA SER E 1531 41.83 -41.99 37.29
C SER E 1531 42.26 -43.45 37.37
N ASP E 1532 42.38 -44.13 36.24
CA ASP E 1532 42.84 -45.51 36.27
C ASP E 1532 44.25 -45.60 36.82
N VAL E 1533 45.13 -44.71 36.36
CA VAL E 1533 46.50 -44.70 36.87
C VAL E 1533 46.50 -44.38 38.35
N LEU E 1534 45.75 -43.36 38.75
CA LEU E 1534 45.72 -42.95 40.15
C LEU E 1534 45.19 -44.06 41.04
N CYS E 1535 44.15 -44.77 40.62
CA CYS E 1535 43.57 -45.81 41.45
C CYS E 1535 44.47 -47.04 41.49
N ALA E 1536 45.10 -47.39 40.37
CA ALA E 1536 46.05 -48.48 40.39
C ALA E 1536 47.16 -48.20 41.37
N GLU E 1537 47.69 -46.99 41.37
CA GLU E 1537 48.68 -46.61 42.37
C GLU E 1537 48.08 -46.66 43.77
N ARG E 1538 46.83 -46.20 43.90
CA ARG E 1538 46.21 -46.03 45.21
C ARG E 1538 45.99 -47.37 45.90
N TYR E 1539 45.67 -48.42 45.15
CA TYR E 1539 45.40 -49.70 45.77
C TYR E 1539 46.64 -50.24 46.48
N LEU E 1540 47.77 -50.25 45.77
CA LEU E 1540 49.02 -50.63 46.40
C LEU E 1540 49.39 -49.67 47.52
N LEU E 1541 49.11 -48.38 47.33
CA LEU E 1541 49.42 -47.39 48.36
C LEU E 1541 48.70 -47.71 49.66
N THR E 1542 47.40 -48.01 49.60
CA THR E 1542 46.66 -48.28 50.82
C THR E 1542 47.01 -49.64 51.39
N GLN E 1543 47.27 -50.63 50.53
CA GLN E 1543 47.62 -51.94 51.06
C GLN E 1543 48.97 -51.90 51.76
N GLU E 1544 49.87 -51.01 51.32
CA GLU E 1544 51.12 -50.80 52.06
C GLU E 1544 50.87 -49.98 53.31
N LEU E 1545 50.01 -48.96 53.22
CA LEU E 1545 49.70 -48.11 54.35
C LEU E 1545 49.07 -48.90 55.49
N LEU E 1546 48.42 -50.01 55.18
CA LEU E 1546 47.84 -50.90 56.19
C LEU E 1546 48.76 -51.06 57.40
N ARG E 1547 50.04 -51.32 57.15
CA ARG E 1547 50.95 -51.56 58.27
C ARG E 1547 51.46 -50.25 58.86
N VAL E 1548 52.30 -49.53 58.12
CA VAL E 1548 52.77 -48.22 58.55
C VAL E 1548 52.66 -47.16 57.46
N GLY E 1549 53.28 -47.41 56.31
CA GLY E 1549 53.49 -46.40 55.29
C GLY E 1549 54.84 -45.75 55.50
N GLU E 1550 55.84 -46.14 54.71
CA GLU E 1550 57.22 -45.76 55.01
C GLU E 1550 57.88 -44.89 53.95
N VAL E 1551 57.93 -45.34 52.70
CA VAL E 1551 58.80 -44.74 51.68
C VAL E 1551 57.95 -44.23 50.52
N ARG E 1552 58.20 -42.98 50.13
CA ARG E 1552 57.53 -42.42 48.96
C ARG E 1552 58.02 -43.03 47.67
N ARG E 1553 59.28 -43.48 47.63
CA ARG E 1553 59.82 -44.10 46.43
C ARG E 1553 59.33 -45.53 46.25
N GLY E 1554 58.90 -46.18 47.34
CA GLY E 1554 58.38 -47.54 47.21
C GLY E 1554 57.12 -47.61 46.37
N VAL E 1555 56.24 -46.61 46.51
CA VAL E 1555 54.94 -46.69 45.85
C VAL E 1555 55.06 -46.43 44.36
N LEU E 1556 56.14 -45.78 43.92
CA LEU E 1556 56.28 -45.48 42.51
C LEU E 1556 56.89 -46.65 41.74
N ASP E 1557 58.07 -47.10 42.15
CA ASP E 1557 58.87 -48.03 41.37
C ASP E 1557 58.55 -49.50 41.65
N GLN E 1558 57.69 -49.79 42.63
CA GLN E 1558 57.42 -51.18 42.97
C GLN E 1558 56.75 -51.91 41.81
N LEU E 1559 55.77 -51.28 41.19
CA LEU E 1559 55.07 -51.90 40.07
C LEU E 1559 55.78 -51.59 38.77
N ALA E 1645 61.88 -41.97 36.50
CA ALA E 1645 60.62 -41.86 35.78
C ALA E 1645 59.54 -41.28 36.69
N SER E 1646 59.78 -40.06 37.19
CA SER E 1646 58.84 -39.44 38.11
C SER E 1646 57.57 -39.01 37.40
N GLU E 1647 57.70 -38.34 36.25
CA GLU E 1647 56.56 -37.77 35.54
C GLU E 1647 56.44 -38.37 34.15
N LEU E 1648 55.22 -38.80 33.82
CA LEU E 1648 54.86 -39.21 32.47
C LEU E 1648 53.35 -39.44 32.46
N LEU E 1649 52.68 -38.96 31.42
CA LEU E 1649 51.23 -38.95 31.38
C LEU E 1649 50.60 -40.33 31.48
N LEU E 1650 50.80 -41.16 30.46
CA LEU E 1650 50.18 -42.47 30.37
C LEU E 1650 51.27 -43.52 30.37
N ASP E 1651 51.35 -44.29 31.45
CA ASP E 1651 52.43 -45.26 31.62
C ASP E 1651 51.83 -46.62 31.93
N ARG E 1652 52.61 -47.66 31.64
CA ARG E 1652 52.17 -49.03 31.82
C ARG E 1652 53.27 -49.85 32.48
N ARG E 1653 52.91 -50.62 33.49
CA ARG E 1653 53.83 -51.50 34.21
C ARG E 1653 53.07 -52.78 34.52
N LEU E 1654 53.61 -53.57 35.46
CA LEU E 1654 53.00 -54.84 35.83
C LEU E 1654 51.58 -54.64 36.38
N HIS E 1655 50.88 -55.75 36.56
CA HIS E 1655 49.45 -55.73 36.87
C HIS E 1655 49.20 -56.10 38.33
N ILE E 1656 47.98 -55.82 38.76
CA ILE E 1656 47.47 -56.23 40.06
C ILE E 1656 46.18 -57.00 39.82
N PRO E 1657 46.06 -58.24 40.31
CA PRO E 1657 44.91 -59.07 39.92
C PRO E 1657 43.56 -58.50 40.31
N GLU E 1658 43.46 -57.84 41.46
CA GLU E 1658 42.16 -57.37 41.94
C GLU E 1658 41.56 -56.33 41.00
N LEU E 1659 42.37 -55.33 40.62
CA LEU E 1659 41.86 -54.26 39.78
C LEU E 1659 41.52 -54.75 38.38
N GLU E 1660 42.38 -55.58 37.80
CA GLU E 1660 42.08 -56.11 36.47
C GLU E 1660 40.86 -57.02 36.49
N GLU E 1661 40.61 -57.73 37.60
CA GLU E 1661 39.35 -58.44 37.75
C GLU E 1661 38.18 -57.46 37.81
N ALA E 1662 38.34 -56.37 38.56
CA ALA E 1662 37.27 -55.39 38.69
C ALA E 1662 37.00 -54.66 37.38
N GLU E 1663 37.98 -54.61 36.48
CA GLU E 1663 37.86 -53.78 35.29
C GLU E 1663 36.72 -54.25 34.39
N ARG E 1664 36.68 -55.53 34.06
CA ARG E 1664 35.69 -56.05 33.13
C ARG E 1664 34.31 -56.15 33.75
N PHE E 1665 34.20 -55.95 35.07
CA PHE E 1665 32.89 -56.06 35.72
C PHE E 1665 31.91 -55.05 35.14
N GLU E 1666 32.40 -53.89 34.72
CA GLU E 1666 31.51 -52.89 34.12
C GLU E 1666 30.92 -53.40 32.81
N ALA E 1667 31.68 -54.22 32.06
CA ALA E 1667 31.15 -54.74 30.81
C ALA E 1667 29.96 -55.67 31.03
N GLN E 1668 29.80 -56.18 32.25
CA GLN E 1668 28.65 -57.01 32.55
C GLN E 1668 27.35 -56.22 32.40
N GLN E 1669 27.34 -54.98 32.86
CA GLN E 1669 26.18 -54.11 32.74
C GLN E 1669 26.42 -53.17 31.56
N GLY E 1670 25.62 -53.31 30.51
CA GLY E 1670 25.89 -52.57 29.30
C GLY E 1670 24.70 -51.95 28.61
N ARG E 1671 23.51 -52.08 29.20
CA ARG E 1671 22.31 -51.52 28.58
C ARG E 1671 22.25 -50.00 28.78
N THR E 1672 22.17 -49.56 30.04
CA THR E 1672 22.10 -48.15 30.35
C THR E 1672 23.14 -47.77 31.39
N LEU E 1673 23.54 -48.73 32.22
CA LEU E 1673 24.47 -48.43 33.30
C LEU E 1673 25.80 -47.91 32.76
N ARG E 1674 26.24 -48.37 31.59
CA ARG E 1674 27.42 -47.77 30.98
C ARG E 1674 27.18 -46.30 30.67
N LEU E 1675 26.00 -45.96 30.15
CA LEU E 1675 25.70 -44.56 29.86
C LEU E 1675 25.68 -43.72 31.13
N LEU E 1676 25.08 -44.24 32.19
CA LEU E 1676 25.05 -43.49 33.45
C LEU E 1676 26.45 -43.29 34.01
N ARG E 1677 27.28 -44.34 33.98
CA ARG E 1677 28.65 -44.21 34.46
C ARG E 1677 29.41 -43.20 33.62
N ALA E 1678 29.24 -43.24 32.30
CA ALA E 1678 29.92 -42.29 31.43
C ALA E 1678 29.47 -40.86 31.70
N GLY E 1679 28.17 -40.65 31.90
CA GLY E 1679 27.69 -39.31 32.19
C GLY E 1679 28.20 -38.76 33.51
N TYR E 1680 28.15 -39.58 34.56
CA TYR E 1680 28.68 -39.14 35.84
C TYR E 1680 30.17 -38.87 35.75
N GLN E 1681 30.90 -39.69 34.99
CA GLN E 1681 32.32 -39.48 34.85
C GLN E 1681 32.59 -38.22 34.03
N CYS E 1682 31.71 -37.90 33.09
CA CYS E 1682 31.83 -36.64 32.34
C CYS E 1682 31.64 -35.44 33.25
N VAL E 1683 30.65 -35.50 34.14
CA VAL E 1683 30.49 -34.42 35.11
C VAL E 1683 31.72 -34.32 35.99
N ALA E 1684 32.26 -35.46 36.44
CA ALA E 1684 33.47 -35.45 37.23
C ALA E 1684 34.64 -34.84 36.46
N ALA E 1685 34.63 -34.98 35.13
CA ALA E 1685 35.72 -34.45 34.34
C ALA E 1685 35.49 -33.00 33.92
N HIS E 1686 34.32 -32.45 34.20
CA HIS E 1686 34.02 -31.07 33.84
C HIS E 1686 33.28 -30.36 34.96
N SER E 1687 33.65 -30.63 36.20
CA SER E 1687 33.08 -29.87 37.30
C SER E 1687 33.36 -28.39 37.16
N GLU E 1688 34.52 -28.04 36.61
CA GLU E 1688 34.87 -26.64 36.42
C GLU E 1688 33.87 -25.94 35.50
N LEU E 1689 33.26 -26.69 34.59
CA LEU E 1689 32.27 -26.10 33.71
C LEU E 1689 30.86 -26.26 34.28
N LEU E 1690 30.64 -27.33 35.04
CA LEU E 1690 29.35 -27.49 35.70
C LEU E 1690 29.10 -26.33 36.66
N CYS E 1691 30.12 -25.90 37.39
CA CYS E 1691 29.93 -24.81 38.32
C CYS E 1691 29.60 -23.52 37.60
N TYR E 1692 30.27 -23.23 36.49
CA TYR E 1692 29.94 -22.02 35.75
C TYR E 1692 28.52 -22.08 35.21
N PHE E 1693 28.11 -23.25 34.71
CA PHE E 1693 26.77 -23.35 34.17
C PHE E 1693 25.72 -23.19 35.26
N ILE E 1694 25.96 -23.77 36.43
CA ILE E 1694 25.00 -23.62 37.52
C ILE E 1694 24.93 -22.18 37.98
N ILE E 1695 26.07 -21.50 38.09
CA ILE E 1695 26.05 -20.10 38.52
C ILE E 1695 25.26 -19.25 37.53
N ILE E 1696 25.53 -19.43 36.23
CA ILE E 1696 24.82 -18.65 35.22
C ILE E 1696 23.33 -18.98 35.25
N LEU E 1697 22.98 -20.26 35.38
CA LEU E 1697 21.57 -20.63 35.43
C LEU E 1697 20.89 -20.01 36.64
N ASN E 1698 21.53 -20.07 37.81
CA ASN E 1698 20.97 -19.47 39.00
C ASN E 1698 20.74 -17.98 38.81
N HIS E 1699 21.67 -17.30 38.16
CA HIS E 1699 21.46 -15.89 37.90
C HIS E 1699 20.44 -15.62 36.80
N MET E 1700 20.15 -16.61 35.97
CA MET E 1700 19.20 -16.40 34.90
C MET E 1700 17.78 -16.35 35.45
N VAL E 1701 17.49 -17.20 36.44
CA VAL E 1701 16.33 -17.06 37.32
C VAL E 1701 16.78 -16.07 38.38
N THR E 1702 15.86 -15.57 39.21
CA THR E 1702 16.12 -14.68 40.34
C THR E 1702 17.07 -13.53 39.96
N ALA E 1703 16.63 -12.75 38.98
CA ALA E 1703 17.41 -11.62 38.49
C ALA E 1703 17.54 -10.58 39.59
N SER E 1704 18.74 -10.44 40.15
CA SER E 1704 18.94 -9.54 41.28
C SER E 1704 20.43 -9.31 41.48
N ALA E 1705 20.78 -8.12 41.96
CA ALA E 1705 22.18 -7.76 42.13
C ALA E 1705 22.91 -8.77 43.00
N ALA E 1706 22.22 -9.31 44.00
CA ALA E 1706 22.82 -10.34 44.85
C ALA E 1706 23.22 -11.56 44.04
N SER E 1707 22.48 -11.86 42.99
CA SER E 1707 22.83 -12.92 42.06
C SER E 1707 23.52 -12.38 40.82
N LEU E 1708 23.84 -11.09 40.79
CA LEU E 1708 24.54 -10.45 39.69
C LEU E 1708 26.01 -10.19 39.97
N VAL E 1709 26.42 -10.14 41.23
CA VAL E 1709 27.82 -9.92 41.48
C VAL E 1709 28.65 -11.17 41.17
N LEU E 1710 28.02 -12.32 41.08
CA LEU E 1710 28.80 -13.55 40.86
C LEU E 1710 29.07 -13.85 39.38
N PRO E 1711 28.09 -13.79 38.47
CA PRO E 1711 28.42 -13.99 37.06
C PRO E 1711 29.40 -12.99 36.51
N VAL E 1712 29.38 -11.74 36.97
CA VAL E 1712 30.40 -10.79 36.52
C VAL E 1712 31.78 -11.30 36.92
N LEU E 1713 31.90 -11.84 38.13
CA LEU E 1713 33.16 -12.45 38.53
C LEU E 1713 33.51 -13.62 37.60
N VAL E 1714 32.55 -14.49 37.32
CA VAL E 1714 32.85 -15.66 36.50
C VAL E 1714 33.36 -15.24 35.13
N PHE E 1715 32.75 -14.22 34.53
CA PHE E 1715 33.13 -13.80 33.18
C PHE E 1715 34.31 -12.85 33.16
N LEU E 1716 34.73 -12.30 34.31
CA LEU E 1716 35.82 -11.33 34.32
C LEU E 1716 37.09 -11.80 34.99
N TRP E 1717 37.00 -12.69 35.97
CA TRP E 1717 38.15 -13.10 36.75
C TRP E 1717 38.41 -14.60 36.65
N ALA E 1718 37.38 -15.43 36.79
CA ALA E 1718 37.63 -16.86 36.83
C ALA E 1718 37.90 -17.44 35.46
N MET E 1719 37.48 -16.75 34.40
CA MET E 1719 37.69 -17.21 33.05
C MET E 1719 38.85 -16.52 32.35
N LEU E 1720 39.73 -15.85 33.11
CA LEU E 1720 40.82 -15.12 32.51
C LEU E 1720 42.19 -15.44 33.09
N THR E 1721 42.28 -15.94 34.32
CA THR E 1721 43.57 -15.99 35.00
C THR E 1721 44.59 -16.93 34.36
N ILE E 1722 44.35 -18.23 34.51
CA ILE E 1722 45.34 -19.31 34.43
C ILE E 1722 44.52 -20.57 34.33
N PRO E 1723 44.95 -21.60 33.57
CA PRO E 1723 44.08 -22.79 33.39
C PRO E 1723 43.44 -23.34 34.66
N ARG E 1724 44.02 -23.05 35.82
CA ARG E 1724 43.30 -23.29 37.06
C ARG E 1724 42.88 -21.94 37.65
N PRO E 1725 41.59 -21.58 37.60
CA PRO E 1725 41.13 -20.39 38.32
C PRO E 1725 41.51 -20.49 39.78
N SER E 1726 42.09 -19.41 40.31
CA SER E 1726 42.80 -19.48 41.57
C SER E 1726 41.88 -19.88 42.71
N LYS E 1727 42.48 -20.51 43.72
CA LYS E 1727 41.73 -20.96 44.90
C LYS E 1727 40.93 -19.83 45.53
N ARG E 1728 41.47 -18.61 45.49
CA ARG E 1728 40.76 -17.47 46.05
C ARG E 1728 39.39 -17.29 45.40
N PHE E 1729 39.25 -17.60 44.11
CA PHE E 1729 37.96 -17.42 43.48
C PHE E 1729 36.94 -18.44 43.97
N TRP E 1730 37.33 -19.71 44.05
CA TRP E 1730 36.39 -20.71 44.52
C TRP E 1730 35.98 -20.41 45.94
N MET E 1731 36.93 -20.00 46.79
CA MET E 1731 36.57 -19.64 48.14
C MET E 1731 35.63 -18.43 48.14
N THR E 1732 35.87 -17.47 47.26
CA THR E 1732 35.00 -16.30 47.19
C THR E 1732 33.58 -16.71 46.83
N ALA E 1733 33.42 -17.55 45.82
CA ALA E 1733 32.07 -17.93 45.42
C ALA E 1733 31.38 -18.77 46.48
N ILE E 1734 32.11 -19.69 47.11
CA ILE E 1734 31.49 -20.53 48.14
C ILE E 1734 31.06 -19.69 49.32
N VAL E 1735 31.94 -18.82 49.82
CA VAL E 1735 31.61 -18.00 50.97
C VAL E 1735 30.50 -17.02 50.61
N PHE E 1736 30.53 -16.47 49.40
CA PHE E 1736 29.47 -15.54 49.02
C PHE E 1736 28.13 -16.23 48.94
N THR E 1737 28.07 -17.45 48.42
CA THR E 1737 26.78 -18.10 48.35
C THR E 1737 26.32 -18.56 49.72
N GLU E 1738 27.24 -18.93 50.62
CA GLU E 1738 26.88 -19.09 52.03
C GLU E 1738 26.21 -17.82 52.55
N VAL E 1739 26.86 -16.68 52.37
CA VAL E 1739 26.36 -15.43 52.94
C VAL E 1739 25.01 -15.07 52.36
N MET E 1740 24.84 -15.24 51.06
CA MET E 1740 23.64 -14.76 50.41
C MET E 1740 22.55 -15.83 50.37
N VAL E 1741 22.77 -17.00 50.97
CA VAL E 1741 21.64 -17.87 51.27
C VAL E 1741 21.26 -17.67 52.73
N VAL E 1742 22.24 -17.40 53.60
CA VAL E 1742 21.91 -17.09 54.99
C VAL E 1742 21.07 -15.83 55.07
N THR E 1743 21.45 -14.80 54.32
CA THR E 1743 20.70 -13.55 54.33
C THR E 1743 19.30 -13.73 53.74
N LYS E 1744 19.19 -14.47 52.64
CA LYS E 1744 17.87 -14.76 52.08
C LYS E 1744 16.99 -15.47 53.10
N TYR E 1745 17.53 -16.47 53.79
CA TYR E 1745 16.75 -17.18 54.80
C TYR E 1745 16.40 -16.27 55.96
N LEU E 1746 17.33 -15.43 56.40
CA LEU E 1746 17.06 -14.51 57.49
C LEU E 1746 15.90 -13.58 57.13
N PHE E 1747 15.91 -13.02 55.92
CA PHE E 1747 14.80 -12.17 55.51
C PHE E 1747 13.55 -12.96 55.20
N GLN E 1748 13.64 -14.28 54.99
CA GLN E 1748 12.43 -15.07 54.80
C GLN E 1748 11.59 -15.11 56.07
N PHE E 1749 12.15 -14.73 57.21
CA PHE E 1749 11.40 -14.68 58.45
C PHE E 1749 10.19 -13.78 58.32
N GLY E 1750 9.21 -14.00 59.19
CA GLY E 1750 7.99 -13.22 59.16
C GLY E 1750 8.02 -11.90 59.90
N PHE E 1751 9.05 -11.65 60.71
CA PHE E 1751 9.05 -10.41 61.49
C PHE E 1751 9.35 -9.20 60.63
N PHE E 1752 10.14 -9.36 59.57
CA PHE E 1752 10.45 -8.17 58.79
C PHE E 1752 9.44 -7.99 57.66
N PRO E 1753 9.07 -6.74 57.33
CA PRO E 1753 8.21 -6.45 56.19
C PRO E 1753 8.89 -6.73 54.85
N PRO E 1770 14.85 -1.20 47.03
CA PRO E 1770 13.67 -1.97 46.63
C PRO E 1770 13.78 -3.45 46.99
N PRO E 1771 12.65 -4.12 47.15
CA PRO E 1771 12.68 -5.55 47.51
C PRO E 1771 13.25 -6.43 46.41
N ARG E 1772 12.76 -6.25 45.18
CA ARG E 1772 13.12 -7.13 44.08
C ARG E 1772 14.54 -6.89 43.58
N ILE E 1773 14.98 -5.64 43.53
CA ILE E 1773 16.30 -5.33 42.99
C ILE E 1773 17.39 -5.86 43.90
N LEU E 1774 17.27 -5.62 45.21
CA LEU E 1774 18.29 -6.11 46.12
C LEU E 1774 18.30 -7.62 46.23
N GLY E 1775 17.24 -8.30 45.77
CA GLY E 1775 17.24 -9.75 45.72
C GLY E 1775 17.03 -10.46 47.03
N LEU E 1776 16.60 -9.75 48.07
CA LEU E 1776 16.29 -10.34 49.36
C LEU E 1776 14.80 -10.63 49.54
N GLU E 1777 14.05 -10.74 48.44
CA GLU E 1777 12.61 -10.94 48.54
C GLU E 1777 12.30 -12.24 49.26
N LYS E 1778 11.05 -12.36 49.71
CA LYS E 1778 10.58 -13.55 50.41
C LYS E 1778 9.55 -14.26 49.55
N THR E 1779 9.77 -15.55 49.29
CA THR E 1779 8.86 -16.40 48.53
C THR E 1779 8.83 -17.77 49.17
N ASP E 1780 8.05 -18.68 48.56
CA ASP E 1780 8.08 -20.07 49.00
C ASP E 1780 9.40 -20.73 48.61
N SER E 1781 9.82 -20.55 47.36
CA SER E 1781 11.11 -21.05 46.89
C SER E 1781 12.14 -19.92 46.92
N TYR E 1782 12.41 -19.44 48.14
CA TYR E 1782 13.36 -18.35 48.31
C TYR E 1782 14.77 -18.80 47.94
N ILE E 1783 15.14 -20.04 48.27
CA ILE E 1783 16.40 -20.61 47.81
C ILE E 1783 16.13 -21.36 46.51
N LYS E 1784 16.48 -20.74 45.39
CA LYS E 1784 16.21 -21.31 44.07
C LYS E 1784 17.52 -21.47 43.33
N TYR E 1785 17.82 -22.70 42.94
CA TYR E 1785 19.12 -23.02 42.34
C TYR E 1785 20.26 -22.47 43.18
N ASP E 1786 20.06 -22.41 44.49
CA ASP E 1786 21.07 -21.95 45.41
C ASP E 1786 21.59 -23.03 46.33
N LEU E 1787 20.81 -24.09 46.55
CA LEU E 1787 21.38 -25.31 47.09
C LEU E 1787 22.20 -26.03 46.03
N VAL E 1788 21.71 -26.03 44.79
CA VAL E 1788 22.44 -26.68 43.70
C VAL E 1788 23.76 -25.97 43.46
N GLN E 1789 23.76 -24.64 43.48
CA GLN E 1789 25.00 -23.91 43.23
C GLN E 1789 26.02 -24.17 44.33
N LEU E 1790 25.58 -24.14 45.58
CA LEU E 1790 26.50 -24.41 46.68
C LEU E 1790 27.04 -25.83 46.61
N MET E 1791 26.18 -26.79 46.29
CA MET E 1791 26.65 -28.17 46.21
C MET E 1791 27.59 -28.36 45.04
N ALA E 1792 27.34 -27.69 43.90
CA ALA E 1792 28.26 -27.79 42.77
C ALA E 1792 29.61 -27.19 43.11
N LEU E 1793 29.61 -26.03 43.76
CA LEU E 1793 30.88 -25.42 44.18
C LEU E 1793 31.64 -26.35 45.11
N PHE E 1794 30.94 -26.95 46.07
CA PHE E 1794 31.63 -27.80 47.03
C PHE E 1794 32.08 -29.11 46.40
N PHE E 1795 31.33 -29.66 45.47
CA PHE E 1795 31.76 -30.85 44.77
C PHE E 1795 33.00 -30.57 43.94
N HIS E 1796 33.04 -29.40 43.29
CA HIS E 1796 34.23 -29.03 42.54
C HIS E 1796 35.43 -28.82 43.45
N ARG E 1797 35.23 -28.18 44.59
CA ARG E 1797 36.34 -28.00 45.52
C ARG E 1797 36.84 -29.34 46.02
N SER E 1798 35.92 -30.26 46.34
CA SER E 1798 36.33 -31.58 46.82
C SER E 1798 37.12 -32.32 45.77
N GLN E 1799 36.63 -32.33 44.52
CA GLN E 1799 37.33 -33.04 43.45
C GLN E 1799 38.69 -32.40 43.17
N LEU E 1800 38.76 -31.08 43.11
CA LEU E 1800 40.01 -30.38 42.91
C LEU E 1800 40.95 -30.57 44.10
N LEU E 1801 40.40 -30.93 45.26
CA LEU E 1801 41.24 -31.18 46.43
C LEU E 1801 41.83 -32.58 46.39
N CYS E 1802 40.99 -33.61 46.29
CA CYS E 1802 41.48 -34.98 46.27
C CYS E 1802 42.42 -35.23 45.10
N TYR E 1803 42.16 -34.61 43.96
CA TYR E 1803 43.03 -34.70 42.80
C TYR E 1803 43.66 -33.34 42.54
N GLY E 1804 44.98 -33.26 42.66
CA GLY E 1804 45.70 -32.07 42.28
C GLY E 1804 46.01 -31.16 43.45
N LEU E 1805 46.15 -29.89 43.14
CA LEU E 1805 46.51 -28.87 44.12
C LEU E 1805 45.38 -27.87 44.26
N TRP E 1806 45.14 -27.46 45.50
CA TRP E 1806 44.10 -26.49 45.80
C TRP E 1806 44.72 -25.28 46.47
N PRO E 1957 48.52 -2.25 41.53
CA PRO E 1957 49.27 -3.29 42.22
C PRO E 1957 48.92 -4.71 41.75
N LEU E 1958 48.19 -5.44 42.59
CA LEU E 1958 47.91 -6.85 42.30
C LEU E 1958 47.12 -7.00 41.01
N GLN E 1959 46.18 -6.09 40.76
CA GLN E 1959 45.46 -6.10 39.49
C GLN E 1959 46.41 -5.90 38.32
N ARG E 1960 47.37 -5.00 38.46
CA ARG E 1960 48.36 -4.78 37.40
C ARG E 1960 49.19 -6.04 37.16
N PHE E 1961 49.59 -6.73 38.23
CA PHE E 1961 50.32 -7.97 38.05
C PHE E 1961 49.45 -9.02 37.36
N PHE E 1962 48.17 -9.08 37.72
CA PHE E 1962 47.26 -10.04 37.10
C PHE E 1962 47.14 -9.78 35.61
N HIS E 1963 46.99 -8.51 35.22
CA HIS E 1963 46.91 -8.19 33.80
C HIS E 1963 48.22 -8.52 33.09
N ASP E 1964 49.35 -8.15 33.70
CA ASP E 1964 50.62 -8.36 33.02
C ASP E 1964 50.95 -9.85 32.88
N ILE E 1965 50.50 -10.67 33.83
CA ILE E 1965 50.71 -12.10 33.64
C ILE E 1965 49.70 -12.64 32.62
N LEU E 1966 48.55 -11.98 32.48
CA LEU E 1966 47.63 -12.40 31.43
C LEU E 1966 48.22 -12.16 30.04
N HIS E 1967 48.80 -10.99 29.81
CA HIS E 1967 49.32 -10.68 28.49
C HIS E 1967 50.57 -11.50 28.18
N THR E 1968 51.64 -11.29 28.95
CA THR E 1968 52.95 -11.80 28.58
C THR E 1968 53.14 -13.17 29.22
N LYS E 1969 53.07 -14.21 28.40
CA LYS E 1969 53.25 -15.59 28.87
C LYS E 1969 53.29 -16.50 27.64
N TYR E 1970 53.62 -17.76 27.87
CA TYR E 1970 53.62 -18.79 26.85
C TYR E 1970 52.34 -19.61 26.94
N ARG E 1971 51.60 -19.68 25.83
CA ARG E 1971 50.30 -20.35 25.82
C ARG E 1971 50.10 -21.06 24.49
N ALA E 1972 49.18 -22.00 24.49
CA ALA E 1972 48.68 -22.55 23.22
C ALA E 1972 47.89 -21.47 22.50
N ALA E 1973 47.93 -21.52 21.17
CA ALA E 1973 47.23 -20.54 20.34
C ALA E 1973 46.07 -21.22 19.64
N THR E 1974 44.86 -20.72 19.89
CA THR E 1974 43.65 -21.27 19.28
C THR E 1974 42.78 -20.14 18.78
N ASP E 1975 42.05 -20.42 17.70
CA ASP E 1975 41.15 -19.46 17.08
C ASP E 1975 39.72 -19.97 17.23
N VAL E 1976 38.86 -19.16 17.84
CA VAL E 1976 37.46 -19.52 17.99
C VAL E 1976 36.57 -18.41 17.47
N TYR E 1977 37.03 -17.67 16.45
CA TYR E 1977 36.19 -16.61 15.94
C TYR E 1977 34.95 -17.15 15.25
N ALA E 1978 35.07 -18.27 14.55
CA ALA E 1978 33.90 -18.85 13.90
C ALA E 1978 32.77 -19.04 14.89
N LEU E 1979 33.07 -19.67 16.04
CA LEU E 1979 32.03 -19.96 17.01
C LEU E 1979 31.56 -18.70 17.72
N MET E 1980 32.47 -17.76 17.98
CA MET E 1980 32.08 -16.51 18.60
C MET E 1980 31.05 -15.77 17.75
N PHE E 1981 31.35 -15.61 16.47
CA PHE E 1981 30.41 -14.93 15.58
C PHE E 1981 29.16 -15.75 15.34
N LEU E 1982 29.26 -17.08 15.39
CA LEU E 1982 28.07 -17.90 15.28
C LEU E 1982 27.15 -17.68 16.46
N ALA E 1983 27.71 -17.55 17.67
CA ALA E 1983 26.89 -17.24 18.84
C ALA E 1983 26.24 -15.87 18.70
N ASP E 1984 26.96 -14.89 18.18
CA ASP E 1984 26.31 -13.59 17.95
C ASP E 1984 25.19 -13.67 16.92
N ILE E 1985 25.37 -14.47 15.86
CA ILE E 1985 24.29 -14.60 14.87
C ILE E 1985 23.07 -15.28 15.48
N VAL E 1986 23.28 -16.33 16.28
CA VAL E 1986 22.15 -16.94 16.98
C VAL E 1986 21.50 -15.91 17.89
N ASP E 1987 22.30 -15.04 18.50
CA ASP E 1987 21.74 -14.00 19.35
C ASP E 1987 20.83 -13.05 18.59
N ILE E 1988 21.25 -12.60 17.41
CA ILE E 1988 20.35 -11.75 16.63
C ILE E 1988 19.13 -12.51 16.14
N ILE E 1989 19.25 -13.78 15.82
CA ILE E 1989 18.04 -14.55 15.51
C ILE E 1989 17.09 -14.49 16.69
N ILE E 1990 17.62 -14.65 17.90
CA ILE E 1990 16.79 -14.62 19.11
C ILE E 1990 16.12 -13.26 19.26
N ILE E 1991 16.87 -12.17 19.06
CA ILE E 1991 16.28 -10.85 19.17
C ILE E 1991 15.19 -10.65 18.14
N ILE E 1992 15.41 -11.09 16.91
CA ILE E 1992 14.41 -10.90 15.87
C ILE E 1992 13.12 -11.63 16.22
N PHE E 1993 13.23 -12.88 16.68
CA PHE E 1993 12.02 -13.63 16.95
C PHE E 1993 11.36 -13.22 18.27
N GLY E 1994 12.12 -12.73 19.24
CA GLY E 1994 11.51 -12.17 20.44
C GLY E 1994 11.04 -10.74 20.27
N PHE E 1995 11.38 -10.13 19.15
CA PHE E 1995 10.73 -8.89 18.74
C PHE E 1995 9.41 -9.18 18.03
N TRP E 1996 9.42 -10.17 17.13
CA TRP E 1996 8.20 -10.52 16.42
C TRP E 1996 7.18 -11.19 17.33
N ALA E 1997 7.63 -11.92 18.35
CA ALA E 1997 6.73 -12.69 19.21
C ALA E 1997 6.40 -12.00 20.52
N PHE E 1998 6.88 -10.78 20.74
CA PHE E 1998 6.64 -10.04 21.99
C PHE E 1998 7.05 -10.87 23.21
N GLN E 2015 7.34 -0.17 25.61
CA GLN E 2015 7.46 -1.61 25.83
C GLN E 2015 8.84 -2.13 25.46
N VAL E 2016 9.01 -3.44 25.54
CA VAL E 2016 10.30 -4.09 25.31
C VAL E 2016 10.74 -4.06 23.85
N PRO E 2017 9.85 -4.05 22.84
CA PRO E 2017 10.37 -3.91 21.47
C PRO E 2017 11.20 -2.66 21.26
N GLN E 2018 10.84 -1.54 21.89
CA GLN E 2018 11.69 -0.37 21.81
C GLN E 2018 13.01 -0.56 22.54
N ALA E 2019 13.14 -1.59 23.37
CA ALA E 2019 14.43 -1.94 23.94
C ALA E 2019 15.17 -2.94 23.07
N PHE E 2020 14.48 -3.92 22.50
CA PHE E 2020 15.16 -4.87 21.62
C PHE E 2020 15.57 -4.28 20.29
N LEU E 2021 14.96 -3.20 19.81
CA LEU E 2021 15.50 -2.59 18.61
C LEU E 2021 16.86 -1.93 18.88
N PHE E 2022 16.96 -1.20 19.99
CA PHE E 2022 18.24 -0.64 20.38
C PHE E 2022 19.25 -1.76 20.65
N MET E 2023 18.79 -2.85 21.24
CA MET E 2023 19.71 -3.95 21.50
C MET E 2023 20.16 -4.62 20.20
N LEU E 2024 19.29 -4.68 19.20
CA LEU E 2024 19.68 -5.19 17.90
C LEU E 2024 20.76 -4.32 17.27
N LEU E 2025 20.58 -3.00 17.36
CA LEU E 2025 21.62 -2.12 16.83
C LEU E 2025 22.93 -2.30 17.58
N VAL E 2026 22.86 -2.48 18.90
CA VAL E 2026 24.09 -2.69 19.65
C VAL E 2026 24.71 -4.04 19.32
N GLN E 2027 23.91 -5.05 18.96
CA GLN E 2027 24.48 -6.29 18.46
C GLN E 2027 25.24 -6.07 17.16
N PHE E 2028 24.67 -5.28 16.25
CA PHE E 2028 25.42 -4.97 15.03
C PHE E 2028 26.72 -4.25 15.38
N GLY E 2029 26.66 -3.29 16.30
CA GLY E 2029 27.85 -2.57 16.67
C GLY E 2029 28.92 -3.45 17.30
N THR E 2030 28.51 -4.37 18.17
CA THR E 2030 29.49 -5.21 18.82
C THR E 2030 30.02 -6.31 17.90
N MET E 2031 29.22 -6.79 16.95
CA MET E 2031 29.81 -7.66 15.93
C MET E 2031 30.87 -6.91 15.13
N VAL E 2032 30.60 -5.67 14.73
CA VAL E 2032 31.59 -4.95 13.93
C VAL E 2032 32.85 -4.72 14.74
N ILE E 2033 32.71 -4.29 16.00
CA ILE E 2033 33.88 -4.04 16.83
C ILE E 2033 34.65 -5.33 17.08
N ASP E 2034 33.95 -6.44 17.31
CA ASP E 2034 34.64 -7.72 17.52
C ASP E 2034 35.38 -8.16 16.28
N ARG E 2035 34.78 -7.96 15.10
CA ARG E 2035 35.47 -8.28 13.86
C ARG E 2035 36.74 -7.45 13.71
N ALA E 2036 36.67 -6.17 14.06
CA ALA E 2036 37.85 -5.33 13.98
C ALA E 2036 38.92 -5.81 14.96
N LEU E 2037 38.52 -6.13 16.19
CA LEU E 2037 39.48 -6.63 17.17
C LEU E 2037 40.10 -7.94 16.70
N TYR E 2038 39.38 -8.72 15.92
CA TYR E 2038 39.94 -9.98 15.45
C TYR E 2038 40.93 -9.75 14.32
N LEU E 2039 40.56 -8.95 13.33
CA LEU E 2039 41.50 -8.66 12.25
C LEU E 2039 42.76 -8.02 12.78
N ARG E 2040 42.63 -6.97 13.58
CA ARG E 2040 43.80 -6.25 14.03
C ARG E 2040 44.65 -7.05 15.00
N LYS E 2041 44.10 -8.14 15.56
CA LYS E 2041 44.84 -9.06 16.42
C LYS E 2041 45.44 -8.35 17.64
N THR E 2042 44.55 -7.83 18.47
CA THR E 2042 44.95 -7.17 19.72
C THR E 2042 44.30 -7.90 20.88
N VAL E 2043 45.09 -8.66 21.63
CA VAL E 2043 44.57 -9.33 22.82
C VAL E 2043 44.15 -8.31 23.86
N LEU E 2044 44.97 -7.26 24.06
CA LEU E 2044 44.64 -6.24 25.04
C LEU E 2044 43.33 -5.55 24.71
N GLY E 2045 43.14 -5.21 23.44
CA GLY E 2045 41.87 -4.62 23.04
C GLY E 2045 40.70 -5.54 23.32
N LYS E 2046 40.88 -6.83 23.05
CA LYS E 2046 39.80 -7.78 23.33
C LYS E 2046 39.51 -7.84 24.82
N LEU E 2047 40.55 -7.77 25.66
CA LEU E 2047 40.33 -7.80 27.10
C LEU E 2047 39.52 -6.58 27.55
N ALA E 2048 39.92 -5.40 27.09
CA ALA E 2048 39.19 -4.19 27.48
C ALA E 2048 37.76 -4.23 26.96
N PHE E 2049 37.57 -4.65 25.72
CA PHE E 2049 36.23 -4.71 25.18
C PHE E 2049 35.38 -5.76 25.86
N GLN E 2050 35.98 -6.85 26.32
CA GLN E 2050 35.20 -7.89 26.96
C GLN E 2050 34.81 -7.49 28.37
N VAL E 2051 35.67 -6.75 29.07
CA VAL E 2051 35.28 -6.17 30.35
C VAL E 2051 34.12 -5.21 30.17
N VAL E 2052 34.26 -4.28 29.21
CA VAL E 2052 33.19 -3.32 28.95
C VAL E 2052 31.91 -4.03 28.58
N LEU E 2053 32.01 -5.06 27.74
CA LEU E 2053 30.82 -5.74 27.27
C LEU E 2053 30.12 -6.47 28.40
N VAL E 2054 30.87 -7.21 29.22
CA VAL E 2054 30.21 -7.96 30.29
C VAL E 2054 29.55 -7.01 31.28
N VAL E 2055 30.25 -5.94 31.67
CA VAL E 2055 29.65 -5.02 32.64
C VAL E 2055 28.40 -4.38 32.06
N ALA E 2056 28.49 -3.89 30.81
CA ALA E 2056 27.35 -3.19 30.23
C ALA E 2056 26.18 -4.12 30.01
N ILE E 2057 26.43 -5.34 29.53
CA ILE E 2057 25.34 -6.27 29.29
C ILE E 2057 24.63 -6.61 30.58
N HIS E 2058 25.39 -6.92 31.63
CA HIS E 2058 24.72 -7.28 32.89
C HIS E 2058 23.93 -6.11 33.44
N ILE E 2059 24.55 -4.93 33.53
CA ILE E 2059 23.85 -3.77 34.08
C ILE E 2059 22.59 -3.48 33.27
N TRP E 2060 22.73 -3.38 31.94
CA TRP E 2060 21.57 -3.09 31.12
C TRP E 2060 20.49 -4.14 31.33
N MET E 2061 20.81 -5.41 31.05
CA MET E 2061 19.83 -6.47 31.09
C MET E 2061 19.08 -6.51 32.42
N PHE E 2062 19.77 -6.27 33.52
CA PHE E 2062 19.14 -6.55 34.80
C PHE E 2062 18.60 -5.31 35.50
N PHE E 2063 18.97 -4.11 35.06
CA PHE E 2063 18.37 -2.91 35.65
C PHE E 2063 17.58 -2.11 34.63
N ILE E 2064 18.17 -1.78 33.48
CA ILE E 2064 17.56 -0.82 32.58
C ILE E 2064 16.32 -1.40 31.93
N LEU E 2065 16.42 -2.61 31.39
CA LEU E 2065 15.27 -3.24 30.76
C LEU E 2065 14.15 -3.56 31.75
N PRO E 2066 14.42 -4.17 32.92
CA PRO E 2066 13.30 -4.50 33.82
C PRO E 2066 12.56 -3.28 34.36
N ALA E 2067 13.07 -2.07 34.15
CA ALA E 2067 12.32 -0.88 34.49
C ALA E 2067 11.51 -0.36 33.30
N VAL E 2068 12.08 -0.42 32.11
CA VAL E 2068 11.35 -0.04 30.90
C VAL E 2068 10.22 -1.01 30.61
N THR E 2069 10.39 -2.28 30.95
CA THR E 2069 9.37 -3.29 30.69
C THR E 2069 9.33 -4.22 31.90
N GLU E 2070 8.70 -5.38 31.75
CA GLU E 2070 8.40 -6.26 32.86
C GLU E 2070 9.67 -6.94 33.39
N ARG E 2071 9.48 -7.79 34.39
CA ARG E 2071 10.53 -8.64 34.90
C ARG E 2071 11.07 -9.53 33.78
N MET E 2072 12.26 -10.09 34.00
CA MET E 2072 12.85 -10.96 33.00
C MET E 2072 12.59 -12.44 33.27
N PHE E 2073 12.17 -12.80 34.47
CA PHE E 2073 11.84 -14.19 34.77
C PHE E 2073 10.34 -14.45 34.87
N SER E 2074 9.54 -13.44 35.20
CA SER E 2074 8.09 -13.59 35.17
C SER E 2074 7.62 -13.94 33.78
N GLN E 2075 8.19 -13.29 32.78
CA GLN E 2075 7.99 -13.60 31.37
C GLN E 2075 9.31 -13.32 30.65
N ASN E 2076 9.24 -13.15 29.33
CA ASN E 2076 10.43 -12.95 28.51
C ASN E 2076 11.40 -14.12 28.69
N ALA E 2077 10.91 -15.31 28.31
CA ALA E 2077 11.83 -16.43 28.12
C ALA E 2077 12.80 -16.13 26.99
N VAL E 2078 12.40 -15.28 26.05
CA VAL E 2078 13.31 -14.82 25.02
C VAL E 2078 14.49 -14.09 25.65
N ALA E 2079 14.23 -13.26 26.65
CA ALA E 2079 15.32 -12.56 27.32
C ALA E 2079 16.25 -13.52 28.05
N GLN E 2080 15.68 -14.53 28.71
CA GLN E 2080 16.51 -15.54 29.36
C GLN E 2080 17.41 -16.24 28.35
N LEU E 2081 16.82 -16.66 27.22
CA LEU E 2081 17.61 -17.38 26.21
C LEU E 2081 18.68 -16.48 25.60
N TRP E 2082 18.32 -15.23 25.30
CA TRP E 2082 19.31 -14.29 24.77
C TRP E 2082 20.46 -14.11 25.75
N TYR E 2083 20.15 -14.01 27.04
CA TYR E 2083 21.23 -13.89 28.01
C TYR E 2083 22.08 -15.15 28.05
N PHE E 2084 21.46 -16.31 27.88
CA PHE E 2084 22.28 -17.53 27.90
C PHE E 2084 23.21 -17.59 26.70
N VAL E 2085 22.71 -17.25 25.52
CA VAL E 2085 23.57 -17.22 24.34
C VAL E 2085 24.69 -16.20 24.50
N LYS E 2086 24.36 -15.02 25.03
CA LYS E 2086 25.43 -14.06 25.28
C LYS E 2086 26.40 -14.57 26.32
N CYS E 2087 25.96 -15.42 27.25
CA CYS E 2087 26.90 -16.00 28.19
C CYS E 2087 27.85 -16.97 27.49
N ILE E 2088 27.34 -17.75 26.54
CA ILE E 2088 28.23 -18.59 25.75
C ILE E 2088 29.24 -17.73 25.00
N TYR E 2089 28.76 -16.64 24.41
CA TYR E 2089 29.66 -15.67 23.78
C TYR E 2089 30.76 -15.23 24.73
N PHE E 2090 30.39 -14.87 25.96
CA PHE E 2090 31.39 -14.36 26.90
C PHE E 2090 32.40 -15.43 27.27
N ALA E 2091 31.94 -16.67 27.45
CA ALA E 2091 32.88 -17.74 27.76
C ALA E 2091 33.84 -17.96 26.61
N LEU E 2092 33.35 -17.91 25.37
CA LEU E 2092 34.22 -18.08 24.22
C LEU E 2092 35.25 -16.96 24.12
N SER E 2093 34.82 -15.72 24.31
CA SER E 2093 35.78 -14.62 24.28
C SER E 2093 36.80 -14.75 25.39
N ALA E 2094 36.39 -15.19 26.58
CA ALA E 2094 37.35 -15.36 27.65
C ALA E 2094 38.36 -16.45 27.32
N TYR E 2095 37.90 -17.53 26.70
CA TYR E 2095 38.83 -18.56 26.25
C TYR E 2095 39.80 -18.01 25.22
N GLN E 2096 39.31 -17.19 24.30
CA GLN E 2096 40.17 -16.63 23.26
C GLN E 2096 41.18 -15.65 23.85
N ILE E 2097 40.78 -14.90 24.87
CA ILE E 2097 41.71 -13.98 25.52
C ILE E 2097 42.76 -14.74 26.30
N ARG E 2098 42.37 -15.83 26.96
CA ARG E 2098 43.35 -16.67 27.64
C ARG E 2098 44.35 -17.24 26.66
N CYS E 2099 43.88 -17.73 25.52
CA CYS E 2099 44.77 -18.47 24.63
C CYS E 2099 45.53 -17.57 23.65
N GLY E 2100 45.08 -16.35 23.43
CA GLY E 2100 45.82 -15.45 22.57
C GLY E 2100 45.67 -15.79 21.10
N TYR E 2101 45.65 -14.78 20.24
CA TYR E 2101 45.40 -15.02 18.83
C TYR E 2101 46.56 -15.80 18.21
N PRO E 2102 46.30 -16.61 17.20
CA PRO E 2102 47.38 -17.32 16.52
C PRO E 2102 47.99 -16.50 15.41
N THR E 2103 48.89 -17.11 14.64
CA THR E 2103 49.21 -16.62 13.32
C THR E 2103 48.32 -17.30 12.30
N ARG E 2104 48.34 -16.80 11.06
CA ARG E 2104 47.53 -17.36 9.97
C ARG E 2104 46.04 -17.30 10.32
N ILE E 2105 45.55 -16.07 10.45
CA ILE E 2105 44.13 -15.86 10.74
C ILE E 2105 43.31 -15.70 9.47
N LEU E 2106 43.86 -15.11 8.42
CA LEU E 2106 43.09 -14.88 7.20
C LEU E 2106 42.70 -16.20 6.54
N GLY E 2107 41.86 -16.10 5.53
CA GLY E 2107 41.31 -17.28 4.88
C GLY E 2107 39.93 -17.57 5.39
N ASN E 2108 39.00 -17.91 4.51
CA ASN E 2108 37.61 -18.03 4.91
C ASN E 2108 37.44 -19.11 5.95
N PHE E 2109 36.30 -19.05 6.64
CA PHE E 2109 36.02 -19.99 7.73
C PHE E 2109 35.49 -21.32 7.22
N LEU E 2110 35.10 -21.38 5.94
CA LEU E 2110 34.49 -22.57 5.35
C LEU E 2110 35.30 -23.19 4.24
N THR E 2111 36.41 -22.59 3.82
CA THR E 2111 37.15 -23.01 2.63
C THR E 2111 38.47 -23.67 2.99
N LYS E 2112 38.51 -24.46 4.04
CA LYS E 2112 39.75 -25.15 4.38
C LYS E 2112 39.88 -26.49 3.67
N LYS E 2113 38.77 -27.16 3.41
CA LYS E 2113 38.77 -28.45 2.76
C LYS E 2113 37.72 -28.44 1.67
N TYR E 2114 38.10 -28.88 0.47
CA TYR E 2114 37.20 -28.83 -0.67
C TYR E 2114 36.32 -30.07 -0.75
N ASN E 2115 35.65 -30.41 0.34
CA ASN E 2115 34.78 -31.58 0.35
C ASN E 2115 33.46 -31.21 -0.30
N HIS E 2116 32.48 -32.10 -0.17
CA HIS E 2116 31.18 -31.89 -0.76
C HIS E 2116 30.26 -31.07 0.12
N LEU E 2117 30.67 -30.82 1.37
CA LEU E 2117 29.90 -30.05 2.34
C LEU E 2117 30.29 -28.59 2.35
N ASN E 2118 31.59 -28.30 2.27
CA ASN E 2118 32.03 -26.91 2.27
C ASN E 2118 31.41 -26.14 1.14
N LEU E 2119 31.13 -26.79 0.02
CA LEU E 2119 30.53 -26.08 -1.11
C LEU E 2119 29.12 -25.63 -0.79
N PHE E 2120 28.30 -26.52 -0.22
CA PHE E 2120 26.94 -26.12 0.13
C PHE E 2120 26.93 -25.10 1.25
N LEU E 2121 27.79 -25.28 2.24
CA LEU E 2121 27.83 -24.32 3.33
C LEU E 2121 28.29 -22.95 2.84
N PHE E 2122 29.28 -22.92 1.95
CA PHE E 2122 29.78 -21.66 1.41
C PHE E 2122 28.72 -20.98 0.57
N GLN E 2123 28.02 -21.75 -0.27
CA GLN E 2123 26.95 -21.15 -1.06
C GLN E 2123 25.85 -20.60 -0.17
N GLY E 2124 25.49 -21.33 0.88
CA GLY E 2124 24.49 -20.82 1.81
C GLY E 2124 24.94 -19.54 2.49
N PHE E 2125 26.20 -19.50 2.94
CA PHE E 2125 26.73 -18.30 3.58
C PHE E 2125 26.77 -17.15 2.60
N ARG E 2126 26.94 -17.44 1.32
CA ARG E 2126 26.88 -16.38 0.32
C ARG E 2126 25.45 -15.93 0.10
N LEU E 2127 24.48 -16.82 0.31
CA LEU E 2127 23.09 -16.54 -0.05
C LEU E 2127 22.42 -15.58 0.93
N VAL E 2128 22.83 -15.59 2.18
CA VAL E 2128 22.24 -14.68 3.16
C VAL E 2128 22.61 -13.25 2.80
N PRO E 2129 21.67 -12.31 2.81
CA PRO E 2129 22.00 -10.95 2.40
C PRO E 2129 22.94 -10.27 3.38
N PHE E 2130 23.83 -9.45 2.84
CA PHE E 2130 24.62 -8.48 3.58
C PHE E 2130 25.70 -9.10 4.45
N LEU E 2131 26.08 -10.37 4.26
CA LEU E 2131 27.28 -10.83 4.93
C LEU E 2131 28.53 -10.65 4.08
N VAL E 2132 28.57 -11.28 2.90
CA VAL E 2132 29.74 -11.11 2.05
C VAL E 2132 29.96 -9.65 1.72
N GLU E 2133 28.89 -8.86 1.73
CA GLU E 2133 28.91 -7.41 1.59
C GLU E 2133 29.83 -6.87 2.68
N LEU E 2134 29.36 -7.05 3.91
CA LEU E 2134 30.05 -6.56 5.09
C LEU E 2134 31.33 -7.33 5.35
N ARG E 2135 31.36 -8.62 5.06
CA ARG E 2135 32.59 -9.38 5.24
C ARG E 2135 33.71 -8.78 4.40
N ALA E 2136 33.43 -8.52 3.12
CA ALA E 2136 34.44 -7.94 2.24
C ALA E 2136 34.84 -6.55 2.72
N VAL E 2137 33.86 -5.70 3.05
CA VAL E 2137 34.21 -4.33 3.41
C VAL E 2137 35.01 -4.29 4.72
N MET E 2138 34.55 -5.01 5.75
CA MET E 2138 35.25 -4.98 7.03
C MET E 2138 36.59 -5.68 6.95
N ASP E 2139 36.71 -6.74 6.16
CA ASP E 2139 38.00 -7.34 5.94
C ASP E 2139 38.95 -6.36 5.27
N TRP E 2140 38.41 -5.47 4.43
CA TRP E 2140 39.29 -4.48 3.82
C TRP E 2140 39.69 -3.38 4.79
N VAL E 2141 38.75 -2.89 5.59
CA VAL E 2141 39.02 -1.68 6.36
C VAL E 2141 40.13 -1.92 7.37
N TRP E 2142 40.19 -3.11 7.95
CA TRP E 2142 41.12 -3.37 9.05
C TRP E 2142 42.29 -4.25 8.67
N THR E 2143 42.44 -4.63 7.41
CA THR E 2143 43.62 -5.34 6.96
C THR E 2143 44.58 -4.35 6.33
N ASP E 2144 45.88 -4.60 6.47
CA ASP E 2144 46.87 -3.72 5.87
C ASP E 2144 46.98 -4.05 4.39
N THR E 2145 46.50 -3.15 3.54
CA THR E 2145 46.45 -3.44 2.12
C THR E 2145 46.83 -2.19 1.34
N THR E 2146 47.29 -2.40 0.11
CA THR E 2146 47.58 -1.28 -0.79
C THR E 2146 46.52 -1.12 -1.86
N LEU E 2147 45.50 -1.96 -1.86
CA LEU E 2147 44.50 -1.94 -2.92
C LEU E 2147 43.36 -1.00 -2.55
N SER E 2148 42.78 -0.37 -3.56
CA SER E 2148 41.61 0.45 -3.34
C SER E 2148 40.43 -0.47 -3.09
N LEU E 2149 39.22 0.09 -3.01
CA LEU E 2149 38.10 -0.78 -2.70
C LEU E 2149 37.68 -1.63 -3.89
N SER E 2150 37.62 -1.05 -5.09
CA SER E 2150 37.19 -1.83 -6.24
C SER E 2150 38.14 -2.99 -6.51
N ASN E 2151 39.44 -2.76 -6.38
CA ASN E 2151 40.40 -3.85 -6.59
C ASN E 2151 40.23 -4.93 -5.53
N TRP E 2152 39.96 -4.53 -4.29
CA TRP E 2152 39.70 -5.52 -3.26
C TRP E 2152 38.47 -6.35 -3.59
N MET E 2153 37.41 -5.71 -4.09
CA MET E 2153 36.21 -6.46 -4.43
C MET E 2153 36.50 -7.42 -5.58
N CYS E 2154 37.32 -6.99 -6.54
CA CYS E 2154 37.69 -7.89 -7.63
C CYS E 2154 38.42 -9.12 -7.09
N VAL E 2155 39.36 -8.92 -6.17
CA VAL E 2155 40.11 -10.06 -5.64
C VAL E 2155 39.21 -10.99 -4.85
N GLU E 2156 38.36 -10.44 -4.00
CA GLU E 2156 37.50 -11.31 -3.19
C GLU E 2156 36.50 -12.05 -4.06
N ASP E 2157 35.93 -11.40 -5.08
CA ASP E 2157 35.00 -12.10 -5.95
C ASP E 2157 35.70 -13.18 -6.76
N ILE E 2158 36.90 -12.89 -7.26
CA ILE E 2158 37.65 -13.90 -7.98
C ILE E 2158 37.88 -15.10 -7.08
N TYR E 2159 38.22 -14.87 -5.81
CA TYR E 2159 38.47 -16.01 -4.93
C TYR E 2159 37.21 -16.79 -4.64
N ALA E 2160 36.09 -16.12 -4.43
CA ALA E 2160 34.85 -16.85 -4.18
C ALA E 2160 34.49 -17.73 -5.37
N ASN E 2161 34.53 -17.14 -6.57
CA ASN E 2161 34.19 -17.90 -7.77
C ASN E 2161 35.14 -19.06 -7.99
N ILE E 2162 36.43 -18.84 -7.81
CA ILE E 2162 37.40 -19.90 -8.03
C ILE E 2162 37.23 -20.99 -7.00
N PHE E 2163 36.90 -20.64 -5.76
CA PHE E 2163 36.69 -21.69 -4.77
C PHE E 2163 35.49 -22.54 -5.11
N ILE E 2164 34.39 -21.92 -5.54
CA ILE E 2164 33.22 -22.72 -5.90
C ILE E 2164 33.55 -23.66 -7.05
N ILE E 2165 34.23 -23.16 -8.07
CA ILE E 2165 34.60 -24.04 -9.19
C ILE E 2165 35.52 -25.14 -8.72
N LYS E 2166 36.45 -24.83 -7.81
CA LYS E 2166 37.37 -25.86 -7.34
C LYS E 2166 36.63 -26.95 -6.59
N CYS E 2167 35.67 -26.59 -5.74
CA CYS E 2167 34.92 -27.62 -5.03
C CYS E 2167 34.11 -28.46 -6.01
N SER E 2168 33.58 -27.84 -7.06
CA SER E 2168 32.85 -28.64 -8.03
C SER E 2168 33.76 -29.62 -8.77
N ARG E 2169 34.97 -29.18 -9.12
CA ARG E 2169 35.88 -30.11 -9.79
C ARG E 2169 36.31 -31.23 -8.87
N GLU E 2170 36.56 -30.92 -7.59
CA GLU E 2170 36.95 -31.96 -6.65
C GLU E 2170 35.84 -32.98 -6.46
N THR E 2171 34.60 -32.51 -6.28
CA THR E 2171 33.48 -33.43 -6.16
C THR E 2171 33.32 -34.28 -7.41
N GLU E 2172 33.48 -33.69 -8.59
CA GLU E 2172 33.37 -34.48 -9.80
C GLU E 2172 34.45 -35.55 -9.87
N LYS E 2173 35.69 -35.19 -9.50
CA LYS E 2173 36.76 -36.17 -9.55
C LYS E 2173 36.51 -37.31 -8.59
N LYS E 2174 36.00 -37.01 -7.39
CA LYS E 2174 35.76 -38.07 -6.42
C LYS E 2174 34.70 -39.06 -6.91
N TYR E 2175 33.63 -38.55 -7.51
CA TYR E 2175 32.48 -39.37 -7.91
C TYR E 2175 32.20 -39.14 -9.39
N PRO E 2176 32.89 -39.85 -10.27
CA PRO E 2176 32.80 -39.55 -11.71
C PRO E 2176 31.45 -39.94 -12.30
N GLN E 2177 31.35 -39.71 -13.61
CA GLN E 2177 30.24 -40.10 -14.46
C GLN E 2177 30.83 -40.60 -15.77
N PRO E 2178 30.30 -41.68 -16.34
CA PRO E 2178 30.96 -42.31 -17.50
C PRO E 2178 30.99 -41.48 -18.77
N LYS E 2179 31.47 -42.06 -19.86
CA LYS E 2179 31.57 -41.37 -21.15
C LYS E 2179 30.22 -41.15 -21.78
N GLY E 2180 29.33 -40.45 -21.07
CA GLY E 2180 28.04 -40.14 -21.64
C GLY E 2180 26.96 -41.07 -21.16
N GLN E 2181 26.21 -40.64 -20.15
CA GLN E 2181 25.10 -41.43 -19.66
C GLN E 2181 23.88 -40.53 -19.55
N LYS E 2182 22.72 -41.11 -19.84
CA LYS E 2182 21.44 -40.50 -19.57
C LYS E 2182 21.49 -39.83 -18.20
N LYS E 2183 21.13 -38.56 -18.11
CA LYS E 2183 20.99 -37.97 -16.79
C LYS E 2183 19.91 -38.71 -16.03
N LYS E 2184 20.20 -39.04 -14.76
CA LYS E 2184 19.29 -39.86 -13.97
C LYS E 2184 17.87 -39.33 -14.06
N LYS E 2185 16.92 -40.21 -14.33
CA LYS E 2185 15.55 -39.74 -14.49
C LYS E 2185 15.01 -39.15 -13.19
N ILE E 2186 15.39 -39.72 -12.05
CA ILE E 2186 14.85 -39.24 -10.78
C ILE E 2186 15.28 -37.80 -10.53
N VAL E 2187 16.56 -37.49 -10.75
CA VAL E 2187 17.03 -36.13 -10.48
C VAL E 2187 16.39 -35.15 -11.43
N LYS E 2188 16.26 -35.52 -12.71
CA LYS E 2188 15.60 -34.64 -13.66
C LYS E 2188 14.17 -34.37 -13.24
N TYR E 2189 13.45 -35.40 -12.86
CA TYR E 2189 12.05 -35.21 -12.48
C TYR E 2189 11.94 -34.36 -11.23
N GLY E 2190 12.77 -34.62 -10.22
CA GLY E 2190 12.69 -33.83 -9.00
C GLY E 2190 13.03 -32.37 -9.23
N MET E 2191 14.11 -32.10 -9.95
CA MET E 2191 14.53 -30.73 -10.19
C MET E 2191 13.53 -29.98 -11.05
N GLY E 2192 13.07 -30.60 -12.13
CA GLY E 2192 12.06 -29.97 -12.96
C GLY E 2192 10.78 -29.71 -12.21
N GLY E 2193 10.34 -30.69 -11.41
CA GLY E 2193 9.13 -30.51 -10.64
C GLY E 2193 9.25 -29.36 -9.67
N LEU E 2194 10.39 -29.26 -8.98
CA LEU E 2194 10.61 -28.16 -8.06
C LEU E 2194 10.54 -26.83 -8.78
N ILE E 2195 11.25 -26.72 -9.91
CA ILE E 2195 11.30 -25.44 -10.61
C ILE E 2195 9.92 -25.06 -11.15
N ILE E 2196 9.23 -26.02 -11.77
CA ILE E 2196 7.92 -25.72 -12.35
C ILE E 2196 6.92 -25.39 -11.27
N LEU E 2197 6.99 -26.09 -10.14
CA LEU E 2197 6.12 -25.75 -9.02
C LEU E 2197 6.35 -24.33 -8.55
N PHE E 2198 7.62 -23.91 -8.44
CA PHE E 2198 7.87 -22.53 -8.04
C PHE E 2198 7.37 -21.54 -9.08
N LEU E 2199 7.64 -21.82 -10.36
CA LEU E 2199 7.29 -20.87 -11.42
C LEU E 2199 5.81 -20.84 -11.70
N ILE E 2200 5.04 -21.79 -11.17
CA ILE E 2200 3.59 -21.74 -11.32
C ILE E 2200 3.00 -21.20 -10.03
N ALA E 2201 3.68 -21.41 -8.90
CA ALA E 2201 3.25 -20.79 -7.67
C ALA E 2201 3.31 -19.27 -7.77
N ILE E 2202 4.41 -18.74 -8.32
CA ILE E 2202 4.52 -17.29 -8.47
C ILE E 2202 3.47 -16.77 -9.44
N ILE E 2203 3.16 -17.54 -10.47
CA ILE E 2203 2.14 -17.12 -11.44
C ILE E 2203 0.77 -17.10 -10.80
N TRP E 2204 0.47 -18.09 -9.95
CA TRP E 2204 -0.91 -18.37 -9.55
C TRP E 2204 -1.27 -17.83 -8.17
N PHE E 2205 -0.49 -18.14 -7.13
CA PHE E 2205 -0.86 -17.75 -5.78
C PHE E 2205 -1.20 -16.27 -5.61
N PRO E 2206 -0.59 -15.35 -6.38
CA PRO E 2206 -1.12 -13.99 -6.38
C PRO E 2206 -2.60 -13.94 -6.74
N LEU E 2207 -3.03 -14.71 -7.73
CA LEU E 2207 -4.44 -14.74 -8.08
C LEU E 2207 -5.26 -15.34 -6.94
N LEU E 2208 -4.74 -16.37 -6.28
CA LEU E 2208 -5.46 -16.98 -5.17
C LEU E 2208 -5.68 -15.98 -4.05
N PHE E 2209 -4.64 -15.25 -3.67
CA PHE E 2209 -4.79 -14.24 -2.62
C PHE E 2209 -5.73 -13.12 -3.07
N MET E 2210 -5.58 -12.66 -4.32
CA MET E 2210 -6.36 -11.52 -4.78
C MET E 2210 -7.84 -11.85 -4.91
N SER E 2211 -8.17 -13.10 -5.22
CA SER E 2211 -9.57 -13.52 -5.30
C SER E 2211 -10.04 -14.24 -4.04
N LEU E 2212 -9.20 -14.34 -3.01
CA LEU E 2212 -9.64 -14.82 -1.71
C LEU E 2212 -9.87 -13.69 -0.72
N ILE E 2213 -9.08 -12.63 -0.78
CA ILE E 2213 -9.32 -11.49 0.10
C ILE E 2213 -10.63 -10.80 -0.24
N ARG E 2214 -10.94 -10.69 -1.54
CA ARG E 2214 -12.20 -10.12 -2.00
C ARG E 2214 -13.31 -11.16 -2.00
N SER E 2215 -13.52 -11.79 -0.86
CA SER E 2215 -14.52 -12.83 -0.69
C SER E 2215 -15.32 -12.60 0.58
N VAL E 2216 -15.82 -11.37 0.76
CA VAL E 2216 -16.58 -11.05 1.95
C VAL E 2216 -17.86 -11.87 1.93
N VAL E 2217 -17.95 -12.85 2.79
CA VAL E 2217 -19.02 -13.83 2.73
C VAL E 2217 -20.30 -13.21 3.27
N GLY E 2218 -21.43 -13.63 2.70
CA GLY E 2218 -22.71 -13.12 3.16
C GLY E 2218 -22.88 -13.35 4.64
N VAL E 2219 -23.11 -12.27 5.38
CA VAL E 2219 -23.34 -12.34 6.82
C VAL E 2219 -24.57 -11.49 7.11
N VAL E 2220 -25.50 -12.05 7.89
CA VAL E 2220 -26.76 -11.37 8.13
C VAL E 2220 -26.53 -10.16 9.03
N ASN E 2221 -27.17 -9.05 8.67
CA ASN E 2221 -27.10 -7.81 9.43
C ASN E 2221 -28.53 -7.36 9.66
N GLN E 2222 -29.13 -7.87 10.69
CA GLN E 2222 -30.51 -7.63 11.03
C GLN E 2222 -30.64 -6.31 11.77
N PRO E 2223 -31.54 -5.41 11.35
CA PRO E 2223 -31.77 -4.19 12.12
C PRO E 2223 -32.43 -4.52 13.44
N ILE E 2224 -31.78 -4.14 14.53
CA ILE E 2224 -32.27 -4.53 15.85
C ILE E 2224 -33.28 -3.53 16.41
N ASP E 2225 -33.27 -2.29 15.93
CA ASP E 2225 -34.18 -1.27 16.42
C ASP E 2225 -34.82 -0.55 15.24
N VAL E 2226 -36.14 -0.49 15.23
CA VAL E 2226 -36.89 0.23 14.22
C VAL E 2226 -37.68 1.33 14.91
N THR E 2227 -37.67 2.52 14.30
CA THR E 2227 -38.34 3.68 14.87
C THR E 2227 -39.14 4.38 13.79
N VAL E 2228 -40.39 4.70 14.10
CA VAL E 2228 -41.29 5.35 13.15
C VAL E 2228 -41.86 6.59 13.81
N THR E 2229 -41.89 7.70 13.09
CA THR E 2229 -42.36 8.96 13.62
C THR E 2229 -43.24 9.66 12.61
N LEU E 2230 -44.21 10.42 13.11
CA LEU E 2230 -45.16 11.16 12.28
C LEU E 2230 -45.21 12.59 12.78
N LYS E 2231 -44.63 13.51 12.01
CA LYS E 2231 -44.39 14.87 12.49
C LYS E 2231 -45.08 15.85 11.55
N LEU E 2232 -46.24 16.34 11.96
CA LEU E 2232 -47.04 17.22 11.11
C LEU E 2232 -46.36 18.59 11.05
N GLY E 2233 -45.80 18.92 9.90
CA GLY E 2233 -45.03 20.15 9.82
C GLY E 2233 -43.84 20.06 10.75
N GLY E 2234 -43.64 21.11 11.53
CA GLY E 2234 -42.55 21.12 12.48
C GLY E 2234 -43.03 21.30 13.91
N TYR E 2235 -44.27 20.90 14.18
CA TYR E 2235 -44.83 21.16 15.50
C TYR E 2235 -44.33 20.16 16.53
N GLU E 2236 -44.69 18.90 16.36
CA GLU E 2236 -44.32 17.86 17.32
C GLU E 2236 -44.70 16.49 16.79
N PRO E 2237 -43.90 15.48 17.02
CA PRO E 2237 -44.30 14.13 16.63
C PRO E 2237 -45.65 13.75 17.21
N LEU E 2238 -46.64 13.58 16.34
CA LEU E 2238 -47.93 13.06 16.78
C LEU E 2238 -47.77 11.66 17.35
N PHE E 2239 -46.99 10.83 16.68
CA PHE E 2239 -46.85 9.44 17.07
C PHE E 2239 -45.44 8.98 16.79
N THR E 2240 -44.72 8.62 17.84
CA THR E 2240 -43.41 8.03 17.72
C THR E 2240 -43.44 6.66 18.37
N MET E 2241 -42.68 5.72 17.82
CA MET E 2241 -42.65 4.37 18.35
C MET E 2241 -41.34 3.70 18.00
N SER E 2242 -40.85 2.88 18.91
CA SER E 2242 -39.66 2.07 18.69
C SER E 2242 -39.91 0.69 19.25
N ALA E 2243 -39.80 -0.33 18.41
CA ALA E 2243 -39.95 -1.72 18.82
C ALA E 2243 -38.70 -2.47 18.38
N GLN E 2244 -37.97 -3.05 19.34
CA GLN E 2244 -36.66 -3.59 19.02
C GLN E 2244 -36.56 -5.11 19.16
N GLN E 2245 -36.72 -5.69 20.35
CA GLN E 2245 -36.54 -7.14 20.39
C GLN E 2245 -37.77 -7.92 19.95
N PRO E 2246 -38.91 -7.81 20.63
CA PRO E 2246 -39.97 -8.79 20.40
C PRO E 2246 -40.72 -8.55 19.10
N SER E 2247 -40.99 -7.29 18.79
CA SER E 2247 -41.77 -6.98 17.60
C SER E 2247 -40.96 -7.11 16.31
N ILE E 2248 -39.65 -7.30 16.41
CA ILE E 2248 -38.81 -7.54 15.24
C ILE E 2248 -38.65 -9.06 15.15
N VAL E 2249 -39.31 -9.66 14.17
CA VAL E 2249 -39.30 -11.11 13.96
C VAL E 2249 -38.99 -11.38 12.50
N PRO E 2250 -38.11 -12.32 12.19
CA PRO E 2250 -37.88 -12.69 10.79
C PRO E 2250 -38.96 -13.60 10.26
N PHE E 2251 -39.00 -13.71 8.93
CA PHE E 2251 -39.94 -14.62 8.30
C PHE E 2251 -39.67 -16.07 8.64
N THR E 2252 -40.71 -16.86 8.54
CA THR E 2252 -40.61 -18.30 8.36
C THR E 2252 -40.41 -18.59 6.88
N PRO E 2253 -39.76 -19.68 6.51
CA PRO E 2253 -39.56 -19.97 5.08
C PRO E 2253 -40.87 -20.03 4.32
N GLN E 2254 -41.89 -20.64 4.92
CA GLN E 2254 -43.17 -20.76 4.25
C GLN E 2254 -43.80 -19.40 4.01
N ALA E 2255 -43.55 -18.45 4.91
CA ALA E 2255 -44.02 -17.09 4.67
C ALA E 2255 -43.29 -16.47 3.49
N TYR E 2256 -42.01 -16.80 3.31
CA TYR E 2256 -41.29 -16.35 2.14
C TYR E 2256 -41.92 -16.91 0.87
N GLU E 2257 -42.26 -18.20 0.88
CA GLU E 2257 -42.95 -18.78 -0.26
C GLU E 2257 -44.28 -18.09 -0.51
N GLU E 2258 -44.98 -17.74 0.56
CA GLU E 2258 -46.24 -17.00 0.41
C GLU E 2258 -45.99 -15.68 -0.28
N LEU E 2259 -44.95 -14.96 0.15
CA LEU E 2259 -44.60 -13.71 -0.51
C LEU E 2259 -44.29 -13.94 -1.98
N SER E 2260 -43.62 -15.07 -2.27
CA SER E 2260 -43.33 -15.39 -3.67
C SER E 2260 -44.62 -15.56 -4.46
N GLN E 2261 -45.52 -16.39 -3.95
CA GLN E 2261 -46.72 -16.70 -4.70
C GLN E 2261 -47.68 -15.54 -4.77
N GLN E 2262 -47.49 -14.47 -3.98
CA GLN E 2262 -48.37 -13.33 -4.12
C GLN E 2262 -47.84 -12.27 -5.07
N PHE E 2263 -46.75 -12.55 -5.81
CA PHE E 2263 -46.26 -11.65 -6.84
C PHE E 2263 -46.08 -12.40 -8.15
N ASP E 2264 -47.01 -13.30 -8.45
CA ASP E 2264 -46.86 -14.24 -9.57
C ASP E 2264 -46.53 -13.55 -10.88
N PRO E 2265 -47.34 -12.61 -11.40
CA PRO E 2265 -47.12 -12.12 -12.77
C PRO E 2265 -45.69 -11.68 -13.05
N TYR E 2266 -44.86 -11.53 -12.03
CA TYR E 2266 -43.74 -10.61 -12.07
C TYR E 2266 -42.45 -11.38 -12.09
N PRO E 2267 -41.65 -11.31 -13.15
CA PRO E 2267 -40.25 -11.73 -13.04
C PRO E 2267 -39.47 -10.85 -12.10
N LEU E 2268 -39.96 -9.62 -11.87
CA LEU E 2268 -39.28 -8.67 -11.00
C LEU E 2268 -38.97 -9.28 -9.65
N ALA E 2269 -39.96 -9.97 -9.08
CA ALA E 2269 -39.77 -10.63 -7.81
C ALA E 2269 -38.61 -11.61 -7.87
N MET E 2270 -38.48 -12.36 -8.96
CA MET E 2270 -37.36 -13.27 -9.07
C MET E 2270 -36.04 -12.51 -8.98
N GLN E 2271 -35.94 -11.39 -9.69
CA GLN E 2271 -34.68 -10.65 -9.65
C GLN E 2271 -34.39 -10.12 -8.25
N PHE E 2272 -35.40 -9.58 -7.56
CA PHE E 2272 -35.12 -8.91 -6.30
C PHE E 2272 -35.29 -9.83 -5.09
N ILE E 2273 -36.49 -10.35 -4.89
CA ILE E 2273 -36.80 -11.08 -3.67
C ILE E 2273 -35.87 -12.29 -3.50
N SER E 2274 -35.59 -12.98 -4.60
CA SER E 2274 -34.81 -14.20 -4.53
C SER E 2274 -33.42 -13.98 -3.96
N GLN E 2275 -32.88 -12.76 -4.05
CA GLN E 2275 -31.52 -12.51 -3.59
C GLN E 2275 -31.34 -12.77 -2.11
N TYR E 2276 -32.43 -12.80 -1.35
CA TYR E 2276 -32.36 -12.79 0.11
C TYR E 2276 -32.88 -14.09 0.68
N SER E 2277 -32.11 -14.69 1.58
CA SER E 2277 -32.62 -15.84 2.31
C SER E 2277 -33.84 -15.41 3.13
N PRO E 2278 -34.82 -16.29 3.28
CA PRO E 2278 -36.04 -15.91 4.01
C PRO E 2278 -35.79 -15.37 5.40
N GLU E 2279 -34.71 -15.80 6.06
CA GLU E 2279 -34.39 -15.25 7.38
C GLU E 2279 -33.72 -13.89 7.29
N ASP E 2280 -33.19 -13.52 6.12
CA ASP E 2280 -32.56 -12.22 5.94
C ASP E 2280 -33.56 -11.07 5.96
N ILE E 2281 -34.85 -11.37 6.07
CA ILE E 2281 -35.90 -10.38 5.93
C ILE E 2281 -36.81 -10.49 7.14
N VAL E 2282 -37.03 -9.37 7.82
CA VAL E 2282 -37.75 -9.36 9.08
C VAL E 2282 -38.92 -8.39 8.99
N THR E 2283 -39.83 -8.50 9.93
CA THR E 2283 -41.02 -7.66 9.99
C THR E 2283 -41.07 -6.90 11.31
N ALA E 2284 -41.59 -5.69 11.26
CA ALA E 2284 -41.67 -4.81 12.42
C ALA E 2284 -43.14 -4.63 12.81
N GLN E 2285 -43.58 -5.41 13.79
CA GLN E 2285 -44.97 -5.35 14.25
C GLN E 2285 -45.17 -4.14 15.16
N ILE E 2286 -44.95 -2.96 14.60
CA ILE E 2286 -45.04 -1.73 15.38
C ILE E 2286 -46.49 -1.47 15.74
N GLU E 2287 -46.74 -1.25 17.03
CA GLU E 2287 -48.10 -0.99 17.49
C GLU E 2287 -48.47 0.47 17.25
N GLY E 2288 -49.76 0.71 17.15
CA GLY E 2288 -50.25 2.07 16.94
C GLY E 2288 -50.82 2.68 18.19
N SER E 2289 -51.44 1.87 19.04
CA SER E 2289 -52.08 2.38 20.23
C SER E 2289 -51.08 2.90 21.25
N SER E 2290 -49.95 2.21 21.42
CA SER E 2290 -49.06 2.48 22.54
C SER E 2290 -48.17 3.68 22.33
N GLY E 2291 -48.49 4.56 21.38
CA GLY E 2291 -47.85 5.85 21.36
C GLY E 2291 -48.04 6.58 22.67
N ALA E 2292 -46.98 7.25 23.09
CA ALA E 2292 -47.00 7.94 24.35
C ALA E 2292 -47.83 9.21 24.25
N LEU E 2293 -48.07 9.84 25.40
CA LEU E 2293 -48.89 11.04 25.43
C LEU E 2293 -48.30 12.11 24.55
N TRP E 2294 -49.17 12.82 23.85
CA TRP E 2294 -48.71 13.89 23.00
C TRP E 2294 -48.09 14.98 23.85
N ARG E 2295 -47.14 15.68 23.27
CA ARG E 2295 -46.41 16.78 23.88
C ARG E 2295 -46.62 18.00 23.01
N ILE E 2296 -47.67 18.76 23.26
CA ILE E 2296 -47.83 20.01 22.53
C ILE E 2296 -48.28 21.09 23.50
N SER E 2297 -47.59 22.20 23.47
CA SER E 2297 -47.92 23.32 24.33
C SER E 2297 -49.12 24.06 23.79
N PRO E 2298 -50.10 24.40 24.61
CA PRO E 2298 -51.38 24.89 24.10
C PRO E 2298 -51.25 26.14 23.25
N PRO E 2299 -50.23 26.99 23.41
CA PRO E 2299 -49.98 27.96 22.34
C PRO E 2299 -49.71 27.29 21.01
N SER E 2300 -48.83 26.28 21.01
CA SER E 2300 -48.50 25.63 19.75
C SER E 2300 -49.68 24.82 19.24
N ARG E 2301 -50.45 24.20 20.13
CA ARG E 2301 -51.63 23.48 19.66
C ARG E 2301 -52.63 24.44 19.03
N ALA E 2302 -52.85 25.59 19.65
CA ALA E 2302 -53.78 26.56 19.06
C ALA E 2302 -53.26 27.07 17.72
N GLN E 2303 -51.96 27.32 17.63
CA GLN E 2303 -51.39 27.80 16.36
C GLN E 2303 -51.49 26.72 15.28
N MET E 2304 -51.27 25.46 15.64
CA MET E 2304 -51.46 24.35 14.71
C MET E 2304 -52.90 24.30 14.23
N LYS E 2305 -53.85 24.44 15.16
CA LYS E 2305 -55.25 24.44 14.76
C LYS E 2305 -55.55 25.59 13.83
N GLN E 2306 -54.99 26.77 14.11
CA GLN E 2306 -55.20 27.91 13.23
C GLN E 2306 -54.65 27.64 11.83
N GLU E 2307 -53.43 27.12 11.75
CA GLU E 2307 -52.83 26.85 10.46
C GLU E 2307 -53.63 25.82 9.69
N LEU E 2308 -54.23 24.87 10.39
CA LEU E 2308 -55.06 23.88 9.69
C LEU E 2308 -56.40 24.46 9.30
N TYR E 2309 -56.96 25.34 10.12
CA TYR E 2309 -58.29 25.89 9.92
C TYR E 2309 -58.30 26.94 8.82
N ASN E 2310 -57.60 28.05 9.04
CA ASN E 2310 -57.54 29.15 8.09
C ASN E 2310 -56.13 29.36 7.55
N GLY E 2311 -55.41 28.26 7.30
CA GLY E 2311 -54.08 28.37 6.74
C GLY E 2311 -54.10 28.71 5.26
N THR E 2312 -53.00 29.27 4.79
CA THR E 2312 -52.85 29.62 3.38
C THR E 2312 -51.71 28.85 2.73
N ALA E 2313 -50.52 28.88 3.31
CA ALA E 2313 -49.40 28.13 2.77
C ALA E 2313 -49.66 26.63 2.89
N ASP E 2314 -49.28 25.89 1.85
CA ASP E 2314 -49.47 24.45 1.84
C ASP E 2314 -48.61 23.81 2.92
N ILE E 2315 -49.20 22.87 3.65
CA ILE E 2315 -48.58 22.28 4.83
C ILE E 2315 -48.07 20.89 4.50
N THR E 2316 -47.13 20.39 5.30
CA THR E 2316 -46.53 19.09 5.11
C THR E 2316 -46.85 18.17 6.28
N LEU E 2317 -46.65 16.86 6.04
CA LEU E 2317 -46.89 15.86 7.06
C LEU E 2317 -45.99 14.66 6.72
N ARG E 2318 -44.87 14.54 7.41
CA ARG E 2318 -43.86 13.56 7.06
C ARG E 2318 -43.95 12.34 7.96
N PHE E 2319 -43.26 11.27 7.53
CA PHE E 2319 -43.40 9.95 8.16
C PHE E 2319 -42.04 9.24 8.01
N THR E 2320 -41.21 9.36 9.03
CA THR E 2320 -39.83 8.91 8.96
C THR E 2320 -39.63 7.62 9.72
N TRP E 2321 -39.05 6.63 9.05
CA TRP E 2321 -38.63 5.39 9.69
C TRP E 2321 -37.14 5.45 9.96
N ASN E 2322 -36.66 4.55 10.81
CA ASN E 2322 -35.24 4.57 11.17
C ASN E 2322 -34.86 3.22 11.75
N PHE E 2323 -33.88 2.56 11.14
CA PHE E 2323 -33.44 1.23 11.55
C PHE E 2323 -32.06 1.32 12.18
N GLN E 2324 -31.89 0.68 13.33
CA GLN E 2324 -30.60 0.61 14.00
C GLN E 2324 -30.11 -0.82 14.01
N ARG E 2325 -28.92 -1.04 13.49
CA ARG E 2325 -28.32 -2.36 13.42
C ARG E 2325 -27.25 -2.51 14.48
N ASP E 2326 -26.52 -3.63 14.41
CA ASP E 2326 -25.46 -3.92 15.36
C ASP E 2326 -24.09 -3.85 14.69
N LEU E 2327 -23.16 -3.15 15.32
CA LEU E 2327 -21.82 -3.03 14.78
C LEU E 2327 -20.96 -4.25 15.05
N ALA E 2328 -21.30 -5.05 16.06
CA ALA E 2328 -20.50 -6.22 16.40
C ALA E 2328 -20.36 -7.19 15.22
N LYS E 2329 -21.30 -7.16 14.29
CA LYS E 2329 -21.23 -7.96 13.09
C LYS E 2329 -20.49 -7.24 11.97
N GLY E 2330 -19.60 -6.32 12.31
CA GLY E 2330 -18.94 -5.51 11.31
C GLY E 2330 -19.84 -4.39 10.85
N GLY E 2331 -19.50 -3.85 9.69
CA GLY E 2331 -20.30 -2.77 9.13
C GLY E 2331 -19.74 -1.41 9.47
N THR E 2332 -20.06 -0.44 8.62
CA THR E 2332 -19.57 0.93 8.78
C THR E 2332 -20.65 1.93 9.12
N VAL E 2333 -21.91 1.61 8.86
CA VAL E 2333 -23.02 2.51 9.16
C VAL E 2333 -23.86 1.87 10.25
N GLU E 2334 -24.51 2.71 11.04
CA GLU E 2334 -25.29 2.26 12.18
C GLU E 2334 -26.74 2.70 12.05
N TYR E 2335 -26.95 3.86 11.46
CA TYR E 2335 -28.29 4.42 11.27
C TYR E 2335 -28.58 4.60 9.80
N THR E 2336 -29.77 4.18 9.37
CA THR E 2336 -30.28 4.48 8.04
C THR E 2336 -31.71 4.98 8.20
N ASN E 2337 -32.13 5.85 7.29
CA ASN E 2337 -33.41 6.51 7.47
C ASN E 2337 -33.78 7.24 6.20
N GLU E 2338 -35.08 7.38 5.98
CA GLU E 2338 -35.58 8.35 5.00
C GLU E 2338 -37.02 8.68 5.34
N LYS E 2339 -37.59 9.58 4.55
CA LYS E 2339 -38.91 10.13 4.82
C LYS E 2339 -39.75 10.11 3.55
N HIS E 2340 -41.06 10.08 3.72
CA HIS E 2340 -42.01 10.24 2.62
C HIS E 2340 -42.87 11.46 2.91
N THR E 2341 -42.40 12.62 2.48
CA THR E 2341 -43.12 13.86 2.69
C THR E 2341 -44.41 13.86 1.89
N LEU E 2342 -45.49 14.31 2.51
CA LEU E 2342 -46.78 14.46 1.84
C LEU E 2342 -47.30 15.87 2.08
N GLU E 2343 -47.96 16.43 1.06
CA GLU E 2343 -48.52 17.77 1.13
C GLU E 2343 -50.03 17.69 1.30
N LEU E 2344 -50.56 18.52 2.18
CA LEU E 2344 -52.00 18.61 2.41
C LEU E 2344 -52.47 19.96 1.87
N ALA E 2345 -53.17 19.94 0.75
CA ALA E 2345 -53.53 21.16 0.06
C ALA E 2345 -54.46 22.02 0.91
N PRO E 2346 -54.33 23.34 0.87
CA PRO E 2346 -55.28 24.18 1.59
C PRO E 2346 -56.70 23.97 1.07
N ASN E 2347 -57.66 24.01 1.99
CA ASN E 2347 -59.07 23.78 1.70
C ASN E 2347 -59.32 22.39 1.11
N SER E 2348 -58.33 21.51 1.12
CA SER E 2348 -58.56 20.15 0.68
C SER E 2348 -59.23 19.35 1.78
N THR E 2349 -59.75 18.19 1.41
CA THR E 2349 -60.51 17.39 2.36
C THR E 2349 -59.65 16.95 3.53
N ALA E 2350 -58.41 16.53 3.26
CA ALA E 2350 -57.56 15.98 4.31
C ALA E 2350 -57.33 16.99 5.43
N ARG E 2351 -56.90 18.20 5.08
CA ARG E 2351 -56.71 19.21 6.11
C ARG E 2351 -58.03 19.61 6.74
N ARG E 2352 -59.09 19.72 5.92
CA ARG E 2352 -60.39 20.11 6.47
C ARG E 2352 -60.90 19.11 7.49
N GLN E 2353 -60.41 17.87 7.45
CA GLN E 2353 -60.79 16.88 8.43
C GLN E 2353 -59.82 16.81 9.60
N LEU E 2354 -58.52 16.96 9.37
CA LEU E 2354 -57.60 17.06 10.50
C LEU E 2354 -57.96 18.21 11.41
N ALA E 2355 -58.33 19.35 10.85
CA ALA E 2355 -58.68 20.50 11.66
C ALA E 2355 -59.87 20.18 12.57
N GLN E 2356 -60.91 19.56 12.00
CA GLN E 2356 -62.02 19.13 12.82
C GLN E 2356 -61.57 18.13 13.88
N LEU E 2357 -60.65 17.23 13.51
CA LEU E 2357 -60.17 16.24 14.46
C LEU E 2357 -59.57 16.91 15.69
N LEU E 2358 -58.86 18.02 15.47
CA LEU E 2358 -58.19 18.68 16.59
C LEU E 2358 -59.16 19.29 17.59
N GLU E 2359 -60.44 19.48 17.25
CA GLU E 2359 -61.31 20.17 18.19
C GLU E 2359 -61.76 19.28 19.34
N GLY E 2360 -61.34 18.02 19.35
CA GLY E 2360 -61.63 17.14 20.45
C GLY E 2360 -62.97 16.45 20.41
N ARG E 2361 -63.57 16.30 19.24
CA ARG E 2361 -64.78 15.51 19.15
C ARG E 2361 -64.47 14.05 19.48
N PRO E 2362 -65.42 13.30 20.04
CA PRO E 2362 -65.10 12.00 20.63
C PRO E 2362 -64.63 10.94 19.65
N ASP E 2363 -65.43 10.68 18.61
CA ASP E 2363 -65.26 9.46 17.81
C ASP E 2363 -64.77 9.72 16.41
N GLN E 2364 -64.84 10.95 15.93
CA GLN E 2364 -64.49 11.24 14.54
C GLN E 2364 -63.04 10.89 14.25
N SER E 2365 -62.74 10.69 12.97
CA SER E 2365 -61.44 10.22 12.54
C SER E 2365 -61.28 10.55 11.06
N VAL E 2366 -60.05 10.44 10.59
CA VAL E 2366 -59.73 10.68 9.18
C VAL E 2366 -58.75 9.62 8.71
N VAL E 2367 -58.70 9.43 7.39
CA VAL E 2367 -57.77 8.52 6.75
C VAL E 2367 -56.97 9.33 5.73
N ILE E 2368 -55.67 9.10 5.69
CA ILE E 2368 -54.78 9.78 4.75
C ILE E 2368 -54.21 8.72 3.81
N PRO E 2369 -54.32 8.90 2.50
CA PRO E 2369 -53.83 7.87 1.57
C PRO E 2369 -52.34 8.01 1.32
N HIS E 2370 -51.73 6.86 0.98
CA HIS E 2370 -50.37 6.79 0.45
C HIS E 2370 -49.35 7.37 1.45
N LEU E 2371 -49.20 6.69 2.57
CA LEU E 2371 -48.34 7.20 3.64
C LEU E 2371 -47.44 6.14 4.26
N PHE E 2372 -47.69 4.85 4.07
CA PHE E 2372 -46.97 3.80 4.79
C PHE E 2372 -46.48 2.74 3.80
N PRO E 2373 -45.29 2.91 3.24
CA PRO E 2373 -44.72 1.86 2.38
C PRO E 2373 -44.53 0.58 3.17
N LYS E 2374 -44.63 -0.56 2.49
CA LYS E 2374 -44.61 -1.83 3.17
C LYS E 2374 -43.29 -2.57 3.07
N TYR E 2375 -42.56 -2.42 1.98
CA TYR E 2375 -41.32 -3.17 1.75
C TYR E 2375 -40.17 -2.19 1.59
N ILE E 2376 -39.26 -2.18 2.57
CA ILE E 2376 -38.21 -1.19 2.66
C ILE E 2376 -36.86 -1.88 2.67
N ARG E 2377 -35.98 -1.48 1.76
CA ARG E 2377 -34.64 -2.01 1.67
C ARG E 2377 -33.70 -1.24 2.60
N ALA E 2378 -32.87 -1.97 3.33
CA ALA E 2378 -31.94 -1.38 4.28
C ALA E 2378 -30.53 -1.79 3.90
N PRO E 2379 -29.99 -1.25 2.82
CA PRO E 2379 -28.64 -1.63 2.40
C PRO E 2379 -27.58 -1.02 3.30
N ASN E 2380 -26.32 -1.21 2.96
CA ASN E 2380 -25.23 -0.73 3.80
C ASN E 2380 -25.03 0.77 3.73
N GLY E 2381 -25.88 1.49 3.00
CA GLY E 2381 -25.79 2.93 2.96
C GLY E 2381 -26.96 3.59 3.66
N PRO E 2382 -26.74 4.81 4.15
CA PRO E 2382 -27.85 5.55 4.77
C PRO E 2382 -28.95 5.97 3.80
N GLU E 2383 -29.45 5.05 2.99
CA GLU E 2383 -30.63 5.30 2.16
C GLU E 2383 -31.52 4.07 2.27
N ALA E 2384 -32.58 4.15 3.06
CA ALA E 2384 -33.51 3.05 3.23
C ALA E 2384 -34.62 3.16 2.18
N ASN E 2385 -34.20 3.27 0.94
CA ASN E 2385 -35.11 3.62 -0.14
C ASN E 2385 -36.20 2.57 -0.28
N PRO E 2386 -37.45 2.97 -0.50
CA PRO E 2386 -38.51 1.98 -0.67
C PRO E 2386 -38.20 1.10 -1.86
N VAL E 2387 -38.58 -0.17 -1.80
CA VAL E 2387 -38.24 -1.04 -2.92
C VAL E 2387 -39.19 -0.71 -4.06
N LYS E 2388 -38.66 -0.15 -5.13
CA LYS E 2388 -39.48 0.23 -6.28
C LYS E 2388 -40.12 -0.99 -6.92
N GLN E 2389 -39.49 -2.16 -6.75
CA GLN E 2389 -39.76 -3.28 -7.62
C GLN E 2389 -40.76 -4.27 -7.06
N LEU E 2390 -41.39 -3.98 -5.92
CA LEU E 2390 -42.67 -4.57 -5.58
C LEU E 2390 -43.83 -3.59 -5.73
N GLN E 2391 -43.56 -2.39 -6.25
CA GLN E 2391 -44.56 -1.32 -6.26
C GLN E 2391 -44.22 -0.29 -7.33
N PRO E 2392 -44.82 -0.43 -8.53
CA PRO E 2392 -44.42 0.44 -9.64
C PRO E 2392 -44.72 1.90 -9.44
N ASP E 2393 -45.84 2.24 -8.80
CA ASP E 2393 -46.27 3.64 -8.77
C ASP E 2393 -45.36 4.50 -7.91
N GLU E 2394 -44.82 3.93 -6.82
CA GLU E 2394 -43.94 4.61 -5.87
C GLU E 2394 -44.72 5.65 -5.08
N GLU E 2395 -45.96 5.92 -5.47
CA GLU E 2395 -46.79 6.82 -4.69
C GLU E 2395 -48.22 6.33 -4.51
N GLU E 2396 -48.75 5.52 -5.42
CA GLU E 2396 -50.10 5.01 -5.27
C GLU E 2396 -50.14 3.64 -4.62
N ASP E 2397 -49.03 2.90 -4.68
CA ASP E 2397 -48.98 1.59 -4.07
C ASP E 2397 -48.77 1.65 -2.57
N TYR E 2398 -48.49 2.83 -2.02
CA TYR E 2398 -48.39 2.97 -0.57
C TYR E 2398 -49.74 2.72 0.08
N LEU E 2399 -49.70 2.16 1.28
CA LEU E 2399 -50.92 1.90 2.03
C LEU E 2399 -51.55 3.20 2.47
N GLY E 2400 -52.82 3.10 2.87
CA GLY E 2400 -53.49 4.20 3.53
C GLY E 2400 -53.49 3.95 5.04
N VAL E 2401 -53.19 5.01 5.78
CA VAL E 2401 -53.16 4.93 7.24
C VAL E 2401 -54.35 5.70 7.78
N ARG E 2402 -54.84 5.28 8.94
CA ARG E 2402 -56.00 5.88 9.57
C ARG E 2402 -55.58 6.52 10.89
N ILE E 2403 -55.64 7.84 10.95
CA ILE E 2403 -55.25 8.57 12.14
C ILE E 2403 -56.49 8.81 12.99
N GLN E 2404 -56.36 8.59 14.30
CA GLN E 2404 -57.43 8.86 15.25
C GLN E 2404 -56.81 9.52 16.47
N LEU E 2405 -57.43 10.59 16.94
CA LEU E 2405 -56.99 11.30 18.13
C LEU E 2405 -57.83 10.81 19.30
N ARG E 2406 -57.30 9.85 20.04
CA ARG E 2406 -57.92 9.43 21.29
C ARG E 2406 -57.71 10.53 22.32
N ARG E 2407 -58.69 10.71 23.19
CA ARG E 2407 -58.73 11.87 24.05
C ARG E 2407 -59.30 11.48 25.40
N GLU E 2408 -58.61 11.86 26.47
CA GLU E 2408 -59.00 11.43 27.80
C GLU E 2408 -59.08 12.63 28.75
N GLN E 2409 -60.17 12.71 29.50
CA GLN E 2409 -60.43 13.85 30.36
C GLN E 2409 -59.71 13.74 31.68
N VAL E 2410 -59.27 14.89 32.19
CA VAL E 2410 -58.72 15.02 33.53
C VAL E 2410 -59.35 16.23 34.19
N GLY E 2411 -59.62 16.12 35.49
CA GLY E 2411 -60.25 17.20 36.23
C GLY E 2411 -61.20 16.71 37.31
N GLY E 2420 -61.75 28.62 31.52
CA GLY E 2420 -62.73 27.56 31.33
C GLY E 2420 -62.59 26.87 29.99
N THR E 2421 -61.37 26.50 29.63
CA THR E 2421 -61.13 25.83 28.36
C THR E 2421 -61.67 24.40 28.38
N LYS E 2422 -62.38 24.05 27.32
CA LYS E 2422 -62.81 22.67 27.09
C LYS E 2422 -61.86 21.93 26.16
N ALA E 2423 -60.89 22.63 25.57
CA ALA E 2423 -60.02 22.03 24.55
C ALA E 2423 -58.71 21.50 25.13
N SER E 2424 -57.92 22.37 25.75
CA SER E 2424 -56.59 22.02 26.20
C SER E 2424 -56.53 21.74 27.69
N ASP E 2425 -57.60 21.17 28.23
CA ASP E 2425 -57.70 20.93 29.66
C ASP E 2425 -57.23 19.55 30.07
N PHE E 2426 -56.84 18.70 29.14
CA PHE E 2426 -56.78 17.27 29.43
C PHE E 2426 -56.07 16.51 28.31
N LEU E 2427 -55.86 15.22 28.55
CA LEU E 2427 -54.80 14.46 27.89
C LEU E 2427 -55.11 14.21 26.41
N GLU E 2428 -54.06 13.97 25.65
CA GLU E 2428 -54.18 13.64 24.23
C GLU E 2428 -53.13 12.61 23.85
N TRP E 2429 -53.42 11.86 22.79
CA TRP E 2429 -52.42 11.03 22.11
C TRP E 2429 -52.99 10.56 20.78
N TRP E 2430 -52.11 10.07 19.93
CA TRP E 2430 -52.47 9.70 18.56
C TRP E 2430 -52.37 8.20 18.36
N VAL E 2431 -53.29 7.65 17.58
CA VAL E 2431 -53.33 6.23 17.25
C VAL E 2431 -53.54 6.09 15.76
N ILE E 2432 -52.64 5.37 15.09
CA ILE E 2432 -52.74 5.19 13.65
C ILE E 2432 -52.94 3.71 13.35
N GLU E 2433 -53.79 3.42 12.37
CA GLU E 2433 -54.14 2.08 11.98
C GLU E 2433 -54.09 2.01 10.46
N LEU E 2434 -53.94 0.80 9.94
CA LEU E 2434 -54.00 0.67 8.49
C LEU E 2434 -55.42 0.93 8.00
N GLN E 2435 -55.53 1.34 6.73
CA GLN E 2435 -56.84 1.62 6.16
C GLN E 2435 -57.70 0.37 6.17
N ASP E 2436 -57.12 -0.76 5.81
CA ASP E 2436 -57.83 -2.04 5.76
C ASP E 2436 -57.39 -2.93 6.92
N CYS E 2437 -57.98 -2.71 8.08
CA CYS E 2437 -57.72 -3.51 9.27
C CYS E 2437 -58.89 -4.46 9.50
N LYS E 2438 -58.58 -5.75 9.61
CA LYS E 2438 -59.61 -6.77 9.77
C LYS E 2438 -59.94 -6.99 11.24
N ALA E 2439 -58.93 -7.39 12.02
CA ALA E 2439 -59.07 -7.44 13.47
C ALA E 2439 -57.79 -6.98 14.16
N ASP E 2440 -56.87 -6.38 13.41
CA ASP E 2440 -55.51 -6.09 13.86
C ASP E 2440 -55.28 -4.59 14.01
N CYS E 2441 -56.25 -3.90 14.61
CA CYS E 2441 -56.12 -2.45 14.78
C CYS E 2441 -54.86 -2.07 15.54
N ASN E 2442 -54.36 -2.98 16.37
CA ASN E 2442 -53.08 -2.79 17.05
C ASN E 2442 -51.93 -3.44 16.27
N LEU E 2443 -51.80 -3.11 14.99
CA LEU E 2443 -50.80 -3.78 14.16
C LEU E 2443 -50.52 -2.96 12.92
N LEU E 2444 -49.24 -2.76 12.62
CA LEU E 2444 -48.78 -2.16 11.37
C LEU E 2444 -47.60 -2.97 10.87
N PRO E 2445 -47.83 -4.01 10.08
CA PRO E 2445 -46.71 -4.78 9.57
C PRO E 2445 -45.90 -3.95 8.59
N MET E 2446 -44.59 -4.16 8.61
CA MET E 2446 -43.67 -3.38 7.78
C MET E 2446 -42.49 -4.27 7.44
N VAL E 2447 -42.54 -4.89 6.27
CA VAL E 2447 -41.50 -5.82 5.84
C VAL E 2447 -40.27 -5.02 5.40
N ILE E 2448 -39.12 -5.34 5.99
CA ILE E 2448 -37.91 -4.55 5.78
C ILE E 2448 -36.80 -5.47 5.31
N PHE E 2449 -36.10 -5.05 4.27
CA PHE E 2449 -35.11 -5.87 3.58
C PHE E 2449 -33.72 -5.51 4.09
N SER E 2450 -32.92 -6.52 4.40
CA SER E 2450 -31.57 -6.33 4.88
C SER E 2450 -30.59 -7.02 3.96
N ASP E 2451 -29.59 -6.27 3.49
CA ASP E 2451 -28.52 -6.88 2.72
C ASP E 2451 -27.38 -7.29 3.65
N LYS E 2452 -26.59 -8.26 3.20
CA LYS E 2452 -25.58 -8.85 4.06
C LYS E 2452 -24.56 -7.80 4.49
N VAL E 2453 -23.78 -8.13 5.52
CA VAL E 2453 -22.78 -7.21 6.07
C VAL E 2453 -21.40 -7.72 5.69
N SER E 2454 -20.55 -6.80 5.25
CA SER E 2454 -19.19 -7.09 4.84
C SER E 2454 -18.23 -6.15 5.56
N PRO E 2455 -17.06 -6.63 5.94
CA PRO E 2455 -16.06 -5.74 6.53
C PRO E 2455 -15.62 -4.71 5.51
N PRO E 2456 -15.43 -3.47 5.91
CA PRO E 2456 -14.96 -2.46 4.96
C PRO E 2456 -13.50 -2.67 4.61
N SER E 2457 -13.16 -3.92 4.29
CA SER E 2457 -11.82 -4.30 3.86
C SER E 2457 -11.72 -4.37 2.34
N LEU E 2458 -12.72 -3.83 1.64
CA LEU E 2458 -12.75 -3.90 0.19
C LEU E 2458 -11.55 -3.18 -0.42
N GLY E 2459 -11.20 -2.01 0.11
CA GLY E 2459 -10.09 -1.25 -0.42
C GLY E 2459 -10.36 -0.84 -1.85
N PHE E 2460 -9.45 -1.22 -2.73
CA PHE E 2460 -9.58 -0.99 -4.17
C PHE E 2460 -9.65 -2.33 -4.89
N LEU E 2461 -10.72 -2.52 -5.66
CA LEU E 2461 -11.12 -3.80 -6.23
C LEU E 2461 -10.54 -3.97 -7.63
N ALA E 2462 -10.93 -5.05 -8.31
CA ALA E 2462 -10.55 -5.30 -9.70
C ALA E 2462 -11.11 -4.22 -10.61
N GLY E 2463 -10.83 -4.31 -11.90
CA GLY E 2463 -11.12 -3.19 -12.78
C GLY E 2463 -10.03 -2.15 -12.69
N TYR E 2464 -8.84 -2.51 -13.17
CA TYR E 2464 -7.63 -1.67 -13.14
C TYR E 2464 -7.37 -1.04 -11.78
N GLY E 2465 -7.86 -1.66 -10.70
CA GLY E 2465 -7.49 -1.23 -9.37
C GLY E 2465 -6.43 -2.12 -8.76
N ILE E 2466 -6.68 -3.43 -8.73
CA ILE E 2466 -5.77 -4.38 -8.09
C ILE E 2466 -5.10 -5.30 -9.09
N VAL E 2467 -5.65 -5.46 -10.29
CA VAL E 2467 -4.96 -6.21 -11.34
C VAL E 2467 -3.64 -5.55 -11.67
N GLY E 2468 -3.53 -4.23 -11.46
CA GLY E 2468 -2.29 -3.55 -11.73
C GLY E 2468 -1.14 -4.05 -10.87
N LEU E 2469 -1.40 -4.26 -9.58
CA LEU E 2469 -0.34 -4.75 -8.70
C LEU E 2469 0.06 -6.17 -9.05
N TYR E 2470 -0.91 -7.01 -9.41
CA TYR E 2470 -0.57 -8.37 -9.83
C TYR E 2470 0.25 -8.38 -11.10
N VAL E 2471 -0.11 -7.55 -12.08
CA VAL E 2471 0.70 -7.46 -13.29
C VAL E 2471 2.09 -6.96 -12.96
N SER E 2472 2.19 -6.00 -12.04
CA SER E 2472 3.49 -5.50 -11.64
C SER E 2472 4.35 -6.61 -11.04
N ILE E 2473 3.76 -7.41 -10.15
CA ILE E 2473 4.55 -8.44 -9.48
C ILE E 2473 4.94 -9.55 -10.46
N VAL E 2474 4.03 -9.91 -11.38
CA VAL E 2474 4.38 -10.97 -12.32
C VAL E 2474 5.43 -10.50 -13.30
N LEU E 2475 5.35 -9.25 -13.76
CA LEU E 2475 6.36 -8.75 -14.68
C LEU E 2475 7.72 -8.60 -13.99
N VAL E 2476 7.73 -8.11 -12.75
CA VAL E 2476 9.00 -7.94 -12.05
C VAL E 2476 9.65 -9.29 -11.79
N VAL E 2477 8.87 -10.26 -11.32
CA VAL E 2477 9.44 -11.58 -11.08
C VAL E 2477 9.85 -12.22 -12.38
N GLY E 2478 9.11 -11.97 -13.46
CA GLY E 2478 9.52 -12.51 -14.76
C GLY E 2478 10.87 -11.98 -15.19
N LYS E 2479 11.07 -10.67 -15.07
CA LYS E 2479 12.37 -10.11 -15.43
C LYS E 2479 13.48 -10.65 -14.53
N PHE E 2480 13.23 -10.69 -13.23
CA PHE E 2480 14.27 -11.18 -12.33
C PHE E 2480 14.65 -12.62 -12.63
N VAL E 2481 13.65 -13.47 -12.85
CA VAL E 2481 13.92 -14.88 -13.09
C VAL E 2481 14.59 -15.08 -14.44
N ARG E 2482 14.16 -14.33 -15.46
CA ARG E 2482 14.90 -14.32 -16.72
C ARG E 2482 16.33 -13.87 -16.54
N GLY E 2483 16.61 -13.16 -15.47
CA GLY E 2483 17.99 -12.82 -15.16
C GLY E 2483 18.92 -14.02 -15.14
N PHE E 2484 18.40 -15.21 -14.85
CA PHE E 2484 19.22 -16.42 -14.79
C PHE E 2484 19.27 -17.17 -16.11
N PHE E 2485 18.48 -16.78 -17.11
CA PHE E 2485 18.39 -17.59 -18.32
C PHE E 2485 18.75 -16.84 -19.59
N SER E 2486 18.97 -15.53 -19.54
CA SER E 2486 19.09 -14.71 -20.74
C SER E 2486 20.53 -14.35 -21.08
N GLU E 2487 21.28 -13.79 -20.13
CA GLU E 2487 22.66 -13.44 -20.35
C GLU E 2487 23.58 -14.44 -19.66
N ILE E 2488 23.22 -15.71 -19.72
CA ILE E 2488 23.97 -16.77 -19.04
C ILE E 2488 25.09 -17.27 -19.93
N SER E 2489 24.98 -17.00 -21.23
CA SER E 2489 26.00 -17.50 -22.14
C SER E 2489 27.24 -16.62 -22.13
N HIS E 2490 27.11 -15.35 -21.74
CA HIS E 2490 28.25 -14.45 -21.80
C HIS E 2490 29.33 -14.86 -20.80
N SER E 2491 28.99 -14.89 -19.53
CA SER E 2491 29.93 -15.31 -18.49
C SER E 2491 30.07 -16.82 -18.52
N ILE E 2492 30.63 -17.31 -19.62
CA ILE E 2492 30.91 -18.73 -19.79
C ILE E 2492 32.40 -18.99 -19.95
N MET E 2493 33.20 -17.95 -20.12
CA MET E 2493 34.64 -18.04 -20.11
C MET E 2493 35.21 -17.90 -18.72
N PHE E 2494 34.40 -17.49 -17.76
CA PHE E 2494 34.81 -17.35 -16.37
C PHE E 2494 34.19 -18.39 -15.46
N GLU E 2495 33.44 -19.35 -16.00
CA GLU E 2495 32.77 -20.33 -15.16
C GLU E 2495 32.84 -21.75 -15.70
N GLU E 2496 33.66 -22.03 -16.71
CA GLU E 2496 33.79 -23.37 -17.24
C GLU E 2496 35.25 -23.83 -17.26
N LEU E 2497 36.03 -23.34 -16.31
CA LEU E 2497 37.45 -23.65 -16.27
C LEU E 2497 37.66 -25.12 -15.95
N PRO E 2498 38.50 -25.82 -16.68
CA PRO E 2498 38.77 -27.23 -16.34
C PRO E 2498 39.46 -27.41 -15.01
N CYS E 2499 40.62 -26.78 -14.82
CA CYS E 2499 41.43 -26.98 -13.62
C CYS E 2499 41.81 -25.62 -13.07
N VAL E 2500 41.25 -25.25 -11.93
CA VAL E 2500 41.45 -23.94 -11.37
C VAL E 2500 42.56 -23.94 -10.31
N ASP E 2501 43.43 -24.94 -10.34
CA ASP E 2501 44.46 -25.03 -9.31
C ASP E 2501 45.38 -23.83 -9.33
N ARG E 2502 45.77 -23.36 -10.51
CA ARG E 2502 46.76 -22.29 -10.56
C ARG E 2502 46.19 -20.96 -10.10
N ILE E 2503 44.97 -20.63 -10.53
CA ILE E 2503 44.35 -19.40 -10.04
C ILE E 2503 44.12 -19.48 -8.54
N LEU E 2504 43.79 -20.66 -8.04
CA LEU E 2504 43.61 -20.82 -6.60
C LEU E 2504 44.90 -20.57 -5.85
N LYS E 2505 46.02 -21.09 -6.36
CA LYS E 2505 47.29 -20.83 -5.72
C LYS E 2505 47.64 -19.36 -5.79
N LEU E 2506 47.29 -18.70 -6.89
CA LEU E 2506 47.58 -17.26 -6.97
C LEU E 2506 46.78 -16.47 -5.96
N CYS E 2507 45.49 -16.75 -5.83
CA CYS E 2507 44.69 -16.04 -4.83
C CYS E 2507 45.19 -16.32 -3.42
N GLN E 2508 45.52 -17.58 -3.14
CA GLN E 2508 46.04 -17.89 -1.81
C GLN E 2508 47.37 -17.21 -1.57
N ASP E 2509 48.17 -17.00 -2.61
CA ASP E 2509 49.43 -16.30 -2.40
C ASP E 2509 49.22 -14.81 -2.20
N ILE E 2510 48.21 -14.23 -2.83
CA ILE E 2510 47.87 -12.84 -2.51
C ILE E 2510 47.48 -12.73 -1.05
N PHE E 2511 46.62 -13.64 -0.58
CA PHE E 2511 46.22 -13.58 0.83
C PHE E 2511 47.40 -13.80 1.75
N LEU E 2512 48.23 -14.79 1.46
CA LEU E 2512 49.37 -15.10 2.32
C LEU E 2512 50.35 -13.93 2.39
N VAL E 2513 50.63 -13.29 1.27
CA VAL E 2513 51.58 -12.18 1.31
C VAL E 2513 50.94 -10.94 1.90
N ARG E 2514 49.62 -10.81 1.86
CA ARG E 2514 48.97 -9.72 2.57
C ARG E 2514 49.01 -9.97 4.07
N GLU E 2515 49.07 -11.23 4.48
CA GLU E 2515 49.05 -11.58 5.89
C GLU E 2515 50.32 -11.13 6.60
N THR E 2516 51.47 -11.33 5.98
CA THR E 2516 52.76 -11.13 6.64
C THR E 2516 53.25 -9.68 6.52
N ARG E 2517 52.34 -8.73 6.31
CA ARG E 2517 52.67 -7.32 6.21
C ARG E 2517 53.69 -7.03 5.12
N GLU E 2518 53.84 -7.97 4.18
CA GLU E 2518 54.71 -7.82 3.02
C GLU E 2518 53.85 -7.29 1.89
N LEU E 2519 54.17 -6.13 1.34
CA LEU E 2519 53.19 -5.44 0.52
C LEU E 2519 53.55 -5.33 -0.95
N GLU E 2520 54.79 -5.04 -1.32
CA GLU E 2520 55.10 -4.92 -2.75
C GLU E 2520 54.70 -6.19 -3.50
N LEU E 2521 54.97 -7.35 -2.91
CA LEU E 2521 54.61 -8.60 -3.56
C LEU E 2521 53.10 -8.70 -3.77
N GLU E 2522 52.31 -8.06 -2.91
CA GLU E 2522 50.88 -8.06 -3.13
C GLU E 2522 50.52 -7.32 -4.40
N GLU E 2523 51.14 -6.18 -4.66
CA GLU E 2523 50.81 -5.45 -5.88
C GLU E 2523 51.28 -6.21 -7.11
N GLU E 2524 52.45 -6.82 -7.06
CA GLU E 2524 52.89 -7.57 -8.24
C GLU E 2524 52.01 -8.79 -8.50
N LEU E 2525 51.60 -9.50 -7.44
CA LEU E 2525 50.70 -10.63 -7.62
C LEU E 2525 49.33 -10.20 -8.08
N TYR E 2526 48.83 -9.06 -7.58
CA TYR E 2526 47.57 -8.55 -8.06
C TYR E 2526 47.66 -8.16 -9.53
N ALA E 2527 48.79 -7.63 -9.95
CA ALA E 2527 48.98 -7.34 -11.37
C ALA E 2527 48.88 -8.61 -12.19
N LYS E 2528 49.52 -9.68 -11.72
CA LYS E 2528 49.43 -10.94 -12.45
C LYS E 2528 48.00 -11.43 -12.53
N LEU E 2529 47.26 -11.33 -11.43
CA LEU E 2529 45.88 -11.82 -11.43
C LEU E 2529 45.00 -11.01 -12.36
N ILE E 2530 45.12 -9.68 -12.33
CA ILE E 2530 44.31 -8.86 -13.21
C ILE E 2530 44.64 -9.15 -14.66
N PHE E 2531 45.91 -9.28 -15.00
CA PHE E 2531 46.19 -9.61 -16.38
C PHE E 2531 45.72 -11.01 -16.75
N LEU E 2532 45.53 -11.89 -15.77
CA LEU E 2532 44.92 -13.17 -16.09
C LEU E 2532 43.46 -13.00 -16.45
N TYR E 2533 42.69 -12.31 -15.63
CA TYR E 2533 41.30 -12.05 -16.04
C TYR E 2533 41.14 -11.06 -17.10
N ARG E 2534 42.18 -10.55 -17.75
CA ARG E 2534 42.04 -9.56 -18.80
C ARG E 2534 42.45 -10.10 -20.16
N SER E 2535 42.54 -11.41 -20.29
CA SER E 2535 43.10 -12.05 -21.47
C SER E 2535 42.69 -13.50 -21.58
N PRO E 2536 41.50 -13.81 -22.11
CA PRO E 2536 40.99 -15.18 -22.02
C PRO E 2536 41.84 -16.25 -22.67
N GLU E 2537 42.70 -15.90 -23.64
CA GLU E 2537 43.58 -16.92 -24.19
C GLU E 2537 44.66 -17.34 -23.21
N THR E 2538 45.17 -16.42 -22.40
CA THR E 2538 46.07 -16.85 -21.34
C THR E 2538 45.34 -17.48 -20.18
N MET E 2539 44.02 -17.30 -20.07
CA MET E 2539 43.28 -18.06 -19.08
C MET E 2539 42.77 -19.37 -19.65
N ILE E 2540 43.04 -19.65 -20.92
CA ILE E 2540 42.99 -21.01 -21.42
C ILE E 2540 44.34 -21.70 -21.28
N LYS E 2541 45.43 -20.98 -21.58
CA LYS E 2541 46.77 -21.52 -21.34
C LYS E 2541 46.99 -21.81 -19.86
N TRP E 2542 46.36 -21.03 -18.99
CA TRP E 2542 46.74 -21.03 -17.58
C TRP E 2542 45.82 -21.92 -16.75
N THR E 2543 44.65 -22.26 -17.27
CA THR E 2543 43.78 -23.26 -16.66
C THR E 2543 43.53 -24.42 -17.61
N ARG E 2544 44.58 -24.87 -18.28
CA ARG E 2544 44.49 -26.07 -19.10
C ARG E 2544 44.71 -27.28 -18.22
N GLU E 2545 43.89 -28.30 -18.42
CA GLU E 2545 43.98 -29.51 -17.61
C GLU E 2545 45.40 -30.06 -17.67
N ARG E 2546 46.05 -30.14 -16.51
CA ARG E 2546 47.43 -30.58 -16.47
C ARG E 2546 47.56 -31.97 -17.08
N GLU E 2547 48.58 -32.14 -17.92
CA GLU E 2547 48.76 -33.39 -18.65
C GLU E 2547 49.01 -34.57 -17.72
N CYS F 227 5.75 12.47 -44.82
CA CYS F 227 5.04 11.32 -45.39
C CYS F 227 5.35 10.05 -44.60
N CYS F 228 5.04 8.90 -45.20
CA CYS F 228 5.27 7.61 -44.58
C CYS F 228 5.60 6.60 -45.67
N GLU F 229 5.56 5.33 -45.31
CA GLU F 229 5.80 4.22 -46.23
C GLU F 229 5.32 2.95 -45.53
N SER F 230 5.57 1.80 -46.14
CA SER F 230 5.37 0.52 -45.47
C SER F 230 6.66 -0.01 -44.88
N SER F 231 7.80 0.35 -45.45
CA SER F 231 9.08 -0.02 -44.87
C SER F 231 9.41 0.80 -43.64
N ASP F 232 8.96 2.05 -43.59
CA ASP F 232 9.33 2.93 -42.48
C ASP F 232 8.81 2.40 -41.16
N CYS F 233 7.52 2.07 -41.09
CA CYS F 233 7.00 1.51 -39.84
C CYS F 233 7.64 0.17 -39.53
N LEU F 234 7.93 -0.63 -40.56
CA LEU F 234 8.53 -1.94 -40.33
C LEU F 234 9.89 -1.82 -39.67
N GLU F 235 10.75 -0.97 -40.19
CA GLU F 235 12.07 -0.84 -39.60
C GLU F 235 12.08 0.03 -38.35
N ILE F 236 11.06 0.88 -38.14
CA ILE F 236 10.86 1.46 -36.82
C ILE F 236 10.63 0.37 -35.79
N CYS F 237 9.76 -0.59 -36.13
CA CYS F 237 9.56 -1.74 -35.25
C CYS F 237 10.84 -2.54 -35.10
N MET F 238 11.65 -2.60 -36.15
CA MET F 238 12.92 -3.30 -36.07
C MET F 238 13.84 -2.67 -35.03
N GLU F 239 13.99 -1.35 -35.06
CA GLU F 239 14.84 -0.71 -34.05
C GLU F 239 14.16 -0.61 -32.70
N CYS F 240 12.84 -0.79 -32.62
CA CYS F 240 12.21 -0.84 -31.31
C CYS F 240 12.37 -2.20 -30.65
N CYS F 241 12.49 -3.26 -31.43
CA CYS F 241 12.92 -4.54 -30.92
C CYS F 241 14.44 -4.72 -31.01
N GLY F 242 15.16 -3.69 -31.46
CA GLY F 242 16.59 -3.77 -31.55
C GLY F 242 17.29 -3.32 -30.29
N ILE F 243 16.60 -2.53 -29.46
CA ILE F 243 17.16 -2.13 -28.19
C ILE F 243 17.19 -3.29 -27.22
N CYS F 244 16.02 -3.89 -26.98
CA CYS F 244 15.91 -4.95 -25.99
C CYS F 244 16.77 -6.15 -26.36
N PHE F 245 16.73 -6.56 -27.62
CA PHE F 245 17.32 -7.79 -28.12
C PHE F 245 18.56 -7.54 -28.96
N PRO F 246 19.35 -8.58 -29.24
CA PRO F 246 20.55 -8.40 -30.05
C PRO F 246 20.26 -7.94 -31.47
N SER F 247 21.33 -7.78 -32.24
CA SER F 247 21.29 -7.28 -33.61
C SER F 247 20.15 -7.86 -34.44
#